data_2LWI
#
_entry.id   2LWI
#
loop_
_entity.id
_entity.type
_entity.pdbx_description
1 polymer 'GTPase HRas'
2 non-polymer 'PHOSPHOAMINOPHOSPHONIC ACID-GUANYLATE ESTER'
3 non-polymer 'MAGNESIUM ION'
4 non-polymer 2-(2,4-dinitrophenyl)-N-(4-fluorophenyl)hydrazinecarbothioamide
5 water water
#
_entity_poly.entity_id   1
_entity_poly.type   'polypeptide(L)'
_entity_poly.pdbx_seq_one_letter_code
;GPLGSDMTEYKLVVVGAGGVGKSALTIQLIQNHFVDEYDPSIEDSYRKQVVIDGETCLLDILDTAGQEEYSAMRDQYMRT
GEGFLCVFAINNTKSFEDIHQYREQIKRVKDSDDVPMVLVGNKCDLAARTVESRQAQDLARSYGIPYIETSAKTRQGVED
AFYTLVREIRQH
;
_entity_poly.pdbx_strand_id   A
#
loop_
_chem_comp.id
_chem_comp.type
_chem_comp.name
_chem_comp.formula
GNP non-polymer 'PHOSPHOAMINOPHOSPHONIC ACID-GUANYLATE ESTER' 'C10 H17 N6 O13 P3'
KOB non-polymer 2-(2,4-dinitrophenyl)-N-(4-fluorophenyl)hydrazinecarbothioamide 'C13 H10 F N5 O4 S'
MG non-polymer 'MAGNESIUM ION' 'Mg 2'
#
# COMPACT_ATOMS: atom_id res chain seq x y z
N MET A 7 7.53 -18.94 -10.72
CA MET A 7 7.54 -17.52 -10.27
C MET A 7 6.56 -16.67 -11.07
N THR A 8 5.83 -15.81 -10.38
CA THR A 8 4.85 -14.94 -11.04
C THR A 8 5.12 -13.47 -10.69
N GLU A 9 4.89 -12.59 -11.65
CA GLU A 9 5.10 -11.16 -11.44
C GLU A 9 3.88 -10.53 -10.76
N TYR A 10 4.07 -10.13 -9.50
CA TYR A 10 2.99 -9.51 -8.73
C TYR A 10 3.16 -8.00 -8.68
N LYS A 11 2.31 -7.28 -9.41
CA LYS A 11 2.37 -5.82 -9.44
C LYS A 11 1.51 -5.22 -8.32
N LEU A 12 2.13 -4.91 -7.20
CA LEU A 12 1.43 -4.33 -6.07
C LEU A 12 1.41 -2.81 -6.14
N VAL A 13 0.24 -2.25 -6.40
CA VAL A 13 0.09 -0.81 -6.50
C VAL A 13 -0.01 -0.16 -5.12
N VAL A 14 1.07 0.46 -4.68
CA VAL A 14 1.10 1.12 -3.38
C VAL A 14 0.48 2.51 -3.45
N VAL A 15 -0.57 2.72 -2.67
CA VAL A 15 -1.26 4.01 -2.64
C VAL A 15 -1.46 4.50 -1.22
N GLY A 16 -1.48 5.82 -1.03
CA GLY A 16 -1.67 6.37 0.30
C GLY A 16 -2.18 7.80 0.25
N ALA A 17 -1.30 8.73 -0.11
CA ALA A 17 -1.66 10.14 -0.18
C ALA A 17 -0.48 10.99 -0.63
N GLY A 18 0.72 10.65 -0.14
CA GLY A 18 1.91 11.38 -0.50
C GLY A 18 2.86 11.57 0.67
N GLY A 19 2.30 11.61 1.87
CA GLY A 19 3.11 11.78 3.06
C GLY A 19 2.68 10.87 4.19
N VAL A 20 2.18 9.69 3.84
CA VAL A 20 1.73 8.71 4.83
C VAL A 20 2.87 7.77 5.22
N GLY A 21 3.82 7.58 4.31
CA GLY A 21 4.94 6.70 4.58
C GLY A 21 4.94 5.47 3.69
N LYS A 22 4.22 5.55 2.57
CA LYS A 22 4.15 4.44 1.63
C LYS A 22 5.54 4.08 1.10
N SER A 23 6.31 5.11 0.74
CA SER A 23 7.65 4.91 0.22
C SER A 23 8.55 4.26 1.26
N ALA A 24 8.44 4.73 2.51
CA ALA A 24 9.25 4.21 3.60
C ALA A 24 8.89 2.75 3.89
N LEU A 25 7.60 2.45 3.89
CA LEU A 25 7.13 1.10 4.15
C LEU A 25 7.50 0.16 3.01
N THR A 26 7.60 0.71 1.80
CA THR A 26 7.94 -0.07 0.62
C THR A 26 9.38 -0.58 0.71
N ILE A 27 10.32 0.34 0.86
CA ILE A 27 11.73 -0.01 0.96
C ILE A 27 11.98 -1.04 2.06
N GLN A 28 11.15 -1.01 3.09
CA GLN A 28 11.28 -1.94 4.20
C GLN A 28 11.19 -3.39 3.69
N LEU A 29 10.15 -3.67 2.92
CA LEU A 29 9.95 -5.00 2.37
C LEU A 29 11.03 -5.34 1.35
N ILE A 30 11.74 -4.32 0.86
CA ILE A 30 12.79 -4.52 -0.12
C ILE A 30 14.15 -4.73 0.54
N GLN A 31 14.69 -3.67 1.14
CA GLN A 31 15.99 -3.76 1.79
C GLN A 31 15.86 -3.77 3.32
N ASN A 32 14.68 -3.43 3.82
CA ASN A 32 14.44 -3.42 5.26
C ASN A 32 15.25 -2.31 5.94
N HIS A 33 15.39 -1.19 5.24
CA HIS A 33 16.13 -0.05 5.77
C HIS A 33 15.35 1.24 5.58
N PHE A 34 15.68 2.24 6.40
CA PHE A 34 15.01 3.53 6.32
C PHE A 34 15.54 4.34 5.13
N VAL A 35 14.62 4.88 4.34
CA VAL A 35 15.00 5.67 3.16
C VAL A 35 15.99 6.77 3.53
N ASP A 36 17.25 6.55 3.16
CA ASP A 36 18.31 7.52 3.44
C ASP A 36 18.90 8.07 2.14
N GLU A 37 19.01 7.20 1.14
CA GLU A 37 19.56 7.61 -0.16
C GLU A 37 18.92 6.81 -1.29
N TYR A 38 18.29 7.51 -2.22
CA TYR A 38 17.64 6.87 -3.35
C TYR A 38 17.75 7.73 -4.61
N ASP A 39 17.32 7.18 -5.74
CA ASP A 39 17.36 7.90 -7.01
C ASP A 39 15.97 8.36 -7.43
N PRO A 40 15.60 9.61 -7.08
CA PRO A 40 14.28 10.16 -7.43
C PRO A 40 14.18 10.52 -8.91
N SER A 41 13.13 11.27 -9.26
CA SER A 41 12.91 11.69 -10.64
C SER A 41 12.66 10.48 -11.54
N ILE A 42 12.22 9.38 -10.95
CA ILE A 42 11.94 8.16 -11.69
C ILE A 42 10.95 7.28 -10.95
N GLU A 43 10.64 6.12 -11.53
CA GLU A 43 9.70 5.19 -10.91
C GLU A 43 10.34 4.47 -9.73
N ASP A 44 9.91 4.83 -8.52
CA ASP A 44 10.44 4.22 -7.31
C ASP A 44 9.82 2.85 -7.08
N SER A 45 10.08 1.92 -7.99
CA SER A 45 9.55 0.57 -7.89
C SER A 45 10.66 -0.44 -7.58
N TYR A 46 10.33 -1.45 -6.78
CA TYR A 46 11.28 -2.47 -6.40
C TYR A 46 10.64 -3.85 -6.41
N ARG A 47 11.26 -4.79 -7.12
CA ARG A 47 10.74 -6.16 -7.20
C ARG A 47 11.62 -7.12 -6.42
N LYS A 48 11.00 -7.89 -5.52
CA LYS A 48 11.72 -8.86 -4.71
C LYS A 48 11.08 -10.24 -4.82
N GLN A 49 11.92 -11.27 -4.75
CA GLN A 49 11.45 -12.65 -4.84
C GLN A 49 11.18 -13.21 -3.44
N VAL A 50 10.03 -13.83 -3.26
CA VAL A 50 9.65 -14.41 -1.98
C VAL A 50 8.83 -15.67 -2.16
N VAL A 51 8.46 -16.30 -1.05
CA VAL A 51 7.66 -17.52 -1.08
C VAL A 51 6.41 -17.38 -0.21
N ILE A 52 5.28 -17.12 -0.85
CA ILE A 52 4.02 -16.97 -0.14
C ILE A 52 3.02 -18.04 -0.55
N ASP A 53 2.33 -18.60 0.44
CA ASP A 53 1.34 -19.65 0.18
C ASP A 53 2.01 -20.89 -0.42
N GLY A 54 3.28 -21.09 -0.07
CA GLY A 54 4.01 -22.24 -0.58
C GLY A 54 4.25 -22.17 -2.07
N GLU A 55 4.42 -20.95 -2.58
CA GLU A 55 4.65 -20.75 -4.01
C GLU A 55 5.57 -19.55 -4.24
N THR A 56 6.81 -19.83 -4.61
CA THR A 56 7.79 -18.78 -4.87
C THR A 56 7.34 -17.89 -6.02
N CYS A 57 7.28 -16.59 -5.77
CA CYS A 57 6.86 -15.64 -6.79
C CYS A 57 7.56 -14.30 -6.60
N LEU A 58 7.52 -13.47 -7.64
CA LEU A 58 8.14 -12.15 -7.60
C LEU A 58 7.17 -11.12 -7.03
N LEU A 59 7.71 -10.12 -6.35
CA LEU A 59 6.88 -9.08 -5.74
C LEU A 59 7.28 -7.70 -6.27
N ASP A 60 6.78 -7.35 -7.45
CA ASP A 60 7.08 -6.06 -8.05
C ASP A 60 6.29 -4.94 -7.38
N ILE A 61 6.93 -4.24 -6.45
CA ILE A 61 6.28 -3.15 -5.73
C ILE A 61 6.45 -1.82 -6.47
N LEU A 62 5.35 -1.30 -6.99
CA LEU A 62 5.38 -0.04 -7.71
C LEU A 62 4.97 1.12 -6.80
N ASP A 63 5.88 2.06 -6.60
CA ASP A 63 5.62 3.22 -5.75
C ASP A 63 5.48 4.49 -6.59
N THR A 64 4.25 4.86 -6.89
CA THR A 64 3.97 6.05 -7.69
C THR A 64 4.19 7.31 -6.87
N ALA A 65 3.90 8.46 -7.47
CA ALA A 65 4.06 9.75 -6.80
C ALA A 65 2.74 10.22 -6.20
N GLY A 66 2.73 10.41 -4.88
CA GLY A 66 1.53 10.86 -4.21
C GLY A 66 1.13 12.27 -4.60
N GLN A 67 2.11 13.06 -5.04
CA GLN A 67 1.86 14.44 -5.45
C GLN A 67 2.19 14.65 -6.93
N GLU A 68 2.19 15.90 -7.35
CA GLU A 68 2.50 16.24 -8.74
C GLU A 68 1.43 15.69 -9.69
N GLU A 69 1.23 16.37 -10.80
CA GLU A 69 0.23 15.95 -11.79
C GLU A 69 0.75 14.77 -12.61
N TYR A 70 -0.03 13.71 -12.68
CA TYR A 70 0.35 12.52 -13.43
C TYR A 70 -0.77 11.48 -13.42
N SER A 71 -2.01 11.96 -13.50
CA SER A 71 -3.16 11.07 -13.50
C SER A 71 -3.05 10.04 -14.63
N ALA A 72 -2.49 10.47 -15.75
CA ALA A 72 -2.32 9.59 -16.90
C ALA A 72 -1.49 8.36 -16.52
N MET A 73 -0.62 8.53 -15.53
CA MET A 73 0.22 7.44 -15.06
C MET A 73 -0.57 6.51 -14.16
N ARG A 74 -1.44 7.10 -13.34
CA ARG A 74 -2.26 6.32 -12.41
C ARG A 74 -3.14 5.31 -13.15
N ASP A 75 -3.99 5.81 -14.04
CA ASP A 75 -4.89 4.95 -14.81
C ASP A 75 -4.15 3.78 -15.45
N GLN A 76 -2.86 3.98 -15.72
CA GLN A 76 -2.04 2.94 -16.33
C GLN A 76 -1.55 1.93 -15.30
N TYR A 77 -1.21 2.42 -14.11
CA TYR A 77 -0.71 1.57 -13.04
C TYR A 77 -1.80 0.65 -12.50
N MET A 78 -3.03 1.16 -12.46
CA MET A 78 -4.16 0.37 -11.97
C MET A 78 -4.45 -0.77 -12.93
N ARG A 79 -4.31 -0.49 -14.22
CA ARG A 79 -4.55 -1.50 -15.25
C ARG A 79 -3.37 -2.45 -15.40
N THR A 80 -2.22 -2.07 -14.84
CA THR A 80 -1.03 -2.90 -14.90
C THR A 80 -0.83 -3.67 -13.60
N GLY A 81 -1.44 -3.18 -12.52
CA GLY A 81 -1.30 -3.83 -11.24
C GLY A 81 -2.38 -4.86 -10.97
N GLU A 82 -2.02 -5.88 -10.19
CA GLU A 82 -2.96 -6.94 -9.85
C GLU A 82 -3.69 -6.63 -8.54
N GLY A 83 -3.11 -5.71 -7.77
CA GLY A 83 -3.71 -5.33 -6.50
C GLY A 83 -3.27 -3.95 -6.06
N PHE A 84 -3.99 -3.38 -5.09
CA PHE A 84 -3.66 -2.06 -4.58
C PHE A 84 -3.55 -2.05 -3.07
N LEU A 85 -2.60 -1.28 -2.55
CA LEU A 85 -2.38 -1.19 -1.11
C LEU A 85 -2.69 0.21 -0.60
N CYS A 86 -3.68 0.31 0.27
CA CYS A 86 -4.08 1.60 0.84
C CYS A 86 -3.41 1.83 2.18
N VAL A 87 -2.39 2.68 2.20
CA VAL A 87 -1.66 2.99 3.42
C VAL A 87 -1.88 4.45 3.82
N PHE A 88 -2.18 4.67 5.10
CA PHE A 88 -2.40 6.02 5.61
C PHE A 88 -1.90 6.15 7.04
N ALA A 89 -1.51 7.37 7.43
CA ALA A 89 -1.01 7.61 8.76
C ALA A 89 -2.15 7.95 9.72
N ILE A 90 -2.25 7.19 10.80
CA ILE A 90 -3.30 7.41 11.80
C ILE A 90 -3.22 8.83 12.36
N ASN A 91 -2.01 9.37 12.40
CA ASN A 91 -1.79 10.71 12.92
C ASN A 91 -2.33 11.77 11.95
N ASN A 92 -2.58 11.37 10.71
CA ASN A 92 -3.09 12.28 9.71
C ASN A 92 -4.52 11.91 9.31
N THR A 93 -5.48 12.69 9.80
CA THR A 93 -6.89 12.44 9.49
C THR A 93 -7.17 12.66 8.01
N LYS A 94 -6.34 13.48 7.36
CA LYS A 94 -6.50 13.77 5.94
C LYS A 94 -6.20 12.53 5.11
N SER A 95 -5.14 11.81 5.49
CA SER A 95 -4.75 10.60 4.76
C SER A 95 -5.88 9.58 4.76
N PHE A 96 -6.60 9.51 5.87
CA PHE A 96 -7.71 8.57 6.00
C PHE A 96 -8.79 8.87 4.96
N GLU A 97 -8.88 10.13 4.55
CA GLU A 97 -9.87 10.54 3.56
C GLU A 97 -9.43 10.15 2.15
N ASP A 98 -8.13 10.24 1.89
CA ASP A 98 -7.59 9.89 0.58
C ASP A 98 -7.78 8.40 0.29
N ILE A 99 -7.71 7.58 1.33
CA ILE A 99 -7.89 6.15 1.19
C ILE A 99 -9.26 5.82 0.60
N HIS A 100 -10.23 6.71 0.86
CA HIS A 100 -11.58 6.51 0.37
C HIS A 100 -11.68 6.84 -1.12
N GLN A 101 -11.27 8.05 -1.49
CA GLN A 101 -11.33 8.47 -2.89
C GLN A 101 -10.38 7.64 -3.75
N TYR A 102 -9.29 7.17 -3.16
CA TYR A 102 -8.32 6.36 -3.88
C TYR A 102 -8.95 5.05 -4.35
N ARG A 103 -9.72 4.43 -3.47
CA ARG A 103 -10.39 3.17 -3.78
C ARG A 103 -11.35 3.35 -4.94
N GLU A 104 -12.05 4.48 -4.97
CA GLU A 104 -13.01 4.77 -6.02
C GLU A 104 -12.38 4.64 -7.40
N GLN A 105 -11.07 4.88 -7.48
CA GLN A 105 -10.35 4.78 -8.73
C GLN A 105 -10.11 3.33 -9.11
N ILE A 106 -9.71 2.53 -8.12
CA ILE A 106 -9.45 1.11 -8.34
C ILE A 106 -10.70 0.40 -8.86
N LYS A 107 -11.81 0.60 -8.17
CA LYS A 107 -13.07 -0.03 -8.56
C LYS A 107 -13.44 0.35 -10.00
N ARG A 108 -13.22 1.61 -10.35
CA ARG A 108 -13.54 2.10 -11.68
C ARG A 108 -12.69 1.40 -12.74
N VAL A 109 -11.37 1.54 -12.61
CA VAL A 109 -10.45 0.92 -13.57
C VAL A 109 -10.65 -0.59 -13.62
N LYS A 110 -10.62 -1.23 -12.45
CA LYS A 110 -10.79 -2.67 -12.36
C LYS A 110 -12.20 -3.08 -12.78
N ASP A 111 -13.14 -2.14 -12.71
CA ASP A 111 -14.53 -2.41 -13.09
C ASP A 111 -15.14 -3.44 -12.15
N SER A 112 -14.97 -3.23 -10.85
CA SER A 112 -15.50 -4.15 -9.85
C SER A 112 -15.32 -3.58 -8.45
N ASP A 113 -16.36 -3.70 -7.62
CA ASP A 113 -16.31 -3.19 -6.25
C ASP A 113 -15.39 -4.05 -5.39
N ASP A 114 -15.40 -5.36 -5.62
CA ASP A 114 -14.58 -6.29 -4.86
C ASP A 114 -13.26 -6.54 -5.57
N VAL A 115 -12.25 -5.75 -5.25
CA VAL A 115 -10.92 -5.89 -5.85
C VAL A 115 -9.89 -6.29 -4.79
N PRO A 116 -8.82 -6.98 -5.21
CA PRO A 116 -7.76 -7.40 -4.30
C PRO A 116 -6.91 -6.23 -3.80
N MET A 117 -7.12 -5.86 -2.53
CA MET A 117 -6.38 -4.76 -1.93
C MET A 117 -6.30 -4.91 -0.42
N VAL A 118 -5.49 -4.07 0.21
CA VAL A 118 -5.32 -4.11 1.66
C VAL A 118 -5.23 -2.70 2.25
N LEU A 119 -5.70 -2.56 3.48
CA LEU A 119 -5.67 -1.26 4.16
C LEU A 119 -4.72 -1.30 5.34
N VAL A 120 -3.54 -0.70 5.16
CA VAL A 120 -2.54 -0.66 6.22
C VAL A 120 -2.50 0.71 6.89
N GLY A 121 -2.22 0.70 8.20
CA GLY A 121 -2.16 1.94 8.95
C GLY A 121 -0.76 2.27 9.41
N ASN A 122 -0.02 3.01 8.59
CA ASN A 122 1.36 3.38 8.92
C ASN A 122 1.38 4.35 10.09
N LYS A 123 2.57 4.59 10.63
CA LYS A 123 2.74 5.50 11.77
C LYS A 123 1.98 4.99 12.98
N CYS A 124 2.43 3.87 13.53
CA CYS A 124 1.79 3.28 14.71
C CYS A 124 2.61 3.53 15.97
N ASP A 125 3.87 3.94 15.80
CA ASP A 125 4.74 4.21 16.93
C ASP A 125 4.55 5.64 17.45
N LEU A 126 4.08 6.52 16.58
CA LEU A 126 3.85 7.92 16.95
C LEU A 126 3.07 8.02 18.25
N ALA A 127 3.06 9.21 18.85
CA ALA A 127 2.35 9.44 20.10
C ALA A 127 1.24 10.46 19.93
N ALA A 128 0.71 10.57 18.71
CA ALA A 128 -0.36 11.52 18.43
C ALA A 128 -1.30 10.98 17.35
N ARG A 129 -1.99 9.89 17.67
CA ARG A 129 -2.92 9.27 16.72
C ARG A 129 -4.23 10.03 16.66
N THR A 130 -4.62 10.44 15.45
CA THR A 130 -5.86 11.17 15.25
C THR A 130 -6.98 10.21 14.86
N VAL A 131 -6.66 9.25 14.00
CA VAL A 131 -7.63 8.27 13.54
C VAL A 131 -7.37 6.91 14.19
N GLU A 132 -8.06 6.65 15.29
CA GLU A 132 -7.89 5.39 16.00
C GLU A 132 -8.13 4.20 15.08
N SER A 133 -7.59 3.05 15.46
CA SER A 133 -7.74 1.84 14.67
C SER A 133 -9.22 1.50 14.45
N ARG A 134 -10.06 1.89 15.40
CA ARG A 134 -11.49 1.64 15.31
C ARG A 134 -12.08 2.29 14.08
N GLN A 135 -11.67 3.53 13.82
CA GLN A 135 -12.17 4.28 12.67
C GLN A 135 -11.72 3.63 11.36
N ALA A 136 -10.52 3.05 11.38
CA ALA A 136 -9.98 2.39 10.19
C ALA A 136 -10.58 0.99 10.01
N GLN A 137 -10.81 0.31 11.14
CA GLN A 137 -11.38 -1.03 11.11
C GLN A 137 -12.81 -1.00 10.58
N ASP A 138 -13.60 -0.05 11.07
CA ASP A 138 -14.99 0.09 10.65
C ASP A 138 -15.07 0.38 9.15
N LEU A 139 -14.04 1.02 8.62
CA LEU A 139 -14.01 1.36 7.21
C LEU A 139 -13.57 0.16 6.38
N ALA A 140 -12.46 -0.45 6.78
CA ALA A 140 -11.94 -1.62 6.06
C ALA A 140 -12.91 -2.79 6.13
N ARG A 141 -13.46 -3.03 7.31
CA ARG A 141 -14.40 -4.12 7.50
C ARG A 141 -15.64 -3.92 6.62
N SER A 142 -15.98 -2.66 6.39
CA SER A 142 -17.13 -2.34 5.55
C SER A 142 -16.81 -2.58 4.07
N TYR A 143 -15.53 -2.46 3.72
CA TYR A 143 -15.09 -2.67 2.35
C TYR A 143 -14.86 -4.15 2.06
N GLY A 144 -14.73 -4.94 3.12
CA GLY A 144 -14.50 -6.36 2.96
C GLY A 144 -13.02 -6.70 2.84
N ILE A 145 -12.17 -5.74 3.21
CA ILE A 145 -10.73 -5.94 3.13
C ILE A 145 -10.09 -5.99 4.52
N PRO A 146 -8.92 -6.62 4.64
CA PRO A 146 -8.21 -6.74 5.91
C PRO A 146 -7.58 -5.42 6.35
N TYR A 147 -7.39 -5.26 7.65
CA TYR A 147 -6.81 -4.04 8.20
C TYR A 147 -5.58 -4.37 9.04
N ILE A 148 -4.43 -3.87 8.62
CA ILE A 148 -3.18 -4.11 9.32
C ILE A 148 -2.54 -2.80 9.77
N GLU A 149 -1.67 -2.88 10.78
CA GLU A 149 -0.99 -1.70 11.29
C GLU A 149 0.52 -1.89 11.25
N THR A 150 1.23 -0.89 10.72
CA THR A 150 2.68 -0.96 10.62
C THR A 150 3.30 0.41 10.90
N SER A 151 4.64 0.44 10.98
CA SER A 151 5.36 1.68 11.24
C SER A 151 6.65 1.72 10.44
N ALA A 152 6.73 2.66 9.50
CA ALA A 152 7.92 2.81 8.66
C ALA A 152 9.13 3.23 9.49
N LYS A 153 8.89 3.78 10.66
CA LYS A 153 9.97 4.22 11.54
C LYS A 153 10.47 3.07 12.42
N THR A 154 9.61 2.61 13.32
CA THR A 154 9.96 1.52 14.22
C THR A 154 10.08 0.19 13.46
N ARG A 155 9.44 0.12 12.30
CA ARG A 155 9.47 -1.09 11.49
C ARG A 155 8.76 -2.24 12.21
N GLN A 156 7.44 -2.10 12.37
CA GLN A 156 6.65 -3.13 13.04
C GLN A 156 5.61 -3.73 12.10
N GLY A 157 5.68 -5.04 11.91
CA GLY A 157 4.75 -5.72 11.03
C GLY A 157 4.70 -5.12 9.64
N VAL A 158 5.80 -4.49 9.23
CA VAL A 158 5.86 -3.86 7.91
C VAL A 158 5.54 -4.87 6.80
N GLU A 159 6.28 -5.97 6.78
CA GLU A 159 6.08 -7.00 5.79
C GLU A 159 4.72 -7.68 5.97
N ASP A 160 4.24 -7.70 7.22
CA ASP A 160 2.95 -8.31 7.53
C ASP A 160 1.82 -7.66 6.72
N ALA A 161 1.93 -6.36 6.50
CA ALA A 161 0.93 -5.62 5.75
C ALA A 161 1.00 -5.97 4.27
N PHE A 162 2.21 -5.94 3.71
CA PHE A 162 2.42 -6.25 2.30
C PHE A 162 1.99 -7.68 2.00
N TYR A 163 2.45 -8.62 2.82
CA TYR A 163 2.11 -10.03 2.65
C TYR A 163 0.60 -10.21 2.49
N THR A 164 -0.16 -9.34 3.13
CA THR A 164 -1.61 -9.40 3.06
C THR A 164 -2.09 -9.24 1.63
N LEU A 165 -1.44 -8.35 0.88
CA LEU A 165 -1.79 -8.10 -0.51
C LEU A 165 -1.72 -9.39 -1.33
N VAL A 166 -0.61 -10.10 -1.19
CA VAL A 166 -0.41 -11.35 -1.92
C VAL A 166 -1.53 -12.35 -1.63
N ARG A 167 -1.96 -12.38 -0.36
CA ARG A 167 -3.02 -13.29 0.05
C ARG A 167 -4.36 -12.86 -0.55
N GLU A 168 -4.51 -11.55 -0.76
CA GLU A 168 -5.75 -11.01 -1.32
C GLU A 168 -5.87 -11.36 -2.79
N ILE A 169 -4.81 -11.09 -3.55
CA ILE A 169 -4.80 -11.37 -4.98
C ILE A 169 -4.96 -12.87 -5.24
N ARG A 170 -4.21 -13.68 -4.49
CA ARG A 170 -4.28 -15.13 -4.64
C ARG A 170 -5.69 -15.64 -4.44
N GLN A 171 -6.37 -15.14 -3.41
CA GLN A 171 -7.73 -15.55 -3.12
C GLN A 171 -8.73 -14.84 -4.04
N HIS A 172 -8.32 -13.71 -4.60
CA HIS A 172 -9.18 -12.95 -5.50
C HIS A 172 -8.46 -12.64 -6.81
PG GNP B . 10.16 11.63 2.17
O1G GNP B . 9.05 10.92 3.09
O2G GNP B . 10.84 10.45 1.30
O3G GNP B . 11.15 12.41 2.95
N3B GNP B . 9.34 12.54 1.11
PB GNP B . 7.93 11.82 0.74
O1B GNP B . 7.22 12.70 -0.21
O2B GNP B . 8.22 10.42 0.34
O3A GNP B . 7.15 11.82 2.15
PA GNP B . 6.81 13.21 2.88
O1A GNP B . 5.39 13.19 3.30
O2A GNP B . 7.29 14.30 2.02
O5' GNP B . 7.74 13.14 4.21
C5' GNP B . 7.30 12.41 5.34
C4' GNP B . 8.31 12.49 6.49
O4' GNP B . 7.88 11.64 7.57
C3' GNP B . 9.65 11.91 6.02
O3' GNP B . 10.69 12.27 6.92
C2' GNP B . 9.32 10.43 6.14
O2' GNP B . 10.52 9.66 6.14
C1' GNP B . 8.72 10.47 7.55
N9 GNP B . 7.96 9.24 7.85
C8 GNP B . 7.43 8.41 6.96
N7 GNP B . 6.82 7.41 7.59
C5 GNP B . 6.96 7.60 8.90
C6 GNP B . 6.54 6.90 10.01
O6 GNP B . 5.90 5.84 9.89
N1 GNP B . 6.86 7.38 11.28
C2 GNP B . 7.60 8.56 11.40
N2 GNP B . 7.91 9.03 12.60
N3 GNP B . 7.99 9.22 10.30
C4 GNP B . 7.69 8.77 9.07
HNB3 GNP B . 9.88 12.61 0.27
H5'2 GNP B . 6.42 12.75 5.68
H5'1 GNP B . 7.17 11.43 5.13
H4' GNP B . 8.46 13.46 6.74
H3' GNP B . 9.89 12.21 5.10
HO3' GNP B . 10.48 11.93 7.84
H2' GNP B . 8.65 10.18 5.44
HO2' GNP B . 11.03 9.84 5.30
H1' GNP B . 9.46 10.57 8.22
H8 GNP B . 7.28 8.69 6.02
HN1 GNP B . 6.57 6.88 12.11
HN21 GNP B . 8.44 9.88 12.68
HN22 GNP B . 7.62 8.55 13.42
MG MG C . 9.68 8.77 0.93
C13 KOB D . 5.27 2.37 -16.05
C12 KOB D . 5.47 1.71 -14.84
C11 KOB D . 5.08 0.39 -14.69
F11 KOB D . 5.30 -0.25 -13.52
C10 KOB D . 4.48 -0.28 -15.74
C9 KOB D . 4.26 0.38 -16.95
C8 KOB D . 4.66 1.71 -17.11
N8 KOB D . 4.47 2.35 -18.26
C7 KOB D . 3.89 1.76 -19.30
S7 KOB D . 3.37 0.10 -19.23
N7 KOB D . 3.73 2.44 -20.43
N6 KOB D . 4.09 3.61 -20.52
C6 KOB D . 3.22 4.60 -20.29
C5 KOB D . 1.92 4.30 -19.94
C4 KOB D . 1.01 5.33 -19.71
C3 KOB D . 1.42 6.65 -19.83
N3 KOB D . 0.54 7.63 -19.61
O3B KOB D . 0.95 8.99 -19.72
O3A KOB D . -0.80 7.33 -19.27
C2 KOB D . 2.73 6.95 -20.18
C1 KOB D . 3.63 5.92 -20.40
N1 KOB D . 4.88 6.21 -20.74
O1B KOB D . 5.82 5.17 -20.99
O1A KOB D . 5.29 7.57 -20.85
HE1 KOB D . 4.01 -1.24 -15.57
HE2 KOB D . 5.75 2.29 -13.97
HD2 KOB D . 5.43 3.43 -16.12
HD1 KOB D . 3.60 -0.06 -17.68
HAD KOB D . 4.76 3.30 -18.33
HAC KOB D . 3.29 1.99 -21.21
HAB KOB D . 5.04 3.82 -20.77
H5 KOB D . 1.69 3.31 -19.55
H4 KOB D . 0.01 5.10 -19.39
H2 KOB D . 3.03 7.98 -20.31
N MET A 7 8.48 -19.82 -9.42
CA MET A 7 7.50 -19.19 -8.50
C MET A 7 6.49 -18.35 -9.25
N THR A 8 5.54 -17.77 -8.53
CA THR A 8 4.52 -16.94 -9.13
C THR A 8 4.90 -15.46 -9.05
N GLU A 9 4.44 -14.67 -10.01
CA GLU A 9 4.74 -13.25 -10.05
C GLU A 9 3.53 -12.43 -9.61
N TYR A 10 3.61 -11.83 -8.43
CA TYR A 10 2.53 -11.03 -7.90
C TYR A 10 2.76 -9.55 -8.18
N LYS A 11 1.75 -8.89 -8.75
CA LYS A 11 1.84 -7.47 -9.07
C LYS A 11 1.02 -6.64 -8.09
N LEU A 12 1.68 -6.15 -7.04
CA LEU A 12 1.00 -5.33 -6.03
C LEU A 12 1.29 -3.85 -6.25
N VAL A 13 0.24 -3.03 -6.23
CA VAL A 13 0.38 -1.60 -6.42
C VAL A 13 0.13 -0.83 -5.13
N VAL A 14 0.98 0.15 -4.86
CA VAL A 14 0.86 0.96 -3.67
C VAL A 14 0.54 2.41 -4.00
N VAL A 15 -0.57 2.91 -3.45
CA VAL A 15 -0.97 4.29 -3.70
C VAL A 15 -0.67 5.18 -2.49
N GLY A 16 -0.74 6.49 -2.69
CA GLY A 16 -0.46 7.42 -1.62
C GLY A 16 -0.86 8.84 -1.96
N ALA A 17 -0.86 9.72 -0.95
CA ALA A 17 -1.22 11.11 -1.15
C ALA A 17 0.02 11.99 -1.32
N GLY A 18 1.09 11.39 -1.84
CA GLY A 18 2.32 12.14 -2.04
C GLY A 18 2.98 12.56 -0.73
N GLY A 19 2.49 12.02 0.37
CA GLY A 19 3.06 12.35 1.67
C GLY A 19 2.60 11.41 2.76
N VAL A 20 2.36 10.16 2.39
CA VAL A 20 1.92 9.14 3.33
C VAL A 20 3.03 8.16 3.66
N GLY A 21 4.01 8.05 2.75
CA GLY A 21 5.11 7.14 2.97
C GLY A 21 4.90 5.80 2.30
N LYS A 22 4.11 5.79 1.23
CA LYS A 22 3.83 4.57 0.49
C LYS A 22 5.10 3.99 -0.11
N SER A 23 6.02 4.87 -0.48
CA SER A 23 7.30 4.44 -1.08
C SER A 23 8.23 3.89 -0.01
N ALA A 24 8.31 4.59 1.12
CA ALA A 24 9.17 4.18 2.22
C ALA A 24 8.86 2.75 2.66
N LEU A 25 7.59 2.38 2.59
CA LEU A 25 7.16 1.04 2.98
C LEU A 25 7.71 0.00 2.01
N THR A 26 7.78 0.35 0.74
CA THR A 26 8.28 -0.55 -0.28
C THR A 26 9.78 -0.76 -0.14
N ILE A 27 10.54 0.34 -0.15
CA ILE A 27 11.98 0.27 -0.01
C ILE A 27 12.38 -0.35 1.32
N GLN A 28 11.55 -0.16 2.34
CA GLN A 28 11.81 -0.70 3.66
C GLN A 28 11.92 -2.23 3.59
N LEU A 29 10.97 -2.85 2.92
CA LEU A 29 10.94 -4.30 2.78
C LEU A 29 11.96 -4.77 1.74
N ILE A 30 12.51 -3.83 0.98
CA ILE A 30 13.49 -4.17 -0.05
C ILE A 30 14.91 -3.84 0.40
N GLN A 31 15.23 -2.55 0.46
CA GLN A 31 16.56 -2.11 0.87
C GLN A 31 16.62 -1.83 2.37
N ASN A 32 15.45 -1.78 3.02
CA ASN A 32 15.37 -1.51 4.46
C ASN A 32 16.32 -0.39 4.87
N HIS A 33 16.53 0.57 3.96
CA HIS A 33 17.42 1.69 4.23
C HIS A 33 16.64 3.01 4.29
N PHE A 34 15.38 2.97 3.85
CA PHE A 34 14.53 4.15 3.85
C PHE A 34 14.91 5.10 2.71
N VAL A 35 13.93 5.46 1.90
CA VAL A 35 14.17 6.36 0.77
C VAL A 35 14.84 7.63 1.22
N ASP A 36 15.72 8.17 0.36
CA ASP A 36 16.45 9.40 0.66
C ASP A 36 17.42 9.72 -0.47
N GLU A 37 18.02 8.68 -1.05
CA GLU A 37 18.97 8.84 -2.13
C GLU A 37 18.64 7.90 -3.29
N TYR A 38 17.63 8.27 -4.07
CA TYR A 38 17.22 7.47 -5.21
C TYR A 38 16.86 8.34 -6.40
N ASP A 39 16.55 7.71 -7.53
CA ASP A 39 16.19 8.43 -8.74
C ASP A 39 14.69 8.29 -9.02
N PRO A 40 13.89 9.25 -8.55
CA PRO A 40 12.43 9.25 -8.74
C PRO A 40 12.04 9.63 -10.16
N SER A 41 10.74 9.64 -10.43
CA SER A 41 10.23 9.98 -11.75
C SER A 41 10.57 8.90 -12.77
N ILE A 42 11.03 7.75 -12.30
CA ILE A 42 11.39 6.64 -13.17
C ILE A 42 10.70 5.34 -12.77
N GLU A 43 9.95 5.38 -11.66
CA GLU A 43 9.23 4.19 -11.19
C GLU A 43 10.19 3.01 -11.00
N ASP A 44 11.09 3.14 -10.03
CA ASP A 44 12.06 2.10 -9.74
C ASP A 44 11.46 1.02 -8.84
N SER A 45 10.40 0.37 -9.33
CA SER A 45 9.74 -0.67 -8.56
C SER A 45 10.71 -1.79 -8.18
N TYR A 46 10.36 -2.58 -7.19
CA TYR A 46 11.21 -3.67 -6.73
C TYR A 46 10.42 -4.97 -6.60
N ARG A 47 11.12 -6.08 -6.43
CA ARG A 47 10.48 -7.38 -6.29
C ARG A 47 11.26 -8.28 -5.35
N LYS A 48 10.63 -8.64 -4.23
CA LYS A 48 11.26 -9.49 -3.23
C LYS A 48 10.65 -10.89 -3.25
N GLN A 49 11.51 -11.90 -3.28
CA GLN A 49 11.06 -13.29 -3.29
C GLN A 49 10.88 -13.81 -1.87
N VAL A 50 9.65 -14.21 -1.55
CA VAL A 50 9.34 -14.73 -0.22
C VAL A 50 8.44 -15.96 -0.31
N VAL A 51 8.08 -16.50 0.85
CA VAL A 51 7.22 -17.68 0.90
C VAL A 51 6.04 -17.44 1.84
N ILE A 52 4.87 -17.19 1.26
CA ILE A 52 3.66 -16.95 2.03
C ILE A 52 2.66 -18.08 1.85
N ASP A 53 2.08 -18.53 2.96
CA ASP A 53 1.10 -19.61 2.92
C ASP A 53 1.75 -20.91 2.45
N GLY A 54 3.03 -21.08 2.76
CA GLY A 54 3.74 -22.27 2.36
C GLY A 54 3.88 -22.39 0.84
N GLU A 55 3.99 -21.24 0.18
CA GLU A 55 4.13 -21.23 -1.28
C GLU A 55 5.05 -20.09 -1.72
N THR A 56 6.25 -20.45 -2.17
CA THR A 56 7.22 -19.47 -2.63
C THR A 56 6.66 -18.66 -3.80
N CYS A 57 6.56 -17.35 -3.62
CA CYS A 57 6.05 -16.46 -4.66
C CYS A 57 6.78 -15.12 -4.63
N LEU A 58 6.89 -14.50 -5.81
CA LEU A 58 7.57 -13.21 -5.92
C LEU A 58 6.63 -12.07 -5.54
N LEU A 59 7.19 -11.04 -4.93
CA LEU A 59 6.41 -9.88 -4.51
C LEU A 59 6.90 -8.62 -5.19
N ASP A 60 6.42 -8.38 -6.41
CA ASP A 60 6.81 -7.19 -7.17
C ASP A 60 6.11 -5.95 -6.65
N ILE A 61 6.73 -5.27 -5.70
CA ILE A 61 6.14 -4.07 -5.13
C ILE A 61 6.35 -2.87 -6.05
N LEU A 62 5.25 -2.34 -6.56
CA LEU A 62 5.31 -1.20 -7.48
C LEU A 62 5.04 0.10 -6.74
N ASP A 63 6.00 1.03 -6.80
CA ASP A 63 5.87 2.31 -6.14
C ASP A 63 5.64 3.42 -7.17
N THR A 64 4.40 3.86 -7.30
CA THR A 64 4.04 4.91 -8.25
C THR A 64 4.38 6.28 -7.70
N ALA A 65 4.00 7.32 -8.44
CA ALA A 65 4.26 8.69 -8.02
C ALA A 65 2.97 9.44 -7.73
N GLY A 66 2.95 10.18 -6.63
CA GLY A 66 1.76 10.94 -6.26
C GLY A 66 1.77 12.35 -6.81
N GLN A 67 2.68 12.62 -7.74
CA GLN A 67 2.80 13.94 -8.34
C GLN A 67 3.29 13.85 -9.77
N GLU A 68 3.66 15.00 -10.35
CA GLU A 68 4.15 15.04 -11.73
C GLU A 68 3.07 14.61 -12.72
N GLU A 69 1.82 14.59 -12.26
CA GLU A 69 0.70 14.20 -13.12
C GLU A 69 1.02 12.92 -13.89
N TYR A 70 0.66 11.79 -13.29
CA TYR A 70 0.90 10.49 -13.92
C TYR A 70 -0.33 9.60 -13.80
N SER A 71 -1.51 10.23 -13.77
CA SER A 71 -2.76 9.48 -13.67
C SER A 71 -2.86 8.47 -14.82
N ALA A 72 -2.30 8.83 -15.96
CA ALA A 72 -2.32 7.96 -17.13
C ALA A 72 -1.67 6.62 -16.81
N MET A 73 -0.74 6.64 -15.85
CA MET A 73 -0.04 5.43 -15.44
C MET A 73 -0.86 4.65 -14.41
N ARG A 74 -1.59 5.39 -13.58
CA ARG A 74 -2.41 4.79 -12.54
C ARG A 74 -3.40 3.78 -13.12
N ASP A 75 -4.23 4.24 -14.07
CA ASP A 75 -5.21 3.36 -14.70
C ASP A 75 -4.58 2.05 -15.13
N GLN A 76 -3.29 2.11 -15.46
CA GLN A 76 -2.56 0.92 -15.89
C GLN A 76 -2.14 0.10 -14.67
N TYR A 77 -1.64 0.78 -13.64
CA TYR A 77 -1.21 0.11 -12.41
C TYR A 77 -2.35 -0.70 -11.80
N MET A 78 -3.58 -0.24 -12.01
CA MET A 78 -4.74 -0.95 -11.50
C MET A 78 -4.98 -2.20 -12.34
N ARG A 79 -4.78 -2.06 -13.65
CA ARG A 79 -4.98 -3.17 -14.58
C ARG A 79 -3.75 -4.09 -14.61
N THR A 80 -2.61 -3.57 -14.18
CA THR A 80 -1.37 -4.35 -14.14
C THR A 80 -1.12 -4.90 -12.75
N GLY A 81 -2.03 -4.61 -11.82
CA GLY A 81 -1.87 -5.08 -10.45
C GLY A 81 -2.94 -6.07 -10.04
N GLU A 82 -2.58 -6.96 -9.13
CA GLU A 82 -3.51 -7.97 -8.62
C GLU A 82 -4.15 -7.49 -7.33
N GLY A 83 -3.54 -6.51 -6.69
CA GLY A 83 -4.06 -5.98 -5.44
C GLY A 83 -3.76 -4.49 -5.29
N PHE A 84 -4.24 -3.91 -4.20
CA PHE A 84 -4.02 -2.50 -3.94
C PHE A 84 -3.80 -2.24 -2.44
N LEU A 85 -2.77 -1.46 -2.13
CA LEU A 85 -2.45 -1.12 -0.75
C LEU A 85 -2.61 0.37 -0.50
N CYS A 86 -3.45 0.70 0.48
CA CYS A 86 -3.69 2.11 0.83
C CYS A 86 -2.81 2.54 2.00
N VAL A 87 -1.93 3.49 1.74
CA VAL A 87 -1.03 4.00 2.78
C VAL A 87 -1.42 5.41 3.20
N PHE A 88 -1.79 5.56 4.47
CA PHE A 88 -2.17 6.86 5.00
C PHE A 88 -1.50 7.10 6.35
N ALA A 89 -1.09 8.34 6.57
CA ALA A 89 -0.43 8.71 7.83
C ALA A 89 -1.45 9.08 8.90
N ILE A 90 -1.38 8.39 10.03
CA ILE A 90 -2.30 8.65 11.14
C ILE A 90 -2.18 10.09 11.62
N ASN A 91 -1.05 10.72 11.32
CA ASN A 91 -0.81 12.10 11.74
C ASN A 91 -1.55 13.07 10.81
N ASN A 92 -1.64 12.71 9.54
CA ASN A 92 -2.33 13.54 8.56
C ASN A 92 -3.74 13.03 8.30
N THR A 93 -4.73 13.83 8.68
CA THR A 93 -6.13 13.44 8.49
C THR A 93 -6.52 13.52 7.01
N LYS A 94 -5.86 14.39 6.28
CA LYS A 94 -6.13 14.56 4.86
C LYS A 94 -5.87 13.26 4.10
N SER A 95 -4.80 12.56 4.48
CA SER A 95 -4.45 11.30 3.85
C SER A 95 -5.55 10.26 4.07
N PHE A 96 -6.22 10.35 5.21
CA PHE A 96 -7.29 9.43 5.55
C PHE A 96 -8.44 9.54 4.54
N GLU A 97 -8.79 10.77 4.20
CA GLU A 97 -9.87 11.02 3.24
C GLU A 97 -9.48 10.53 1.85
N ASP A 98 -8.19 10.51 1.56
CA ASP A 98 -7.69 10.07 0.27
C ASP A 98 -7.90 8.56 0.09
N ILE A 99 -7.78 7.82 1.19
CA ILE A 99 -7.95 6.38 1.14
C ILE A 99 -9.35 6.02 0.69
N HIS A 100 -10.30 6.92 0.90
CA HIS A 100 -11.68 6.70 0.51
C HIS A 100 -11.86 6.91 -1.00
N GLN A 101 -11.47 8.09 -1.47
CA GLN A 101 -11.59 8.41 -2.89
C GLN A 101 -10.65 7.55 -3.73
N TYR A 102 -9.55 7.12 -3.13
CA TYR A 102 -8.58 6.28 -3.84
C TYR A 102 -9.19 4.93 -4.20
N ARG A 103 -10.00 4.39 -3.30
CA ARG A 103 -10.65 3.10 -3.53
C ARG A 103 -11.62 3.19 -4.71
N GLU A 104 -12.26 4.35 -4.86
CA GLU A 104 -13.20 4.56 -5.95
C GLU A 104 -12.56 4.31 -7.31
N GLN A 105 -11.26 4.59 -7.40
CA GLN A 105 -10.52 4.40 -8.64
C GLN A 105 -10.35 2.91 -8.94
N ILE A 106 -10.11 2.12 -7.90
CA ILE A 106 -9.93 0.68 -8.05
C ILE A 106 -11.26 0.01 -8.42
N LYS A 107 -12.32 0.37 -7.71
CA LYS A 107 -13.63 -0.20 -7.96
C LYS A 107 -14.04 -0.02 -9.42
N ARG A 108 -13.51 1.03 -10.06
CA ARG A 108 -13.81 1.31 -11.46
C ARG A 108 -13.08 0.34 -12.38
N VAL A 109 -11.75 0.32 -12.27
CA VAL A 109 -10.94 -0.56 -13.09
C VAL A 109 -11.28 -2.02 -12.84
N LYS A 110 -11.24 -2.42 -11.57
CA LYS A 110 -11.55 -3.80 -11.18
C LYS A 110 -13.01 -4.13 -11.50
N ASP A 111 -13.86 -3.12 -11.48
CA ASP A 111 -15.29 -3.30 -11.75
C ASP A 111 -15.92 -4.21 -10.70
N SER A 112 -15.65 -3.91 -9.43
CA SER A 112 -16.20 -4.68 -8.33
C SER A 112 -15.86 -4.05 -6.99
N ASP A 113 -16.82 -4.08 -6.06
CA ASP A 113 -16.62 -3.51 -4.74
C ASP A 113 -15.71 -4.38 -3.89
N ASP A 114 -15.84 -5.69 -4.06
CA ASP A 114 -15.03 -6.65 -3.31
C ASP A 114 -13.74 -6.98 -4.05
N VAL A 115 -12.73 -6.15 -3.86
CA VAL A 115 -11.44 -6.35 -4.51
C VAL A 115 -10.33 -6.59 -3.49
N PRO A 116 -9.27 -7.30 -3.87
CA PRO A 116 -8.13 -7.59 -2.98
C PRO A 116 -7.29 -6.35 -2.70
N MET A 117 -7.36 -5.85 -1.48
CA MET A 117 -6.60 -4.67 -1.08
C MET A 117 -6.49 -4.58 0.44
N VAL A 118 -5.65 -3.67 0.92
CA VAL A 118 -5.45 -3.49 2.34
C VAL A 118 -5.16 -2.04 2.69
N LEU A 119 -5.58 -1.62 3.88
CA LEU A 119 -5.35 -0.26 4.34
C LEU A 119 -4.31 -0.23 5.44
N VAL A 120 -3.09 0.18 5.09
CA VAL A 120 -1.99 0.25 6.05
C VAL A 120 -1.90 1.64 6.68
N GLY A 121 -1.54 1.67 7.96
CA GLY A 121 -1.41 2.94 8.66
C GLY A 121 0.02 3.24 9.06
N ASN A 122 0.76 3.89 8.16
CA ASN A 122 2.15 4.24 8.42
C ASN A 122 2.26 5.28 9.54
N LYS A 123 3.48 5.57 9.96
CA LYS A 123 3.73 6.54 11.01
C LYS A 123 3.02 6.13 12.30
N CYS A 124 3.39 4.97 12.83
CA CYS A 124 2.79 4.47 14.07
C CYS A 124 3.73 4.68 15.26
N ASP A 125 4.89 5.27 15.02
CA ASP A 125 5.86 5.53 16.08
C ASP A 125 5.83 7.00 16.50
N LEU A 126 5.47 7.88 15.55
CA LEU A 126 5.41 9.31 15.82
C LEU A 126 4.51 9.60 17.02
N ALA A 127 4.82 10.68 17.73
CA ALA A 127 4.03 11.07 18.90
C ALA A 127 3.00 12.14 18.55
N ALA A 128 2.46 12.05 17.34
CA ALA A 128 1.46 13.01 16.88
C ALA A 128 0.39 12.33 16.03
N ARG A 129 -0.46 11.54 16.68
CA ARG A 129 -1.53 10.84 15.98
C ARG A 129 -2.83 11.63 16.03
N THR A 130 -3.23 12.16 14.88
CA THR A 130 -4.46 12.95 14.79
C THR A 130 -5.67 12.03 14.61
N VAL A 131 -5.63 11.19 13.58
CA VAL A 131 -6.71 10.27 13.30
C VAL A 131 -6.62 9.04 14.20
N GLU A 132 -7.50 8.98 15.19
CA GLU A 132 -7.52 7.86 16.13
C GLU A 132 -7.68 6.53 15.39
N SER A 133 -7.32 5.45 16.07
CA SER A 133 -7.43 4.12 15.48
C SER A 133 -8.88 3.75 15.18
N ARG A 134 -9.78 4.15 16.08
CA ARG A 134 -11.20 3.88 15.92
C ARG A 134 -11.72 4.42 14.59
N GLN A 135 -11.35 5.66 14.29
CA GLN A 135 -11.78 6.31 13.05
C GLN A 135 -11.24 5.57 11.83
N ALA A 136 -9.98 5.15 11.92
CA ALA A 136 -9.34 4.43 10.82
C ALA A 136 -9.97 3.06 10.62
N GLN A 137 -10.23 2.36 11.72
CA GLN A 137 -10.82 1.03 11.67
C GLN A 137 -12.29 1.11 11.23
N ASP A 138 -12.94 2.22 11.57
CA ASP A 138 -14.34 2.42 11.21
C ASP A 138 -14.52 2.40 9.69
N LEU A 139 -13.54 2.93 8.97
CA LEU A 139 -13.60 2.97 7.52
C LEU A 139 -13.17 1.64 6.91
N ALA A 140 -12.01 1.14 7.34
CA ALA A 140 -11.50 -0.13 6.83
C ALA A 140 -12.47 -1.26 7.10
N ARG A 141 -13.19 -1.17 8.22
CA ARG A 141 -14.16 -2.19 8.59
C ARG A 141 -15.36 -2.18 7.63
N SER A 142 -15.68 -1.01 7.11
CA SER A 142 -16.79 -0.88 6.17
C SER A 142 -16.43 -1.49 4.83
N TYR A 143 -15.20 -1.26 4.39
CA TYR A 143 -14.72 -1.80 3.12
C TYR A 143 -14.62 -3.32 3.17
N GLY A 144 -14.50 -3.86 4.37
CA GLY A 144 -14.39 -5.30 4.53
C GLY A 144 -12.96 -5.79 4.37
N ILE A 145 -12.00 -4.87 4.47
CA ILE A 145 -10.59 -5.22 4.33
C ILE A 145 -9.85 -5.11 5.65
N PRO A 146 -8.72 -5.82 5.80
CA PRO A 146 -7.92 -5.80 7.03
C PRO A 146 -7.21 -4.47 7.22
N TYR A 147 -6.95 -4.12 8.48
CA TYR A 147 -6.28 -2.87 8.80
C TYR A 147 -5.02 -3.13 9.63
N ILE A 148 -3.86 -2.76 9.09
CA ILE A 148 -2.60 -2.96 9.78
C ILE A 148 -1.88 -1.62 9.97
N GLU A 149 -1.20 -1.49 11.11
CA GLU A 149 -0.47 -0.26 11.43
C GLU A 149 1.04 -0.52 11.44
N THR A 150 1.79 0.35 10.76
CA THR A 150 3.23 0.22 10.70
C THR A 150 3.91 1.57 10.69
N SER A 151 5.24 1.58 10.60
CA SER A 151 6.01 2.82 10.58
C SER A 151 7.25 2.67 9.71
N ALA A 152 7.37 3.54 8.71
CA ALA A 152 8.50 3.52 7.80
C ALA A 152 9.81 3.85 8.52
N LYS A 153 9.70 4.50 9.68
CA LYS A 153 10.88 4.89 10.45
C LYS A 153 11.33 3.74 11.35
N THR A 154 10.50 3.40 12.33
CA THR A 154 10.83 2.33 13.26
C THR A 154 10.76 0.96 12.58
N ARG A 155 10.00 0.87 11.50
CA ARG A 155 9.86 -0.38 10.76
C ARG A 155 9.19 -1.44 11.64
N GLN A 156 7.92 -1.21 11.97
CA GLN A 156 7.17 -2.14 12.80
C GLN A 156 5.96 -2.69 12.05
N GLY A 157 5.92 -4.01 11.91
CA GLY A 157 4.81 -4.64 11.21
C GLY A 157 4.73 -4.23 9.74
N VAL A 158 5.82 -3.67 9.22
CA VAL A 158 5.87 -3.24 7.83
C VAL A 158 5.55 -4.40 6.90
N GLU A 159 6.29 -5.48 7.03
CA GLU A 159 6.10 -6.66 6.20
C GLU A 159 4.69 -7.24 6.40
N ASP A 160 4.16 -7.04 7.61
CA ASP A 160 2.82 -7.55 7.94
C ASP A 160 1.76 -6.92 7.02
N ALA A 161 1.76 -5.60 6.95
CA ALA A 161 0.80 -4.88 6.12
C ALA A 161 0.83 -5.37 4.68
N PHE A 162 2.03 -5.69 4.19
CA PHE A 162 2.19 -6.17 2.82
C PHE A 162 1.68 -7.60 2.67
N TYR A 163 2.12 -8.47 3.58
CA TYR A 163 1.71 -9.88 3.55
C TYR A 163 0.18 -9.99 3.61
N THR A 164 -0.46 -9.01 4.23
CA THR A 164 -1.92 -9.01 4.35
C THR A 164 -2.57 -9.04 2.97
N LEU A 165 -2.04 -8.25 2.05
CA LEU A 165 -2.56 -8.19 0.69
C LEU A 165 -2.48 -9.56 0.02
N VAL A 166 -1.32 -10.20 0.14
CA VAL A 166 -1.10 -11.52 -0.45
C VAL A 166 -2.22 -12.49 -0.05
N ARG A 167 -2.56 -12.50 1.23
CA ARG A 167 -3.61 -13.37 1.73
C ARG A 167 -4.96 -13.00 1.13
N GLU A 168 -5.18 -11.70 0.96
CA GLU A 168 -6.43 -11.22 0.38
C GLU A 168 -6.57 -11.65 -1.07
N ILE A 169 -5.51 -11.43 -1.85
CA ILE A 169 -5.50 -11.80 -3.25
C ILE A 169 -5.67 -13.31 -3.43
N ARG A 170 -4.86 -14.07 -2.69
CA ARG A 170 -4.92 -15.53 -2.76
C ARG A 170 -6.34 -16.04 -2.54
N GLN A 171 -7.01 -15.49 -1.53
CA GLN A 171 -8.38 -15.89 -1.20
C GLN A 171 -9.38 -15.23 -2.15
N HIS A 172 -8.99 -14.09 -2.71
CA HIS A 172 -9.86 -13.35 -3.62
C HIS A 172 -9.22 -13.25 -5.01
PG GNP B . 6.98 11.74 -2.16
O1G GNP B . 8.57 11.50 -2.04
O2G GNP B . 6.36 10.36 -2.69
O3G GNP B . 6.65 12.89 -3.02
N3B GNP B . 6.45 11.92 -0.64
PB GNP B . 7.46 11.17 0.39
O1B GNP B . 6.82 11.15 1.72
O2B GNP B . 7.86 9.88 -0.22
O3A GNP B . 8.72 12.17 0.42
PA GNP B . 8.59 13.61 1.12
O1A GNP B . 7.16 13.91 1.30
O2A GNP B . 9.42 14.56 0.35
O5' GNP B . 9.27 13.38 2.56
C5' GNP B . 8.56 12.72 3.61
C4' GNP B . 9.31 12.81 4.93
O4' GNP B . 8.62 12.02 5.92
C3' GNP B . 10.68 12.14 4.77
O3' GNP B . 11.56 12.57 5.81
C2' GNP B . 10.28 10.68 4.97
O2' GNP B . 11.44 9.89 5.27
C1' GNP B . 9.43 10.89 6.22
N9 GNP B . 8.62 9.69 6.52
C8 GNP B . 8.02 8.90 5.64
N7 GNP B . 7.39 7.91 6.27
C5 GNP B . 7.58 8.08 7.57
C6 GNP B . 7.17 7.36 8.69
O6 GNP B . 6.47 6.36 8.56
N1 GNP B . 7.56 7.80 9.96
C2 GNP B . 8.35 8.95 10.07
N2 GNP B . 8.72 9.38 11.27
N3 GNP B . 8.73 9.61 8.97
C4 GNP B . 8.37 9.20 7.74
HNB3 GNP B . 5.55 11.47 -0.58
H5'2 GNP B . 7.65 13.14 3.74
H5'1 GNP B . 8.41 11.75 3.39
H4' GNP B . 9.46 13.77 5.17
H3' GNP B . 11.10 12.34 3.89
HO3' GNP B . 11.18 12.32 6.69
H2' GNP B . 9.75 10.37 4.17
HO2' GNP B . 12.10 9.98 4.53
H1' GNP B . 10.03 11.09 6.99
H8 GNP B . 7.84 9.21 4.71
HN1 GNP B . 7.27 7.31 10.77
HN21 GNP B . 8.44 8.89 12.09
HN22 GNP B . 9.29 10.20 11.35
MG MG C . 7.28 8.60 -2.05
C13 KOB D . 4.38 -0.17 -15.47
C12 KOB D . 5.11 -1.08 -14.71
C11 KOB D . 4.46 -1.85 -13.76
F11 KOB D . 5.15 -2.74 -13.01
C10 KOB D . 3.09 -1.73 -13.56
C9 KOB D . 2.37 -0.82 -14.32
C8 KOB D . 3.02 -0.04 -15.28
N8 KOB D . 2.30 0.82 -15.99
C7 KOB D . 2.83 1.60 -16.93
S7 KOB D . 4.53 1.54 -17.32
N7 KOB D . 2.02 2.43 -17.58
N6 KOB D . 2.46 3.16 -18.48
C6 KOB D . 1.76 3.25 -19.60
C5 KOB D . 0.57 2.54 -19.69
C4 KOB D . -0.21 2.63 -20.85
C3 KOB D . 0.22 3.44 -21.90
N3 KOB D . -0.52 3.52 -23.00
O3B KOB D . -1.74 2.80 -23.10
O3A KOB D . -0.09 4.34 -24.08
C2 KOB D . 1.41 4.14 -21.80
C1 KOB D . 2.19 4.05 -20.66
N1 KOB D . 3.33 4.73 -20.57
O1B KOB D . 4.12 4.63 -19.38
O1A KOB D . 3.75 5.54 -21.64
HE1 KOB D . 2.64 -2.13 -12.67
HE2 KOB D . 6.18 -1.01 -14.69
HD2 KOB D . 4.92 0.57 -16.06
HD1 KOB D . 1.34 -0.61 -14.09
HAD KOB D . 1.31 0.89 -15.81
HAC KOB D . 1.05 2.48 -17.35
HAB KOB D . 3.32 3.66 -18.37
H5 KOB D . 0.14 2.12 -18.79
H4 KOB D . -1.02 1.93 -21.00
H2 KOB D . 1.57 4.97 -22.48
N MET A 7 4.91 -19.32 -11.92
CA MET A 7 5.22 -17.96 -11.43
C MET A 7 4.44 -16.90 -12.20
N THR A 8 3.88 -15.93 -11.47
CA THR A 8 3.10 -14.87 -12.07
C THR A 8 3.52 -13.52 -11.50
N GLU A 9 3.40 -12.47 -12.32
CA GLU A 9 3.76 -11.12 -11.89
C GLU A 9 2.55 -10.38 -11.34
N TYR A 10 2.65 -9.97 -10.08
CA TYR A 10 1.56 -9.25 -9.42
C TYR A 10 1.92 -7.78 -9.23
N LYS A 11 1.19 -6.90 -9.91
CA LYS A 11 1.43 -5.47 -9.81
C LYS A 11 0.63 -4.86 -8.66
N LEU A 12 1.30 -4.66 -7.52
CA LEU A 12 0.66 -4.08 -6.36
C LEU A 12 0.73 -2.56 -6.40
N VAL A 13 -0.42 -1.93 -6.57
CA VAL A 13 -0.50 -0.47 -6.62
C VAL A 13 -0.46 0.13 -5.22
N VAL A 14 0.70 0.65 -4.84
CA VAL A 14 0.88 1.25 -3.53
C VAL A 14 0.42 2.71 -3.53
N VAL A 15 -0.29 3.10 -2.48
CA VAL A 15 -0.79 4.47 -2.35
C VAL A 15 -0.85 4.90 -0.89
N GLY A 16 -0.73 6.20 -0.66
CA GLY A 16 -0.77 6.71 0.70
C GLY A 16 -1.09 8.19 0.74
N ALA A 17 -0.15 9.02 0.31
CA ALA A 17 -0.33 10.47 0.32
C ALA A 17 0.92 11.20 -0.15
N GLY A 18 2.08 10.66 0.21
CA GLY A 18 3.33 11.28 -0.18
C GLY A 18 4.18 11.66 1.02
N GLY A 19 4.44 10.69 1.89
CA GLY A 19 5.24 10.94 3.07
C GLY A 19 4.91 9.99 4.21
N VAL A 20 3.70 9.42 4.19
CA VAL A 20 3.27 8.49 5.22
C VAL A 20 4.31 7.40 5.46
N GLY A 21 5.10 7.10 4.44
CA GLY A 21 6.12 6.08 4.56
C GLY A 21 5.87 4.89 3.65
N LYS A 22 5.10 5.11 2.60
CA LYS A 22 4.79 4.04 1.65
C LYS A 22 6.06 3.51 1.00
N SER A 23 6.98 4.42 0.70
CA SER A 23 8.24 4.05 0.07
C SER A 23 9.08 3.19 1.01
N ALA A 24 9.04 3.52 2.30
CA ALA A 24 9.79 2.77 3.30
C ALA A 24 9.39 1.31 3.33
N LEU A 25 8.11 1.05 3.61
CA LEU A 25 7.59 -0.31 3.67
C LEU A 25 7.84 -1.05 2.36
N THR A 26 7.88 -0.30 1.26
CA THR A 26 8.10 -0.89 -0.06
C THR A 26 9.48 -1.53 -0.14
N ILE A 27 10.49 -0.82 0.35
CA ILE A 27 11.86 -1.32 0.33
C ILE A 27 12.04 -2.45 1.34
N GLN A 28 11.33 -2.36 2.46
CA GLN A 28 11.41 -3.37 3.50
C GLN A 28 11.05 -4.76 2.96
N LEU A 29 10.00 -4.80 2.14
CA LEU A 29 9.54 -6.06 1.55
C LEU A 29 10.55 -6.58 0.53
N ILE A 30 11.24 -5.66 -0.15
CA ILE A 30 12.22 -6.04 -1.15
C ILE A 30 13.56 -6.39 -0.51
N GLN A 31 14.25 -5.38 0.03
CA GLN A 31 15.54 -5.59 0.66
C GLN A 31 15.38 -5.79 2.18
N ASN A 32 15.58 -4.71 2.96
CA ASN A 32 15.46 -4.78 4.41
C ASN A 32 16.13 -3.58 5.06
N HIS A 33 15.53 -2.40 4.89
CA HIS A 33 16.09 -1.19 5.47
C HIS A 33 15.16 0.00 5.25
N PHE A 34 15.54 1.15 5.81
CA PHE A 34 14.75 2.37 5.68
C PHE A 34 15.17 3.15 4.43
N VAL A 35 14.20 3.68 3.71
CA VAL A 35 14.47 4.44 2.50
C VAL A 35 15.39 5.63 2.79
N ASP A 36 16.20 5.99 1.81
CA ASP A 36 17.14 7.10 1.94
C ASP A 36 17.98 7.25 0.68
N GLU A 37 18.34 6.12 0.07
CA GLU A 37 19.15 6.13 -1.15
C GLU A 37 18.41 5.43 -2.29
N TYR A 38 17.61 6.19 -3.03
CA TYR A 38 16.85 5.65 -4.15
C TYR A 38 16.85 6.62 -5.32
N ASP A 39 16.35 6.15 -6.46
CA ASP A 39 16.29 6.99 -7.67
C ASP A 39 14.86 7.42 -7.96
N PRO A 40 14.44 8.58 -7.43
CA PRO A 40 13.09 9.11 -7.63
C PRO A 40 12.85 9.55 -9.08
N SER A 41 13.93 9.84 -9.79
CA SER A 41 13.85 10.27 -11.18
C SER A 41 13.21 9.19 -12.05
N ILE A 42 13.19 7.96 -11.57
CA ILE A 42 12.62 6.85 -12.31
C ILE A 42 11.56 6.12 -11.48
N GLU A 43 10.87 5.18 -12.12
CA GLU A 43 9.82 4.41 -11.45
C GLU A 43 10.38 3.71 -10.20
N ASP A 44 9.71 3.93 -9.08
CA ASP A 44 10.13 3.33 -7.82
C ASP A 44 9.46 1.97 -7.61
N SER A 45 9.57 1.11 -8.63
CA SER A 45 8.98 -0.22 -8.56
C SER A 45 10.05 -1.28 -8.29
N TYR A 46 9.63 -2.43 -7.77
CA TYR A 46 10.55 -3.52 -7.47
C TYR A 46 9.90 -4.87 -7.73
N ARG A 47 10.74 -5.90 -7.86
CA ARG A 47 10.23 -7.25 -8.11
C ARG A 47 10.95 -8.27 -7.24
N LYS A 48 10.18 -9.13 -6.58
CA LYS A 48 10.74 -10.16 -5.71
C LYS A 48 9.90 -11.43 -5.77
N GLN A 49 10.56 -12.58 -5.64
CA GLN A 49 9.88 -13.86 -5.67
C GLN A 49 9.57 -14.34 -4.26
N VAL A 50 8.36 -14.87 -4.07
CA VAL A 50 7.94 -15.37 -2.76
C VAL A 50 7.04 -16.58 -2.91
N VAL A 51 6.66 -17.17 -1.78
CA VAL A 51 5.79 -18.35 -1.78
C VAL A 51 4.57 -18.13 -0.88
N ILE A 52 3.44 -17.82 -1.50
CA ILE A 52 2.20 -17.60 -0.75
C ILE A 52 1.07 -18.46 -1.30
N ASP A 53 0.28 -19.03 -0.39
CA ASP A 53 -0.84 -19.88 -0.78
C ASP A 53 -0.36 -21.10 -1.55
N GLY A 54 0.85 -21.55 -1.24
CA GLY A 54 1.41 -22.71 -1.92
C GLY A 54 1.57 -22.50 -3.41
N GLU A 55 1.80 -21.25 -3.81
CA GLU A 55 1.95 -20.91 -5.22
C GLU A 55 3.04 -19.85 -5.41
N THR A 56 4.25 -20.29 -5.75
CA THR A 56 5.37 -19.39 -5.96
C THR A 56 5.07 -18.41 -7.09
N CYS A 57 5.07 -17.12 -6.77
CA CYS A 57 4.80 -16.08 -7.76
C CYS A 57 5.62 -14.83 -7.48
N LEU A 58 5.87 -14.06 -8.54
CA LEU A 58 6.65 -12.83 -8.41
C LEU A 58 5.80 -11.71 -7.82
N LEU A 59 6.45 -10.82 -7.07
CA LEU A 59 5.77 -9.69 -6.44
C LEU A 59 6.22 -8.36 -7.04
N ASP A 60 5.54 -7.93 -8.10
CA ASP A 60 5.88 -6.67 -8.76
C ASP A 60 5.31 -5.48 -7.99
N ILE A 61 6.13 -4.88 -7.14
CA ILE A 61 5.70 -3.74 -6.35
C ILE A 61 5.74 -2.46 -7.17
N LEU A 62 4.57 -1.87 -7.40
CA LEU A 62 4.47 -0.64 -8.18
C LEU A 62 4.23 0.55 -7.26
N ASP A 63 5.26 1.36 -7.07
CA ASP A 63 5.16 2.53 -6.21
C ASP A 63 5.24 3.82 -7.03
N THR A 64 4.15 4.57 -7.05
CA THR A 64 4.09 5.82 -7.80
C THR A 64 4.78 6.94 -7.03
N ALA A 65 4.68 8.16 -7.55
CA ALA A 65 5.31 9.31 -6.91
C ALA A 65 4.42 9.86 -5.80
N GLY A 66 5.06 10.43 -4.78
CA GLY A 66 4.31 11.00 -3.67
C GLY A 66 4.45 12.51 -3.58
N GLN A 67 5.28 13.08 -4.45
CA GLN A 67 5.50 14.53 -4.45
C GLN A 67 5.29 15.10 -5.85
N GLU A 68 4.28 14.58 -6.55
CA GLU A 68 3.98 15.04 -7.91
C GLU A 68 2.59 14.57 -8.33
N GLU A 69 1.93 15.36 -9.17
CA GLU A 69 0.61 15.03 -9.68
C GLU A 69 0.65 13.74 -10.50
N TYR A 70 1.08 13.87 -11.76
CA TYR A 70 1.17 12.72 -12.65
C TYR A 70 -0.13 11.92 -12.66
N SER A 71 -1.25 12.63 -12.53
CA SER A 71 -2.55 11.99 -12.52
C SER A 71 -2.78 11.17 -13.78
N ALA A 72 -2.23 11.66 -14.90
CA ALA A 72 -2.37 10.97 -16.18
C ALA A 72 -1.89 9.53 -16.08
N MET A 73 -0.72 9.35 -15.47
CA MET A 73 -0.15 8.01 -15.30
C MET A 73 -0.72 7.33 -14.07
N ARG A 74 -1.07 8.12 -13.06
CA ARG A 74 -1.63 7.60 -11.82
C ARG A 74 -2.81 6.68 -12.11
N ASP A 75 -3.67 7.11 -13.04
CA ASP A 75 -4.84 6.34 -13.42
C ASP A 75 -4.42 5.05 -14.11
N GLN A 76 -3.38 5.13 -14.94
CA GLN A 76 -2.87 3.97 -15.65
C GLN A 76 -2.40 2.90 -14.67
N TYR A 77 -1.76 3.34 -13.60
CA TYR A 77 -1.25 2.42 -12.59
C TYR A 77 -2.37 1.56 -12.02
N MET A 78 -3.56 2.13 -11.92
CA MET A 78 -4.71 1.40 -11.40
C MET A 78 -5.14 0.34 -12.40
N ARG A 79 -5.10 0.69 -13.68
CA ARG A 79 -5.47 -0.23 -14.75
C ARG A 79 -4.32 -1.17 -15.09
N THR A 80 -3.12 -0.87 -14.60
CA THR A 80 -1.95 -1.71 -14.84
C THR A 80 -1.70 -2.65 -13.68
N GLY A 81 -2.26 -2.31 -12.51
CA GLY A 81 -2.07 -3.12 -11.32
C GLY A 81 -3.19 -4.10 -11.08
N GLU A 82 -2.89 -5.15 -10.32
CA GLU A 82 -3.87 -6.17 -9.99
C GLU A 82 -4.41 -5.97 -8.58
N GLY A 83 -3.71 -5.15 -7.78
CA GLY A 83 -4.14 -4.88 -6.43
C GLY A 83 -3.73 -3.50 -5.96
N PHE A 84 -4.34 -3.03 -4.88
CA PHE A 84 -4.05 -1.71 -4.34
C PHE A 84 -3.79 -1.76 -2.84
N LEU A 85 -2.86 -0.95 -2.37
CA LEU A 85 -2.51 -0.91 -0.95
C LEU A 85 -2.58 0.52 -0.42
N CYS A 86 -3.48 0.75 0.54
CA CYS A 86 -3.64 2.07 1.13
C CYS A 86 -2.85 2.18 2.44
N VAL A 87 -1.72 2.85 2.38
CA VAL A 87 -0.87 3.03 3.56
C VAL A 87 -0.85 4.49 4.00
N PHE A 88 -1.11 4.71 5.29
CA PHE A 88 -1.10 6.07 5.84
C PHE A 88 -0.54 6.07 7.26
N ALA A 89 -0.18 7.26 7.73
CA ALA A 89 0.38 7.40 9.07
C ALA A 89 -0.71 7.81 10.07
N ILE A 90 -0.79 7.08 11.18
CA ILE A 90 -1.78 7.36 12.21
C ILE A 90 -1.49 8.69 12.90
N ASN A 91 -0.21 9.04 12.99
CA ASN A 91 0.20 10.28 13.64
C ASN A 91 -0.30 11.50 12.85
N ASN A 92 -0.63 11.28 11.58
CA ASN A 92 -1.12 12.35 10.72
C ASN A 92 -2.51 12.03 10.18
N THR A 93 -3.52 12.68 10.74
CA THR A 93 -4.90 12.47 10.32
C THR A 93 -5.09 12.83 8.85
N LYS A 94 -4.26 13.74 8.36
CA LYS A 94 -4.34 14.18 6.96
C LYS A 94 -4.24 13.00 6.02
N SER A 95 -3.27 12.13 6.26
CA SER A 95 -3.07 10.95 5.42
C SER A 95 -4.33 10.09 5.38
N PHE A 96 -4.99 9.95 6.53
CA PHE A 96 -6.21 9.18 6.62
C PHE A 96 -7.30 9.78 5.73
N GLU A 97 -7.20 11.08 5.49
CA GLU A 97 -8.16 11.79 4.65
C GLU A 97 -7.93 11.47 3.18
N ASP A 98 -6.68 11.25 2.81
CA ASP A 98 -6.31 10.94 1.44
C ASP A 98 -6.69 9.50 1.09
N ILE A 99 -6.64 8.62 2.09
CA ILE A 99 -6.98 7.22 1.89
C ILE A 99 -8.43 7.08 1.42
N HIS A 100 -9.30 7.94 1.95
CA HIS A 100 -10.71 7.90 1.58
C HIS A 100 -10.89 8.25 0.11
N GLN A 101 -10.38 9.41 -0.29
CA GLN A 101 -10.50 9.86 -1.67
C GLN A 101 -9.69 8.96 -2.62
N TYR A 102 -8.61 8.39 -2.10
CA TYR A 102 -7.76 7.52 -2.90
C TYR A 102 -8.53 6.28 -3.37
N ARG A 103 -9.13 5.57 -2.43
CA ARG A 103 -9.89 4.37 -2.76
C ARG A 103 -10.91 4.64 -3.87
N GLU A 104 -11.51 5.82 -3.84
CA GLU A 104 -12.50 6.20 -4.84
C GLU A 104 -11.91 6.16 -6.24
N GLN A 105 -10.65 6.58 -6.36
CA GLN A 105 -9.96 6.59 -7.64
C GLN A 105 -9.88 5.18 -8.23
N ILE A 106 -9.85 4.18 -7.36
CA ILE A 106 -9.78 2.80 -7.80
C ILE A 106 -11.13 2.32 -8.34
N LYS A 107 -12.20 2.76 -7.69
CA LYS A 107 -13.55 2.39 -8.11
C LYS A 107 -13.84 2.88 -9.52
N ARG A 108 -13.66 4.19 -9.73
CA ARG A 108 -13.91 4.78 -11.04
C ARG A 108 -13.09 4.12 -12.14
N VAL A 109 -11.80 3.97 -11.89
CA VAL A 109 -10.90 3.35 -12.85
C VAL A 109 -11.27 1.89 -13.10
N LYS A 110 -11.14 1.08 -12.06
CA LYS A 110 -11.45 -0.34 -12.15
C LYS A 110 -12.91 -0.55 -12.54
N ASP A 111 -13.75 0.45 -12.28
CA ASP A 111 -15.17 0.38 -12.60
C ASP A 111 -15.85 -0.73 -11.82
N SER A 112 -15.67 -0.73 -10.50
CA SER A 112 -16.26 -1.74 -9.64
C SER A 112 -15.96 -1.43 -8.17
N ASP A 113 -16.87 -1.84 -7.29
CA ASP A 113 -16.71 -1.61 -5.86
C ASP A 113 -15.94 -2.76 -5.22
N ASP A 114 -16.08 -3.96 -5.77
CA ASP A 114 -15.39 -5.13 -5.24
C ASP A 114 -14.07 -5.36 -5.97
N VAL A 115 -13.03 -4.68 -5.50
CA VAL A 115 -11.70 -4.81 -6.11
C VAL A 115 -10.67 -5.22 -5.07
N PRO A 116 -9.60 -5.92 -5.51
CA PRO A 116 -8.53 -6.37 -4.61
C PRO A 116 -7.71 -5.21 -4.05
N MET A 117 -7.91 -4.92 -2.77
CA MET A 117 -7.19 -3.84 -2.11
C MET A 117 -7.00 -4.13 -0.62
N VAL A 118 -6.23 -3.27 0.05
CA VAL A 118 -5.97 -3.44 1.47
C VAL A 118 -5.72 -2.10 2.15
N LEU A 119 -5.85 -2.08 3.47
CA LEU A 119 -5.64 -0.85 4.23
C LEU A 119 -4.69 -1.10 5.40
N VAL A 120 -3.50 -0.52 5.31
CA VAL A 120 -2.49 -0.67 6.36
C VAL A 120 -2.30 0.62 7.14
N GLY A 121 -1.83 0.49 8.38
CA GLY A 121 -1.60 1.65 9.22
C GLY A 121 -0.15 1.80 9.64
N ASN A 122 0.62 2.55 8.85
CA ASN A 122 2.03 2.75 9.15
C ASN A 122 2.21 3.62 10.39
N LYS A 123 3.43 3.63 10.93
CA LYS A 123 3.73 4.42 12.11
C LYS A 123 2.90 3.96 13.31
N CYS A 124 3.03 2.69 13.66
CA CYS A 124 2.29 2.12 14.78
C CYS A 124 3.12 2.14 16.06
N ASP A 125 4.37 2.55 15.96
CA ASP A 125 5.26 2.62 17.11
C ASP A 125 5.46 4.05 17.59
N LEU A 126 5.11 5.01 16.74
CA LEU A 126 5.26 6.43 17.07
C LEU A 126 4.67 6.73 18.44
N ALA A 127 5.23 7.75 19.11
CA ALA A 127 4.76 8.15 20.43
C ALA A 127 3.83 9.36 20.35
N ALA A 128 3.32 9.65 19.16
CA ALA A 128 2.44 10.78 18.96
C ALA A 128 1.38 10.47 17.90
N ARG A 129 0.57 9.45 18.16
CA ARG A 129 -0.48 9.05 17.23
C ARG A 129 -1.69 9.97 17.35
N THR A 130 -2.48 10.04 16.28
CA THR A 130 -3.67 10.87 16.26
C THR A 130 -4.90 10.06 15.88
N VAL A 131 -4.77 9.27 14.83
CA VAL A 131 -5.87 8.43 14.36
C VAL A 131 -5.76 7.01 14.91
N GLU A 132 -6.47 6.74 16.00
CA GLU A 132 -6.45 5.43 16.62
C GLU A 132 -6.88 4.35 15.63
N SER A 133 -6.51 3.10 15.93
CA SER A 133 -6.87 1.98 15.07
C SER A 133 -8.37 1.90 14.86
N ARG A 134 -9.13 2.36 15.85
CA ARG A 134 -10.59 2.33 15.79
C ARG A 134 -11.08 3.16 14.59
N GLN A 135 -10.53 4.35 14.44
CA GLN A 135 -10.91 5.24 13.35
C GLN A 135 -10.55 4.63 12.00
N ALA A 136 -9.47 3.87 11.97
CA ALA A 136 -9.02 3.23 10.74
C ALA A 136 -9.83 1.97 10.44
N GLN A 137 -10.18 1.23 11.48
CA GLN A 137 -10.96 0.01 11.33
C GLN A 137 -12.37 0.32 10.87
N ASP A 138 -12.89 1.47 11.30
CA ASP A 138 -14.24 1.88 10.93
C ASP A 138 -14.33 2.19 9.44
N LEU A 139 -13.23 2.68 8.87
CA LEU A 139 -13.18 3.03 7.46
C LEU A 139 -13.01 1.77 6.60
N ALA A 140 -12.00 0.97 6.95
CA ALA A 140 -11.72 -0.26 6.21
C ALA A 140 -12.88 -1.24 6.31
N ARG A 141 -13.45 -1.36 7.51
CA ARG A 141 -14.57 -2.27 7.75
C ARG A 141 -15.78 -1.85 6.91
N SER A 142 -15.87 -0.58 6.59
CA SER A 142 -16.99 -0.07 5.80
C SER A 142 -16.81 -0.42 4.33
N TYR A 143 -15.57 -0.44 3.88
CA TYR A 143 -15.27 -0.77 2.49
C TYR A 143 -15.20 -2.28 2.26
N GLY A 144 -15.32 -3.04 3.35
CA GLY A 144 -15.26 -4.49 3.24
C GLY A 144 -13.85 -5.01 3.03
N ILE A 145 -12.87 -4.20 3.41
CA ILE A 145 -11.46 -4.58 3.26
C ILE A 145 -10.79 -4.80 4.61
N PRO A 146 -9.74 -5.63 4.66
CA PRO A 146 -9.02 -5.91 5.91
C PRO A 146 -8.19 -4.72 6.36
N TYR A 147 -7.77 -4.75 7.63
CA TYR A 147 -6.96 -3.67 8.19
C TYR A 147 -5.75 -4.22 8.93
N ILE A 148 -4.56 -3.79 8.51
CA ILE A 148 -3.32 -4.24 9.13
C ILE A 148 -2.56 -3.05 9.71
N GLU A 149 -1.70 -3.33 10.69
CA GLU A 149 -0.90 -2.29 11.33
C GLU A 149 0.59 -2.63 11.25
N THR A 150 1.37 -1.73 10.67
CA THR A 150 2.80 -1.93 10.54
C THR A 150 3.58 -0.67 10.90
N SER A 151 4.91 -0.76 10.86
CA SER A 151 5.76 0.36 11.18
C SER A 151 7.08 0.30 10.40
N ALA A 152 7.27 1.27 9.51
CA ALA A 152 8.48 1.33 8.70
C ALA A 152 9.72 1.54 9.56
N LYS A 153 9.54 2.13 10.73
CA LYS A 153 10.65 2.40 11.63
C LYS A 153 11.03 1.15 12.43
N THR A 154 10.13 0.70 13.28
CA THR A 154 10.37 -0.49 14.11
C THR A 154 10.31 -1.76 13.27
N ARG A 155 9.69 -1.68 12.09
CA ARG A 155 9.56 -2.83 11.22
C ARG A 155 8.72 -3.92 11.88
N GLN A 156 7.45 -3.63 12.10
CA GLN A 156 6.54 -4.57 12.73
C GLN A 156 5.45 -5.02 11.76
N GLY A 157 5.30 -6.33 11.59
CA GLY A 157 4.29 -6.86 10.70
C GLY A 157 4.31 -6.21 9.33
N VAL A 158 5.47 -5.70 8.93
CA VAL A 158 5.62 -5.05 7.63
C VAL A 158 5.20 -5.98 6.50
N GLU A 159 5.82 -7.16 6.46
CA GLU A 159 5.51 -8.15 5.42
C GLU A 159 4.07 -8.66 5.57
N ASP A 160 3.57 -8.62 6.80
CA ASP A 160 2.21 -9.08 7.08
C ASP A 160 1.19 -8.33 6.22
N ALA A 161 1.41 -7.03 6.07
CA ALA A 161 0.51 -6.20 5.26
C ALA A 161 0.62 -6.54 3.79
N PHE A 162 1.85 -6.62 3.29
CA PHE A 162 2.08 -6.94 1.89
C PHE A 162 1.49 -8.29 1.54
N TYR A 163 1.76 -9.28 2.38
CA TYR A 163 1.23 -10.63 2.17
C TYR A 163 -0.28 -10.62 1.96
N THR A 164 -0.95 -9.71 2.66
CA THR A 164 -2.39 -9.59 2.55
C THR A 164 -2.82 -9.29 1.12
N LEU A 165 -1.99 -8.52 0.41
CA LEU A 165 -2.27 -8.16 -0.97
C LEU A 165 -2.40 -9.41 -1.84
N VAL A 166 -1.44 -10.32 -1.69
CA VAL A 166 -1.43 -11.55 -2.47
C VAL A 166 -2.72 -12.34 -2.24
N ARG A 167 -3.21 -12.31 -1.01
CA ARG A 167 -4.43 -13.02 -0.64
C ARG A 167 -5.65 -12.34 -1.26
N GLU A 168 -5.55 -11.03 -1.48
CA GLU A 168 -6.65 -10.27 -2.06
C GLU A 168 -6.77 -10.54 -3.56
N ILE A 169 -5.65 -10.44 -4.26
CA ILE A 169 -5.62 -10.68 -5.70
C ILE A 169 -6.09 -12.09 -6.03
N ARG A 170 -5.56 -13.06 -5.29
CA ARG A 170 -5.92 -14.45 -5.51
C ARG A 170 -7.43 -14.67 -5.36
N GLN A 171 -8.02 -14.05 -4.35
CA GLN A 171 -9.44 -14.17 -4.11
C GLN A 171 -10.24 -13.08 -4.85
N HIS A 172 -9.54 -12.31 -5.69
CA HIS A 172 -10.19 -11.25 -6.45
C HIS A 172 -9.30 -10.82 -7.62
PG GNP B . 9.51 11.41 -0.81
O1G GNP B . 10.59 12.03 -1.83
O2G GNP B . 8.55 10.49 -1.70
O3G GNP B . 8.78 12.44 -0.05
N3B GNP B . 10.34 10.40 0.14
PB GNP B . 9.46 10.06 1.46
O1B GNP B . 9.35 11.30 2.25
O2B GNP B . 8.21 9.38 1.03
O3A GNP B . 10.38 9.00 2.25
PA GNP B . 11.65 9.52 3.10
O1A GNP B . 12.37 10.53 2.29
O2A GNP B . 12.39 8.32 3.56
O5' GNP B . 10.97 10.25 4.37
C5' GNP B . 9.91 9.59 5.08
C4' GNP B . 9.51 10.41 6.31
O4' GNP B . 8.50 9.68 7.04
C3' GNP B . 10.70 10.47 7.27
O3' GNP B . 10.48 11.44 8.29
C2' GNP B . 10.63 9.05 7.84
O2' GNP B . 11.39 8.98 9.04
C1' GNP B . 9.13 9.06 8.17
N9 GNP B . 8.63 7.68 8.39
C8 GNP B . 8.35 6.79 7.43
N7 GNP B . 7.92 5.66 8.00
C5 GNP B . 7.92 5.84 9.31
C6 GNP B . 7.57 5.01 10.38
O6 GNP B . 7.16 3.86 10.17
N1 GNP B . 7.69 5.51 11.68
C2 GNP B . 8.15 6.81 11.88
N2 GNP B . 8.27 7.30 13.11
N3 GNP B . 8.48 7.58 10.82
C4 GNP B . 8.38 7.12 9.57
HNB3 GNP B . 11.18 10.86 0.44
H5'2 GNP B . 9.11 9.48 4.50
H5'1 GNP B . 10.20 8.68 5.39
H4' GNP B . 9.27 11.33 6.05
H3' GNP B . 11.57 10.67 6.80
HO3' GNP B . 9.68 11.18 8.82
H2' GNP B . 10.88 8.39 7.14
HO2' GNP B . 11.04 9.63 9.71
H1' GNP B . 8.98 9.59 9.00
H8 GNP B . 8.19 7.08 6.49
HN1 GNP B . 7.44 4.94 12.47
HN21 GNP B . 8.03 6.73 13.89
HN22 GNP B . 8.60 8.23 13.25
MG MG C . 8.43 8.50 -1.08
C13 KOB D . 3.51 1.59 -17.08
C12 KOB D . 3.22 0.25 -17.33
C11 KOB D . 2.66 -0.55 -16.33
F11 KOB D . 2.36 -1.83 -16.58
C10 KOB D . 2.41 0.00 -15.08
C9 KOB D . 2.71 1.33 -14.83
C8 KOB D . 3.25 2.13 -15.82
N8 KOB D . 3.51 3.40 -15.56
C7 KOB D . 4.01 4.23 -16.48
S7 KOB D . 4.36 3.68 -18.10
N7 KOB D . 4.23 5.50 -16.16
N6 KOB D . 4.69 6.27 -17.01
C6 KOB D . 3.93 6.69 -18.02
C5 KOB D . 2.61 6.24 -18.11
C4 KOB D . 1.81 6.67 -19.15
C3 KOB D . 2.31 7.54 -20.11
N3 KOB D . 1.56 7.94 -21.12
O3B KOB D . 2.07 8.83 -22.10
O3A KOB D . 0.21 7.48 -21.23
C2 KOB D . 3.63 7.98 -20.02
C1 KOB D . 4.43 7.55 -18.97
N1 KOB D . 5.69 7.98 -18.89
O1B KOB D . 6.52 7.54 -17.82
O1A KOB D . 6.21 8.87 -19.87
HE1 KOB D . 2.11 -0.65 -14.26
HE2 KOB D . 3.57 -0.21 -18.24
HD2 KOB D . 4.14 2.12 -17.77
HD1 KOB D . 2.40 1.78 -13.89
HAD KOB D . 3.31 3.76 -14.65
HAC KOB D . 4.03 5.83 -15.24
HAB KOB D . 5.64 6.58 -16.95
H5 KOB D . 2.27 5.44 -17.47
H4 KOB D . 0.77 6.39 -19.18
H2 KOB D . 3.99 8.75 -20.69
N MET A 7 8.36 -17.62 -11.99
CA MET A 7 7.57 -17.32 -10.77
C MET A 7 6.39 -16.40 -11.09
N THR A 8 5.34 -16.49 -10.28
CA THR A 8 4.16 -15.66 -10.47
C THR A 8 4.49 -14.19 -10.23
N GLU A 9 3.79 -13.30 -10.92
CA GLU A 9 4.01 -11.87 -10.77
C GLU A 9 2.87 -11.22 -9.99
N TYR A 10 3.21 -10.61 -8.86
CA TYR A 10 2.22 -9.95 -8.03
C TYR A 10 2.37 -8.44 -8.11
N LYS A 11 1.42 -7.79 -8.77
CA LYS A 11 1.45 -6.34 -8.92
C LYS A 11 0.67 -5.65 -7.81
N LEU A 12 1.39 -5.19 -6.79
CA LEU A 12 0.78 -4.51 -5.66
C LEU A 12 0.65 -3.01 -5.92
N VAL A 13 -0.57 -2.56 -6.18
CA VAL A 13 -0.82 -1.15 -6.45
C VAL A 13 -0.89 -0.35 -5.15
N VAL A 14 0.20 0.35 -4.85
CA VAL A 14 0.27 1.16 -3.63
C VAL A 14 -0.41 2.51 -3.84
N VAL A 15 -1.38 2.80 -2.98
CA VAL A 15 -2.11 4.06 -3.05
C VAL A 15 -2.01 4.83 -1.74
N GLY A 16 -2.06 6.16 -1.83
CA GLY A 16 -1.97 6.98 -0.64
C GLY A 16 -1.79 8.45 -0.97
N ALA A 17 -1.76 9.28 0.07
CA ALA A 17 -1.59 10.72 -0.11
C ALA A 17 -0.14 11.14 0.07
N GLY A 18 0.35 11.99 -0.83
CA GLY A 18 1.72 12.46 -0.75
C GLY A 18 2.10 12.92 0.65
N GLY A 19 3.03 12.20 1.27
CA GLY A 19 3.48 12.55 2.61
C GLY A 19 3.00 11.55 3.65
N VAL A 20 2.52 10.41 3.18
CA VAL A 20 2.04 9.36 4.09
C VAL A 20 3.09 8.28 4.28
N GLY A 21 3.97 8.12 3.30
CA GLY A 21 5.02 7.13 3.40
C GLY A 21 4.69 5.86 2.62
N LYS A 22 3.69 5.94 1.74
CA LYS A 22 3.29 4.79 0.94
C LYS A 22 4.43 4.34 0.02
N SER A 23 5.14 5.30 -0.54
CA SER A 23 6.26 5.00 -1.43
C SER A 23 7.52 4.68 -0.64
N ALA A 24 7.64 5.31 0.53
CA ALA A 24 8.80 5.09 1.39
C ALA A 24 8.94 3.63 1.77
N LEU A 25 7.86 3.03 2.24
CA LEU A 25 7.86 1.63 2.65
C LEU A 25 8.24 0.73 1.48
N THR A 26 7.91 1.16 0.27
CA THR A 26 8.22 0.38 -0.93
C THR A 26 9.73 0.21 -1.10
N ILE A 27 10.44 1.33 -1.19
CA ILE A 27 11.88 1.31 -1.36
C ILE A 27 12.55 0.58 -0.20
N GLN A 28 11.91 0.61 0.97
CA GLN A 28 12.46 -0.06 2.15
C GLN A 28 12.65 -1.55 1.89
N LEU A 29 11.60 -2.18 1.35
CA LEU A 29 11.65 -3.61 1.05
C LEU A 29 12.48 -3.89 -0.21
N ILE A 30 12.84 -2.82 -0.93
CA ILE A 30 13.63 -2.96 -2.15
C ILE A 30 15.11 -2.67 -1.89
N GLN A 31 15.42 -1.40 -1.63
CA GLN A 31 16.80 -0.99 -1.37
C GLN A 31 17.08 -0.92 0.13
N ASN A 32 16.03 -0.67 0.92
CA ASN A 32 16.18 -0.56 2.37
C ASN A 32 17.01 0.66 2.75
N HIS A 33 17.03 1.66 1.86
CA HIS A 33 17.78 2.89 2.11
C HIS A 33 16.85 4.05 2.46
N PHE A 34 15.54 3.83 2.29
CA PHE A 34 14.54 4.85 2.60
C PHE A 34 14.54 5.94 1.53
N VAL A 35 13.35 6.22 0.99
CA VAL A 35 13.20 7.24 -0.03
C VAL A 35 13.72 8.58 0.48
N ASP A 36 14.33 9.35 -0.42
CA ASP A 36 14.88 10.66 -0.08
C ASP A 36 15.63 11.26 -1.27
N GLU A 37 16.27 10.40 -2.06
CA GLU A 37 17.02 10.86 -3.23
C GLU A 37 16.88 9.87 -4.39
N TYR A 38 15.78 9.13 -4.40
CA TYR A 38 15.53 8.15 -5.45
C TYR A 38 15.45 8.83 -6.83
N ASP A 39 15.59 8.03 -7.87
CA ASP A 39 15.54 8.53 -9.24
C ASP A 39 14.18 9.13 -9.55
N PRO A 40 14.13 10.38 -10.06
CA PRO A 40 12.88 11.06 -10.39
C PRO A 40 12.24 10.48 -11.66
N SER A 41 13.07 10.20 -12.66
CA SER A 41 12.59 9.63 -13.92
C SER A 41 11.84 8.33 -13.68
N ILE A 42 11.44 7.70 -14.77
CA ILE A 42 10.71 6.42 -14.71
C ILE A 42 9.59 6.48 -13.67
N GLU A 43 9.00 5.33 -13.39
CA GLU A 43 7.91 5.23 -12.43
C GLU A 43 8.38 4.60 -11.13
N ASP A 44 7.69 4.91 -10.04
CA ASP A 44 8.05 4.37 -8.73
C ASP A 44 7.60 2.91 -8.60
N SER A 45 8.17 2.05 -9.44
CA SER A 45 7.83 0.63 -9.42
C SER A 45 9.06 -0.21 -9.11
N TYR A 46 8.92 -1.16 -8.20
CA TYR A 46 10.02 -2.03 -7.80
C TYR A 46 9.53 -3.45 -7.55
N ARG A 47 10.19 -4.42 -8.18
CA ARG A 47 9.81 -5.83 -8.01
C ARG A 47 10.90 -6.60 -7.26
N LYS A 48 10.47 -7.46 -6.35
CA LYS A 48 11.39 -8.26 -5.56
C LYS A 48 10.96 -9.72 -5.53
N GLN A 49 11.94 -10.62 -5.49
CA GLN A 49 11.66 -12.05 -5.47
C GLN A 49 11.70 -12.58 -4.03
N VAL A 50 10.57 -13.14 -3.58
CA VAL A 50 10.47 -13.68 -2.23
C VAL A 50 9.78 -15.03 -2.22
N VAL A 51 9.71 -15.64 -1.05
CA VAL A 51 9.06 -16.94 -0.90
C VAL A 51 7.93 -16.87 0.12
N ILE A 52 6.70 -16.79 -0.37
CA ILE A 52 5.53 -16.71 0.49
C ILE A 52 4.63 -17.93 0.31
N ASP A 53 4.21 -18.52 1.43
CA ASP A 53 3.34 -19.70 1.39
C ASP A 53 4.04 -20.87 0.70
N GLY A 54 5.35 -20.98 0.92
CA GLY A 54 6.11 -22.06 0.32
C GLY A 54 6.02 -22.05 -1.19
N GLU A 55 5.96 -20.87 -1.78
CA GLU A 55 5.87 -20.74 -3.24
C GLU A 55 6.59 -19.48 -3.71
N THR A 56 7.71 -19.67 -4.40
CA THR A 56 8.49 -18.55 -4.92
C THR A 56 7.66 -17.70 -5.86
N CYS A 57 7.49 -16.43 -5.51
CA CYS A 57 6.71 -15.51 -6.33
C CYS A 57 7.34 -14.12 -6.35
N LEU A 58 7.16 -13.41 -7.46
CA LEU A 58 7.72 -12.07 -7.61
C LEU A 58 6.76 -11.03 -7.03
N LEU A 59 7.32 -10.05 -6.32
CA LEU A 59 6.51 -9.00 -5.72
C LEU A 59 6.71 -7.68 -6.46
N ASP A 60 6.07 -7.55 -7.61
CA ASP A 60 6.16 -6.33 -8.40
C ASP A 60 5.41 -5.19 -7.75
N ILE A 61 6.12 -4.43 -6.91
CA ILE A 61 5.52 -3.30 -6.21
C ILE A 61 5.36 -2.10 -7.13
N LEU A 62 4.11 -1.75 -7.43
CA LEU A 62 3.82 -0.63 -8.31
C LEU A 62 3.30 0.55 -7.51
N ASP A 63 4.07 1.63 -7.48
CA ASP A 63 3.69 2.83 -6.74
C ASP A 63 3.39 3.99 -7.69
N THR A 64 2.31 4.70 -7.43
CA THR A 64 1.91 5.84 -8.26
C THR A 64 2.72 7.07 -7.89
N ALA A 65 2.36 8.21 -8.51
CA ALA A 65 3.05 9.46 -8.24
C ALA A 65 2.14 10.44 -7.51
N GLY A 66 2.75 11.45 -6.89
CA GLY A 66 1.98 12.45 -6.16
C GLY A 66 1.92 13.77 -6.91
N GLN A 67 2.96 14.05 -7.70
CA GLN A 67 3.03 15.28 -8.48
C GLN A 67 3.19 14.97 -9.95
N GLU A 68 2.42 15.64 -10.79
CA GLU A 68 2.49 15.43 -12.24
C GLU A 68 2.10 13.99 -12.59
N GLU A 69 1.01 13.85 -13.34
CA GLU A 69 0.53 12.53 -13.75
C GLU A 69 0.26 11.65 -12.54
N TYR A 70 -1.02 11.40 -12.26
CA TYR A 70 -1.41 10.57 -11.11
C TYR A 70 -2.76 9.92 -11.34
N SER A 71 -3.84 10.64 -10.97
CA SER A 71 -5.20 10.12 -11.13
C SER A 71 -5.41 9.56 -12.53
N ALA A 72 -5.05 10.33 -13.55
CA ALA A 72 -5.20 9.92 -14.94
C ALA A 72 -4.50 8.57 -15.17
N MET A 73 -3.38 8.39 -14.51
CA MET A 73 -2.60 7.16 -14.62
C MET A 73 -3.15 6.08 -13.69
N ARG A 74 -3.84 6.51 -12.64
CA ARG A 74 -4.42 5.58 -11.66
C ARG A 74 -5.28 4.52 -12.36
N ASP A 75 -6.15 4.97 -13.27
CA ASP A 75 -7.02 4.07 -14.00
C ASP A 75 -6.22 2.96 -14.66
N GLN A 76 -4.97 3.26 -14.99
CA GLN A 76 -4.09 2.29 -15.63
C GLN A 76 -3.45 1.38 -14.58
N TYR A 77 -2.96 1.97 -13.50
CA TYR A 77 -2.33 1.21 -12.42
C TYR A 77 -3.28 0.15 -11.87
N MET A 78 -4.56 0.52 -11.77
CA MET A 78 -5.57 -0.40 -11.27
C MET A 78 -5.80 -1.53 -12.26
N ARG A 79 -6.07 -1.15 -13.51
CA ARG A 79 -6.31 -2.12 -14.57
C ARG A 79 -5.05 -2.95 -14.85
N THR A 80 -3.90 -2.45 -14.39
CA THR A 80 -2.63 -3.14 -14.59
C THR A 80 -2.18 -3.86 -13.32
N GLY A 81 -2.98 -3.74 -12.26
CA GLY A 81 -2.64 -4.39 -11.00
C GLY A 81 -3.65 -5.43 -10.57
N GLU A 82 -3.20 -6.36 -9.73
CA GLU A 82 -4.07 -7.42 -9.24
C GLU A 82 -4.60 -7.09 -7.84
N GLY A 83 -3.94 -6.16 -7.16
CA GLY A 83 -4.35 -5.77 -5.83
C GLY A 83 -4.01 -4.33 -5.51
N PHE A 84 -4.43 -3.86 -4.34
CA PHE A 84 -4.15 -2.48 -3.93
C PHE A 84 -3.83 -2.41 -2.44
N LEU A 85 -2.86 -1.57 -2.09
CA LEU A 85 -2.46 -1.41 -0.69
C LEU A 85 -2.64 0.04 -0.24
N CYS A 86 -3.44 0.23 0.80
CA CYS A 86 -3.70 1.57 1.32
C CYS A 86 -2.78 1.88 2.50
N VAL A 87 -1.90 2.85 2.31
CA VAL A 87 -0.96 3.24 3.35
C VAL A 87 -1.26 4.67 3.84
N PHE A 88 -1.68 4.77 5.09
CA PHE A 88 -1.99 6.07 5.69
C PHE A 88 -1.26 6.25 7.01
N ALA A 89 -0.83 7.48 7.27
CA ALA A 89 -0.12 7.79 8.51
C ALA A 89 -1.09 8.13 9.63
N ILE A 90 -0.97 7.41 10.75
CA ILE A 90 -1.84 7.65 11.90
C ILE A 90 -1.72 9.07 12.39
N ASN A 91 -0.53 9.65 12.23
CA ASN A 91 -0.28 11.02 12.65
C ASN A 91 -1.06 12.02 11.80
N ASN A 92 -1.54 11.56 10.65
CA ASN A 92 -2.31 12.41 9.75
C ASN A 92 -3.70 11.83 9.51
N THR A 93 -4.71 12.50 10.05
CA THR A 93 -6.10 12.04 9.91
C THR A 93 -6.57 12.20 8.47
N LYS A 94 -5.98 13.14 7.74
CA LYS A 94 -6.34 13.39 6.36
C LYS A 94 -6.09 12.14 5.50
N SER A 95 -4.95 11.49 5.74
CA SER A 95 -4.60 10.28 4.99
C SER A 95 -5.61 9.17 5.24
N PHE A 96 -6.17 9.16 6.45
CA PHE A 96 -7.16 8.14 6.82
C PHE A 96 -8.41 8.27 5.96
N GLU A 97 -8.96 9.48 5.89
CA GLU A 97 -10.16 9.74 5.11
C GLU A 97 -9.94 9.38 3.63
N ASP A 98 -8.68 9.46 3.19
CA ASP A 98 -8.34 9.13 1.81
C ASP A 98 -8.45 7.63 1.56
N ILE A 99 -8.15 6.84 2.58
CA ILE A 99 -8.22 5.39 2.46
C ILE A 99 -9.64 4.94 2.12
N HIS A 100 -10.62 5.74 2.52
CA HIS A 100 -12.02 5.43 2.26
C HIS A 100 -12.37 5.67 0.79
N GLN A 101 -12.11 6.89 0.33
CA GLN A 101 -12.40 7.26 -1.05
C GLN A 101 -11.52 6.48 -2.02
N TYR A 102 -10.33 6.10 -1.56
CA TYR A 102 -9.40 5.34 -2.39
C TYR A 102 -10.01 4.02 -2.85
N ARG A 103 -10.80 3.41 -1.97
CA ARG A 103 -11.45 2.15 -2.29
C ARG A 103 -12.48 2.33 -3.40
N GLU A 104 -13.15 3.48 -3.39
CA GLU A 104 -14.16 3.79 -4.40
C GLU A 104 -13.57 3.73 -5.81
N GLN A 105 -12.28 4.05 -5.90
CA GLN A 105 -11.58 4.04 -7.20
C GLN A 105 -11.27 2.60 -7.62
N ILE A 106 -10.93 1.77 -6.65
CA ILE A 106 -10.60 0.37 -6.92
C ILE A 106 -11.86 -0.41 -7.33
N LYS A 107 -12.93 -0.23 -6.57
CA LYS A 107 -14.19 -0.91 -6.85
C LYS A 107 -14.67 -0.61 -8.26
N ARG A 108 -14.41 0.62 -8.72
CA ARG A 108 -14.82 1.04 -10.05
C ARG A 108 -14.10 0.24 -11.13
N VAL A 109 -12.77 0.29 -11.12
CA VAL A 109 -11.97 -0.43 -12.09
C VAL A 109 -12.18 -1.94 -11.96
N LYS A 110 -12.03 -2.44 -10.74
CA LYS A 110 -12.20 -3.87 -10.47
C LYS A 110 -13.64 -4.29 -10.72
N ASP A 111 -14.57 -3.34 -10.58
CA ASP A 111 -15.98 -3.62 -10.78
C ASP A 111 -16.50 -4.63 -9.74
N SER A 112 -16.09 -4.44 -8.50
CA SER A 112 -16.50 -5.33 -7.42
C SER A 112 -16.20 -4.70 -6.06
N ASP A 113 -16.97 -5.11 -5.05
CA ASP A 113 -16.78 -4.59 -3.69
C ASP A 113 -15.71 -5.37 -2.95
N ASP A 114 -15.71 -6.69 -3.12
CA ASP A 114 -14.74 -7.55 -2.46
C ASP A 114 -13.51 -7.76 -3.34
N VAL A 115 -12.54 -6.86 -3.21
CA VAL A 115 -11.31 -6.94 -3.99
C VAL A 115 -10.10 -7.18 -3.09
N PRO A 116 -9.04 -7.80 -3.64
CA PRO A 116 -7.81 -8.09 -2.88
C PRO A 116 -7.02 -6.84 -2.56
N MET A 117 -7.09 -6.39 -1.31
CA MET A 117 -6.39 -5.20 -0.88
C MET A 117 -6.08 -5.26 0.61
N VAL A 118 -5.25 -4.33 1.08
CA VAL A 118 -4.88 -4.29 2.49
C VAL A 118 -4.70 -2.85 2.96
N LEU A 119 -5.00 -2.61 4.23
CA LEU A 119 -4.87 -1.28 4.82
C LEU A 119 -3.73 -1.24 5.84
N VAL A 120 -2.66 -0.53 5.50
CA VAL A 120 -1.51 -0.42 6.39
C VAL A 120 -1.54 0.89 7.15
N GLY A 121 -0.90 0.91 8.32
CA GLY A 121 -0.86 2.11 9.13
C GLY A 121 0.56 2.61 9.36
N ASN A 122 1.09 3.31 8.37
CA ASN A 122 2.45 3.84 8.45
C ASN A 122 2.59 4.79 9.65
N LYS A 123 3.83 5.13 9.98
CA LYS A 123 4.10 6.03 11.10
C LYS A 123 3.58 5.44 12.41
N CYS A 124 4.15 4.31 12.80
CA CYS A 124 3.74 3.64 14.04
C CYS A 124 4.79 3.83 15.14
N ASP A 125 5.81 4.63 14.86
CA ASP A 125 6.87 4.88 15.84
C ASP A 125 6.78 6.31 16.38
N LEU A 126 6.28 7.22 15.54
CA LEU A 126 6.15 8.62 15.93
C LEU A 126 5.33 8.76 17.21
N ALA A 127 5.62 9.80 17.99
CA ALA A 127 4.92 10.04 19.24
C ALA A 127 3.87 11.14 19.07
N ALA A 128 3.23 11.18 17.91
CA ALA A 128 2.21 12.18 17.62
C ALA A 128 1.09 11.59 16.78
N ARG A 129 0.52 10.48 17.24
CA ARG A 129 -0.57 9.81 16.53
C ARG A 129 -1.87 10.58 16.70
N THR A 130 -2.64 10.67 15.62
CA THR A 130 -3.91 11.38 15.65
C THR A 130 -5.06 10.40 15.47
N VAL A 131 -4.88 9.41 14.61
CA VAL A 131 -5.89 8.41 14.35
C VAL A 131 -5.54 7.09 15.02
N GLU A 132 -6.13 6.85 16.19
CA GLU A 132 -5.87 5.63 16.94
C GLU A 132 -6.10 4.39 16.07
N SER A 133 -5.51 3.27 16.47
CA SER A 133 -5.63 2.03 15.73
C SER A 133 -7.09 1.61 15.59
N ARG A 134 -7.82 1.63 16.70
CA ARG A 134 -9.24 1.25 16.68
C ARG A 134 -10.01 2.00 15.59
N GLN A 135 -9.61 3.24 15.35
CA GLN A 135 -10.27 4.06 14.34
C GLN A 135 -10.08 3.46 12.95
N ALA A 136 -8.91 2.85 12.74
CA ALA A 136 -8.60 2.23 11.46
C ALA A 136 -9.27 0.86 11.35
N GLN A 137 -9.36 0.16 12.47
CA GLN A 137 -9.97 -1.16 12.49
C GLN A 137 -11.46 -1.07 12.15
N ASP A 138 -12.09 0.03 12.56
CA ASP A 138 -13.51 0.25 12.31
C ASP A 138 -13.79 0.23 10.82
N LEU A 139 -12.97 0.94 10.06
CA LEU A 139 -13.13 1.01 8.61
C LEU A 139 -12.73 -0.32 7.96
N ALA A 140 -11.59 -0.86 8.39
CA ALA A 140 -11.10 -2.12 7.87
C ALA A 140 -12.10 -3.24 8.10
N ARG A 141 -12.67 -3.27 9.30
CA ARG A 141 -13.66 -4.29 9.65
C ARG A 141 -14.84 -4.26 8.70
N SER A 142 -15.28 -3.06 8.35
CA SER A 142 -16.41 -2.89 7.43
C SER A 142 -16.00 -3.23 6.01
N TYR A 143 -14.73 -2.99 5.69
CA TYR A 143 -14.21 -3.26 4.36
C TYR A 143 -13.95 -4.76 4.17
N GLY A 144 -13.73 -5.47 5.28
CA GLY A 144 -13.49 -6.89 5.20
C GLY A 144 -12.03 -7.22 4.93
N ILE A 145 -11.15 -6.24 5.14
CA ILE A 145 -9.73 -6.43 4.90
C ILE A 145 -8.94 -6.34 6.20
N PRO A 146 -7.73 -6.95 6.23
CA PRO A 146 -6.87 -6.93 7.41
C PRO A 146 -6.26 -5.56 7.67
N TYR A 147 -5.91 -5.31 8.92
CA TYR A 147 -5.31 -4.04 9.30
C TYR A 147 -3.94 -4.25 9.96
N ILE A 148 -2.90 -3.72 9.33
CA ILE A 148 -1.54 -3.86 9.85
C ILE A 148 -0.90 -2.50 10.08
N GLU A 149 0.03 -2.44 11.02
CA GLU A 149 0.72 -1.19 11.33
C GLU A 149 2.22 -1.32 11.04
N THR A 150 2.77 -0.32 10.36
CA THR A 150 4.19 -0.32 10.02
C THR A 150 4.79 1.08 10.14
N SER A 151 6.11 1.16 9.99
CA SER A 151 6.82 2.43 10.07
C SER A 151 7.93 2.49 9.04
N ALA A 152 7.84 3.46 8.13
CA ALA A 152 8.84 3.64 7.08
C ALA A 152 10.14 4.18 7.63
N LYS A 153 10.07 4.83 8.80
CA LYS A 153 11.25 5.39 9.43
C LYS A 153 12.02 4.35 10.22
N THR A 154 11.32 3.64 11.10
CA THR A 154 11.94 2.61 11.92
C THR A 154 11.96 1.26 11.21
N ARG A 155 11.09 1.12 10.20
CA ARG A 155 11.01 -0.14 9.45
C ARG A 155 10.56 -1.28 10.35
N GLN A 156 9.34 -1.17 10.86
CA GLN A 156 8.79 -2.19 11.75
C GLN A 156 7.53 -2.81 11.16
N GLY A 157 7.59 -4.11 10.89
CA GLY A 157 6.44 -4.80 10.31
C GLY A 157 6.13 -4.36 8.90
N VAL A 158 7.04 -3.62 8.28
CA VAL A 158 6.86 -3.15 6.93
C VAL A 158 6.63 -4.31 5.96
N GLU A 159 7.37 -5.39 6.15
CA GLU A 159 7.25 -6.57 5.29
C GLU A 159 5.92 -7.28 5.55
N ASP A 160 5.43 -7.18 6.78
CA ASP A 160 4.17 -7.82 7.16
C ASP A 160 3.01 -7.26 6.33
N ALA A 161 2.85 -5.93 6.37
CA ALA A 161 1.79 -5.27 5.63
C ALA A 161 1.81 -5.66 4.16
N PHE A 162 3.00 -5.72 3.58
CA PHE A 162 3.16 -6.08 2.17
C PHE A 162 2.76 -7.54 1.93
N TYR A 163 3.32 -8.43 2.74
CA TYR A 163 3.03 -9.85 2.62
C TYR A 163 1.54 -10.12 2.76
N THR A 164 0.84 -9.23 3.46
CA THR A 164 -0.60 -9.37 3.66
C THR A 164 -1.34 -9.45 2.33
N LEU A 165 -1.05 -8.50 1.44
CA LEU A 165 -1.70 -8.47 0.12
C LEU A 165 -1.52 -9.80 -0.59
N VAL A 166 -0.35 -10.41 -0.43
CA VAL A 166 -0.05 -11.69 -1.07
C VAL A 166 -1.05 -12.75 -0.64
N ARG A 167 -1.32 -12.81 0.67
CA ARG A 167 -2.25 -13.78 1.22
C ARG A 167 -3.69 -13.45 0.79
N GLU A 168 -3.96 -12.16 0.64
CA GLU A 168 -5.28 -11.70 0.23
C GLU A 168 -5.54 -12.03 -1.23
N ILE A 169 -4.61 -11.64 -2.10
CA ILE A 169 -4.74 -11.89 -3.52
C ILE A 169 -4.84 -13.38 -3.82
N ARG A 170 -3.99 -14.17 -3.16
CA ARG A 170 -3.98 -15.61 -3.34
C ARG A 170 -5.31 -16.22 -2.88
N GLN A 171 -5.94 -15.59 -1.90
CA GLN A 171 -7.21 -16.06 -1.38
C GLN A 171 -8.37 -15.21 -1.89
N HIS A 172 -8.17 -14.57 -3.04
CA HIS A 172 -9.20 -13.72 -3.63
C HIS A 172 -10.52 -14.48 -3.80
PG GNP B . 5.83 12.33 -1.89
O1G GNP B . 7.40 12.02 -2.04
O2G GNP B . 5.07 11.08 -2.54
O3G GNP B . 5.45 13.62 -2.50
N3B GNP B . 5.52 12.28 -0.29
PB GNP B . 6.71 11.49 0.48
O1B GNP B . 6.28 11.32 1.89
O2B GNP B . 7.06 10.28 -0.31
O3A GNP B . 7.92 12.54 0.40
PA GNP B . 7.78 13.97 1.13
O1A GNP B . 6.36 14.19 1.47
O2A GNP B . 8.46 14.96 0.28
O5' GNP B . 8.63 13.78 2.49
C5' GNP B . 8.06 13.08 3.60
C4' GNP B . 8.92 13.25 4.85
O4' GNP B . 8.40 12.41 5.89
C3' GNP B . 10.33 12.71 4.57
O3' GNP B . 11.26 13.21 5.53
C2' GNP B . 10.08 11.22 4.78
O2' GNP B . 11.32 10.55 4.98
C1' GNP B . 9.34 11.35 6.11
N9 GNP B . 8.66 10.08 6.48
C8 GNP B . 8.14 9.20 5.63
N7 GNP B . 7.62 8.18 6.32
C5 GNP B . 7.81 8.42 7.61
C6 GNP B . 7.49 7.71 8.76
O6 GNP B . 6.90 6.63 8.69
N1 GNP B . 7.85 8.24 10.00
C2 GNP B . 8.53 9.47 10.05
N2 GNP B . 8.87 9.99 11.22
N3 GNP B . 8.81 10.13 8.92
C4 GNP B . 8.48 9.63 7.72
HNB3 GNP B . 4.67 11.76 -0.17
H5'2 GNP B . 7.15 13.41 3.80
H5'1 GNP B . 7.99 12.09 3.40
H4' GNP B . 9.01 14.22 5.08
H3' GNP B . 10.66 12.95 3.64
HO3' GNP B . 11.27 14.21 5.50
H2' GNP B . 9.52 10.87 4.04
HO2' GNP B . 11.91 10.68 4.19
H1' GNP B . 9.99 11.60 6.83
H8 GNP B . 7.91 9.46 4.69
HN1 GNP B . 7.63 7.76 10.85
HN21 GNP B . 8.65 9.50 12.07
HN22 GNP B . 9.35 10.86 11.26
MG MG C . 5.97 9.26 -2.03
C13 KOB D . 3.28 0.22 -16.57
C12 KOB D . 3.31 -1.18 -16.51
C11 KOB D . 2.32 -1.85 -15.80
F11 KOB D . 2.35 -3.20 -15.75
C10 KOB D . 1.31 -1.14 -15.17
C9 KOB D . 1.28 0.24 -15.25
C8 KOB D . 2.26 0.93 -15.95
N8 KOB D . 2.25 2.25 -16.05
C7 KOB D . 1.31 3.00 -15.48
S7 KOB D . -0.01 2.27 -14.59
N7 KOB D . 1.35 4.31 -15.62
N6 KOB D . 2.25 4.83 -16.29
C6 KOB D . 2.08 5.01 -17.59
C5 KOB D . 0.88 4.61 -18.20
C4 KOB D . 0.69 4.80 -19.56
C3 KOB D . 1.69 5.38 -20.32
N3 KOB D . 1.50 5.56 -21.63
O3B KOB D . 2.53 6.14 -22.42
O3A KOB D . 0.28 5.15 -22.23
C2 KOB D . 2.88 5.77 -19.73
C1 KOB D . 3.08 5.58 -18.36
N1 KOB D . 4.23 5.96 -17.80
O1B KOB D . 4.44 5.76 -16.42
O1A KOB D . 5.25 6.54 -18.60
HE1 KOB D . 0.59 -1.66 -14.56
HE2 KOB D . 4.16 -1.72 -16.91
HD2 KOB D . 4.15 0.75 -16.94
HD1 KOB D . 0.62 0.79 -14.59
HAD KOB D . 2.97 2.70 -16.58
HAC KOB D . 0.65 4.89 -15.20
HAB KOB D . 3.10 5.11 -15.85
H5 KOB D . 0.09 4.20 -17.59
H4 KOB D . -0.19 4.38 -20.03
H2 KOB D . 3.64 6.27 -20.32
N MET A 7 6.49 -20.23 -10.29
CA MET A 7 5.76 -19.38 -9.30
C MET A 7 4.84 -18.40 -10.00
N THR A 8 3.96 -17.77 -9.23
CA THR A 8 3.01 -16.80 -9.77
C THR A 8 3.55 -15.37 -9.60
N GLU A 9 3.17 -14.49 -10.53
CA GLU A 9 3.61 -13.10 -10.48
C GLU A 9 2.53 -12.21 -9.88
N TYR A 10 2.81 -11.66 -8.71
CA TYR A 10 1.86 -10.79 -8.03
C TYR A 10 2.25 -9.32 -8.19
N LYS A 11 1.30 -8.49 -8.62
CA LYS A 11 1.55 -7.08 -8.80
C LYS A 11 0.96 -6.27 -7.65
N LEU A 12 1.82 -5.77 -6.77
CA LEU A 12 1.38 -4.99 -5.62
C LEU A 12 1.45 -3.50 -5.91
N VAL A 13 0.28 -2.88 -6.06
CA VAL A 13 0.21 -1.45 -6.33
C VAL A 13 0.20 -0.64 -5.04
N VAL A 14 1.34 -0.06 -4.71
CA VAL A 14 1.48 0.74 -3.49
C VAL A 14 0.93 2.15 -3.70
N VAL A 15 0.06 2.58 -2.79
CA VAL A 15 -0.53 3.91 -2.88
C VAL A 15 -0.59 4.57 -1.50
N GLY A 16 -0.60 5.89 -1.49
CA GLY A 16 -0.65 6.61 -0.23
C GLY A 16 -0.87 8.10 -0.43
N ALA A 17 -0.62 8.88 0.62
CA ALA A 17 -0.78 10.32 0.55
C ALA A 17 0.54 11.04 0.28
N GLY A 18 1.50 10.30 -0.29
CA GLY A 18 2.79 10.89 -0.59
C GLY A 18 3.63 11.11 0.65
N GLY A 19 3.16 11.96 1.55
CA GLY A 19 3.90 12.24 2.77
C GLY A 19 3.48 11.36 3.93
N VAL A 20 3.21 10.09 3.64
CA VAL A 20 2.80 9.13 4.66
C VAL A 20 3.88 8.09 4.91
N GLY A 21 4.68 7.83 3.89
CA GLY A 21 5.74 6.84 4.02
C GLY A 21 5.51 5.61 3.15
N LYS A 22 4.76 5.80 2.06
CA LYS A 22 4.46 4.70 1.15
C LYS A 22 5.74 4.20 0.47
N SER A 23 6.67 5.11 0.23
CA SER A 23 7.93 4.75 -0.41
C SER A 23 8.84 4.00 0.56
N ALA A 24 8.71 4.31 1.84
CA ALA A 24 9.53 3.67 2.87
C ALA A 24 9.15 2.20 3.02
N LEU A 25 7.86 1.93 3.21
CA LEU A 25 7.37 0.58 3.39
C LEU A 25 7.74 -0.29 2.19
N THR A 26 7.84 0.33 1.01
CA THR A 26 8.18 -0.38 -0.21
C THR A 26 9.61 -0.91 -0.15
N ILE A 27 10.54 -0.06 0.25
CA ILE A 27 11.93 -0.43 0.36
C ILE A 27 12.18 -1.26 1.62
N GLN A 28 11.40 -1.01 2.66
CA GLN A 28 11.53 -1.73 3.91
C GLN A 28 11.26 -3.22 3.70
N LEU A 29 10.35 -3.52 2.78
CA LEU A 29 10.00 -4.91 2.48
C LEU A 29 11.08 -5.57 1.63
N ILE A 30 11.49 -4.89 0.56
CA ILE A 30 12.52 -5.41 -0.34
C ILE A 30 13.89 -5.38 0.32
N GLN A 31 14.43 -4.18 0.52
CA GLN A 31 15.74 -4.03 1.12
C GLN A 31 15.63 -4.04 2.65
N ASN A 32 16.04 -2.96 3.33
CA ASN A 32 15.96 -2.90 4.79
C ASN A 32 16.50 -1.58 5.32
N HIS A 33 16.19 -0.49 4.60
CA HIS A 33 16.63 0.83 5.01
C HIS A 33 15.55 1.87 4.75
N PHE A 34 15.81 3.11 5.15
CA PHE A 34 14.86 4.19 4.94
C PHE A 34 15.09 4.88 3.60
N VAL A 35 14.02 5.02 2.82
CA VAL A 35 14.11 5.66 1.51
C VAL A 35 14.72 7.06 1.63
N ASP A 36 15.48 7.44 0.61
CA ASP A 36 16.13 8.74 0.57
C ASP A 36 16.99 8.88 -0.68
N GLU A 37 17.64 7.79 -1.07
CA GLU A 37 18.49 7.77 -2.24
C GLU A 37 17.95 6.82 -3.31
N TYR A 38 16.92 7.26 -4.02
CA TYR A 38 16.31 6.44 -5.06
C TYR A 38 15.81 7.31 -6.21
N ASP A 39 15.34 6.66 -7.26
CA ASP A 39 14.83 7.37 -8.43
C ASP A 39 13.31 7.36 -8.47
N PRO A 40 12.65 8.37 -7.88
CA PRO A 40 11.19 8.46 -7.86
C PRO A 40 10.60 8.76 -9.24
N SER A 41 11.40 9.43 -10.09
CA SER A 41 10.95 9.78 -11.43
C SER A 41 10.48 8.54 -12.18
N ILE A 42 11.41 7.63 -12.45
CA ILE A 42 11.10 6.40 -13.16
C ILE A 42 10.41 5.39 -12.24
N GLU A 43 10.11 4.21 -12.76
CA GLU A 43 9.46 3.18 -11.98
C GLU A 43 10.47 2.17 -11.43
N ASP A 44 10.91 2.38 -10.20
CA ASP A 44 11.89 1.49 -9.58
C ASP A 44 11.19 0.34 -8.86
N SER A 45 10.34 -0.37 -9.59
CA SER A 45 9.61 -1.49 -9.03
C SER A 45 10.58 -2.57 -8.54
N TYR A 46 10.09 -3.42 -7.64
CA TYR A 46 10.90 -4.50 -7.08
C TYR A 46 10.18 -5.84 -7.20
N ARG A 47 10.94 -6.93 -7.15
CA ARG A 47 10.37 -8.26 -7.25
C ARG A 47 11.04 -9.22 -6.27
N LYS A 48 10.32 -9.56 -5.20
CA LYS A 48 10.84 -10.47 -4.18
C LYS A 48 10.11 -11.80 -4.23
N GLN A 49 10.84 -12.87 -3.94
CA GLN A 49 10.27 -14.21 -3.94
C GLN A 49 10.12 -14.74 -2.52
N VAL A 50 8.89 -15.05 -2.13
CA VAL A 50 8.62 -15.56 -0.80
C VAL A 50 7.63 -16.72 -0.84
N VAL A 51 7.38 -17.32 0.32
CA VAL A 51 6.46 -18.43 0.43
C VAL A 51 5.24 -18.07 1.26
N ILE A 52 4.14 -17.78 0.59
CA ILE A 52 2.90 -17.41 1.26
C ILE A 52 1.80 -18.43 1.01
N ASP A 53 1.06 -18.77 2.06
CA ASP A 53 -0.02 -19.74 1.96
C ASP A 53 0.51 -21.14 1.64
N GLY A 54 1.81 -21.34 1.85
CA GLY A 54 2.41 -22.63 1.58
C GLY A 54 2.97 -22.75 0.18
N GLU A 55 2.52 -21.87 -0.72
CA GLU A 55 2.98 -21.89 -2.11
C GLU A 55 3.99 -20.76 -2.36
N THR A 56 4.84 -20.96 -3.35
CA THR A 56 5.86 -19.97 -3.70
C THR A 56 5.31 -19.01 -4.75
N CYS A 57 5.46 -17.71 -4.50
CA CYS A 57 4.99 -16.69 -5.42
C CYS A 57 5.84 -15.43 -5.34
N LEU A 58 5.99 -14.75 -6.47
CA LEU A 58 6.78 -13.53 -6.54
C LEU A 58 5.98 -12.34 -6.02
N LEU A 59 6.67 -11.28 -5.62
CA LEU A 59 6.02 -10.09 -5.11
C LEU A 59 6.51 -8.84 -5.85
N ASP A 60 5.81 -8.49 -6.91
CA ASP A 60 6.17 -7.32 -7.71
C ASP A 60 5.67 -6.04 -7.04
N ILE A 61 6.58 -5.34 -6.37
CA ILE A 61 6.24 -4.10 -5.68
C ILE A 61 6.30 -2.90 -6.64
N LEU A 62 5.14 -2.38 -6.99
CA LEU A 62 5.07 -1.22 -7.89
C LEU A 62 5.10 0.08 -7.10
N ASP A 63 6.07 0.93 -7.43
CA ASP A 63 6.22 2.21 -6.75
C ASP A 63 5.94 3.37 -7.71
N THR A 64 4.66 3.73 -7.82
CA THR A 64 4.27 4.82 -8.70
C THR A 64 4.61 6.18 -8.10
N ALA A 65 4.31 7.24 -8.83
CA ALA A 65 4.59 8.59 -8.36
C ALA A 65 3.77 8.93 -7.13
N GLY A 66 4.45 9.18 -6.01
CA GLY A 66 3.75 9.53 -4.78
C GLY A 66 2.93 10.78 -4.92
N GLN A 67 3.39 11.71 -5.75
CA GLN A 67 2.67 12.96 -5.97
C GLN A 67 1.66 12.83 -7.10
N GLU A 68 1.54 11.63 -7.66
CA GLU A 68 0.60 11.37 -8.75
C GLU A 68 0.96 12.19 -9.99
N GLU A 69 2.26 12.37 -10.21
CA GLU A 69 2.73 13.14 -11.36
C GLU A 69 2.29 12.48 -12.67
N TYR A 70 2.20 11.16 -12.66
CA TYR A 70 1.78 10.43 -13.85
C TYR A 70 0.35 9.91 -13.70
N SER A 71 -0.61 10.74 -14.03
CA SER A 71 -2.03 10.38 -13.92
C SER A 71 -2.42 9.43 -15.05
N ALA A 72 -2.00 9.75 -16.27
CA ALA A 72 -2.32 8.94 -17.44
C ALA A 72 -1.82 7.50 -17.25
N MET A 73 -0.64 7.37 -16.65
CA MET A 73 -0.05 6.06 -16.41
C MET A 73 -0.63 5.41 -15.15
N ARG A 74 -1.15 6.26 -14.25
CA ARG A 74 -1.73 5.77 -13.01
C ARG A 74 -2.78 4.70 -13.27
N ASP A 75 -3.68 4.97 -14.23
CA ASP A 75 -4.73 4.03 -14.58
C ASP A 75 -4.14 2.71 -15.03
N GLN A 76 -3.07 2.78 -15.82
CA GLN A 76 -2.41 1.58 -16.32
C GLN A 76 -1.95 0.69 -15.18
N TYR A 77 -1.39 1.30 -14.14
CA TYR A 77 -0.91 0.55 -12.98
C TYR A 77 -2.05 -0.24 -12.34
N MET A 78 -3.24 0.34 -12.34
CA MET A 78 -4.41 -0.32 -11.78
C MET A 78 -4.78 -1.52 -12.64
N ARG A 79 -4.71 -1.33 -13.95
CA ARG A 79 -5.01 -2.38 -14.91
C ARG A 79 -3.88 -3.41 -14.95
N THR A 80 -2.75 -3.08 -14.35
CA THR A 80 -1.60 -3.98 -14.33
C THR A 80 -1.52 -4.72 -13.00
N GLY A 81 -2.00 -4.07 -11.94
CA GLY A 81 -1.95 -4.65 -10.62
C GLY A 81 -3.13 -5.52 -10.28
N GLU A 82 -2.93 -6.44 -9.35
CA GLU A 82 -3.97 -7.35 -8.90
C GLU A 82 -4.40 -7.01 -7.47
N GLY A 83 -3.80 -5.97 -6.91
CA GLY A 83 -4.12 -5.55 -5.56
C GLY A 83 -3.45 -4.24 -5.18
N PHE A 84 -4.18 -3.38 -4.47
CA PHE A 84 -3.64 -2.09 -4.07
C PHE A 84 -3.44 -2.02 -2.56
N LEU A 85 -2.51 -1.17 -2.14
CA LEU A 85 -2.21 -0.99 -0.73
C LEU A 85 -2.40 0.47 -0.32
N CYS A 86 -3.40 0.71 0.53
CA CYS A 86 -3.69 2.05 1.01
C CYS A 86 -2.94 2.34 2.30
N VAL A 87 -1.86 3.11 2.20
CA VAL A 87 -1.06 3.47 3.36
C VAL A 87 -1.17 4.96 3.67
N PHE A 88 -1.43 5.27 4.94
CA PHE A 88 -1.56 6.66 5.37
C PHE A 88 -0.96 6.85 6.75
N ALA A 89 -0.69 8.10 7.11
CA ALA A 89 -0.10 8.41 8.41
C ALA A 89 -1.17 8.88 9.39
N ILE A 90 -1.26 8.19 10.53
CA ILE A 90 -2.23 8.53 11.56
C ILE A 90 -2.01 9.95 12.07
N ASN A 91 -0.79 10.45 11.93
CA ASN A 91 -0.45 11.79 12.38
C ASN A 91 -1.04 12.84 11.44
N ASN A 92 -1.17 12.49 10.18
CA ASN A 92 -1.71 13.39 9.17
C ASN A 92 -3.10 12.95 8.75
N THR A 93 -4.11 13.76 9.10
CA THR A 93 -5.49 13.45 8.75
C THR A 93 -5.73 13.61 7.25
N LYS A 94 -4.93 14.47 6.61
CA LYS A 94 -5.05 14.71 5.19
C LYS A 94 -4.80 13.42 4.41
N SER A 95 -3.96 12.55 4.97
CA SER A 95 -3.63 11.28 4.32
C SER A 95 -4.82 10.33 4.39
N PHE A 96 -5.52 10.33 5.52
CA PHE A 96 -6.68 9.47 5.72
C PHE A 96 -7.80 9.86 4.75
N GLU A 97 -7.82 11.13 4.37
CA GLU A 97 -8.84 11.63 3.45
C GLU A 97 -8.55 11.18 2.02
N ASP A 98 -7.27 10.98 1.70
CA ASP A 98 -6.87 10.55 0.37
C ASP A 98 -7.15 9.07 0.17
N ILE A 99 -7.07 8.30 1.25
CA ILE A 99 -7.32 6.87 1.19
C ILE A 99 -8.74 6.59 0.72
N HIS A 100 -9.66 7.49 1.04
CA HIS A 100 -11.06 7.34 0.66
C HIS A 100 -11.23 7.55 -0.84
N GLN A 101 -10.79 8.70 -1.33
CA GLN A 101 -10.91 9.01 -2.76
C GLN A 101 -10.05 8.08 -3.60
N TYR A 102 -8.97 7.56 -3.02
CA TYR A 102 -8.08 6.66 -3.73
C TYR A 102 -8.82 5.41 -4.20
N ARG A 103 -9.77 4.96 -3.39
CA ARG A 103 -10.56 3.77 -3.73
C ARG A 103 -11.42 4.03 -4.96
N GLU A 104 -11.91 5.26 -5.08
CA GLU A 104 -12.75 5.64 -6.22
C GLU A 104 -12.02 5.40 -7.54
N GLN A 105 -10.69 5.52 -7.50
CA GLN A 105 -9.88 5.31 -8.70
C GLN A 105 -9.83 3.84 -9.09
N ILE A 106 -9.49 2.99 -8.12
CA ILE A 106 -9.41 1.56 -8.35
C ILE A 106 -10.76 1.00 -8.77
N LYS A 107 -11.82 1.46 -8.11
CA LYS A 107 -13.17 1.01 -8.41
C LYS A 107 -13.50 1.21 -9.89
N ARG A 108 -12.96 2.28 -10.47
CA ARG A 108 -13.20 2.58 -11.87
C ARG A 108 -12.44 1.61 -12.77
N VAL A 109 -11.12 1.55 -12.59
CA VAL A 109 -10.28 0.66 -13.37
C VAL A 109 -10.74 -0.79 -13.23
N LYS A 110 -10.85 -1.25 -11.98
CA LYS A 110 -11.28 -2.62 -11.70
C LYS A 110 -12.72 -2.84 -12.18
N ASP A 111 -13.48 -1.75 -12.29
CA ASP A 111 -14.86 -1.83 -12.73
C ASP A 111 -15.70 -2.64 -11.75
N SER A 112 -15.46 -2.42 -10.46
CA SER A 112 -16.19 -3.13 -9.41
C SER A 112 -15.73 -2.67 -8.03
N ASP A 113 -16.68 -2.60 -7.10
CA ASP A 113 -16.39 -2.18 -5.73
C ASP A 113 -15.60 -3.25 -4.99
N ASP A 114 -15.96 -4.52 -5.21
CA ASP A 114 -15.29 -5.63 -4.57
C ASP A 114 -13.97 -5.93 -5.24
N VAL A 115 -12.89 -5.36 -4.70
CA VAL A 115 -11.55 -5.57 -5.25
C VAL A 115 -10.53 -5.82 -4.14
N PRO A 116 -9.43 -6.52 -4.46
CA PRO A 116 -8.38 -6.82 -3.50
C PRO A 116 -7.57 -5.59 -3.11
N MET A 117 -7.88 -5.02 -1.94
CA MET A 117 -7.18 -3.84 -1.46
C MET A 117 -6.81 -4.00 0.02
N VAL A 118 -5.98 -3.09 0.51
CA VAL A 118 -5.54 -3.13 1.91
C VAL A 118 -5.39 -1.72 2.48
N LEU A 119 -5.49 -1.62 3.80
CA LEU A 119 -5.36 -0.33 4.47
C LEU A 119 -4.37 -0.43 5.64
N VAL A 120 -3.21 0.18 5.48
CA VAL A 120 -2.18 0.17 6.51
C VAL A 120 -2.00 1.56 7.11
N GLY A 121 -1.77 1.60 8.43
CA GLY A 121 -1.57 2.88 9.10
C GLY A 121 -0.13 3.11 9.49
N ASN A 122 0.66 3.62 8.54
CA ASN A 122 2.07 3.89 8.80
C ASN A 122 2.24 4.88 9.95
N LYS A 123 3.47 4.97 10.46
CA LYS A 123 3.77 5.88 11.56
C LYS A 123 2.94 5.53 12.79
N CYS A 124 3.31 4.44 13.46
CA CYS A 124 2.60 3.99 14.66
C CYS A 124 3.42 4.25 15.91
N ASP A 125 4.74 4.36 15.74
CA ASP A 125 5.64 4.60 16.87
C ASP A 125 5.59 6.06 17.30
N LEU A 126 5.32 6.96 16.35
CA LEU A 126 5.25 8.39 16.64
C LEU A 126 4.36 8.67 17.84
N ALA A 127 4.62 9.77 18.53
CA ALA A 127 3.84 10.16 19.70
C ALA A 127 2.90 11.31 19.38
N ALA A 128 2.39 11.33 18.15
CA ALA A 128 1.47 12.37 17.72
C ALA A 128 0.40 11.83 16.79
N ARG A 129 -0.46 10.97 17.33
CA ARG A 129 -1.53 10.37 16.55
C ARG A 129 -2.76 11.29 16.50
N THR A 130 -3.02 11.87 15.35
CA THR A 130 -4.15 12.76 15.17
C THR A 130 -5.43 11.95 14.95
N VAL A 131 -5.49 11.24 13.82
CA VAL A 131 -6.65 10.43 13.50
C VAL A 131 -6.65 9.14 14.30
N GLU A 132 -7.57 9.03 15.25
CA GLU A 132 -7.68 7.85 16.09
C GLU A 132 -7.84 6.58 15.25
N SER A 133 -7.50 5.44 15.84
CA SER A 133 -7.60 4.17 15.14
C SER A 133 -9.05 3.81 14.85
N ARG A 134 -9.93 4.10 15.81
CA ARG A 134 -11.36 3.83 15.65
C ARG A 134 -11.92 4.48 14.39
N GLN A 135 -11.53 5.73 14.17
CA GLN A 135 -11.99 6.47 12.99
C GLN A 135 -11.44 5.86 11.71
N ALA A 136 -10.19 5.41 11.76
CA ALA A 136 -9.55 4.81 10.60
C ALA A 136 -10.12 3.42 10.32
N GLN A 137 -10.45 2.68 11.37
CA GLN A 137 -11.01 1.35 11.23
C GLN A 137 -12.43 1.41 10.68
N ASP A 138 -13.14 2.50 10.99
CA ASP A 138 -14.51 2.67 10.53
C ASP A 138 -14.59 2.62 9.00
N LEU A 139 -13.62 3.26 8.35
CA LEU A 139 -13.59 3.28 6.89
C LEU A 139 -13.17 1.92 6.33
N ALA A 140 -12.05 1.40 6.84
CA ALA A 140 -11.54 0.11 6.39
C ALA A 140 -12.58 -0.99 6.58
N ARG A 141 -13.22 -1.00 7.75
CA ARG A 141 -14.23 -2.00 8.05
C ARG A 141 -15.37 -1.94 7.04
N SER A 142 -15.78 -0.74 6.68
CA SER A 142 -16.85 -0.54 5.71
C SER A 142 -16.37 -0.88 4.30
N TYR A 143 -15.13 -0.52 4.01
CA TYR A 143 -14.55 -0.78 2.70
C TYR A 143 -14.46 -2.28 2.43
N GLY A 144 -14.39 -3.07 3.50
CA GLY A 144 -14.30 -4.51 3.36
C GLY A 144 -12.86 -5.00 3.31
N ILE A 145 -11.92 -4.13 3.65
CA ILE A 145 -10.52 -4.49 3.64
C ILE A 145 -9.93 -4.53 5.05
N PRO A 146 -8.85 -5.30 5.25
CA PRO A 146 -8.21 -5.42 6.56
C PRO A 146 -7.44 -4.16 6.94
N TYR A 147 -7.19 -3.99 8.24
CA TYR A 147 -6.48 -2.82 8.73
C TYR A 147 -5.23 -3.25 9.51
N ILE A 148 -4.06 -2.87 9.00
CA ILE A 148 -2.81 -3.21 9.64
C ILE A 148 -2.05 -1.95 10.05
N GLU A 149 -1.22 -2.07 11.07
CA GLU A 149 -0.44 -0.93 11.55
C GLU A 149 1.06 -1.21 11.45
N THR A 150 1.76 -0.36 10.70
CA THR A 150 3.21 -0.53 10.52
C THR A 150 3.93 0.79 10.73
N SER A 151 5.26 0.72 10.79
CA SER A 151 6.08 1.91 11.00
C SER A 151 7.35 1.83 10.15
N ALA A 152 7.44 2.71 9.16
CA ALA A 152 8.60 2.74 8.26
C ALA A 152 9.88 3.10 9.02
N LYS A 153 9.72 3.81 10.14
CA LYS A 153 10.86 4.22 10.94
C LYS A 153 11.31 3.11 11.89
N THR A 154 10.46 2.77 12.85
CA THR A 154 10.77 1.73 13.82
C THR A 154 10.76 0.36 13.16
N ARG A 155 10.07 0.24 12.03
CA ARG A 155 10.00 -1.03 11.32
C ARG A 155 9.27 -2.08 12.16
N GLN A 156 7.97 -1.92 12.30
CA GLN A 156 7.16 -2.84 13.09
C GLN A 156 5.98 -3.37 12.27
N GLY A 157 5.90 -4.69 12.13
CA GLY A 157 4.82 -5.29 11.36
C GLY A 157 4.80 -4.84 9.91
N VAL A 158 5.91 -4.28 9.45
CA VAL A 158 6.00 -3.82 8.07
C VAL A 158 5.60 -4.92 7.09
N GLU A 159 6.27 -6.07 7.19
CA GLU A 159 5.98 -7.19 6.31
C GLU A 159 4.55 -7.69 6.53
N ASP A 160 4.02 -7.48 7.73
CA ASP A 160 2.67 -7.90 8.07
C ASP A 160 1.65 -7.27 7.13
N ALA A 161 1.76 -5.95 6.95
CA ALA A 161 0.85 -5.22 6.07
C ALA A 161 0.90 -5.76 4.65
N PHE A 162 2.12 -5.97 4.14
CA PHE A 162 2.31 -6.48 2.79
C PHE A 162 1.68 -7.86 2.62
N TYR A 163 2.03 -8.77 3.53
CA TYR A 163 1.50 -10.13 3.48
C TYR A 163 -0.03 -10.12 3.47
N THR A 164 -0.62 -9.14 4.14
CA THR A 164 -2.07 -9.02 4.20
C THR A 164 -2.67 -8.92 2.80
N LEU A 165 -2.04 -8.12 1.94
CA LEU A 165 -2.51 -7.94 0.57
C LEU A 165 -2.53 -9.28 -0.16
N VAL A 166 -1.49 -10.07 0.03
CA VAL A 166 -1.38 -11.37 -0.60
C VAL A 166 -2.64 -12.21 -0.37
N ARG A 167 -2.98 -12.41 0.89
CA ARG A 167 -4.16 -13.19 1.25
C ARG A 167 -5.43 -12.59 0.64
N GLU A 168 -5.46 -11.27 0.56
CA GLU A 168 -6.62 -10.57 0.00
C GLU A 168 -6.77 -10.84 -1.49
N ILE A 169 -5.67 -10.68 -2.23
CA ILE A 169 -5.66 -10.91 -3.66
C ILE A 169 -6.15 -12.31 -3.99
N ARG A 170 -5.81 -13.27 -3.14
CA ARG A 170 -6.22 -14.66 -3.33
C ARG A 170 -7.74 -14.77 -3.36
N GLN A 171 -8.40 -13.89 -2.61
CA GLN A 171 -9.86 -13.90 -2.54
C GLN A 171 -10.45 -12.72 -3.31
N HIS A 172 -9.73 -12.26 -4.32
CA HIS A 172 -10.18 -11.13 -5.12
C HIS A 172 -11.51 -11.45 -5.80
PG GNP B . 7.74 12.00 -0.80
O1G GNP B . 9.26 11.57 -0.48
O2G GNP B . 7.06 10.73 -1.52
O3G GNP B . 7.66 13.23 -1.62
N3B GNP B . 7.00 12.15 0.63
PB GNP B . 7.84 11.34 1.77
O1B GNP B . 7.03 11.31 3.00
O2B GNP B . 8.30 10.06 1.19
O3A GNP B . 9.12 12.30 2.00
PA GNP B . 8.93 13.74 2.69
O1A GNP B . 7.49 14.06 2.71
O2A GNP B . 9.85 14.68 2.03
O5' GNP B . 9.42 13.48 4.21
C5' GNP B . 8.63 12.71 5.11
C4' GNP B . 9.18 12.80 6.53
O4' GNP B . 8.44 11.89 7.37
C3' GNP B . 10.61 12.28 6.54
O3' GNP B . 11.29 12.68 7.73
C2' GNP B . 10.34 10.78 6.55
O2' GNP B . 11.52 10.07 6.97
C1' GNP B . 9.31 10.79 7.68
N9 GNP B . 8.58 9.50 7.74
C8 GNP B . 8.02 8.87 6.70
N7 GNP B . 7.45 7.75 7.14
C5 GNP B . 7.64 7.66 8.44
C6 GNP B . 7.26 6.71 9.40
O6 GNP B . 6.62 5.72 9.07
N1 GNP B . 7.63 6.93 10.73
C2 GNP B . 8.36 8.08 11.07
N2 GNP B . 8.72 8.29 12.33
N3 GNP B . 8.70 8.96 10.12
C4 GNP B . 8.35 8.78 8.83
HNB3 GNP B . 6.10 11.72 0.56
H5'2 GNP B . 8.60 11.75 4.84
H5'1 GNP B . 7.68 13.04 5.12
H4' GNP B . 9.19 13.75 6.83
H3' GNP B . 11.14 12.59 5.75
HO3' GNP B . 11.31 13.67 7.79
H2' GNP B . 9.97 10.50 5.67
HO2' GNP B . 12.26 10.27 6.33
H1' GNP B . 9.77 10.94 8.55
H8 GNP B . 8.31 9.06 5.77
HN1 GNP B . 7.38 6.26 11.44
HN21 GNP B . 8.46 7.63 13.05
HN22 GNP B . 9.24 9.10 12.57
MG MG C . 7.81 8.95 -0.74
C13 KOB D . 4.55 -1.52 -14.96
C12 KOB D . 3.92 -2.74 -14.78
C11 KOB D . 3.31 -3.38 -15.85
F11 KOB D . 2.70 -4.57 -15.65
C10 KOB D . 3.32 -2.80 -17.11
C9 KOB D . 3.95 -1.57 -17.30
C8 KOB D . 4.57 -0.93 -16.23
N8 KOB D . 5.17 0.23 -16.45
C7 KOB D . 5.79 0.90 -15.48
S7 KOB D . 5.87 0.27 -13.85
N7 KOB D . 6.38 2.07 -15.76
N6 KOB D . 6.33 2.53 -16.89
C6 KOB D . 5.18 2.83 -17.47
C5 KOB D . 3.98 2.60 -16.78
C4 KOB D . 2.78 2.91 -17.40
C3 KOB D . 2.75 3.43 -18.68
N3 KOB D . 1.59 3.73 -19.26
O3B KOB D . 0.37 3.50 -18.57
O3A KOB D . 1.57 4.27 -20.58
C2 KOB D . 3.94 3.66 -19.36
C1 KOB D . 5.15 3.35 -18.76
N1 KOB D . 6.29 3.58 -19.40
O1B KOB D . 7.53 3.30 -18.78
O1A KOB D . 6.26 4.13 -20.71
HE1 KOB D . 2.70 -3.21 -17.88
HE2 KOB D . 3.73 -3.08 -13.77
HD2 KOB D . 4.81 -0.92 -14.10
HD1 KOB D . 3.85 -1.07 -18.24
HAD KOB D . 5.16 0.62 -17.37
HAC KOB D . 6.85 2.57 -15.03
HAB KOB D . 7.19 2.68 -17.39
H5 KOB D . 3.99 1.96 -15.91
H4 KOB D . 1.84 2.74 -16.86
H2 KOB D . 3.93 4.11 -20.34
N MET A 7 6.51 -19.76 -10.43
CA MET A 7 5.71 -18.99 -9.43
C MET A 7 4.82 -17.97 -10.12
N THR A 8 3.90 -17.39 -9.35
CA THR A 8 2.98 -16.39 -9.88
C THR A 8 3.55 -14.98 -9.69
N GLU A 9 3.20 -14.07 -10.60
CA GLU A 9 3.67 -12.70 -10.52
C GLU A 9 2.59 -11.79 -9.96
N TYR A 10 2.86 -11.21 -8.79
CA TYR A 10 1.91 -10.31 -8.14
C TYR A 10 2.37 -8.86 -8.25
N LYS A 11 1.53 -8.03 -8.87
CA LYS A 11 1.84 -6.61 -9.03
C LYS A 11 1.07 -5.76 -8.02
N LEU A 12 1.74 -5.43 -6.92
CA LEU A 12 1.12 -4.63 -5.86
C LEU A 12 1.31 -3.15 -6.13
N VAL A 13 0.19 -2.44 -6.34
CA VAL A 13 0.24 -1.01 -6.61
C VAL A 13 0.03 -0.21 -5.32
N VAL A 14 1.11 0.39 -4.82
CA VAL A 14 1.03 1.18 -3.60
C VAL A 14 0.47 2.57 -3.87
N VAL A 15 -0.24 3.12 -2.89
CA VAL A 15 -0.83 4.44 -3.02
C VAL A 15 -1.05 5.09 -1.65
N GLY A 16 -0.94 6.42 -1.60
CA GLY A 16 -1.13 7.12 -0.35
C GLY A 16 -0.14 8.26 -0.17
N ALA A 17 -0.37 9.36 -0.90
CA ALA A 17 0.50 10.53 -0.81
C ALA A 17 1.96 10.15 -1.09
N GLY A 18 2.88 11.03 -0.71
CA GLY A 18 4.29 10.76 -0.95
C GLY A 18 5.14 10.92 0.30
N GLY A 19 4.50 11.25 1.42
CA GLY A 19 5.24 11.40 2.67
C GLY A 19 4.82 10.40 3.73
N VAL A 20 3.73 9.68 3.46
CA VAL A 20 3.23 8.68 4.40
C VAL A 20 4.29 7.64 4.73
N GLY A 21 5.16 7.37 3.75
CA GLY A 21 6.21 6.39 3.95
C GLY A 21 5.94 5.10 3.19
N LYS A 22 5.15 5.20 2.12
CA LYS A 22 4.82 4.03 1.31
C LYS A 22 6.08 3.39 0.73
N SER A 23 7.08 4.23 0.45
CA SER A 23 8.33 3.75 -0.10
C SER A 23 9.19 3.08 0.98
N ALA A 24 9.10 3.60 2.20
CA ALA A 24 9.86 3.05 3.31
C ALA A 24 9.44 1.62 3.61
N LEU A 25 8.16 1.43 3.90
CA LEU A 25 7.63 0.10 4.20
C LEU A 25 7.91 -0.87 3.06
N THR A 26 8.06 -0.35 1.85
CA THR A 26 8.34 -1.17 0.68
C THR A 26 9.75 -1.74 0.75
N ILE A 27 10.74 -0.85 0.83
CA ILE A 27 12.14 -1.27 0.89
C ILE A 27 12.37 -2.19 2.09
N GLN A 28 11.65 -1.95 3.18
CA GLN A 28 11.78 -2.76 4.38
C GLN A 28 11.47 -4.22 4.08
N LEU A 29 10.40 -4.45 3.34
CA LEU A 29 10.00 -5.81 2.98
C LEU A 29 10.88 -6.37 1.86
N ILE A 30 11.76 -5.54 1.32
CA ILE A 30 12.65 -5.97 0.25
C ILE A 30 14.09 -6.14 0.76
N GLN A 31 14.74 -5.03 1.07
CA GLN A 31 16.11 -5.07 1.57
C GLN A 31 16.16 -4.98 3.09
N ASN A 32 15.09 -4.46 3.69
CA ASN A 32 15.00 -4.32 5.14
C ASN A 32 15.91 -3.21 5.65
N HIS A 33 15.50 -1.96 5.43
CA HIS A 33 16.28 -0.81 5.86
C HIS A 33 15.53 0.48 5.57
N PHE A 34 15.89 1.55 6.29
CA PHE A 34 15.26 2.85 6.11
C PHE A 34 15.77 3.51 4.83
N VAL A 35 14.91 3.58 3.82
CA VAL A 35 15.27 4.18 2.54
C VAL A 35 15.76 5.62 2.74
N ASP A 36 16.65 6.06 1.85
CA ASP A 36 17.19 7.41 1.92
C ASP A 36 17.80 7.82 0.57
N GLU A 37 18.56 6.90 -0.02
CA GLU A 37 19.19 7.17 -1.31
C GLU A 37 18.32 6.68 -2.46
N TYR A 38 17.47 7.57 -2.96
CA TYR A 38 16.57 7.23 -4.06
C TYR A 38 16.34 8.43 -4.97
N ASP A 39 15.66 8.21 -6.08
CA ASP A 39 15.38 9.27 -7.04
C ASP A 39 13.97 9.82 -6.84
N PRO A 40 13.76 11.12 -7.11
CA PRO A 40 12.46 11.76 -6.96
C PRO A 40 11.45 11.29 -8.01
N SER A 41 10.38 10.64 -7.56
CA SER A 41 9.35 10.13 -8.46
C SER A 41 9.95 9.23 -9.53
N ILE A 42 10.06 7.94 -9.22
CA ILE A 42 10.61 6.98 -10.16
C ILE A 42 9.96 5.60 -10.00
N GLU A 43 10.41 4.64 -10.78
CA GLU A 43 9.87 3.29 -10.72
C GLU A 43 10.81 2.37 -9.95
N ASP A 44 11.76 1.76 -10.64
CA ASP A 44 12.72 0.86 -10.02
C ASP A 44 12.04 -0.12 -9.07
N SER A 45 10.90 -0.63 -9.50
CA SER A 45 10.13 -1.58 -8.71
C SER A 45 10.99 -2.77 -8.28
N TYR A 46 10.53 -3.49 -7.27
CA TYR A 46 11.27 -4.64 -6.77
C TYR A 46 10.46 -5.92 -6.92
N ARG A 47 11.13 -7.07 -6.80
CA ARG A 47 10.48 -8.36 -6.93
C ARG A 47 11.11 -9.39 -6.01
N LYS A 48 10.40 -9.77 -4.95
CA LYS A 48 10.90 -10.75 -4.00
C LYS A 48 10.01 -11.98 -3.98
N GLN A 49 10.63 -13.14 -3.77
CA GLN A 49 9.90 -14.40 -3.72
C GLN A 49 9.56 -14.78 -2.28
N VAL A 50 8.36 -15.31 -2.08
CA VAL A 50 7.92 -15.72 -0.76
C VAL A 50 6.93 -16.89 -0.85
N VAL A 51 6.79 -17.62 0.26
CA VAL A 51 5.87 -18.75 0.31
C VAL A 51 4.63 -18.41 1.12
N ILE A 52 3.54 -18.11 0.42
CA ILE A 52 2.28 -17.77 1.09
C ILE A 52 1.17 -18.69 0.61
N ASP A 53 0.38 -19.18 1.57
CA ASP A 53 -0.73 -20.07 1.25
C ASP A 53 -0.22 -21.38 0.66
N GLY A 54 0.95 -21.81 1.11
CA GLY A 54 1.52 -23.05 0.61
C GLY A 54 1.75 -23.02 -0.89
N GLU A 55 1.94 -21.83 -1.43
CA GLU A 55 2.16 -21.67 -2.87
C GLU A 55 3.16 -20.56 -3.14
N THR A 56 4.35 -20.94 -3.61
CA THR A 56 5.40 -19.98 -3.91
C THR A 56 4.93 -18.96 -4.95
N CYS A 57 5.08 -17.68 -4.62
CA CYS A 57 4.66 -16.61 -5.53
C CYS A 57 5.56 -15.39 -5.40
N LEU A 58 5.83 -14.74 -6.52
CA LEU A 58 6.68 -13.54 -6.52
C LEU A 58 5.90 -12.33 -6.04
N LEU A 59 6.60 -11.42 -5.37
CA LEU A 59 5.97 -10.21 -4.85
C LEU A 59 6.56 -8.97 -5.49
N ASP A 60 5.82 -8.38 -6.43
CA ASP A 60 6.27 -7.19 -7.13
C ASP A 60 5.69 -5.94 -6.48
N ILE A 61 6.49 -5.27 -5.66
CA ILE A 61 6.06 -4.06 -4.98
C ILE A 61 6.27 -2.83 -5.86
N LEU A 62 5.19 -2.26 -6.36
CA LEU A 62 5.26 -1.09 -7.21
C LEU A 62 5.31 0.19 -6.39
N ASP A 63 6.30 1.02 -6.65
CA ASP A 63 6.46 2.28 -5.94
C ASP A 63 6.14 3.47 -6.85
N THR A 64 4.87 3.85 -6.88
CA THR A 64 4.43 4.97 -7.71
C THR A 64 4.73 6.30 -7.03
N ALA A 65 4.29 7.39 -7.67
CA ALA A 65 4.51 8.73 -7.13
C ALA A 65 3.31 9.19 -6.30
N GLY A 66 3.52 10.21 -5.48
CA GLY A 66 2.45 10.73 -4.65
C GLY A 66 1.57 11.72 -5.39
N GLN A 67 1.01 11.29 -6.51
CA GLN A 67 0.14 12.14 -7.33
C GLN A 67 0.70 13.55 -7.47
N GLU A 68 1.64 13.71 -8.41
CA GLU A 68 2.25 15.01 -8.64
C GLU A 68 1.98 15.49 -10.07
N GLU A 69 2.19 14.60 -11.04
CA GLU A 69 1.96 14.92 -12.44
C GLU A 69 2.30 13.72 -13.33
N TYR A 70 1.34 12.83 -13.49
CA TYR A 70 1.53 11.64 -14.31
C TYR A 70 0.27 10.77 -14.28
N SER A 71 -0.89 11.40 -14.44
CA SER A 71 -2.17 10.69 -14.44
C SER A 71 -2.16 9.56 -15.47
N ALA A 72 -1.40 9.74 -16.54
CA ALA A 72 -1.31 8.75 -17.59
C ALA A 72 -0.58 7.50 -17.11
N MET A 73 0.37 7.70 -16.19
CA MET A 73 1.14 6.59 -15.64
C MET A 73 0.37 5.91 -14.51
N ARG A 74 -0.45 6.69 -13.81
CA ARG A 74 -1.25 6.15 -12.70
C ARG A 74 -2.24 5.12 -13.22
N ASP A 75 -3.07 5.53 -14.19
CA ASP A 75 -4.05 4.64 -14.78
C ASP A 75 -3.41 3.31 -15.16
N GLN A 76 -2.16 3.38 -15.59
CA GLN A 76 -1.39 2.21 -16.00
C GLN A 76 -1.23 1.23 -14.85
N TYR A 77 -0.57 1.70 -13.80
CA TYR A 77 -0.30 0.87 -12.62
C TYR A 77 -1.57 0.18 -12.14
N MET A 78 -2.71 0.80 -12.40
CA MET A 78 -3.98 0.21 -12.02
C MET A 78 -4.32 -0.95 -12.94
N ARG A 79 -4.07 -0.77 -14.23
CA ARG A 79 -4.33 -1.79 -15.23
C ARG A 79 -3.19 -2.81 -15.29
N THR A 80 -2.02 -2.44 -14.77
CA THR A 80 -0.86 -3.33 -14.78
C THR A 80 -0.73 -4.05 -13.44
N GLY A 81 -1.41 -3.56 -12.43
CA GLY A 81 -1.33 -4.16 -11.11
C GLY A 81 -2.46 -5.13 -10.83
N GLU A 82 -2.26 -5.99 -9.83
CA GLU A 82 -3.26 -6.97 -9.45
C GLU A 82 -3.98 -6.56 -8.16
N GLY A 83 -3.41 -5.59 -7.45
CA GLY A 83 -4.00 -5.12 -6.21
C GLY A 83 -3.65 -3.69 -5.91
N PHE A 84 -4.04 -3.21 -4.74
CA PHE A 84 -3.77 -1.82 -4.34
C PHE A 84 -3.66 -1.71 -2.82
N LEU A 85 -2.58 -1.08 -2.37
CA LEU A 85 -2.34 -0.89 -0.94
C LEU A 85 -2.38 0.59 -0.58
N CYS A 86 -3.29 0.96 0.31
CA CYS A 86 -3.43 2.34 0.75
C CYS A 86 -2.63 2.59 2.03
N VAL A 87 -1.55 3.35 1.90
CA VAL A 87 -0.71 3.66 3.05
C VAL A 87 -0.93 5.10 3.52
N PHE A 88 -1.49 5.25 4.71
CA PHE A 88 -1.74 6.56 5.27
C PHE A 88 -1.10 6.70 6.66
N ALA A 89 -0.53 7.87 6.93
CA ALA A 89 0.11 8.12 8.21
C ALA A 89 -0.90 8.60 9.25
N ILE A 90 -0.98 7.89 10.36
CA ILE A 90 -1.90 8.26 11.43
C ILE A 90 -1.63 9.67 11.95
N ASN A 91 -0.39 10.11 11.80
CA ASN A 91 0.00 11.45 12.24
C ASN A 91 -0.48 12.51 11.26
N ASN A 92 -0.57 12.14 9.98
CA ASN A 92 -1.02 13.06 8.95
C ASN A 92 -2.46 12.77 8.56
N THR A 93 -3.37 13.67 8.92
CA THR A 93 -4.78 13.52 8.60
C THR A 93 -5.04 13.70 7.11
N LYS A 94 -4.11 14.37 6.43
CA LYS A 94 -4.23 14.61 5.01
C LYS A 94 -4.18 13.29 4.22
N SER A 95 -3.22 12.44 4.57
CA SER A 95 -3.07 11.15 3.90
C SER A 95 -4.33 10.31 4.09
N PHE A 96 -5.01 10.50 5.21
CA PHE A 96 -6.23 9.76 5.50
C PHE A 96 -7.31 10.04 4.46
N GLU A 97 -7.59 11.33 4.24
CA GLU A 97 -8.59 11.74 3.27
C GLU A 97 -8.25 11.24 1.87
N ASP A 98 -6.96 11.08 1.61
CA ASP A 98 -6.50 10.60 0.30
C ASP A 98 -6.90 9.15 0.08
N ILE A 99 -6.97 8.38 1.16
CA ILE A 99 -7.34 6.98 1.08
C ILE A 99 -8.76 6.82 0.52
N HIS A 100 -9.59 7.83 0.74
CA HIS A 100 -10.97 7.82 0.26
C HIS A 100 -11.01 8.06 -1.25
N GLN A 101 -10.42 9.16 -1.68
CA GLN A 101 -10.40 9.51 -3.10
C GLN A 101 -9.56 8.51 -3.90
N TYR A 102 -8.56 7.93 -3.23
CA TYR A 102 -7.68 6.96 -3.88
C TYR A 102 -8.46 5.71 -4.27
N ARG A 103 -9.26 5.21 -3.35
CA ARG A 103 -10.06 4.01 -3.59
C ARG A 103 -10.95 4.19 -4.82
N GLU A 104 -11.47 5.41 -4.99
CA GLU A 104 -12.34 5.71 -6.12
C GLU A 104 -11.59 5.57 -7.44
N GLN A 105 -10.32 5.96 -7.43
CA GLN A 105 -9.49 5.88 -8.63
C GLN A 105 -9.35 4.44 -9.11
N ILE A 106 -9.34 3.50 -8.16
CA ILE A 106 -9.22 2.08 -8.49
C ILE A 106 -10.51 1.54 -9.08
N LYS A 107 -11.65 1.90 -8.47
CA LYS A 107 -12.95 1.44 -8.95
C LYS A 107 -13.13 1.76 -10.43
N ARG A 108 -12.70 2.95 -10.83
CA ARG A 108 -12.81 3.37 -12.22
C ARG A 108 -12.02 2.45 -13.14
N VAL A 109 -10.72 2.37 -12.88
CA VAL A 109 -9.83 1.52 -13.68
C VAL A 109 -10.30 0.08 -13.67
N LYS A 110 -10.27 -0.53 -12.50
CA LYS A 110 -10.70 -1.93 -12.34
C LYS A 110 -12.15 -2.10 -12.78
N ASP A 111 -12.93 -1.02 -12.71
CA ASP A 111 -14.33 -1.06 -13.09
C ASP A 111 -15.11 -2.04 -12.21
N SER A 112 -14.88 -1.95 -10.91
CA SER A 112 -15.56 -2.82 -9.95
C SER A 112 -15.36 -2.31 -8.52
N ASP A 113 -16.38 -2.51 -7.69
CA ASP A 113 -16.32 -2.08 -6.30
C ASP A 113 -15.56 -3.09 -5.44
N ASP A 114 -15.70 -4.37 -5.80
CA ASP A 114 -15.03 -5.43 -5.06
C ASP A 114 -13.69 -5.79 -5.70
N VAL A 115 -12.65 -5.04 -5.34
CA VAL A 115 -11.32 -5.29 -5.88
C VAL A 115 -10.33 -5.64 -4.77
N PRO A 116 -9.26 -6.40 -5.11
CA PRO A 116 -8.25 -6.81 -4.13
C PRO A 116 -7.36 -5.65 -3.70
N MET A 117 -7.53 -5.21 -2.45
CA MET A 117 -6.73 -4.12 -1.91
C MET A 117 -6.68 -4.18 -0.39
N VAL A 118 -5.81 -3.38 0.20
CA VAL A 118 -5.66 -3.35 1.65
C VAL A 118 -5.32 -1.94 2.15
N LEU A 119 -5.67 -1.67 3.40
CA LEU A 119 -5.41 -0.36 3.99
C LEU A 119 -4.44 -0.48 5.17
N VAL A 120 -3.28 0.14 5.03
CA VAL A 120 -2.26 0.09 6.07
C VAL A 120 -2.05 1.47 6.69
N GLY A 121 -1.74 1.50 7.99
CA GLY A 121 -1.51 2.75 8.67
C GLY A 121 -0.10 2.87 9.21
N ASN A 122 0.81 3.32 8.36
CA ASN A 122 2.21 3.47 8.76
C ASN A 122 2.35 4.48 9.89
N LYS A 123 3.57 4.64 10.40
CA LYS A 123 3.84 5.57 11.49
C LYS A 123 3.04 5.21 12.73
N CYS A 124 3.07 3.93 13.10
CA CYS A 124 2.33 3.46 14.28
C CYS A 124 3.29 3.17 15.44
N ASP A 125 4.48 3.75 15.38
CA ASP A 125 5.48 3.53 16.43
C ASP A 125 5.81 4.83 17.16
N LEU A 126 5.43 5.97 16.57
CA LEU A 126 5.70 7.26 17.19
C LEU A 126 4.57 7.68 18.13
N ALA A 127 4.79 8.75 18.88
CA ALA A 127 3.80 9.25 19.83
C ALA A 127 3.08 10.47 19.28
N ALA A 128 2.59 10.37 18.05
CA ALA A 128 1.89 11.47 17.41
C ALA A 128 0.81 10.96 16.47
N ARG A 129 -0.28 10.44 17.04
CA ARG A 129 -1.38 9.91 16.25
C ARG A 129 -2.53 10.91 16.19
N THR A 130 -2.71 11.54 15.03
CA THR A 130 -3.78 12.51 14.85
C THR A 130 -5.09 11.81 14.49
N VAL A 131 -5.02 10.90 13.53
CA VAL A 131 -6.20 10.15 13.10
C VAL A 131 -6.29 8.82 13.84
N GLU A 132 -7.07 8.80 14.92
CA GLU A 132 -7.24 7.59 15.71
C GLU A 132 -7.64 6.40 14.84
N SER A 133 -7.38 5.20 15.34
CA SER A 133 -7.71 3.98 14.61
C SER A 133 -9.21 3.89 14.33
N ARG A 134 -10.01 4.30 15.31
CA ARG A 134 -11.46 4.26 15.19
C ARG A 134 -11.91 4.95 13.89
N GLN A 135 -11.45 6.18 13.69
CA GLN A 135 -11.81 6.95 12.50
C GLN A 135 -11.48 6.16 11.22
N ALA A 136 -10.29 5.56 11.20
CA ALA A 136 -9.86 4.79 10.05
C ALA A 136 -10.62 3.48 9.95
N GLN A 137 -10.97 2.91 11.10
CA GLN A 137 -11.70 1.65 11.14
C GLN A 137 -13.05 1.77 10.43
N ASP A 138 -13.74 2.89 10.65
CA ASP A 138 -15.03 3.13 10.03
C ASP A 138 -14.91 3.18 8.52
N LEU A 139 -13.80 3.72 8.04
CA LEU A 139 -13.56 3.84 6.60
C LEU A 139 -13.22 2.47 6.00
N ALA A 140 -12.25 1.78 6.61
CA ALA A 140 -11.85 0.47 6.13
C ALA A 140 -13.00 -0.53 6.20
N ARG A 141 -13.70 -0.53 7.32
CA ARG A 141 -14.83 -1.44 7.51
C ARG A 141 -15.93 -1.17 6.48
N SER A 142 -16.01 0.08 6.02
CA SER A 142 -17.00 0.47 5.03
C SER A 142 -16.65 -0.08 3.65
N TYR A 143 -15.36 -0.07 3.35
CA TYR A 143 -14.87 -0.57 2.07
C TYR A 143 -14.89 -2.10 2.03
N GLY A 144 -14.86 -2.72 3.21
CA GLY A 144 -14.86 -4.17 3.28
C GLY A 144 -13.46 -4.76 3.25
N ILE A 145 -12.46 -3.91 3.46
CA ILE A 145 -11.08 -4.36 3.45
C ILE A 145 -10.46 -4.30 4.84
N PRO A 146 -9.41 -5.09 5.08
CA PRO A 146 -8.73 -5.12 6.38
C PRO A 146 -7.92 -3.85 6.65
N TYR A 147 -7.73 -3.54 7.93
CA TYR A 147 -6.98 -2.36 8.32
C TYR A 147 -5.81 -2.73 9.24
N ILE A 148 -4.61 -2.72 8.68
CA ILE A 148 -3.41 -3.07 9.45
C ILE A 148 -2.61 -1.82 9.80
N GLU A 149 -1.91 -1.88 10.93
CA GLU A 149 -1.09 -0.76 11.38
C GLU A 149 0.37 -1.17 11.52
N THR A 150 1.26 -0.38 10.94
CA THR A 150 2.70 -0.66 11.00
C THR A 150 3.50 0.63 11.10
N SER A 151 4.82 0.48 11.10
CA SER A 151 5.71 1.63 11.19
C SER A 151 6.98 1.40 10.37
N ALA A 152 7.25 2.33 9.46
CA ALA A 152 8.44 2.23 8.60
C ALA A 152 9.71 2.62 9.35
N LYS A 153 9.54 3.24 10.52
CA LYS A 153 10.68 3.66 11.33
C LYS A 153 11.10 2.58 12.31
N THR A 154 10.14 1.73 12.70
CA THR A 154 10.42 0.66 13.64
C THR A 154 10.33 -0.71 12.97
N ARG A 155 9.56 -0.79 11.88
CA ARG A 155 9.39 -2.03 11.15
C ARG A 155 8.50 -3.01 11.94
N GLN A 156 7.40 -2.48 12.47
CA GLN A 156 6.48 -3.30 13.26
C GLN A 156 5.24 -3.68 12.43
N GLY A 157 5.07 -4.98 12.22
CA GLY A 157 3.92 -5.46 11.47
C GLY A 157 3.96 -5.07 10.01
N VAL A 158 5.10 -4.55 9.54
CA VAL A 158 5.24 -4.14 8.16
C VAL A 158 4.99 -5.30 7.21
N GLU A 159 5.41 -6.50 7.62
CA GLU A 159 5.23 -7.69 6.80
C GLU A 159 3.77 -8.12 6.79
N ASP A 160 3.08 -7.89 7.91
CA ASP A 160 1.68 -8.26 8.04
C ASP A 160 0.83 -7.57 6.97
N ALA A 161 0.96 -6.24 6.91
CA ALA A 161 0.21 -5.45 5.94
C ALA A 161 0.36 -6.00 4.52
N PHE A 162 1.59 -6.21 4.10
CA PHE A 162 1.87 -6.73 2.77
C PHE A 162 1.23 -8.11 2.58
N TYR A 163 1.48 -9.01 3.52
CA TYR A 163 0.93 -10.35 3.47
C TYR A 163 -0.59 -10.32 3.35
N THR A 164 -1.20 -9.30 3.94
CA THR A 164 -2.65 -9.15 3.89
C THR A 164 -3.15 -9.05 2.47
N LEU A 165 -2.45 -8.26 1.65
CA LEU A 165 -2.83 -8.08 0.25
C LEU A 165 -2.79 -9.40 -0.50
N VAL A 166 -1.76 -10.20 -0.23
CA VAL A 166 -1.60 -11.50 -0.88
C VAL A 166 -2.85 -12.35 -0.71
N ARG A 167 -3.39 -12.36 0.51
CA ARG A 167 -4.59 -13.14 0.81
C ARG A 167 -5.82 -12.53 0.14
N GLU A 168 -5.77 -11.22 -0.09
CA GLU A 168 -6.89 -10.52 -0.73
C GLU A 168 -6.93 -10.79 -2.23
N ILE A 169 -5.77 -10.66 -2.88
CA ILE A 169 -5.68 -10.89 -4.31
C ILE A 169 -6.03 -12.34 -4.66
N ARG A 170 -5.58 -13.26 -3.82
CA ARG A 170 -5.83 -14.68 -4.04
C ARG A 170 -7.30 -15.01 -3.77
N GLN A 171 -7.81 -14.56 -2.63
CA GLN A 171 -9.20 -14.82 -2.26
C GLN A 171 -10.15 -14.31 -3.35
N HIS A 172 -9.73 -13.27 -4.06
CA HIS A 172 -10.55 -12.70 -5.11
C HIS A 172 -9.94 -12.97 -6.49
PG GNP B . 9.60 11.12 -1.37
O1G GNP B . 10.72 11.68 -2.38
O2G GNP B . 8.83 9.95 -2.16
O3G GNP B . 8.68 12.18 -0.88
N3B GNP B . 10.40 10.39 -0.16
PB GNP B . 9.39 10.13 1.08
O1B GNP B . 8.71 11.42 1.37
O2B GNP B . 8.55 8.94 0.77
O3A GNP B . 10.38 9.78 2.29
PA GNP B . 11.13 10.95 3.09
O1A GNP B . 11.79 11.85 2.11
O2A GNP B . 11.98 10.31 4.12
O5' GNP B . 9.91 11.74 3.79
C5' GNP B . 9.26 11.19 4.94
C4' GNP B . 9.93 11.64 6.24
O4' GNP B . 9.29 10.98 7.34
C3' GNP B . 11.37 11.12 6.28
O3' GNP B . 12.09 11.71 7.37
C2' GNP B . 11.07 9.65 6.55
O2' GNP B . 12.25 9.00 7.03
C1' GNP B . 10.08 9.84 7.70
N9 GNP B . 9.25 8.62 7.87
C8 GNP B . 8.76 7.86 6.89
N7 GNP B . 8.05 6.87 7.41
C5 GNP B . 8.09 6.99 8.74
C6 GNP B . 7.54 6.24 9.77
O6 GNP B . 6.87 5.24 9.53
N1 GNP B . 7.78 6.64 11.09
C2 GNP B . 8.55 7.79 11.33
N2 GNP B . 8.78 8.18 12.58
N3 GNP B . 9.06 8.48 10.31
C4 GNP B . 8.85 8.11 9.03
HNB3 GNP B . 11.12 11.01 0.15
H5'2 GNP B . 8.30 11.49 4.97
H5'1 GNP B . 9.26 10.19 4.91
H4' GNP B . 9.96 12.64 6.29
H3' GNP B . 11.87 11.30 5.43
HO3' GNP B . 11.64 11.47 8.24
H2' GNP B . 10.66 9.24 5.74
HO2' GNP B . 12.98 9.08 6.34
H1' GNP B . 10.58 10.01 8.55
H8 GNP B . 9.14 7.89 5.97
HN1 GNP B . 7.39 6.13 11.85
HN21 GNP B . 8.40 7.67 13.35
HN22 GNP B . 9.34 8.99 12.75
MG MG C . 8.59 8.07 -1.37
C13 KOB D . 5.34 0.44 -16.90
C12 KOB D . 5.40 -0.77 -16.23
C11 KOB D . 4.59 -0.99 -15.12
F11 KOB D . 4.64 -2.17 -14.47
C10 KOB D . 3.72 0.01 -14.70
C9 KOB D . 3.66 1.22 -15.38
C8 KOB D . 4.48 1.44 -16.48
N8 KOB D . 4.43 2.59 -17.15
C7 KOB D . 3.62 3.59 -16.79
S7 KOB D . 2.59 3.47 -15.38
N7 KOB D . 3.62 4.71 -17.50
N6 KOB D . 4.36 4.82 -18.48
C6 KOB D . 3.94 4.42 -19.68
C5 KOB D . 2.67 3.87 -19.83
C4 KOB D . 2.23 3.47 -21.08
C3 KOB D . 3.07 3.61 -22.19
N3 KOB D . 2.63 3.23 -23.39
O3B KOB D . 3.48 3.39 -24.52
O3A KOB D . 1.34 2.68 -23.54
C2 KOB D . 4.33 4.17 -22.05
C1 KOB D . 4.76 4.56 -20.79
N1 KOB D . 5.99 5.09 -20.65
O1B KOB D . 6.44 5.51 -19.37
O1A KOB D . 6.83 5.22 -21.78
HE1 KOB D . 3.12 -0.14 -13.81
HE2 KOB D . 6.16 -1.50 -16.49
HD2 KOB D . 5.99 0.62 -17.75
HD1 KOB D . 2.83 1.88 -15.20
HAD KOB D . 5.03 2.70 -17.95
HAC KOB D . 3.02 5.47 -17.23
HAB KOB D . 5.27 5.22 -18.38
H5 KOB D . 2.14 3.53 -18.95
H4 KOB D . 1.27 3.00 -21.19
H2 KOB D . 4.88 4.48 -22.92
N MET A 7 5.21 -19.66 -11.20
CA MET A 7 4.53 -18.94 -10.09
C MET A 7 3.69 -17.79 -10.61
N THR A 8 2.64 -17.46 -9.88
CA THR A 8 1.73 -16.38 -10.26
C THR A 8 2.36 -15.02 -9.93
N GLU A 9 2.06 -14.03 -10.76
CA GLU A 9 2.58 -12.68 -10.57
C GLU A 9 1.51 -11.75 -10.00
N TYR A 10 1.76 -11.22 -8.81
CA TYR A 10 0.81 -10.32 -8.16
C TYR A 10 1.29 -8.88 -8.21
N LYS A 11 0.52 -8.03 -8.88
CA LYS A 11 0.86 -6.62 -9.01
C LYS A 11 0.37 -5.84 -7.80
N LEU A 12 1.31 -5.43 -6.94
CA LEU A 12 0.97 -4.68 -5.74
C LEU A 12 1.15 -3.18 -5.98
N VAL A 13 0.05 -2.51 -6.33
CA VAL A 13 0.08 -1.08 -6.58
C VAL A 13 -0.04 -0.29 -5.28
N VAL A 14 1.06 0.33 -4.87
CA VAL A 14 1.08 1.12 -3.65
C VAL A 14 0.73 2.57 -3.93
N VAL A 15 -0.05 3.17 -3.04
CA VAL A 15 -0.47 4.56 -3.19
C VAL A 15 -0.42 5.30 -1.86
N GLY A 16 -0.82 6.56 -1.87
CA GLY A 16 -0.81 7.34 -0.65
C GLY A 16 -0.12 8.69 -0.83
N ALA A 17 -0.45 9.64 0.02
CA ALA A 17 0.15 10.97 -0.05
C ALA A 17 1.67 10.89 0.01
N GLY A 18 2.33 11.87 -0.62
CA GLY A 18 3.79 11.88 -0.63
C GLY A 18 4.39 11.76 0.76
N GLY A 19 3.62 12.15 1.77
CA GLY A 19 4.10 12.06 3.13
C GLY A 19 3.34 11.05 3.97
N VAL A 20 3.48 9.78 3.60
CA VAL A 20 2.80 8.71 4.33
C VAL A 20 3.70 7.47 4.47
N GLY A 21 4.99 7.65 4.24
CA GLY A 21 5.93 6.54 4.35
C GLY A 21 5.53 5.36 3.49
N LYS A 22 4.78 5.63 2.42
CA LYS A 22 4.34 4.58 1.51
C LYS A 22 5.53 3.83 0.92
N SER A 23 6.55 4.58 0.49
CA SER A 23 7.74 3.99 -0.09
C SER A 23 8.56 3.24 0.97
N ALA A 24 8.40 3.65 2.22
CA ALA A 24 9.12 3.03 3.33
C ALA A 24 8.87 1.52 3.38
N LEU A 25 7.59 1.14 3.35
CA LEU A 25 7.21 -0.27 3.40
C LEU A 25 7.76 -1.02 2.20
N THR A 26 7.84 -0.34 1.06
CA THR A 26 8.35 -0.95 -0.16
C THR A 26 9.78 -1.47 0.04
N ILE A 27 10.67 -0.58 0.45
CA ILE A 27 12.06 -0.94 0.69
C ILE A 27 12.18 -1.91 1.86
N GLN A 28 11.31 -1.74 2.85
CA GLN A 28 11.32 -2.59 4.03
C GLN A 28 10.92 -4.02 3.67
N LEU A 29 9.79 -4.16 2.98
CA LEU A 29 9.30 -5.46 2.57
C LEU A 29 10.26 -6.12 1.57
N ILE A 30 10.60 -5.39 0.52
CA ILE A 30 11.52 -5.90 -0.50
C ILE A 30 12.89 -6.18 0.09
N GLN A 31 13.49 -5.15 0.69
CA GLN A 31 14.81 -5.28 1.29
C GLN A 31 14.68 -5.31 2.83
N ASN A 32 15.46 -4.48 3.53
CA ASN A 32 15.41 -4.45 4.99
C ASN A 32 16.45 -3.47 5.55
N HIS A 33 16.61 -2.33 4.88
CA HIS A 33 17.57 -1.32 5.31
C HIS A 33 16.91 0.05 5.48
N PHE A 34 15.66 0.16 5.06
CA PHE A 34 14.92 1.42 5.15
C PHE A 34 15.40 2.40 4.08
N VAL A 35 14.45 3.14 3.50
CA VAL A 35 14.76 4.11 2.46
C VAL A 35 15.90 5.03 2.90
N ASP A 36 16.63 5.56 1.91
CA ASP A 36 17.74 6.46 2.18
C ASP A 36 18.38 6.92 0.87
N GLU A 37 18.48 6.01 -0.09
CA GLU A 37 19.08 6.32 -1.37
C GLU A 37 18.52 5.40 -2.46
N TYR A 38 17.96 6.00 -3.50
CA TYR A 38 17.40 5.23 -4.61
C TYR A 38 17.61 5.96 -5.94
N ASP A 39 17.69 5.21 -7.03
CA ASP A 39 17.90 5.78 -8.35
C ASP A 39 16.60 6.39 -8.88
N PRO A 40 16.63 7.67 -9.29
CA PRO A 40 15.46 8.36 -9.83
C PRO A 40 15.13 7.94 -11.25
N SER A 41 16.12 7.37 -11.94
CA SER A 41 15.93 6.92 -13.32
C SER A 41 14.82 5.89 -13.41
N ILE A 42 14.62 5.13 -12.35
CA ILE A 42 13.58 4.11 -12.31
C ILE A 42 12.37 4.56 -11.51
N GLU A 43 11.37 3.70 -11.44
CA GLU A 43 10.14 4.00 -10.72
C GLU A 43 10.21 3.51 -9.27
N ASP A 44 11.40 3.17 -8.80
CA ASP A 44 11.59 2.69 -7.44
C ASP A 44 10.71 1.47 -7.15
N SER A 45 10.36 0.74 -8.21
CA SER A 45 9.53 -0.45 -8.05
C SER A 45 10.39 -1.71 -7.94
N TYR A 46 9.87 -2.70 -7.22
CA TYR A 46 10.59 -3.95 -7.02
C TYR A 46 9.61 -5.13 -6.96
N ARG A 47 10.16 -6.34 -6.91
CA ARG A 47 9.34 -7.55 -6.86
C ARG A 47 10.02 -8.62 -6.01
N LYS A 48 9.26 -9.21 -5.09
CA LYS A 48 9.80 -10.26 -4.23
C LYS A 48 8.99 -11.55 -4.36
N GLN A 49 9.66 -12.68 -4.19
CA GLN A 49 9.00 -13.98 -4.30
C GLN A 49 8.78 -14.58 -2.92
N VAL A 50 7.53 -14.87 -2.59
CA VAL A 50 7.20 -15.46 -1.29
C VAL A 50 6.21 -16.61 -1.44
N VAL A 51 5.87 -17.24 -0.33
CA VAL A 51 4.94 -18.36 -0.33
C VAL A 51 3.71 -18.05 0.51
N ILE A 52 2.61 -17.69 -0.16
CA ILE A 52 1.37 -17.36 0.52
C ILE A 52 0.27 -18.36 0.18
N ASP A 53 -0.50 -18.76 1.18
CA ASP A 53 -1.58 -19.71 0.98
C ASP A 53 -1.05 -21.04 0.45
N GLY A 54 0.15 -21.41 0.87
CA GLY A 54 0.75 -22.66 0.42
C GLY A 54 0.96 -22.69 -1.08
N GLU A 55 1.14 -21.51 -1.67
CA GLU A 55 1.36 -21.41 -3.11
C GLU A 55 2.38 -20.33 -3.44
N THR A 56 3.52 -20.76 -3.98
CA THR A 56 4.58 -19.83 -4.34
C THR A 56 4.11 -18.85 -5.41
N CYS A 57 4.20 -17.56 -5.11
CA CYS A 57 3.78 -16.52 -6.04
C CYS A 57 4.67 -15.28 -5.92
N LEU A 58 4.83 -14.56 -7.01
CA LEU A 58 5.65 -13.35 -7.03
C LEU A 58 4.86 -12.15 -6.53
N LEU A 59 5.56 -11.22 -5.87
CA LEU A 59 4.94 -10.02 -5.35
C LEU A 59 5.61 -8.77 -5.89
N ASP A 60 5.05 -8.21 -6.95
CA ASP A 60 5.61 -7.01 -7.57
C ASP A 60 5.09 -5.75 -6.87
N ILE A 61 5.88 -5.23 -5.94
CA ILE A 61 5.49 -4.03 -5.22
C ILE A 61 5.97 -2.77 -5.93
N LEU A 62 5.03 -2.03 -6.50
CA LEU A 62 5.36 -0.80 -7.22
C LEU A 62 5.25 0.40 -6.30
N ASP A 63 6.28 1.24 -6.29
CA ASP A 63 6.29 2.42 -5.44
C ASP A 63 6.30 3.70 -6.29
N THR A 64 5.17 4.37 -6.37
CA THR A 64 5.05 5.60 -7.14
C THR A 64 5.72 6.76 -6.43
N ALA A 65 5.58 7.97 -6.99
CA ALA A 65 6.17 9.16 -6.39
C ALA A 65 5.16 10.29 -6.33
N GLY A 66 5.47 11.29 -5.50
CA GLY A 66 4.57 12.42 -5.37
C GLY A 66 4.94 13.57 -6.30
N GLN A 67 5.87 13.31 -7.23
CA GLN A 67 6.29 14.34 -8.17
C GLN A 67 6.59 13.73 -9.54
N GLU A 68 7.39 12.66 -9.55
CA GLU A 68 7.75 11.99 -10.77
C GLU A 68 7.08 10.62 -10.87
N GLU A 69 6.80 10.19 -12.10
CA GLU A 69 6.17 8.90 -12.33
C GLU A 69 4.92 8.73 -11.46
N TYR A 70 3.84 9.40 -11.85
CA TYR A 70 2.59 9.34 -11.10
C TYR A 70 1.50 10.16 -11.79
N SER A 71 0.40 10.38 -11.07
CA SER A 71 -0.73 11.16 -11.59
C SER A 71 -1.08 10.75 -13.02
N ALA A 72 -0.46 11.40 -13.99
CA ALA A 72 -0.69 11.10 -15.40
C ALA A 72 -0.46 9.62 -15.69
N MET A 73 0.64 9.10 -15.17
CA MET A 73 0.99 7.70 -15.35
C MET A 73 0.28 6.82 -14.33
N ARG A 74 -0.15 7.42 -13.21
CA ARG A 74 -0.85 6.68 -12.18
C ARG A 74 -2.01 5.88 -12.77
N ASP A 75 -2.69 6.48 -13.76
CA ASP A 75 -3.79 5.82 -14.42
C ASP A 75 -3.33 4.55 -15.11
N GLN A 76 -2.10 4.57 -15.61
CA GLN A 76 -1.52 3.42 -16.29
C GLN A 76 -1.24 2.31 -15.29
N TYR A 77 -0.73 2.68 -14.12
CA TYR A 77 -0.42 1.70 -13.07
C TYR A 77 -1.66 0.91 -12.69
N MET A 78 -2.79 1.61 -12.61
CA MET A 78 -4.05 0.96 -12.25
C MET A 78 -4.43 -0.08 -13.29
N ARG A 79 -4.15 0.23 -14.55
CA ARG A 79 -4.44 -0.67 -15.66
C ARG A 79 -3.37 -1.75 -15.79
N THR A 80 -2.27 -1.58 -15.05
CA THR A 80 -1.17 -2.54 -15.10
C THR A 80 -1.19 -3.45 -13.87
N GLY A 81 -1.87 -2.99 -12.81
CA GLY A 81 -1.93 -3.77 -11.59
C GLY A 81 -3.27 -4.47 -11.40
N GLU A 82 -3.33 -5.37 -10.43
CA GLU A 82 -4.55 -6.11 -10.14
C GLU A 82 -5.14 -5.68 -8.79
N GLY A 83 -4.34 -4.99 -7.98
CA GLY A 83 -4.79 -4.55 -6.68
C GLY A 83 -4.22 -3.20 -6.30
N PHE A 84 -4.54 -2.73 -5.09
CA PHE A 84 -4.04 -1.44 -4.61
C PHE A 84 -4.00 -1.41 -3.09
N LEU A 85 -2.95 -0.79 -2.55
CA LEU A 85 -2.78 -0.69 -1.11
C LEU A 85 -2.74 0.77 -0.67
N CYS A 86 -3.58 1.12 0.30
CA CYS A 86 -3.64 2.48 0.80
C CYS A 86 -2.83 2.63 2.09
N VAL A 87 -1.75 3.40 2.01
CA VAL A 87 -0.88 3.62 3.16
C VAL A 87 -1.06 5.03 3.72
N PHE A 88 -1.51 5.11 4.97
CA PHE A 88 -1.72 6.39 5.63
C PHE A 88 -0.99 6.42 6.97
N ALA A 89 -0.64 7.62 7.42
CA ALA A 89 0.06 7.79 8.68
C ALA A 89 -0.90 8.16 9.80
N ILE A 90 -0.92 7.35 10.86
CA ILE A 90 -1.80 7.60 12.00
C ILE A 90 -1.50 8.95 12.64
N ASN A 91 -0.30 9.46 12.41
CA ASN A 91 0.11 10.75 12.96
C ASN A 91 -0.39 11.89 12.09
N ASN A 92 -0.48 11.65 10.79
CA ASN A 92 -0.93 12.66 9.84
C ASN A 92 -2.41 12.45 9.49
N THR A 93 -3.25 13.39 9.94
CA THR A 93 -4.68 13.32 9.68
C THR A 93 -4.98 13.64 8.21
N LYS A 94 -4.11 14.44 7.60
CA LYS A 94 -4.29 14.82 6.20
C LYS A 94 -4.23 13.58 5.30
N SER A 95 -3.32 12.67 5.62
CA SER A 95 -3.16 11.44 4.85
C SER A 95 -4.45 10.61 4.88
N PHE A 96 -5.18 10.71 5.98
CA PHE A 96 -6.43 9.97 6.14
C PHE A 96 -7.43 10.38 5.07
N GLU A 97 -7.67 11.68 4.95
CA GLU A 97 -8.61 12.20 3.96
C GLU A 97 -8.20 11.78 2.55
N ASP A 98 -6.90 11.57 2.34
CA ASP A 98 -6.39 11.17 1.05
C ASP A 98 -6.76 9.73 0.74
N ILE A 99 -6.85 8.90 1.79
CA ILE A 99 -7.20 7.50 1.62
C ILE A 99 -8.58 7.36 1.00
N HIS A 100 -9.45 8.32 1.29
CA HIS A 100 -10.82 8.30 0.77
C HIS A 100 -10.82 8.60 -0.73
N GLN A 101 -10.25 9.72 -1.11
CA GLN A 101 -10.19 10.12 -2.52
C GLN A 101 -9.32 9.16 -3.33
N TYR A 102 -8.32 8.58 -2.67
CA TYR A 102 -7.41 7.65 -3.34
C TYR A 102 -8.18 6.46 -3.89
N ARG A 103 -9.09 5.92 -3.09
CA ARG A 103 -9.89 4.77 -3.51
C ARG A 103 -10.79 5.13 -4.69
N GLU A 104 -11.24 6.38 -4.70
CA GLU A 104 -12.12 6.86 -5.78
C GLU A 104 -11.43 6.73 -7.14
N GLN A 105 -10.12 6.90 -7.15
CA GLN A 105 -9.34 6.81 -8.37
C GLN A 105 -9.32 5.37 -8.89
N ILE A 106 -9.21 4.41 -7.99
CA ILE A 106 -9.18 3.00 -8.35
C ILE A 106 -10.52 2.57 -8.94
N LYS A 107 -11.60 2.94 -8.27
CA LYS A 107 -12.94 2.59 -8.72
C LYS A 107 -13.18 3.07 -10.15
N ARG A 108 -12.57 4.21 -10.49
CA ARG A 108 -12.72 4.78 -11.83
C ARG A 108 -12.07 3.88 -12.87
N VAL A 109 -10.77 3.64 -12.72
CA VAL A 109 -10.04 2.80 -13.64
C VAL A 109 -10.56 1.36 -13.63
N LYS A 110 -10.63 0.78 -12.43
CA LYS A 110 -11.12 -0.59 -12.28
C LYS A 110 -12.57 -0.70 -12.72
N ASP A 111 -13.31 0.40 -12.61
CA ASP A 111 -14.71 0.42 -13.00
C ASP A 111 -15.54 -0.50 -12.12
N SER A 112 -15.29 -0.45 -10.81
CA SER A 112 -16.01 -1.28 -9.86
C SER A 112 -15.84 -0.76 -8.43
N ASP A 113 -16.82 -1.03 -7.59
CA ASP A 113 -16.78 -0.58 -6.21
C ASP A 113 -16.05 -1.59 -5.32
N ASP A 114 -16.25 -2.87 -5.62
CA ASP A 114 -15.60 -3.94 -4.87
C ASP A 114 -14.33 -4.41 -5.56
N VAL A 115 -13.21 -3.77 -5.21
CA VAL A 115 -11.92 -4.12 -5.79
C VAL A 115 -10.95 -4.63 -4.73
N PRO A 116 -9.99 -5.48 -5.12
CA PRO A 116 -9.00 -6.03 -4.20
C PRO A 116 -7.99 -4.98 -3.73
N MET A 117 -8.10 -4.60 -2.46
CA MET A 117 -7.20 -3.60 -1.87
C MET A 117 -7.16 -3.73 -0.36
N VAL A 118 -6.21 -3.03 0.26
CA VAL A 118 -6.07 -3.05 1.71
C VAL A 118 -5.61 -1.70 2.24
N LEU A 119 -6.02 -1.38 3.47
CA LEU A 119 -5.64 -0.12 4.09
C LEU A 119 -4.64 -0.34 5.21
N VAL A 120 -3.39 0.07 4.98
CA VAL A 120 -2.33 -0.09 5.98
C VAL A 120 -2.08 1.21 6.72
N GLY A 121 -1.78 1.09 8.02
CA GLY A 121 -1.52 2.26 8.83
C GLY A 121 -0.08 2.34 9.29
N ASN A 122 0.78 2.89 8.44
CA ASN A 122 2.19 3.03 8.77
C ASN A 122 2.39 3.89 10.01
N LYS A 123 3.61 3.90 10.53
CA LYS A 123 3.94 4.68 11.72
C LYS A 123 3.10 4.23 12.91
N CYS A 124 3.26 2.98 13.31
CA CYS A 124 2.52 2.44 14.45
C CYS A 124 3.38 2.37 15.70
N ASP A 125 4.61 2.88 15.60
CA ASP A 125 5.54 2.87 16.74
C ASP A 125 5.78 4.29 17.26
N LEU A 126 5.47 5.29 16.43
CA LEU A 126 5.66 6.68 16.81
C LEU A 126 5.01 6.97 18.17
N ALA A 127 5.21 8.19 18.66
CA ALA A 127 4.65 8.60 19.94
C ALA A 127 3.83 9.87 19.81
N ALA A 128 3.33 10.15 18.62
CA ALA A 128 2.54 11.34 18.37
C ALA A 128 1.45 11.07 17.32
N ARG A 129 0.57 10.12 17.62
CA ARG A 129 -0.51 9.77 16.71
C ARG A 129 -1.70 10.71 16.88
N THR A 130 -2.37 11.02 15.78
CA THR A 130 -3.53 11.90 15.81
C THR A 130 -4.81 11.13 15.49
N VAL A 131 -4.74 10.32 14.43
CA VAL A 131 -5.89 9.53 14.01
C VAL A 131 -5.83 8.12 14.60
N GLU A 132 -6.67 7.86 15.60
CA GLU A 132 -6.71 6.56 16.24
C GLU A 132 -7.18 5.49 15.27
N SER A 133 -6.93 4.23 15.62
CA SER A 133 -7.32 3.10 14.79
C SER A 133 -8.83 3.08 14.55
N ARG A 134 -9.58 3.59 15.53
CA ARG A 134 -11.03 3.64 15.43
C ARG A 134 -11.47 4.40 14.18
N GLN A 135 -10.89 5.58 13.98
CA GLN A 135 -11.22 6.41 12.83
C GLN A 135 -10.93 5.66 11.52
N ALA A 136 -9.79 4.99 11.48
CA ALA A 136 -9.39 4.24 10.28
C ALA A 136 -10.27 3.02 10.08
N GLN A 137 -10.65 2.38 11.18
CA GLN A 137 -11.50 1.18 11.12
C GLN A 137 -12.90 1.54 10.63
N ASP A 138 -13.39 2.70 11.05
CA ASP A 138 -14.72 3.15 10.65
C ASP A 138 -14.80 3.35 9.14
N LEU A 139 -13.75 3.92 8.56
CA LEU A 139 -13.71 4.16 7.12
C LEU A 139 -13.48 2.85 6.35
N ALA A 140 -12.45 2.11 6.76
CA ALA A 140 -12.12 0.84 6.11
C ALA A 140 -13.30 -0.12 6.16
N ARG A 141 -13.99 -0.14 7.29
CA ARG A 141 -15.14 -1.02 7.46
C ARG A 141 -16.23 -0.71 6.43
N SER A 142 -16.33 0.55 6.03
CA SER A 142 -17.32 0.97 5.05
C SER A 142 -16.94 0.47 3.66
N TYR A 143 -15.65 0.52 3.35
CA TYR A 143 -15.15 0.08 2.06
C TYR A 143 -15.24 -1.44 1.94
N GLY A 144 -15.27 -2.13 3.07
CA GLY A 144 -15.35 -3.57 3.06
C GLY A 144 -13.98 -4.23 2.94
N ILE A 145 -12.94 -3.47 3.21
CA ILE A 145 -11.57 -3.99 3.12
C ILE A 145 -10.93 -4.09 4.50
N PRO A 146 -9.91 -4.96 4.64
CA PRO A 146 -9.21 -5.15 5.92
C PRO A 146 -8.33 -3.96 6.27
N TYR A 147 -8.05 -3.80 7.57
CA TYR A 147 -7.21 -2.70 8.04
C TYR A 147 -6.08 -3.22 8.92
N ILE A 148 -4.85 -2.99 8.48
CA ILE A 148 -3.68 -3.43 9.22
C ILE A 148 -2.79 -2.24 9.60
N GLU A 149 -2.09 -2.37 10.72
CA GLU A 149 -1.20 -1.32 11.21
C GLU A 149 0.24 -1.80 11.24
N THR A 150 1.14 -1.02 10.64
CA THR A 150 2.56 -1.38 10.60
C THR A 150 3.43 -0.16 10.85
N SER A 151 4.74 -0.40 10.96
CA SER A 151 5.70 0.66 11.21
C SER A 151 6.93 0.51 10.31
N ALA A 152 7.24 1.55 9.55
CA ALA A 152 8.39 1.53 8.66
C ALA A 152 9.70 1.72 9.42
N LYS A 153 9.60 2.05 10.70
CA LYS A 153 10.78 2.27 11.53
C LYS A 153 11.12 1.01 12.33
N THR A 154 10.13 0.53 13.09
CA THR A 154 10.33 -0.66 13.92
C THR A 154 10.07 -1.94 13.12
N ARG A 155 9.32 -1.81 12.03
CA ARG A 155 8.99 -2.96 11.19
C ARG A 155 8.14 -3.97 11.96
N GLN A 156 6.92 -3.56 12.29
CA GLN A 156 6.00 -4.42 13.03
C GLN A 156 4.75 -4.73 12.21
N GLY A 157 4.69 -5.93 11.66
CA GLY A 157 3.53 -6.32 10.86
C GLY A 157 3.56 -5.74 9.47
N VAL A 158 4.73 -5.26 9.03
CA VAL A 158 4.88 -4.69 7.72
C VAL A 158 4.47 -5.67 6.63
N GLU A 159 5.07 -6.85 6.66
CA GLU A 159 4.77 -7.89 5.68
C GLU A 159 3.31 -8.33 5.78
N ASP A 160 2.76 -8.24 6.98
CA ASP A 160 1.35 -8.62 7.21
C ASP A 160 0.42 -7.78 6.36
N ALA A 161 0.53 -6.46 6.48
CA ALA A 161 -0.30 -5.53 5.72
C ALA A 161 -0.31 -5.89 4.23
N PHE A 162 0.85 -6.26 3.72
CA PHE A 162 0.98 -6.63 2.31
C PHE A 162 0.34 -7.98 2.04
N TYR A 163 0.64 -8.95 2.90
CA TYR A 163 0.08 -10.29 2.77
C TYR A 163 -1.44 -10.26 2.78
N THR A 164 -2.01 -9.27 3.46
CA THR A 164 -3.45 -9.13 3.56
C THR A 164 -4.06 -8.96 2.17
N LEU A 165 -3.44 -8.12 1.36
CA LEU A 165 -3.94 -7.86 0.01
C LEU A 165 -3.83 -9.11 -0.87
N VAL A 166 -2.79 -9.90 -0.65
CA VAL A 166 -2.57 -11.11 -1.42
C VAL A 166 -3.78 -12.05 -1.31
N ARG A 167 -4.36 -12.12 -0.13
CA ARG A 167 -5.52 -12.97 0.10
C ARG A 167 -6.77 -12.38 -0.56
N GLU A 168 -6.79 -11.06 -0.67
CA GLU A 168 -7.91 -10.36 -1.27
C GLU A 168 -7.94 -10.56 -2.79
N ILE A 169 -6.80 -10.31 -3.43
CA ILE A 169 -6.68 -10.46 -4.86
C ILE A 169 -7.00 -11.90 -5.30
N ARG A 170 -6.59 -12.86 -4.48
CA ARG A 170 -6.84 -14.26 -4.78
C ARG A 170 -8.34 -14.55 -4.81
N GLN A 171 -9.09 -13.89 -3.92
CA GLN A 171 -10.53 -14.08 -3.86
C GLN A 171 -11.22 -13.30 -4.96
N HIS A 172 -10.62 -12.19 -5.39
CA HIS A 172 -11.17 -11.36 -6.44
C HIS A 172 -10.27 -11.34 -7.66
PG GNP B . 9.19 11.30 -0.62
O1G GNP B . 10.65 10.96 -0.04
O2G GNP B . 8.74 10.00 -1.48
O3G GNP B . 9.15 12.54 -1.41
N3B GNP B . 8.19 11.34 0.66
PB GNP B . 8.79 10.40 1.84
O1B GNP B . 7.80 10.36 2.93
O2B GNP B . 9.22 9.11 1.24
O3A GNP B . 10.09 11.21 2.32
PA GNP B . 9.91 12.50 3.28
O1A GNP B . 8.47 12.74 3.49
O2A GNP B . 10.73 13.59 2.71
O5' GNP B . 10.57 12.01 4.66
C5' GNP B . 9.81 11.25 5.60
C4' GNP B . 10.59 11.07 6.91
O4' GNP B . 9.83 10.19 7.77
C3' GNP B . 11.90 10.33 6.61
O3' GNP B . 12.83 10.52 7.68
C2' GNP B . 11.38 8.89 6.59
O2' GNP B . 12.48 7.98 6.75
C1' GNP B . 10.58 8.97 7.89
N9 GNP B . 9.69 7.79 8.05
C8 GNP B . 9.17 7.06 7.07
N7 GNP B . 8.43 6.09 7.58
C5 GNP B . 8.46 6.20 8.91
C6 GNP B . 7.88 5.47 9.93
O6 GNP B . 7.16 4.50 9.69
N1 GNP B . 8.12 5.86 11.26
C2 GNP B . 8.94 6.97 11.50
N2 GNP B . 9.18 7.35 12.75
N3 GNP B . 9.49 7.65 10.49
C4 GNP B . 9.27 7.29 9.21
HNB3 GNP B . 7.31 10.96 0.39
H5'2 GNP B . 8.94 11.70 5.81
H5'1 GNP B . 9.61 10.34 5.23
H4' GNP B . 10.81 11.96 7.29
H3' GNP B . 12.32 10.62 5.75
HO3' GNP B . 13.00 11.50 7.79
H2' GNP B . 10.82 8.74 5.78
HO2' GNP B . 13.14 8.12 6.01
H1' GNP B . 11.21 9.02 8.67
H8 GNP B . 9.11 7.41 6.13
HN1 GNP B . 7.71 5.36 12.02
HN21 GNP B . 9.77 8.14 12.93
HN22 GNP B . 8.78 6.85 13.51
MG MG C . 9.03 8.05 -0.82
C13 KOB D . 3.46 -0.40 -15.80
C12 KOB D . 3.62 -1.48 -14.94
C11 KOB D . 3.72 -2.77 -15.47
F11 KOB D . 3.86 -3.82 -14.64
C10 KOB D . 3.66 -2.96 -16.84
C9 KOB D . 3.50 -1.88 -17.70
C8 KOB D . 3.41 -0.60 -17.17
N8 KOB D . 3.25 0.46 -17.96
C7 KOB D . 3.19 0.38 -19.29
S7 KOB D . 3.27 -1.15 -20.13
N7 KOB D . 3.04 1.51 -19.97
N6 KOB D . 2.97 2.56 -19.33
C6 KOB D . 4.02 2.99 -18.64
C5 KOB D . 3.83 3.97 -17.68
C4 KOB D . 4.82 4.23 -16.74
C3 KOB D . 6.02 3.52 -16.77
N3 KOB D . 6.95 3.74 -15.85
O3B KOB D . 8.16 2.99 -15.88
O3A KOB D . 6.74 4.70 -14.83
C2 KOB D . 6.21 2.55 -17.75
C1 KOB D . 5.23 2.28 -18.68
N1 KOB D . 5.50 1.46 -19.69
O1B KOB D . 6.73 0.75 -19.71
O1A KOB D . 4.58 1.29 -20.76
HE1 KOB D . 3.62 -3.97 -17.24
HE2 KOB D . 3.52 -1.35 -13.87
HD2 KOB D . 3.57 0.61 -15.41
HD1 KOB D . 3.76 -2.00 -18.74
HAD KOB D . 3.20 1.36 -17.54
HAC KOB D . 2.98 1.51 -20.97
HAB KOB D . 2.13 3.08 -19.33
H5 KOB D . 2.84 4.36 -17.51
H4 KOB D . 4.57 4.79 -15.85
H2 KOB D . 7.20 2.12 -17.87
N MET A 7 7.34 -18.45 -12.73
CA MET A 7 6.60 -17.97 -11.53
C MET A 7 5.58 -16.89 -11.91
N THR A 8 4.46 -16.89 -11.21
CA THR A 8 3.39 -15.94 -11.47
C THR A 8 3.86 -14.51 -11.13
N GLU A 9 3.41 -13.55 -11.94
CA GLU A 9 3.77 -12.16 -11.72
C GLU A 9 2.63 -11.40 -11.06
N TYR A 10 2.92 -10.80 -9.90
CA TYR A 10 1.91 -10.05 -9.17
C TYR A 10 2.21 -8.54 -9.21
N LYS A 11 1.15 -7.75 -9.37
CA LYS A 11 1.30 -6.30 -9.43
C LYS A 11 0.68 -5.65 -8.19
N LEU A 12 1.53 -5.30 -7.23
CA LEU A 12 1.08 -4.68 -6.00
C LEU A 12 1.13 -3.16 -6.11
N VAL A 13 0.00 -2.55 -6.42
CA VAL A 13 -0.08 -1.10 -6.56
C VAL A 13 -0.18 -0.43 -5.21
N VAL A 14 0.57 0.66 -5.04
CA VAL A 14 0.57 1.40 -3.79
C VAL A 14 0.13 2.85 -3.99
N VAL A 15 -0.54 3.39 -2.98
CA VAL A 15 -1.02 4.77 -3.04
C VAL A 15 -0.53 5.56 -1.85
N GLY A 16 -0.62 6.89 -1.92
CA GLY A 16 -0.18 7.73 -0.83
C GLY A 16 -0.90 9.06 -0.79
N ALA A 17 -0.82 9.73 0.37
CA ALA A 17 -1.47 11.02 0.54
C ALA A 17 -0.44 12.15 0.71
N GLY A 18 0.78 11.89 0.23
CA GLY A 18 1.83 12.89 0.34
C GLY A 18 2.35 13.05 1.75
N GLY A 19 2.27 11.97 2.53
CA GLY A 19 2.76 12.00 3.90
C GLY A 19 2.31 10.81 4.72
N VAL A 20 2.33 9.63 4.11
CA VAL A 20 1.92 8.41 4.79
C VAL A 20 3.06 7.39 4.87
N GLY A 21 4.17 7.68 4.20
CA GLY A 21 5.31 6.76 4.21
C GLY A 21 5.02 5.48 3.46
N LYS A 22 4.34 5.60 2.32
CA LYS A 22 4.02 4.43 1.50
C LYS A 22 5.19 4.04 0.62
N SER A 23 5.98 5.03 0.22
CA SER A 23 7.15 4.79 -0.64
C SER A 23 8.22 4.03 0.13
N ALA A 24 8.29 4.27 1.44
CA ALA A 24 9.28 3.63 2.29
C ALA A 24 8.94 2.16 2.51
N LEU A 25 7.66 1.89 2.76
CA LEU A 25 7.20 0.52 2.99
C LEU A 25 7.65 -0.41 1.87
N THR A 26 7.58 0.07 0.63
CA THR A 26 7.99 -0.72 -0.52
C THR A 26 9.49 -0.98 -0.51
N ILE A 27 10.27 0.10 -0.41
CA ILE A 27 11.71 -0.01 -0.39
C ILE A 27 12.20 -0.86 0.78
N GLN A 28 11.40 -0.90 1.85
CA GLN A 28 11.75 -1.68 3.03
C GLN A 28 11.90 -3.15 2.68
N LEU A 29 10.98 -3.65 1.87
CA LEU A 29 11.01 -5.05 1.45
C LEU A 29 12.13 -5.30 0.43
N ILE A 30 12.57 -4.24 -0.24
CA ILE A 30 13.63 -4.35 -1.23
C ILE A 30 15.02 -4.32 -0.60
N GLN A 31 15.42 -3.15 -0.11
CA GLN A 31 16.75 -3.00 0.50
C GLN A 31 16.65 -2.90 2.02
N ASN A 32 15.46 -2.61 2.53
CA ASN A 32 15.24 -2.48 3.97
C ASN A 32 15.95 -1.25 4.51
N HIS A 33 15.97 -0.18 3.72
CA HIS A 33 16.62 1.06 4.13
C HIS A 33 15.65 2.24 3.99
N PHE A 34 15.75 3.19 4.91
CA PHE A 34 14.89 4.35 4.90
C PHE A 34 15.11 5.19 3.63
N VAL A 35 14.03 5.77 3.13
CA VAL A 35 14.08 6.60 1.93
C VAL A 35 13.01 7.68 1.96
N ASP A 36 13.38 8.89 1.60
CA ASP A 36 12.45 10.02 1.59
C ASP A 36 11.75 10.13 0.23
N GLU A 37 12.54 10.24 -0.83
CA GLU A 37 12.01 10.35 -2.18
C GLU A 37 13.11 10.70 -3.17
N TYR A 38 13.99 9.73 -3.44
CA TYR A 38 15.09 9.93 -4.38
C TYR A 38 15.21 8.74 -5.34
N ASP A 39 15.56 9.04 -6.59
CA ASP A 39 15.70 8.01 -7.60
C ASP A 39 16.88 8.32 -8.53
N PRO A 40 17.92 7.47 -8.53
CA PRO A 40 19.10 7.68 -9.37
C PRO A 40 18.85 7.28 -10.83
N SER A 41 17.90 6.37 -11.03
CA SER A 41 17.55 5.91 -12.37
C SER A 41 16.37 4.95 -12.32
N ILE A 42 15.40 5.25 -11.46
CA ILE A 42 14.21 4.41 -11.31
C ILE A 42 12.95 5.25 -11.22
N GLU A 43 11.82 4.62 -11.45
CA GLU A 43 10.53 5.30 -11.40
C GLU A 43 9.82 5.02 -10.08
N ASP A 44 10.59 4.93 -9.00
CA ASP A 44 10.04 4.68 -7.68
C ASP A 44 9.33 3.32 -7.62
N SER A 45 9.70 2.42 -8.53
CA SER A 45 9.11 1.09 -8.58
C SER A 45 10.15 0.03 -8.23
N TYR A 46 9.69 -1.05 -7.61
CA TYR A 46 10.58 -2.14 -7.22
C TYR A 46 9.86 -3.48 -7.27
N ARG A 47 10.63 -4.56 -7.26
CA ARG A 47 10.06 -5.91 -7.30
C ARG A 47 10.92 -6.89 -6.53
N LYS A 48 10.33 -8.02 -6.14
CA LYS A 48 11.05 -9.04 -5.38
C LYS A 48 10.36 -10.40 -5.52
N GLN A 49 11.15 -11.46 -5.51
CA GLN A 49 10.62 -12.81 -5.63
C GLN A 49 10.59 -13.50 -4.27
N VAL A 50 9.41 -13.97 -3.88
CA VAL A 50 9.24 -14.65 -2.60
C VAL A 50 8.39 -15.91 -2.76
N VAL A 51 8.15 -16.60 -1.65
CA VAL A 51 7.37 -17.82 -1.66
C VAL A 51 6.15 -17.70 -0.75
N ILE A 52 4.98 -17.44 -1.35
CA ILE A 52 3.75 -17.30 -0.60
C ILE A 52 2.75 -18.39 -0.97
N ASP A 53 2.10 -18.95 0.04
CA ASP A 53 1.12 -20.01 -0.18
C ASP A 53 1.77 -21.24 -0.79
N GLY A 54 3.04 -21.48 -0.43
CA GLY A 54 3.76 -22.63 -0.96
C GLY A 54 3.89 -22.58 -2.47
N GLU A 55 3.90 -21.37 -3.02
CA GLU A 55 4.03 -21.19 -4.47
C GLU A 55 4.91 -19.98 -4.79
N THR A 56 6.07 -20.24 -5.39
CA THR A 56 6.99 -19.18 -5.76
C THR A 56 6.36 -18.23 -6.77
N CYS A 57 6.26 -16.96 -6.39
CA CYS A 57 5.68 -15.95 -7.27
C CYS A 57 6.40 -14.62 -7.12
N LEU A 58 6.49 -13.86 -8.21
CA LEU A 58 7.15 -12.56 -8.19
C LEU A 58 6.27 -11.49 -7.57
N LEU A 59 6.88 -10.54 -6.88
CA LEU A 59 6.15 -9.45 -6.24
C LEU A 59 6.66 -8.10 -6.70
N ASP A 60 6.03 -7.54 -7.71
CA ASP A 60 6.43 -6.24 -8.25
C ASP A 60 5.63 -5.12 -7.58
N ILE A 61 6.25 -4.48 -6.59
CA ILE A 61 5.61 -3.39 -5.87
C ILE A 61 5.62 -2.11 -6.70
N LEU A 62 4.45 -1.70 -7.16
CA LEU A 62 4.32 -0.49 -7.96
C LEU A 62 4.09 0.73 -7.08
N ASP A 63 5.08 1.62 -7.04
CA ASP A 63 4.99 2.83 -6.24
C ASP A 63 5.11 4.08 -7.11
N THR A 64 3.98 4.76 -7.31
CA THR A 64 3.95 5.96 -8.13
C THR A 64 4.54 7.15 -7.37
N ALA A 65 4.46 8.33 -7.97
CA ALA A 65 4.98 9.55 -7.35
C ALA A 65 4.02 10.06 -6.27
N GLY A 66 4.56 10.83 -5.34
CA GLY A 66 3.73 11.38 -4.27
C GLY A 66 2.62 12.27 -4.80
N GLN A 67 2.95 13.50 -5.15
CA GLN A 67 1.96 14.44 -5.68
C GLN A 67 2.50 15.18 -6.88
N GLU A 68 1.91 14.94 -8.04
CA GLU A 68 2.32 15.59 -9.28
C GLU A 68 1.35 15.29 -10.41
N GLU A 69 1.24 16.21 -11.35
CA GLU A 69 0.35 16.04 -12.49
C GLU A 69 0.73 14.82 -13.31
N TYR A 70 -0.12 13.80 -13.28
CA TYR A 70 0.13 12.58 -14.02
C TYR A 70 -1.04 11.60 -13.87
N SER A 71 -2.25 12.14 -13.84
CA SER A 71 -3.45 11.31 -13.71
C SER A 71 -3.54 10.32 -14.86
N ALA A 72 -3.02 10.72 -16.02
CA ALA A 72 -3.03 9.86 -17.19
C ALA A 72 -2.30 8.56 -16.90
N MET A 73 -1.28 8.64 -16.05
CA MET A 73 -0.50 7.47 -15.69
C MET A 73 -1.19 6.71 -14.55
N ARG A 74 -1.64 7.44 -13.54
CA ARG A 74 -2.32 6.85 -12.39
C ARG A 74 -3.41 5.89 -12.86
N ASP A 75 -4.17 6.31 -13.86
CA ASP A 75 -5.23 5.48 -14.41
C ASP A 75 -4.66 4.20 -15.01
N GLN A 76 -3.42 4.28 -15.49
CA GLN A 76 -2.76 3.13 -16.09
C GLN A 76 -2.32 2.14 -15.01
N TYR A 77 -1.64 2.65 -13.98
CA TYR A 77 -1.17 1.80 -12.89
C TYR A 77 -2.30 0.94 -12.35
N MET A 78 -3.50 1.49 -12.33
CA MET A 78 -4.67 0.78 -11.84
C MET A 78 -5.10 -0.29 -12.86
N ARG A 79 -5.11 0.09 -14.13
CA ARG A 79 -5.49 -0.82 -15.20
C ARG A 79 -4.38 -1.83 -15.49
N THR A 80 -3.18 -1.53 -15.00
CA THR A 80 -2.03 -2.41 -15.20
C THR A 80 -1.75 -3.23 -13.94
N GLY A 81 -2.44 -2.91 -12.85
CA GLY A 81 -2.24 -3.63 -11.61
C GLY A 81 -3.37 -4.58 -11.30
N GLU A 82 -3.16 -5.48 -10.35
CA GLU A 82 -4.16 -6.46 -9.95
C GLU A 82 -4.68 -6.18 -8.54
N GLY A 83 -3.97 -5.31 -7.82
CA GLY A 83 -4.38 -4.99 -6.46
C GLY A 83 -3.96 -3.58 -6.06
N PHE A 84 -4.26 -3.20 -4.82
CA PHE A 84 -3.91 -1.88 -4.33
C PHE A 84 -3.74 -1.88 -2.81
N LEU A 85 -2.76 -1.12 -2.33
CA LEU A 85 -2.50 -1.02 -0.90
C LEU A 85 -2.69 0.41 -0.40
N CYS A 86 -3.45 0.57 0.67
CA CYS A 86 -3.71 1.89 1.24
C CYS A 86 -2.89 2.11 2.50
N VAL A 87 -1.93 3.03 2.43
CA VAL A 87 -1.07 3.33 3.57
C VAL A 87 -1.51 4.62 4.25
N PHE A 88 -2.13 4.48 5.42
CA PHE A 88 -2.59 5.64 6.18
C PHE A 88 -1.73 5.83 7.44
N ALA A 89 -1.62 7.07 7.89
CA ALA A 89 -0.84 7.38 9.08
C ALA A 89 -1.73 7.50 10.30
N ILE A 90 -1.43 6.71 11.33
CA ILE A 90 -2.19 6.73 12.57
C ILE A 90 -2.01 8.05 13.32
N ASN A 91 -1.00 8.82 12.91
CA ASN A 91 -0.72 10.11 13.53
C ASN A 91 -1.36 11.25 12.75
N ASN A 92 -1.52 11.03 11.44
CA ASN A 92 -2.12 12.04 10.57
C ASN A 92 -3.56 11.68 10.24
N THR A 93 -4.50 12.40 10.83
CA THR A 93 -5.93 12.16 10.61
C THR A 93 -6.29 12.43 9.15
N LYS A 94 -5.52 13.29 8.49
CA LYS A 94 -5.77 13.64 7.09
C LYS A 94 -5.57 12.42 6.18
N SER A 95 -4.48 11.70 6.41
CA SER A 95 -4.17 10.53 5.60
C SER A 95 -5.31 9.51 5.65
N PHE A 96 -5.83 9.27 6.85
CA PHE A 96 -6.91 8.33 7.04
C PHE A 96 -8.14 8.74 6.22
N GLU A 97 -8.29 10.04 6.02
CA GLU A 97 -9.42 10.57 5.27
C GLU A 97 -9.19 10.42 3.76
N ASP A 98 -7.92 10.47 3.36
CA ASP A 98 -7.56 10.34 1.95
C ASP A 98 -7.74 8.90 1.47
N ILE A 99 -7.53 7.95 2.39
CA ILE A 99 -7.67 6.54 2.06
C ILE A 99 -9.10 6.23 1.60
N HIS A 100 -10.06 7.01 2.10
CA HIS A 100 -11.45 6.83 1.75
C HIS A 100 -11.72 7.28 0.31
N GLN A 101 -11.36 8.52 0.02
CA GLN A 101 -11.56 9.08 -1.32
C GLN A 101 -10.66 8.39 -2.34
N TYR A 102 -9.50 7.91 -1.88
CA TYR A 102 -8.56 7.24 -2.76
C TYR A 102 -9.15 5.94 -3.31
N ARG A 103 -9.89 5.23 -2.47
CA ARG A 103 -10.52 3.98 -2.89
C ARG A 103 -11.48 4.21 -4.04
N GLU A 104 -12.12 5.37 -4.05
CA GLU A 104 -13.07 5.73 -5.11
C GLU A 104 -12.41 5.63 -6.48
N GLN A 105 -11.10 5.88 -6.53
CA GLN A 105 -10.35 5.83 -7.77
C GLN A 105 -10.21 4.38 -8.25
N ILE A 106 -9.89 3.49 -7.32
CA ILE A 106 -9.72 2.09 -7.65
C ILE A 106 -11.02 1.47 -8.14
N LYS A 107 -12.08 1.66 -7.36
CA LYS A 107 -13.41 1.12 -7.71
C LYS A 107 -13.83 1.56 -9.11
N ARG A 108 -13.49 2.79 -9.48
CA ARG A 108 -13.84 3.31 -10.79
C ARG A 108 -13.13 2.53 -11.89
N VAL A 109 -11.81 2.47 -11.82
CA VAL A 109 -11.01 1.75 -12.81
C VAL A 109 -11.35 0.26 -12.79
N LYS A 110 -11.29 -0.35 -11.61
CA LYS A 110 -11.59 -1.77 -11.46
C LYS A 110 -13.06 -2.05 -11.79
N ASP A 111 -13.91 -1.04 -11.61
CA ASP A 111 -15.32 -1.18 -11.89
C ASP A 111 -15.97 -2.18 -10.94
N SER A 112 -15.63 -2.09 -9.67
CA SER A 112 -16.16 -2.99 -8.65
C SER A 112 -15.81 -2.49 -7.25
N ASP A 113 -16.76 -2.64 -6.34
CA ASP A 113 -16.56 -2.21 -4.96
C ASP A 113 -15.69 -3.21 -4.19
N ASP A 114 -15.75 -4.47 -4.61
CA ASP A 114 -14.96 -5.52 -3.96
C ASP A 114 -13.69 -5.82 -4.72
N VAL A 115 -12.65 -5.02 -4.45
CA VAL A 115 -11.36 -5.21 -5.11
C VAL A 115 -10.30 -5.69 -4.13
N PRO A 116 -9.29 -6.43 -4.62
CA PRO A 116 -8.21 -6.95 -3.77
C PRO A 116 -7.27 -5.85 -3.28
N MET A 117 -7.45 -5.42 -2.04
CA MET A 117 -6.62 -4.36 -1.48
C MET A 117 -6.48 -4.52 0.03
N VAL A 118 -5.57 -3.76 0.63
CA VAL A 118 -5.34 -3.82 2.07
C VAL A 118 -5.06 -2.44 2.63
N LEU A 119 -5.43 -2.22 3.89
CA LEU A 119 -5.21 -0.94 4.54
C LEU A 119 -4.16 -1.08 5.65
N VAL A 120 -3.03 -0.39 5.46
CA VAL A 120 -1.95 -0.44 6.44
C VAL A 120 -1.89 0.85 7.25
N GLY A 121 -1.24 0.78 8.41
CA GLY A 121 -1.13 1.94 9.27
C GLY A 121 0.31 2.24 9.65
N ASN A 122 1.04 2.89 8.75
CA ASN A 122 2.44 3.23 9.01
C ASN A 122 2.57 4.13 10.23
N LYS A 123 3.81 4.37 10.66
CA LYS A 123 4.08 5.22 11.81
C LYS A 123 3.47 4.62 13.07
N CYS A 124 3.95 3.44 13.45
CA CYS A 124 3.46 2.77 14.65
C CYS A 124 4.52 2.73 15.75
N ASP A 125 5.78 2.86 15.35
CA ASP A 125 6.89 2.84 16.30
C ASP A 125 6.68 3.88 17.42
N LEU A 126 6.81 5.15 17.06
CA LEU A 126 6.63 6.24 18.02
C LEU A 126 5.36 6.05 18.85
N ALA A 127 5.19 6.90 19.86
CA ALA A 127 4.02 6.82 20.73
C ALA A 127 3.19 8.11 20.63
N ALA A 128 2.94 8.55 19.41
CA ALA A 128 2.16 9.77 19.19
C ALA A 128 1.12 9.55 18.09
N ARG A 129 0.09 8.78 18.40
CA ARG A 129 -0.98 8.49 17.44
C ARG A 129 -2.19 9.37 17.71
N THR A 130 -2.88 9.75 16.64
CA THR A 130 -4.07 10.59 16.75
C THR A 130 -5.33 9.78 16.45
N VAL A 131 -5.30 9.05 15.35
CA VAL A 131 -6.43 8.23 14.95
C VAL A 131 -6.37 6.85 15.61
N GLU A 132 -7.20 6.65 16.63
CA GLU A 132 -7.24 5.38 17.36
C GLU A 132 -7.45 4.20 16.40
N SER A 133 -7.13 3.00 16.87
CA SER A 133 -7.27 1.81 16.06
C SER A 133 -8.74 1.55 15.72
N ARG A 134 -9.62 1.84 16.67
CA ARG A 134 -11.06 1.65 16.47
C ARG A 134 -11.55 2.42 15.25
N GLN A 135 -11.18 3.71 15.19
CA GLN A 135 -11.59 4.56 14.07
C GLN A 135 -11.07 4.00 12.75
N ALA A 136 -9.82 3.58 12.74
CA ALA A 136 -9.21 3.03 11.54
C ALA A 136 -9.87 1.71 11.13
N GLN A 137 -10.26 0.92 12.13
CA GLN A 137 -10.90 -0.37 11.88
C GLN A 137 -12.35 -0.17 11.46
N ASP A 138 -12.97 0.90 11.96
CA ASP A 138 -14.36 1.21 11.63
C ASP A 138 -14.53 1.41 10.13
N LEU A 139 -13.51 1.98 9.50
CA LEU A 139 -13.55 2.22 8.05
C LEU A 139 -13.20 0.95 7.28
N ALA A 140 -12.08 0.34 7.64
CA ALA A 140 -11.62 -0.88 6.98
C ALA A 140 -12.68 -1.98 7.07
N ARG A 141 -13.32 -2.08 8.23
CA ARG A 141 -14.35 -3.09 8.45
C ARG A 141 -15.51 -2.89 7.48
N SER A 142 -15.77 -1.64 7.12
CA SER A 142 -16.85 -1.32 6.19
C SER A 142 -16.48 -1.73 4.77
N TYR A 143 -15.22 -1.55 4.41
CA TYR A 143 -14.74 -1.90 3.08
C TYR A 143 -14.68 -3.41 2.91
N GLY A 144 -14.56 -4.13 4.03
CA GLY A 144 -14.49 -5.58 3.97
C GLY A 144 -13.09 -6.08 3.73
N ILE A 145 -12.10 -5.23 3.95
CA ILE A 145 -10.70 -5.59 3.75
C ILE A 145 -9.95 -5.65 5.09
N PRO A 146 -8.84 -6.40 5.14
CA PRO A 146 -8.03 -6.54 6.35
C PRO A 146 -7.30 -5.25 6.71
N TYR A 147 -6.97 -5.09 7.98
CA TYR A 147 -6.26 -3.90 8.45
C TYR A 147 -5.01 -4.28 9.22
N ILE A 148 -3.87 -3.76 8.78
CA ILE A 148 -2.60 -4.04 9.43
C ILE A 148 -1.87 -2.74 9.79
N GLU A 149 -0.86 -2.86 10.66
CA GLU A 149 -0.09 -1.69 11.08
C GLU A 149 1.42 -2.00 11.01
N THR A 150 2.18 -1.02 10.53
CA THR A 150 3.63 -1.20 10.42
C THR A 150 4.36 0.12 10.67
N SER A 151 5.68 0.08 10.55
CA SER A 151 6.51 1.27 10.77
C SER A 151 7.73 1.25 9.85
N ALA A 152 7.87 2.29 9.04
CA ALA A 152 8.99 2.39 8.11
C ALA A 152 10.28 2.74 8.83
N LYS A 153 10.18 3.07 10.12
CA LYS A 153 11.36 3.43 10.91
C LYS A 153 11.94 2.20 11.61
N THR A 154 11.07 1.43 12.25
CA THR A 154 11.49 0.23 12.97
C THR A 154 11.32 -1.02 12.09
N ARG A 155 10.53 -0.90 11.04
CA ARG A 155 10.30 -2.02 10.13
C ARG A 155 9.57 -3.15 10.85
N GLN A 156 8.37 -2.86 11.35
CA GLN A 156 7.58 -3.85 12.07
C GLN A 156 6.35 -4.25 11.26
N GLY A 157 6.22 -5.54 10.98
CA GLY A 157 5.08 -6.03 10.22
C GLY A 157 5.00 -5.42 8.84
N VAL A 158 6.10 -4.84 8.36
CA VAL A 158 6.15 -4.23 7.06
C VAL A 158 5.76 -5.23 5.96
N GLU A 159 6.43 -6.37 5.95
CA GLU A 159 6.15 -7.40 4.97
C GLU A 159 4.72 -7.93 5.12
N ASP A 160 4.20 -7.85 6.33
CA ASP A 160 2.85 -8.32 6.63
C ASP A 160 1.83 -7.64 5.72
N ALA A 161 1.93 -6.32 5.61
CA ALA A 161 1.03 -5.55 4.77
C ALA A 161 1.06 -6.04 3.33
N PHE A 162 2.26 -6.35 2.84
CA PHE A 162 2.42 -6.82 1.47
C PHE A 162 1.91 -8.25 1.32
N TYR A 163 2.35 -9.14 2.22
CA TYR A 163 1.94 -10.53 2.18
C TYR A 163 0.42 -10.65 2.23
N THR A 164 -0.21 -9.82 3.04
CA THR A 164 -1.66 -9.82 3.18
C THR A 164 -2.32 -9.50 1.84
N LEU A 165 -1.69 -8.62 1.06
CA LEU A 165 -2.21 -8.24 -0.24
C LEU A 165 -2.16 -9.42 -1.20
N VAL A 166 -1.14 -10.25 -1.07
CA VAL A 166 -0.98 -11.41 -1.93
C VAL A 166 -2.14 -12.38 -1.75
N ARG A 167 -2.43 -12.75 -0.51
CA ARG A 167 -3.52 -13.67 -0.20
C ARG A 167 -4.85 -13.10 -0.67
N GLU A 168 -4.95 -11.77 -0.70
CA GLU A 168 -6.17 -11.09 -1.12
C GLU A 168 -6.36 -11.21 -2.63
N ILE A 169 -5.36 -10.78 -3.39
CA ILE A 169 -5.41 -10.82 -4.84
C ILE A 169 -5.58 -12.25 -5.34
N ARG A 170 -4.90 -13.18 -4.68
CA ARG A 170 -4.97 -14.60 -5.06
C ARG A 170 -6.42 -15.07 -5.15
N GLN A 171 -7.22 -14.70 -4.16
CA GLN A 171 -8.62 -15.09 -4.12
C GLN A 171 -9.36 -14.55 -5.35
N HIS A 172 -9.11 -13.29 -5.69
CA HIS A 172 -9.75 -12.67 -6.83
C HIS A 172 -9.00 -12.99 -8.12
PG GNP B . 6.21 12.32 -0.96
O1G GNP B . 6.91 13.72 -1.35
O2G GNP B . 6.69 11.27 -2.10
O3G GNP B . 4.74 12.41 -0.85
N3B GNP B . 6.92 11.84 0.41
PB GNP B . 6.10 10.56 1.01
O1B GNP B . 4.66 10.87 0.91
O2B GNP B . 6.61 9.33 0.36
O3A GNP B . 6.54 10.56 2.56
PA GNP B . 7.97 9.99 3.00
O1A GNP B . 8.96 10.36 1.96
O2A GNP B . 7.80 8.55 3.33
O5' GNP B . 8.29 10.80 4.35
C5' GNP B . 7.77 10.33 5.60
C4' GNP B . 8.23 11.22 6.75
O4' GNP B . 7.83 10.63 8.00
C3' GNP B . 9.77 11.21 6.81
O3' GNP B . 10.25 12.19 7.73
C2' GNP B . 9.96 9.80 7.38
O2' GNP B . 11.27 9.67 7.91
C1' GNP B . 8.94 9.88 8.51
N9 GNP B . 8.53 8.52 8.94
C8 GNP B . 8.00 7.58 8.16
N7 GNP B . 7.76 6.49 8.87
C5 GNP B . 8.13 6.73 10.12
C6 GNP B . 8.10 5.97 11.29
O6 GNP B . 7.67 4.81 11.27
N1 GNP B . 8.59 6.53 12.48
C2 GNP B . 9.07 7.84 12.46
N2 GNP B . 9.53 8.40 13.59
N3 GNP B . 9.08 8.55 11.32
C4 GNP B . 8.62 8.03 10.17
HNB3 GNP B . 6.85 12.58 1.07
H5'2 GNP B . 6.78 10.33 5.59
H5'1 GNP B . 8.08 9.40 5.78
H4' GNP B . 7.94 12.16 6.60
H3' GNP B . 10.19 11.35 5.92
HO3' GNP B . 9.90 11.99 8.64
H2' GNP B . 9.71 9.13 6.68
HO2' GNP B . 11.33 8.84 8.46
H1' GNP B . 9.35 10.35 9.29
H8 GNP B . 7.59 7.82 7.28
HN1 GNP B . 8.58 6.00 13.33
HN21 GNP B . 9.88 9.33 13.58
HN22 GNP B . 9.53 7.87 14.44
MG MG C . 6.53 9.23 -1.95
C13 KOB D . 3.36 1.56 -17.14
C12 KOB D . 3.55 0.22 -16.81
C11 KOB D . 3.29 -0.22 -15.52
F11 KOB D . 3.48 -1.52 -15.21
C10 KOB D . 2.86 0.67 -14.56
C9 KOB D . 2.68 2.01 -14.88
C8 KOB D . 2.92 2.46 -16.17
N8 KOB D . 2.74 3.74 -16.45
C7 KOB D . 2.96 4.24 -17.67
S7 KOB D . 3.52 3.23 -18.98
N7 KOB D . 2.76 5.54 -17.89
N6 KOB D . 2.96 6.01 -19.01
C6 KOB D . 2.14 5.68 -20.00
C5 KOB D . 1.09 4.81 -19.78
C4 KOB D . 0.24 4.46 -20.82
C3 KOB D . 0.44 4.98 -22.08
N3 KOB D . -0.37 4.64 -23.08
O3B KOB D . -0.16 5.17 -24.39
O3A KOB D . -1.45 3.74 -22.85
C2 KOB D . 1.50 5.86 -22.32
C1 KOB D . 2.35 6.20 -21.27
N1 KOB D . 3.37 7.04 -21.51
O1B KOB D . 4.25 7.39 -20.45
O1A KOB D . 3.57 7.57 -22.81
HE1 KOB D . 2.71 0.34 -13.54
HE2 KOB D . 3.91 -0.47 -17.56
HD2 KOB D . 3.36 1.85 -18.18
HD1 KOB D . 2.18 2.67 -14.17
HAD KOB D . 2.43 4.36 -15.72
HAC KOB D . 2.45 6.13 -17.14
HAB KOB D . 3.72 6.64 -19.16
H5 KOB D . 0.96 4.36 -18.80
H4 KOB D . -0.48 3.66 -20.68
H2 KOB D . 1.53 6.41 -23.25
N MET A 7 7.53 -17.16 -13.63
CA MET A 7 6.82 -16.66 -12.42
C MET A 7 5.63 -15.80 -12.81
N THR A 8 4.85 -15.39 -11.81
CA THR A 8 3.68 -14.55 -12.04
C THR A 8 3.99 -13.08 -11.78
N GLU A 9 3.32 -12.20 -12.50
CA GLU A 9 3.52 -10.76 -12.34
C GLU A 9 2.47 -10.16 -11.42
N TYR A 10 2.92 -9.60 -10.29
CA TYR A 10 2.01 -8.99 -9.33
C TYR A 10 2.17 -7.48 -9.31
N LYS A 11 1.21 -6.78 -9.89
CA LYS A 11 1.25 -5.32 -9.93
C LYS A 11 0.69 -4.73 -8.64
N LEU A 12 1.58 -4.34 -7.74
CA LEU A 12 1.18 -3.77 -6.47
C LEU A 12 1.04 -2.25 -6.56
N VAL A 13 -0.19 -1.77 -6.67
CA VAL A 13 -0.45 -0.35 -6.76
C VAL A 13 -0.60 0.28 -5.38
N VAL A 14 0.39 1.08 -4.98
CA VAL A 14 0.37 1.72 -3.68
C VAL A 14 -0.30 3.09 -3.76
N VAL A 15 -1.11 3.41 -2.76
CA VAL A 15 -1.80 4.69 -2.72
C VAL A 15 -1.75 5.29 -1.31
N GLY A 16 -1.73 6.62 -1.23
CA GLY A 16 -1.70 7.29 0.05
C GLY A 16 -1.43 8.78 -0.06
N ALA A 17 -1.50 9.48 1.06
CA ALA A 17 -1.27 10.92 1.08
C ALA A 17 0.20 11.24 1.31
N GLY A 18 0.62 12.43 0.88
CA GLY A 18 2.00 12.84 1.05
C GLY A 18 2.42 12.89 2.52
N GLY A 19 3.21 11.91 2.94
CA GLY A 19 3.67 11.86 4.32
C GLY A 19 3.30 10.56 5.00
N VAL A 20 2.32 9.86 4.47
CA VAL A 20 1.87 8.58 5.03
C VAL A 20 3.04 7.62 5.20
N GLY A 21 4.08 7.79 4.39
CA GLY A 21 5.24 6.92 4.45
C GLY A 21 5.10 5.70 3.57
N LYS A 22 4.30 5.82 2.52
CA LYS A 22 4.09 4.72 1.59
C LYS A 22 5.40 4.31 0.91
N SER A 23 6.25 5.30 0.64
CA SER A 23 7.53 5.05 0.00
C SER A 23 8.49 4.36 0.96
N ALA A 24 8.38 4.69 2.24
CA ALA A 24 9.24 4.11 3.27
C ALA A 24 9.01 2.60 3.38
N LEU A 25 7.76 2.20 3.61
CA LEU A 25 7.42 0.80 3.75
C LEU A 25 7.83 0.01 2.50
N THR A 26 7.82 0.69 1.35
CA THR A 26 8.19 0.05 0.10
C THR A 26 9.65 -0.38 0.11
N ILE A 27 10.54 0.60 0.30
CA ILE A 27 11.98 0.32 0.33
C ILE A 27 12.31 -0.78 1.33
N GLN A 28 11.52 -0.88 2.38
CA GLN A 28 11.73 -1.89 3.42
C GLN A 28 11.62 -3.29 2.83
N LEU A 29 10.56 -3.54 2.08
CA LEU A 29 10.35 -4.84 1.45
C LEU A 29 11.25 -5.03 0.22
N ILE A 30 11.92 -3.95 -0.20
CA ILE A 30 12.80 -4.01 -1.35
C ILE A 30 14.25 -4.21 -0.93
N GLN A 31 14.85 -3.16 -0.38
CA GLN A 31 16.24 -3.22 0.05
C GLN A 31 16.35 -3.35 1.58
N ASN A 32 15.23 -3.15 2.28
CA ASN A 32 15.21 -3.24 3.73
C ASN A 32 16.04 -2.14 4.35
N HIS A 33 15.56 -0.91 4.25
CA HIS A 33 16.26 0.25 4.81
C HIS A 33 15.44 1.52 4.62
N PHE A 34 15.62 2.48 5.52
CA PHE A 34 14.89 3.74 5.44
C PHE A 34 15.22 4.46 4.13
N VAL A 35 14.21 5.08 3.53
CA VAL A 35 14.39 5.81 2.28
C VAL A 35 15.49 6.85 2.40
N ASP A 36 16.62 6.57 1.75
CA ASP A 36 17.75 7.49 1.79
C ASP A 36 18.75 7.16 0.69
N GLU A 37 18.25 6.62 -0.41
CA GLU A 37 19.09 6.25 -1.54
C GLU A 37 18.27 5.59 -2.64
N TYR A 38 17.74 6.40 -3.55
CA TYR A 38 16.93 5.89 -4.65
C TYR A 38 17.30 6.58 -5.95
N ASP A 39 16.80 6.04 -7.06
CA ASP A 39 17.07 6.60 -8.38
C ASP A 39 16.08 7.70 -8.72
N PRO A 40 16.54 8.96 -8.78
CA PRO A 40 15.68 10.11 -9.10
C PRO A 40 15.33 10.19 -10.58
N SER A 41 16.04 9.42 -11.39
CA SER A 41 15.81 9.40 -12.84
C SER A 41 14.35 9.07 -13.15
N ILE A 42 13.93 7.89 -12.75
CA ILE A 42 12.56 7.44 -12.97
C ILE A 42 11.73 7.49 -11.70
N GLU A 43 10.46 7.10 -11.79
CA GLU A 43 9.57 7.11 -10.63
C GLU A 43 10.18 6.32 -9.47
N ASP A 44 9.51 6.37 -8.32
CA ASP A 44 9.99 5.68 -7.13
C ASP A 44 9.39 4.27 -7.05
N SER A 45 9.43 3.54 -8.16
CA SER A 45 8.89 2.19 -8.20
C SER A 45 10.01 1.17 -8.08
N TYR A 46 9.68 -0.01 -7.55
CA TYR A 46 10.67 -1.08 -7.36
C TYR A 46 10.02 -2.45 -7.53
N ARG A 47 10.84 -3.45 -7.77
CA ARG A 47 10.35 -4.82 -7.95
C ARG A 47 11.29 -5.83 -7.30
N LYS A 48 10.76 -6.98 -6.92
CA LYS A 48 11.54 -8.03 -6.29
C LYS A 48 10.92 -9.39 -6.51
N GLN A 49 11.75 -10.42 -6.59
CA GLN A 49 11.29 -11.78 -6.80
C GLN A 49 11.34 -12.58 -5.51
N VAL A 50 10.18 -13.04 -5.06
CA VAL A 50 10.09 -13.82 -3.82
C VAL A 50 9.29 -15.10 -4.04
N VAL A 51 9.11 -15.86 -2.96
CA VAL A 51 8.36 -17.11 -3.03
C VAL A 51 7.13 -17.06 -2.14
N ILE A 52 5.97 -16.86 -2.74
CA ILE A 52 4.71 -16.79 -2.00
C ILE A 52 3.82 -17.99 -2.31
N ASP A 53 3.24 -18.58 -1.27
CA ASP A 53 2.37 -19.73 -1.44
C ASP A 53 3.15 -20.95 -1.93
N GLY A 54 4.48 -20.90 -1.78
CA GLY A 54 5.30 -22.02 -2.22
C GLY A 54 5.79 -21.87 -3.65
N GLU A 55 5.13 -21.01 -4.42
CA GLU A 55 5.51 -20.79 -5.81
C GLU A 55 6.23 -19.46 -5.98
N THR A 56 7.12 -19.40 -6.96
CA THR A 56 7.88 -18.19 -7.23
C THR A 56 7.03 -17.17 -7.98
N CYS A 57 7.00 -15.94 -7.47
CA CYS A 57 6.23 -14.87 -8.09
C CYS A 57 6.94 -13.53 -7.98
N LEU A 58 6.72 -12.67 -8.96
CA LEU A 58 7.35 -11.35 -8.97
C LEU A 58 6.58 -10.38 -8.08
N LEU A 59 7.28 -9.36 -7.57
CA LEU A 59 6.65 -8.37 -6.70
C LEU A 59 7.04 -6.97 -7.12
N ASP A 60 6.31 -6.40 -8.06
CA ASP A 60 6.58 -5.05 -8.55
C ASP A 60 5.79 -4.02 -7.75
N ILE A 61 6.44 -3.42 -6.76
CA ILE A 61 5.79 -2.42 -5.92
C ILE A 61 5.91 -1.03 -6.54
N LEU A 62 4.80 -0.50 -7.02
CA LEU A 62 4.77 0.82 -7.64
C LEU A 62 4.53 1.90 -6.59
N ASP A 63 5.33 2.96 -6.64
CA ASP A 63 5.20 4.06 -5.70
C ASP A 63 4.94 5.36 -6.44
N THR A 64 3.70 5.84 -6.40
CA THR A 64 3.33 7.09 -7.06
C THR A 64 3.86 8.28 -6.27
N ALA A 65 3.50 9.48 -6.68
CA ALA A 65 3.93 10.69 -6.00
C ALA A 65 2.75 11.55 -5.58
N GLY A 66 2.99 12.47 -4.66
CA GLY A 66 1.93 13.35 -4.20
C GLY A 66 1.96 14.70 -4.89
N GLN A 67 2.59 14.75 -6.06
CA GLN A 67 2.70 15.99 -6.83
C GLN A 67 2.94 15.68 -8.29
N GLU A 68 3.90 14.79 -8.55
CA GLU A 68 4.23 14.41 -9.92
C GLU A 68 3.79 12.97 -10.19
N GLU A 69 3.33 12.71 -11.41
CA GLU A 69 2.88 11.38 -11.79
C GLU A 69 1.92 10.81 -10.75
N TYR A 70 0.69 11.32 -10.76
CA TYR A 70 -0.32 10.87 -9.81
C TYR A 70 -1.70 11.44 -10.17
N SER A 71 -2.70 11.13 -9.37
CA SER A 71 -4.06 11.60 -9.60
C SER A 71 -4.50 11.32 -11.03
N ALA A 72 -4.17 12.24 -11.94
CA ALA A 72 -4.53 12.08 -13.34
C ALA A 72 -3.93 10.80 -13.91
N MET A 73 -2.68 10.54 -13.54
CA MET A 73 -1.98 9.34 -14.00
C MET A 73 -2.33 8.14 -13.12
N ARG A 74 -2.67 8.42 -11.87
CA ARG A 74 -3.04 7.37 -10.92
C ARG A 74 -4.10 6.45 -11.49
N ASP A 75 -5.18 7.04 -12.01
CA ASP A 75 -6.28 6.27 -12.59
C ASP A 75 -5.75 5.25 -13.59
N GLN A 76 -4.65 5.59 -14.25
CA GLN A 76 -4.05 4.71 -15.24
C GLN A 76 -3.43 3.48 -14.56
N TYR A 77 -2.68 3.72 -13.49
CA TYR A 77 -2.05 2.64 -12.75
C TYR A 77 -3.09 1.66 -12.21
N MET A 78 -4.33 2.13 -12.08
CA MET A 78 -5.42 1.30 -11.58
C MET A 78 -5.84 0.29 -12.64
N ARG A 79 -5.93 0.75 -13.89
CA ARG A 79 -6.32 -0.11 -15.00
C ARG A 79 -5.17 -1.03 -15.42
N THR A 80 -3.96 -0.69 -15.00
CA THR A 80 -2.79 -1.48 -15.33
C THR A 80 -2.37 -2.37 -14.15
N GLY A 81 -2.89 -2.07 -12.97
CA GLY A 81 -2.56 -2.84 -11.80
C GLY A 81 -3.57 -3.94 -11.52
N GLU A 82 -3.17 -4.91 -10.70
CA GLU A 82 -4.04 -6.02 -10.34
C GLU A 82 -4.62 -5.85 -8.94
N GLY A 83 -4.03 -4.95 -8.15
CA GLY A 83 -4.50 -4.71 -6.80
C GLY A 83 -4.23 -3.30 -6.33
N PHE A 84 -4.44 -3.06 -5.04
CA PHE A 84 -4.20 -1.73 -4.47
C PHE A 84 -3.90 -1.83 -2.97
N LEU A 85 -2.92 -1.06 -2.53
CA LEU A 85 -2.53 -1.05 -1.13
C LEU A 85 -2.64 0.35 -0.54
N CYS A 86 -3.43 0.49 0.52
CA CYS A 86 -3.62 1.78 1.18
C CYS A 86 -2.68 1.94 2.37
N VAL A 87 -1.84 2.96 2.30
CA VAL A 87 -0.88 3.23 3.38
C VAL A 87 -1.23 4.51 4.10
N PHE A 88 -1.55 4.41 5.39
CA PHE A 88 -1.89 5.57 6.20
C PHE A 88 -1.19 5.53 7.55
N ALA A 89 -0.83 6.70 8.06
CA ALA A 89 -0.15 6.80 9.34
C ALA A 89 -1.15 6.95 10.48
N ILE A 90 -1.09 6.05 11.45
CA ILE A 90 -1.99 6.09 12.59
C ILE A 90 -1.89 7.41 13.34
N ASN A 91 -0.72 8.05 13.26
CA ASN A 91 -0.49 9.33 13.93
C ASN A 91 -1.19 10.47 13.18
N ASN A 92 -1.40 10.27 11.89
CA ASN A 92 -2.06 11.29 11.06
C ASN A 92 -3.48 10.87 10.71
N THR A 93 -4.46 11.60 11.23
CA THR A 93 -5.86 11.31 10.97
C THR A 93 -6.24 11.67 9.54
N LYS A 94 -5.53 12.63 8.96
CA LYS A 94 -5.80 13.07 7.60
C LYS A 94 -5.58 11.92 6.61
N SER A 95 -4.50 11.17 6.81
CA SER A 95 -4.19 10.04 5.94
C SER A 95 -5.32 9.00 5.97
N PHE A 96 -5.88 8.79 7.15
CA PHE A 96 -6.97 7.82 7.32
C PHE A 96 -8.17 8.20 6.44
N GLU A 97 -8.31 9.50 6.18
CA GLU A 97 -9.42 9.99 5.36
C GLU A 97 -9.23 9.59 3.90
N ASP A 98 -7.99 9.71 3.42
CA ASP A 98 -7.67 9.37 2.03
C ASP A 98 -7.98 7.91 1.75
N ILE A 99 -7.79 7.05 2.75
CA ILE A 99 -8.04 5.63 2.61
C ILE A 99 -9.51 5.37 2.26
N HIS A 100 -10.38 6.30 2.64
CA HIS A 100 -11.81 6.17 2.38
C HIS A 100 -12.11 6.52 0.92
N GLN A 101 -11.71 7.72 0.51
CA GLN A 101 -11.95 8.18 -0.86
C GLN A 101 -11.20 7.32 -1.86
N TYR A 102 -10.05 6.79 -1.44
CA TYR A 102 -9.24 5.95 -2.32
C TYR A 102 -10.02 4.72 -2.77
N ARG A 103 -10.80 4.16 -1.85
CA ARG A 103 -11.61 2.97 -2.15
C ARG A 103 -12.61 3.27 -3.26
N GLU A 104 -13.16 4.48 -3.27
CA GLU A 104 -14.13 4.88 -4.27
C GLU A 104 -13.46 5.00 -5.64
N GLN A 105 -12.23 5.51 -5.67
CA GLN A 105 -11.50 5.68 -6.92
C GLN A 105 -11.29 4.34 -7.61
N ILE A 106 -10.91 3.33 -6.84
CA ILE A 106 -10.68 2.00 -7.38
C ILE A 106 -11.96 1.40 -7.96
N LYS A 107 -13.04 1.48 -7.19
CA LYS A 107 -14.33 0.95 -7.63
C LYS A 107 -14.74 1.56 -8.97
N ARG A 108 -14.42 2.84 -9.16
CA ARG A 108 -14.77 3.53 -10.40
C ARG A 108 -13.99 2.97 -11.57
N VAL A 109 -12.66 3.02 -11.47
CA VAL A 109 -11.78 2.51 -12.52
C VAL A 109 -12.07 1.04 -12.79
N LYS A 110 -11.80 0.21 -11.79
CA LYS A 110 -12.02 -1.22 -11.90
C LYS A 110 -13.48 -1.53 -12.22
N ASP A 111 -14.37 -0.63 -11.83
CA ASP A 111 -15.80 -0.81 -12.07
C ASP A 111 -16.30 -2.09 -11.41
N SER A 112 -16.04 -2.23 -10.12
CA SER A 112 -16.46 -3.41 -9.37
C SER A 112 -16.15 -3.25 -7.89
N ASP A 113 -17.07 -3.72 -7.04
CA ASP A 113 -16.89 -3.63 -5.61
C ASP A 113 -15.86 -4.65 -5.13
N ASP A 114 -15.79 -5.78 -5.82
CA ASP A 114 -14.86 -6.84 -5.46
C ASP A 114 -13.49 -6.59 -6.09
N VAL A 115 -12.60 -5.97 -5.32
CA VAL A 115 -11.26 -5.68 -5.79
C VAL A 115 -10.21 -6.08 -4.75
N PRO A 116 -9.13 -6.71 -5.20
CA PRO A 116 -8.04 -7.16 -4.30
C PRO A 116 -7.21 -5.99 -3.79
N MET A 117 -7.46 -5.59 -2.56
CA MET A 117 -6.73 -4.50 -1.94
C MET A 117 -6.52 -4.74 -0.45
N VAL A 118 -5.56 -4.02 0.13
CA VAL A 118 -5.26 -4.16 1.55
C VAL A 118 -4.91 -2.81 2.18
N LEU A 119 -5.29 -2.65 3.43
CA LEU A 119 -5.02 -1.41 4.15
C LEU A 119 -3.91 -1.62 5.20
N VAL A 120 -2.77 -0.97 4.98
CA VAL A 120 -1.64 -1.09 5.88
C VAL A 120 -1.55 0.12 6.81
N GLY A 121 -1.10 -0.12 8.04
CA GLY A 121 -0.96 0.96 9.00
C GLY A 121 0.48 1.39 9.19
N ASN A 122 0.91 2.37 8.41
CA ASN A 122 2.29 2.87 8.49
C ASN A 122 2.51 3.60 9.81
N LYS A 123 3.78 3.67 10.23
CA LYS A 123 4.14 4.33 11.48
C LYS A 123 3.44 3.69 12.67
N CYS A 124 3.91 2.52 13.07
CA CYS A 124 3.34 1.79 14.20
C CYS A 124 4.15 2.01 15.47
N ASP A 125 5.41 2.41 15.31
CA ASP A 125 6.29 2.65 16.44
C ASP A 125 6.06 4.03 17.04
N LEU A 126 5.53 4.95 16.24
CA LEU A 126 5.26 6.31 16.69
C LEU A 126 4.53 6.31 18.04
N ALA A 127 4.93 7.24 18.91
CA ALA A 127 4.31 7.33 20.24
C ALA A 127 3.21 8.38 20.25
N ALA A 128 2.60 8.61 19.09
CA ALA A 128 1.51 9.58 18.97
C ALA A 128 0.45 9.08 18.01
N ARG A 129 -0.28 8.06 18.42
CA ARG A 129 -1.35 7.49 17.60
C ARG A 129 -2.66 8.24 17.80
N THR A 130 -3.12 8.91 16.74
CA THR A 130 -4.36 9.65 16.79
C THR A 130 -5.55 8.77 16.43
N VAL A 131 -5.43 8.05 15.32
CA VAL A 131 -6.48 7.16 14.86
C VAL A 131 -6.32 5.78 15.48
N GLU A 132 -7.05 5.54 16.57
CA GLU A 132 -6.99 4.26 17.26
C GLU A 132 -7.27 3.10 16.30
N SER A 133 -6.81 1.91 16.67
CA SER A 133 -7.01 0.73 15.83
C SER A 133 -8.49 0.47 15.59
N ARG A 134 -9.32 0.87 16.54
CA ARG A 134 -10.76 0.69 16.43
C ARG A 134 -11.31 1.38 15.18
N GLN A 135 -10.90 2.63 14.98
CA GLN A 135 -11.35 3.40 13.82
C GLN A 135 -10.79 2.80 12.53
N ALA A 136 -9.53 2.40 12.57
CA ALA A 136 -8.87 1.82 11.41
C ALA A 136 -9.48 0.46 11.06
N GLN A 137 -9.93 -0.26 12.08
CA GLN A 137 -10.53 -1.58 11.89
C GLN A 137 -11.98 -1.45 11.43
N ASP A 138 -12.70 -0.50 12.03
CA ASP A 138 -14.10 -0.28 11.69
C ASP A 138 -14.24 0.10 10.21
N LEU A 139 -13.25 0.80 9.70
CA LEU A 139 -13.26 1.22 8.30
C LEU A 139 -12.89 0.06 7.38
N ALA A 140 -11.78 -0.60 7.67
CA ALA A 140 -11.32 -1.73 6.88
C ALA A 140 -12.32 -2.88 6.94
N ARG A 141 -12.76 -3.20 8.15
CA ARG A 141 -13.72 -4.29 8.35
C ARG A 141 -15.00 -4.04 7.54
N SER A 142 -15.34 -2.77 7.35
CA SER A 142 -16.53 -2.41 6.59
C SER A 142 -16.32 -2.65 5.10
N TYR A 143 -15.10 -2.40 4.62
CA TYR A 143 -14.77 -2.60 3.22
C TYR A 143 -14.65 -4.08 2.89
N GLY A 144 -14.39 -4.89 3.92
CA GLY A 144 -14.25 -6.32 3.70
C GLY A 144 -12.82 -6.70 3.35
N ILE A 145 -11.88 -5.80 3.60
CA ILE A 145 -10.48 -6.06 3.31
C ILE A 145 -9.66 -6.22 4.60
N PRO A 146 -8.51 -6.91 4.52
CA PRO A 146 -7.64 -7.13 5.67
C PRO A 146 -6.94 -5.86 6.14
N TYR A 147 -6.49 -5.86 7.38
CA TYR A 147 -5.80 -4.71 7.94
C TYR A 147 -4.53 -5.14 8.69
N ILE A 148 -3.38 -4.66 8.21
CA ILE A 148 -2.11 -4.99 8.83
C ILE A 148 -1.39 -3.73 9.29
N GLU A 149 -0.59 -3.87 10.35
CA GLU A 149 0.16 -2.74 10.89
C GLU A 149 1.65 -2.92 10.66
N THR A 150 2.30 -1.88 10.14
CA THR A 150 3.74 -1.93 9.86
C THR A 150 4.41 -0.62 10.26
N SER A 151 5.73 -0.68 10.46
CA SER A 151 6.50 0.50 10.84
C SER A 151 7.74 0.64 9.96
N ALA A 152 7.83 1.77 9.26
CA ALA A 152 8.97 2.03 8.39
C ALA A 152 10.22 2.38 9.18
N LYS A 153 10.05 2.67 10.46
CA LYS A 153 11.18 3.03 11.32
C LYS A 153 11.75 1.80 12.03
N THR A 154 10.87 1.03 12.67
CA THR A 154 11.28 -0.17 13.39
C THR A 154 11.31 -1.39 12.48
N ARG A 155 10.57 -1.31 11.37
CA ARG A 155 10.52 -2.42 10.42
C ARG A 155 9.86 -3.65 11.06
N GLN A 156 8.56 -3.54 11.32
CA GLN A 156 7.82 -4.63 11.94
C GLN A 156 6.61 -5.01 11.09
N GLY A 157 6.61 -6.23 10.57
CA GLY A 157 5.51 -6.70 9.75
C GLY A 157 5.40 -5.96 8.43
N VAL A 158 6.44 -5.22 8.07
CA VAL A 158 6.47 -4.47 6.83
C VAL A 158 6.11 -5.35 5.64
N GLU A 159 6.85 -6.44 5.47
CA GLU A 159 6.61 -7.38 4.37
C GLU A 159 5.28 -8.09 4.55
N ASP A 160 4.84 -8.22 5.80
CA ASP A 160 3.58 -8.88 6.10
C ASP A 160 2.41 -8.20 5.39
N ALA A 161 2.32 -6.89 5.56
CA ALA A 161 1.25 -6.12 4.92
C ALA A 161 1.26 -6.31 3.41
N PHE A 162 2.44 -6.27 2.82
CA PHE A 162 2.59 -6.44 1.38
C PHE A 162 2.17 -7.84 0.95
N TYR A 163 2.71 -8.84 1.64
CA TYR A 163 2.39 -10.24 1.34
C TYR A 163 0.88 -10.47 1.38
N THR A 164 0.19 -9.71 2.22
CA THR A 164 -1.25 -9.83 2.35
C THR A 164 -1.94 -9.60 1.02
N LEU A 165 -1.45 -8.63 0.26
CA LEU A 165 -2.01 -8.30 -1.05
C LEU A 165 -2.00 -9.53 -1.96
N VAL A 166 -0.85 -10.21 -2.02
CA VAL A 166 -0.70 -11.40 -2.84
C VAL A 166 -1.80 -12.42 -2.53
N ARG A 167 -2.15 -12.53 -1.25
CA ARG A 167 -3.19 -13.48 -0.84
C ARG A 167 -4.56 -12.97 -1.26
N GLU A 168 -4.74 -11.66 -1.27
CA GLU A 168 -6.01 -11.05 -1.66
C GLU A 168 -6.28 -11.27 -3.13
N ILE A 169 -5.26 -11.06 -3.96
CA ILE A 169 -5.38 -11.23 -5.40
C ILE A 169 -5.74 -12.67 -5.74
N ARG A 170 -5.05 -13.62 -5.12
CA ARG A 170 -5.30 -15.04 -5.36
C ARG A 170 -6.74 -15.40 -5.01
N GLN A 171 -7.27 -14.76 -3.98
CA GLN A 171 -8.64 -15.02 -3.54
C GLN A 171 -9.60 -13.99 -4.11
N HIS A 172 -9.24 -13.40 -5.25
CA HIS A 172 -10.08 -12.39 -5.90
C HIS A 172 -11.47 -12.95 -6.20
PG GNP B . 7.13 12.50 0.24
O1G GNP B . 8.70 12.18 0.33
O2G GNP B . 6.48 11.28 -0.58
O3G GNP B . 6.84 13.81 -0.37
N3B GNP B . 6.57 12.38 1.76
PB GNP B . 7.58 11.46 2.64
O1B GNP B . 6.92 11.20 3.94
O2B GNP B . 8.00 10.30 1.82
O3A GNP B . 8.82 12.45 2.86
PA GNP B . 8.66 13.78 3.75
O1A GNP B . 7.21 14.06 3.89
O2A GNP B . 9.51 14.83 3.15
O5' GNP B . 9.25 13.36 5.18
C5' GNP B . 8.54 12.45 6.02
C4' GNP B . 9.16 12.41 7.42
O4' GNP B . 8.50 11.39 8.19
C3' GNP B . 10.62 11.98 7.31
O3' GNP B . 11.34 12.34 8.50
C2' GNP B . 10.44 10.47 7.24
O2' GNP B . 11.67 9.82 7.55
C1' GNP B . 9.47 10.34 8.41
N9 GNP B . 8.83 9.00 8.45
C8 GNP B . 8.28 8.37 7.42
N7 GNP B . 7.83 7.19 7.81
C5 GNP B . 8.09 7.06 9.12
C6 GNP B . 7.84 6.05 10.04
O6 GNP B . 7.27 5.01 9.70
N1 GNP B . 8.27 6.24 11.36
C2 GNP B . 8.91 7.43 11.72
N2 GNP B . 9.31 7.62 12.97
N3 GNP B . 9.12 8.38 10.80
C4 GNP B . 8.74 8.22 9.52
HNB3 GNP B . 5.68 11.91 1.73
H5'2 GNP B . 7.58 12.72 6.11
H5'1 GNP B . 8.56 11.52 5.65
H4' GNP B . 9.13 13.33 7.83
H3' GNP B . 11.08 12.38 6.52
HO3' GNP B . 12.29 12.06 8.42
H2' GNP B . 10.04 10.22 6.35
HO2' GNP B . 11.95 10.06 8.49
H1' GNP B . 9.95 10.50 9.27
H8 GNP B . 7.99 8.86 6.59
HN1 GNP B . 8.10 5.53 12.05
HN21 GNP B . 9.15 6.91 13.66
HN22 GNP B . 9.78 8.47 13.22
MG MG C . 7.35 9.43 -0.20
C13 KOB D . 3.72 3.73 -14.51
C12 KOB D . 3.64 2.76 -13.52
C11 KOB D . 3.83 1.43 -13.84
F11 KOB D . 3.75 0.48 -12.87
C10 KOB D . 4.10 1.05 -15.15
C9 KOB D . 4.19 2.02 -16.14
C8 KOB D . 3.99 3.36 -15.83
N8 KOB D . 4.05 4.31 -16.75
C7 KOB D . 4.31 4.03 -18.03
S7 KOB D . 4.56 2.39 -18.57
N7 KOB D . 4.37 5.02 -18.92
N6 KOB D . 4.19 6.19 -18.59
C6 KOB D . 2.95 6.67 -18.46
C5 KOB D . 1.87 5.85 -18.73
C4 KOB D . 0.58 6.36 -18.65
C3 KOB D . 0.37 7.69 -18.28
N3 KOB D . -0.86 8.19 -18.22
O3B KOB D . -1.07 9.54 -17.86
O3A KOB D . -1.97 7.36 -18.53
C2 KOB D . 1.47 8.51 -18.00
C1 KOB D . 2.76 8.00 -18.10
N1 KOB D . 3.79 8.78 -17.82
O1B KOB D . 5.12 8.27 -17.92
O1A KOB D . 3.59 10.13 -17.45
HE1 KOB D . 4.26 0.01 -15.40
HE2 KOB D . 3.31 3.03 -12.53
HD2 KOB D . 3.55 4.77 -14.26
HD1 KOB D . 4.58 1.75 -17.11
HAD KOB D . 3.91 5.27 -16.48
HAC KOB D . 4.55 4.81 -19.88
HAB KOB D . 4.97 6.77 -18.39
H5 KOB D . 1.99 4.78 -18.67
H4 KOB D . -0.27 5.73 -18.87
H2 KOB D . 1.31 9.55 -17.79
N MET A 7 9.44 -20.18 -7.03
CA MET A 7 8.65 -19.18 -6.27
C MET A 7 7.55 -18.57 -7.13
N THR A 8 6.53 -18.04 -6.47
CA THR A 8 5.40 -17.43 -7.16
C THR A 8 5.58 -15.91 -7.24
N GLU A 9 5.20 -15.35 -8.39
CA GLU A 9 5.30 -13.91 -8.61
C GLU A 9 4.05 -13.19 -8.11
N TYR A 10 4.24 -12.03 -7.50
CA TYR A 10 3.12 -11.26 -6.98
C TYR A 10 3.25 -9.78 -7.35
N LYS A 11 2.10 -9.13 -7.53
CA LYS A 11 2.09 -7.71 -7.89
C LYS A 11 1.44 -6.89 -6.78
N LEU A 12 2.22 -5.99 -6.19
CA LEU A 12 1.72 -5.13 -5.12
C LEU A 12 1.67 -3.68 -5.56
N VAL A 13 0.51 -3.24 -6.03
CA VAL A 13 0.33 -1.87 -6.49
C VAL A 13 0.01 -0.95 -5.32
N VAL A 14 1.01 -0.20 -4.88
CA VAL A 14 0.85 0.73 -3.77
C VAL A 14 0.23 2.04 -4.25
N VAL A 15 -0.70 2.57 -3.46
CA VAL A 15 -1.37 3.82 -3.79
C VAL A 15 -1.50 4.71 -2.56
N GLY A 16 -1.50 6.02 -2.79
CA GLY A 16 -1.63 6.96 -1.68
C GLY A 16 -1.11 8.34 -2.04
N ALA A 17 -1.24 9.28 -1.12
CA ALA A 17 -0.78 10.65 -1.34
C ALA A 17 0.70 10.78 -1.05
N GLY A 18 1.31 11.84 -1.56
CA GLY A 18 2.73 12.06 -1.34
C GLY A 18 3.08 12.27 0.13
N GLY A 19 2.08 12.61 0.93
CA GLY A 19 2.31 12.84 2.34
C GLY A 19 1.76 11.72 3.21
N VAL A 20 1.90 10.48 2.74
CA VAL A 20 1.40 9.32 3.48
C VAL A 20 2.55 8.41 3.90
N GLY A 21 3.57 8.32 3.06
CA GLY A 21 4.71 7.47 3.36
C GLY A 21 4.70 6.17 2.58
N LYS A 22 4.01 6.17 1.44
CA LYS A 22 3.92 4.99 0.60
C LYS A 22 5.30 4.56 0.10
N SER A 23 6.10 5.53 -0.33
CA SER A 23 7.43 5.25 -0.82
C SER A 23 8.34 4.74 0.30
N ALA A 24 8.10 5.23 1.51
CA ALA A 24 8.88 4.81 2.66
C ALA A 24 8.66 3.34 2.97
N LEU A 25 7.39 2.93 3.03
CA LEU A 25 7.05 1.55 3.31
C LEU A 25 7.53 0.63 2.20
N THR A 26 7.61 1.17 0.98
CA THR A 26 8.06 0.40 -0.18
C THR A 26 9.46 -0.16 0.04
N ILE A 27 10.40 0.74 0.34
CA ILE A 27 11.78 0.35 0.57
C ILE A 27 11.89 -0.59 1.77
N GLN A 28 10.97 -0.42 2.73
CA GLN A 28 10.97 -1.25 3.93
C GLN A 28 10.71 -2.71 3.57
N LEU A 29 9.76 -2.95 2.67
CA LEU A 29 9.43 -4.29 2.24
C LEU A 29 10.47 -4.84 1.26
N ILE A 30 11.40 -3.99 0.85
CA ILE A 30 12.45 -4.39 -0.08
C ILE A 30 13.79 -4.55 0.63
N GLN A 31 14.37 -3.42 1.05
CA GLN A 31 15.66 -3.44 1.73
C GLN A 31 15.48 -3.41 3.25
N ASN A 32 14.30 -2.99 3.70
CA ASN A 32 14.01 -2.92 5.14
C ASN A 32 14.90 -1.90 5.82
N HIS A 33 14.58 -0.61 5.63
CA HIS A 33 15.34 0.47 6.23
C HIS A 33 14.77 1.83 5.83
N PHE A 34 15.14 2.86 6.57
CA PHE A 34 14.66 4.21 6.28
C PHE A 34 15.24 4.72 4.97
N VAL A 35 14.38 5.33 4.15
CA VAL A 35 14.80 5.86 2.86
C VAL A 35 15.92 6.88 3.05
N ASP A 36 17.02 6.67 2.33
CA ASP A 36 18.18 7.56 2.40
C ASP A 36 19.32 7.02 1.57
N GLU A 37 19.47 5.69 1.57
CA GLU A 37 20.54 5.05 0.81
C GLU A 37 19.98 4.28 -0.40
N TYR A 38 18.68 4.00 -0.37
CA TYR A 38 18.04 3.27 -1.46
C TYR A 38 18.32 3.95 -2.81
N ASP A 39 18.48 3.13 -3.84
CA ASP A 39 18.76 3.64 -5.18
C ASP A 39 17.73 4.71 -5.58
N PRO A 40 18.19 5.96 -5.79
CA PRO A 40 17.31 7.06 -6.19
C PRO A 40 16.91 6.99 -7.66
N SER A 41 17.68 6.24 -8.44
CA SER A 41 17.41 6.09 -9.87
C SER A 41 16.12 5.33 -10.10
N ILE A 42 16.16 4.02 -9.90
CA ILE A 42 15.00 3.16 -10.09
C ILE A 42 13.93 3.44 -9.04
N GLU A 43 12.69 3.07 -9.36
CA GLU A 43 11.57 3.28 -8.44
C GLU A 43 10.26 2.82 -9.07
N ASP A 44 10.19 2.93 -10.39
CA ASP A 44 8.98 2.53 -11.13
C ASP A 44 8.47 1.16 -10.68
N SER A 45 9.39 0.32 -10.21
CA SER A 45 9.04 -1.01 -9.75
C SER A 45 10.11 -1.57 -8.82
N TYR A 46 9.69 -2.46 -7.92
CA TYR A 46 10.61 -3.08 -6.97
C TYR A 46 10.43 -4.59 -6.94
N ARG A 47 11.36 -5.28 -6.29
CA ARG A 47 11.29 -6.73 -6.19
C ARG A 47 11.86 -7.21 -4.85
N LYS A 48 11.25 -8.25 -4.30
CA LYS A 48 11.69 -8.80 -3.02
C LYS A 48 11.37 -10.29 -2.92
N GLN A 49 12.23 -11.03 -2.23
CA GLN A 49 12.04 -12.46 -2.05
C GLN A 49 11.71 -12.78 -0.60
N VAL A 50 10.53 -13.33 -0.36
CA VAL A 50 10.10 -13.67 0.99
C VAL A 50 9.38 -15.02 1.01
N VAL A 51 8.91 -15.41 2.20
CA VAL A 51 8.20 -16.67 2.37
C VAL A 51 6.85 -16.45 3.03
N ILE A 52 5.79 -16.51 2.23
CA ILE A 52 4.44 -16.32 2.74
C ILE A 52 3.83 -17.64 3.21
N ASP A 53 3.64 -17.76 4.52
CA ASP A 53 3.07 -18.98 5.10
C ASP A 53 3.94 -20.19 4.77
N GLY A 54 5.25 -20.02 4.85
CA GLY A 54 6.16 -21.10 4.56
C GLY A 54 6.26 -21.40 3.08
N GLU A 55 5.92 -20.42 2.25
CA GLU A 55 5.98 -20.59 0.81
C GLU A 55 6.72 -19.44 0.15
N THR A 56 7.94 -19.71 -0.31
CA THR A 56 8.76 -18.70 -0.96
C THR A 56 8.07 -18.15 -2.20
N CYS A 57 7.88 -16.83 -2.22
CA CYS A 57 7.23 -16.16 -3.34
C CYS A 57 7.82 -14.77 -3.57
N LEU A 58 7.91 -14.37 -4.83
CA LEU A 58 8.45 -13.06 -5.18
C LEU A 58 7.43 -11.96 -4.93
N LEU A 59 7.90 -10.81 -4.48
CA LEU A 59 7.03 -9.68 -4.20
C LEU A 59 7.46 -8.46 -5.02
N ASP A 60 6.66 -8.10 -6.01
CA ASP A 60 6.97 -6.96 -6.86
C ASP A 60 6.21 -5.72 -6.40
N ILE A 61 6.84 -4.91 -5.57
CA ILE A 61 6.23 -3.70 -5.06
C ILE A 61 6.27 -2.59 -6.11
N LEU A 62 5.11 -2.22 -6.62
CA LEU A 62 5.00 -1.17 -7.63
C LEU A 62 4.89 0.21 -6.98
N ASP A 63 5.85 1.06 -7.28
CA ASP A 63 5.86 2.42 -6.73
C ASP A 63 5.59 3.45 -7.83
N THR A 64 4.40 4.04 -7.78
CA THR A 64 4.01 5.03 -8.77
C THR A 64 4.21 6.44 -8.23
N ALA A 65 3.77 7.44 -8.99
CA ALA A 65 3.90 8.83 -8.59
C ALA A 65 3.03 9.13 -7.39
N GLY A 66 3.66 9.41 -6.24
CA GLY A 66 2.91 9.72 -5.03
C GLY A 66 2.21 11.06 -5.11
N GLN A 67 2.70 11.94 -5.97
CA GLN A 67 2.10 13.26 -6.14
C GLN A 67 0.90 13.20 -7.06
N GLU A 68 1.16 13.12 -8.37
CA GLU A 68 0.09 13.07 -9.36
C GLU A 68 0.66 12.87 -10.76
N GLU A 69 -0.18 13.11 -11.77
CA GLU A 69 0.24 12.98 -13.17
C GLU A 69 0.39 11.51 -13.55
N TYR A 70 0.78 11.26 -14.79
CA TYR A 70 0.97 9.91 -15.29
C TYR A 70 -0.34 9.12 -15.21
N SER A 71 -1.46 9.83 -15.28
CA SER A 71 -2.77 9.19 -15.22
C SER A 71 -2.93 8.22 -16.39
N ALA A 72 -2.29 8.54 -17.51
CA ALA A 72 -2.34 7.71 -18.70
C ALA A 72 -1.93 6.27 -18.37
N MET A 73 -0.73 6.15 -17.83
CA MET A 73 -0.18 4.85 -17.46
C MET A 73 -0.69 4.41 -16.09
N ARG A 74 -1.12 5.37 -15.28
CA ARG A 74 -1.64 5.07 -13.95
C ARG A 74 -2.67 3.95 -14.02
N ASP A 75 -3.38 3.88 -15.15
CA ASP A 75 -4.38 2.86 -15.37
C ASP A 75 -3.72 1.51 -15.61
N GLN A 76 -2.56 1.55 -16.25
CA GLN A 76 -1.80 0.34 -16.54
C GLN A 76 -1.49 -0.41 -15.25
N TYR A 77 -0.99 0.31 -14.26
CA TYR A 77 -0.65 -0.27 -12.97
C TYR A 77 -1.81 -1.08 -12.40
N MET A 78 -3.02 -0.63 -12.66
CA MET A 78 -4.21 -1.33 -12.18
C MET A 78 -4.42 -2.61 -12.97
N ARG A 79 -4.17 -2.53 -14.28
CA ARG A 79 -4.33 -3.67 -15.17
C ARG A 79 -3.11 -4.60 -15.11
N THR A 80 -2.01 -4.10 -14.54
CA THR A 80 -0.79 -4.89 -14.43
C THR A 80 -0.63 -5.46 -13.02
N GLY A 81 -1.40 -4.93 -12.08
CA GLY A 81 -1.32 -5.39 -10.71
C GLY A 81 -2.43 -6.37 -10.33
N GLU A 82 -2.18 -7.14 -9.28
CA GLU A 82 -3.14 -8.12 -8.79
C GLU A 82 -3.79 -7.64 -7.50
N GLY A 83 -3.21 -6.61 -6.89
CA GLY A 83 -3.75 -6.07 -5.65
C GLY A 83 -3.41 -4.60 -5.48
N PHE A 84 -4.02 -3.97 -4.48
CA PHE A 84 -3.77 -2.56 -4.22
C PHE A 84 -3.66 -2.28 -2.73
N LEU A 85 -2.73 -1.40 -2.36
CA LEU A 85 -2.51 -1.05 -0.97
C LEU A 85 -2.62 0.47 -0.77
N CYS A 86 -3.55 0.88 0.08
CA CYS A 86 -3.76 2.29 0.35
C CYS A 86 -3.04 2.72 1.63
N VAL A 87 -2.06 3.60 1.49
CA VAL A 87 -1.30 4.09 2.63
C VAL A 87 -1.63 5.54 2.94
N PHE A 88 -2.10 5.79 4.17
CA PHE A 88 -2.45 7.14 4.59
C PHE A 88 -1.92 7.42 5.99
N ALA A 89 -1.46 8.65 6.21
CA ALA A 89 -0.92 9.04 7.50
C ALA A 89 -2.03 9.54 8.43
N ILE A 90 -2.14 8.92 9.59
CA ILE A 90 -3.17 9.30 10.56
C ILE A 90 -3.05 10.78 10.93
N ASN A 91 -1.83 11.29 10.90
CA ASN A 91 -1.58 12.69 11.22
C ASN A 91 -2.18 13.61 10.16
N ASN A 92 -2.35 13.08 8.95
CA ASN A 92 -2.91 13.86 7.86
C ASN A 92 -4.27 13.32 7.44
N THR A 93 -5.33 14.01 7.85
CA THR A 93 -6.69 13.60 7.52
C THR A 93 -6.93 13.67 6.02
N LYS A 94 -6.14 14.50 5.33
CA LYS A 94 -6.28 14.64 3.88
C LYS A 94 -6.02 13.32 3.18
N SER A 95 -4.97 12.62 3.61
CA SER A 95 -4.62 11.33 3.01
C SER A 95 -5.79 10.35 3.10
N PHE A 96 -6.53 10.42 4.20
CA PHE A 96 -7.68 9.54 4.41
C PHE A 96 -8.74 9.78 3.33
N GLU A 97 -8.80 11.01 2.82
CA GLU A 97 -9.76 11.36 1.79
C GLU A 97 -9.38 10.75 0.45
N ASP A 98 -8.08 10.59 0.22
CA ASP A 98 -7.58 10.01 -1.02
C ASP A 98 -7.86 8.51 -1.07
N ILE A 99 -7.86 7.87 0.10
CA ILE A 99 -8.11 6.44 0.18
C ILE A 99 -9.50 6.10 -0.34
N HIS A 100 -10.42 7.05 -0.22
CA HIS A 100 -11.79 6.85 -0.68
C HIS A 100 -11.85 6.88 -2.21
N GLN A 101 -11.37 7.96 -2.79
CA GLN A 101 -11.37 8.11 -4.25
C GLN A 101 -10.46 7.08 -4.91
N TYR A 102 -9.42 6.67 -4.19
CA TYR A 102 -8.47 5.69 -4.71
C TYR A 102 -9.19 4.40 -5.09
N ARG A 103 -10.11 3.96 -4.24
CA ARG A 103 -10.86 2.74 -4.49
C ARG A 103 -11.75 2.88 -5.72
N GLU A 104 -12.25 4.09 -5.95
CA GLU A 104 -13.11 4.36 -7.10
C GLU A 104 -12.37 4.06 -8.40
N GLN A 105 -11.12 4.52 -8.48
CA GLN A 105 -10.31 4.30 -9.67
C GLN A 105 -10.05 2.80 -9.86
N ILE A 106 -9.80 2.11 -8.77
CA ILE A 106 -9.54 0.67 -8.80
C ILE A 106 -10.74 -0.09 -9.35
N LYS A 107 -11.91 0.14 -8.75
CA LYS A 107 -13.13 -0.53 -9.18
C LYS A 107 -13.38 -0.34 -10.66
N ARG A 108 -13.02 0.83 -11.18
CA ARG A 108 -13.21 1.13 -12.60
C ARG A 108 -12.41 0.17 -13.46
N VAL A 109 -11.09 0.15 -13.27
CA VAL A 109 -10.22 -0.72 -14.04
C VAL A 109 -10.55 -2.18 -13.78
N LYS A 110 -10.50 -2.59 -12.51
CA LYS A 110 -10.80 -3.95 -12.12
C LYS A 110 -12.21 -4.34 -12.53
N ASP A 111 -13.10 -3.35 -12.60
CA ASP A 111 -14.48 -3.59 -12.97
C ASP A 111 -15.16 -4.50 -11.96
N SER A 112 -15.05 -4.14 -10.69
CA SER A 112 -15.65 -4.92 -9.61
C SER A 112 -15.44 -4.24 -8.27
N ASP A 113 -16.46 -4.28 -7.42
CA ASP A 113 -16.39 -3.68 -6.10
C ASP A 113 -15.53 -4.51 -5.15
N ASP A 114 -15.64 -5.83 -5.28
CA ASP A 114 -14.88 -6.74 -4.44
C ASP A 114 -13.53 -7.09 -5.07
N VAL A 115 -12.52 -6.29 -4.76
CA VAL A 115 -11.18 -6.49 -5.29
C VAL A 115 -10.17 -6.67 -4.16
N PRO A 116 -9.07 -7.41 -4.42
CA PRO A 116 -8.03 -7.65 -3.43
C PRO A 116 -7.19 -6.42 -3.13
N MET A 117 -7.38 -5.84 -1.95
CA MET A 117 -6.65 -4.65 -1.53
C MET A 117 -6.66 -4.51 -0.01
N VAL A 118 -5.79 -3.65 0.50
CA VAL A 118 -5.70 -3.42 1.94
C VAL A 118 -5.39 -1.96 2.24
N LEU A 119 -5.85 -1.51 3.40
CA LEU A 119 -5.63 -0.13 3.83
C LEU A 119 -4.68 -0.07 5.02
N VAL A 120 -3.51 0.50 4.82
CA VAL A 120 -2.52 0.62 5.87
C VAL A 120 -2.49 2.03 6.46
N GLY A 121 -2.26 2.13 7.76
CA GLY A 121 -2.21 3.42 8.41
C GLY A 121 -0.82 3.78 8.89
N ASN A 122 0.00 4.34 8.00
CA ASN A 122 1.35 4.73 8.33
C ASN A 122 1.37 5.83 9.39
N LYS A 123 2.55 6.12 9.93
CA LYS A 123 2.69 7.14 10.95
C LYS A 123 1.86 6.82 12.19
N CYS A 124 2.03 5.60 12.70
CA CYS A 124 1.31 5.16 13.89
C CYS A 124 2.04 5.56 15.17
N ASP A 125 3.30 5.97 15.04
CA ASP A 125 4.10 6.37 16.18
C ASP A 125 3.97 7.86 16.45
N LEU A 126 3.50 8.61 15.45
CA LEU A 126 3.34 10.05 15.59
C LEU A 126 2.60 10.41 16.87
N ALA A 127 2.77 11.65 17.32
CA ALA A 127 2.13 12.12 18.55
C ALA A 127 1.11 13.21 18.25
N ALA A 128 0.34 13.02 17.17
CA ALA A 128 -0.67 13.98 16.78
C ALA A 128 -1.58 13.41 15.69
N ARG A 129 -2.20 12.27 15.99
CA ARG A 129 -3.10 11.62 15.04
C ARG A 129 -4.37 12.43 14.85
N THR A 130 -4.68 12.73 13.59
CA THR A 130 -5.87 13.49 13.26
C THR A 130 -7.04 12.56 12.94
N VAL A 131 -6.70 11.36 12.47
CA VAL A 131 -7.71 10.38 12.12
C VAL A 131 -7.56 9.11 12.98
N GLU A 132 -8.38 9.02 14.02
CA GLU A 132 -8.33 7.86 14.91
C GLU A 132 -8.66 6.58 14.15
N SER A 133 -8.29 5.44 14.73
CA SER A 133 -8.54 4.15 14.11
C SER A 133 -10.03 3.96 13.83
N ARG A 134 -10.87 4.58 14.66
CA ARG A 134 -12.32 4.48 14.50
C ARG A 134 -12.75 5.02 13.14
N GLN A 135 -12.22 6.18 12.78
CA GLN A 135 -12.55 6.81 11.50
C GLN A 135 -12.05 5.96 10.33
N ALA A 136 -10.88 5.34 10.50
CA ALA A 136 -10.29 4.51 9.47
C ALA A 136 -11.03 3.18 9.35
N GLN A 137 -11.33 2.57 10.50
CA GLN A 137 -12.03 1.29 10.53
C GLN A 137 -13.43 1.42 9.95
N ASP A 138 -14.04 2.58 10.14
CA ASP A 138 -15.38 2.83 9.64
C ASP A 138 -15.40 2.82 8.11
N LEU A 139 -14.33 3.32 7.50
CA LEU A 139 -14.22 3.36 6.05
C LEU A 139 -13.85 1.99 5.49
N ALA A 140 -12.80 1.40 6.04
CA ALA A 140 -12.34 0.09 5.59
C ALA A 140 -13.43 -0.96 5.76
N ARG A 141 -14.19 -0.85 6.86
CA ARG A 141 -15.26 -1.79 7.14
C ARG A 141 -16.37 -1.69 6.09
N SER A 142 -16.45 -0.54 5.43
CA SER A 142 -17.46 -0.33 4.40
C SER A 142 -17.06 -1.01 3.10
N TYR A 143 -15.78 -0.91 2.75
CA TYR A 143 -15.26 -1.53 1.54
C TYR A 143 -15.13 -3.03 1.69
N GLY A 144 -15.10 -3.50 2.94
CA GLY A 144 -14.97 -4.92 3.20
C GLY A 144 -13.53 -5.39 3.18
N ILE A 145 -12.60 -4.44 3.31
CA ILE A 145 -11.17 -4.76 3.30
C ILE A 145 -10.57 -4.61 4.70
N PRO A 146 -9.45 -5.30 4.96
CA PRO A 146 -8.76 -5.25 6.26
C PRO A 146 -8.04 -3.92 6.47
N TYR A 147 -7.86 -3.55 7.73
CA TYR A 147 -7.18 -2.31 8.07
C TYR A 147 -6.02 -2.56 9.03
N ILE A 148 -4.81 -2.24 8.59
CA ILE A 148 -3.63 -2.43 9.41
C ILE A 148 -2.94 -1.09 9.70
N GLU A 149 -2.16 -1.05 10.78
CA GLU A 149 -1.45 0.16 11.17
C GLU A 149 0.06 -0.09 11.23
N THR A 150 0.82 0.80 10.59
CA THR A 150 2.27 0.68 10.58
C THR A 150 2.94 2.04 10.70
N SER A 151 4.26 2.04 10.71
CA SER A 151 5.03 3.28 10.82
C SER A 151 6.34 3.18 10.04
N ALA A 152 6.49 4.05 9.04
CA ALA A 152 7.70 4.06 8.22
C ALA A 152 8.91 4.51 9.02
N LYS A 153 8.67 5.25 10.10
CA LYS A 153 9.74 5.74 10.95
C LYS A 153 10.19 4.68 11.95
N THR A 154 9.28 4.27 12.82
CA THR A 154 9.59 3.26 13.83
C THR A 154 9.63 1.86 13.22
N ARG A 155 9.02 1.69 12.05
CA ARG A 155 9.01 0.40 11.38
C ARG A 155 8.29 -0.64 12.24
N GLN A 156 6.99 -0.42 12.47
CA GLN A 156 6.19 -1.33 13.27
C GLN A 156 5.11 -1.99 12.41
N GLY A 157 5.16 -3.32 12.36
CA GLY A 157 4.19 -4.07 11.58
C GLY A 157 4.13 -3.63 10.12
N VAL A 158 5.26 -3.13 9.62
CA VAL A 158 5.34 -2.67 8.24
C VAL A 158 4.97 -3.79 7.27
N GLU A 159 5.68 -4.91 7.38
CA GLU A 159 5.42 -6.06 6.51
C GLU A 159 4.05 -6.66 6.80
N ASP A 160 3.59 -6.51 8.04
CA ASP A 160 2.28 -7.04 8.44
C ASP A 160 1.18 -6.51 7.52
N ALA A 161 1.34 -5.28 7.06
CA ALA A 161 0.36 -4.66 6.19
C ALA A 161 0.47 -5.21 4.77
N PHE A 162 1.70 -5.42 4.31
CA PHE A 162 1.95 -5.95 2.98
C PHE A 162 1.50 -7.40 2.88
N TYR A 163 1.95 -8.22 3.83
CA TYR A 163 1.60 -9.63 3.86
C TYR A 163 0.09 -9.83 3.83
N THR A 164 -0.63 -8.90 4.45
CA THR A 164 -2.08 -8.96 4.49
C THR A 164 -2.68 -8.98 3.09
N LEU A 165 -2.02 -8.27 2.17
CA LEU A 165 -2.48 -8.21 0.79
C LEU A 165 -2.23 -9.53 0.07
N VAL A 166 -1.14 -10.19 0.42
CA VAL A 166 -0.79 -11.47 -0.18
C VAL A 166 -1.90 -12.48 0.03
N ARG A 167 -2.38 -12.59 1.27
CA ARG A 167 -3.45 -13.52 1.61
C ARG A 167 -4.75 -13.12 0.93
N GLU A 168 -4.92 -11.83 0.69
CA GLU A 168 -6.11 -11.32 0.04
C GLU A 168 -6.13 -11.69 -1.44
N ILE A 169 -5.08 -11.34 -2.15
CA ILE A 169 -4.97 -11.65 -3.57
C ILE A 169 -5.04 -13.14 -3.81
N ARG A 170 -4.21 -13.89 -3.10
CA ARG A 170 -4.17 -15.35 -3.23
C ARG A 170 -5.57 -15.94 -3.17
N GLN A 171 -6.44 -15.31 -2.37
CA GLN A 171 -7.81 -15.77 -2.21
C GLN A 171 -8.69 -15.26 -3.35
N HIS A 172 -8.36 -14.07 -3.85
CA HIS A 172 -9.12 -13.46 -4.94
C HIS A 172 -8.26 -13.35 -6.20
PG GNP B . 10.24 11.91 0.54
O1G GNP B . 9.27 11.13 1.55
O2G GNP B . 10.79 10.81 -0.49
O3G GNP B . 11.33 12.63 1.24
N3B GNP B . 9.28 12.90 -0.31
PB GNP B . 7.84 12.21 -0.53
O1B GNP B . 7.07 13.07 -1.46
O2B GNP B . 8.03 10.79 -0.88
O3A GNP B . 7.18 12.30 0.94
PA GNP B . 6.77 13.73 1.57
O1A GNP B . 5.35 13.67 1.98
O2A GNP B . 7.18 14.77 0.60
O5' GNP B . 7.70 13.81 2.87
C5' GNP B . 7.28 13.19 4.09
C4' GNP B . 8.31 13.40 5.20
O4' GNP B . 7.90 12.65 6.35
C3' GNP B . 9.63 12.78 4.77
O3' GNP B . 10.69 13.21 5.64
C2' GNP B . 9.30 11.32 5.01
O2' GNP B . 10.51 10.55 5.06
C1' GNP B . 8.72 11.46 6.40
N9 GNP B . 7.92 10.27 6.78
C8 GNP B . 7.48 9.33 5.94
N7 GNP B . 6.80 8.41 6.63
C5 GNP B . 6.82 8.75 7.91
C6 GNP B . 6.29 8.18 9.06
O6 GNP B . 5.65 7.13 9.00
N1 GNP B . 6.50 8.82 10.29
C2 GNP B . 7.23 10.00 10.33
N2 GNP B . 7.43 10.62 11.49
N3 GNP B . 7.73 10.54 9.20
C4 GNP B . 7.54 9.95 8.01
HNB3 GNP B . 9.70 13.03 -1.22
H5'2 GNP B . 6.40 13.56 4.40
H5'1 GNP B . 7.17 12.21 3.96
H4' GNP B . 8.45 14.38 5.36
H3' GNP B . 9.88 13.01 3.82
HO3' GNP B . 10.77 14.21 5.62
H2' GNP B . 8.64 11.02 4.32
HO2' GNP B . 11.00 10.64 4.19
H1' GNP B . 9.46 11.58 7.07
H8 GNP B . 7.40 9.51 4.96
HN1 GNP B . 6.13 8.42 11.13
HN21 GNP B . 7.95 11.47 11.52
HN22 GNP B . 7.05 10.23 12.33
MG MG C . 9.61 9.12 -0.70
C13 KOB D . 3.85 -1.42 -15.48
C12 KOB D . 4.11 -2.62 -14.81
C11 KOB D . 5.27 -2.73 -14.05
F11 KOB D . 5.53 -3.88 -13.40
C10 KOB D . 6.16 -1.67 -13.95
C9 KOB D . 5.89 -0.48 -14.62
C8 KOB D . 4.73 -0.36 -15.38
N8 KOB D . 4.43 0.78 -16.00
C7 KOB D . 5.20 1.86 -15.96
S7 KOB D . 6.72 1.87 -15.10
N7 KOB D . 4.80 2.94 -16.62
N6 KOB D . 3.73 2.89 -17.21
C6 KOB D . 3.65 2.43 -18.46
C5 KOB D . 2.39 2.23 -19.00
C4 KOB D . 2.27 1.59 -20.23
C3 KOB D . 3.40 1.17 -20.92
N3 KOB D . 3.29 0.56 -22.09
O3B KOB D . 4.45 0.13 -22.79
O3A KOB D . 2.00 0.33 -22.65
C2 KOB D . 4.66 1.38 -20.37
C1 KOB D . 4.79 2.02 -19.14
N1 KOB D . 6.01 2.31 -18.69
O1B KOB D . 6.19 3.10 -17.53
O1A KOB D . 7.14 1.85 -19.41
HE1 KOB D . 6.92 -1.68 -13.18
HE2 KOB D . 3.33 -3.35 -14.71
HD2 KOB D . 3.00 -1.35 -16.13
HD1 KOB D . 6.66 0.27 -14.69
HAD KOB D . 3.56 0.83 -16.52
HAC KOB D . 5.35 3.78 -16.62
HAB KOB D . 2.89 3.20 -16.74
H5 KOB D . 1.53 2.25 -18.35
H4 KOB D . 1.29 1.39 -20.64
H2 KOB D . 5.54 1.24 -20.98
N MET A 7 9.86 -17.31 -13.48
CA MET A 7 9.41 -16.45 -12.34
C MET A 7 8.11 -15.74 -12.68
N THR A 8 7.34 -15.43 -11.66
CA THR A 8 6.07 -14.74 -11.82
C THR A 8 6.22 -13.26 -11.48
N GLU A 9 5.43 -12.43 -12.15
CA GLU A 9 5.48 -10.98 -11.91
C GLU A 9 4.21 -10.51 -11.21
N TYR A 10 4.38 -9.97 -10.01
CA TYR A 10 3.26 -9.47 -9.23
C TYR A 10 3.25 -7.93 -9.19
N LYS A 11 2.14 -7.35 -9.62
CA LYS A 11 2.01 -5.90 -9.63
C LYS A 11 1.19 -5.42 -8.44
N LEU A 12 1.79 -4.60 -7.59
CA LEU A 12 1.11 -4.07 -6.42
C LEU A 12 0.92 -2.57 -6.52
N VAL A 13 -0.34 -2.14 -6.51
CA VAL A 13 -0.66 -0.73 -6.59
C VAL A 13 -0.68 -0.07 -5.22
N VAL A 14 0.39 0.65 -4.90
CA VAL A 14 0.50 1.31 -3.61
C VAL A 14 -0.29 2.61 -3.59
N VAL A 15 -1.20 2.73 -2.62
CA VAL A 15 -2.02 3.93 -2.48
C VAL A 15 -2.09 4.38 -1.02
N GLY A 16 -2.24 5.69 -0.83
CA GLY A 16 -2.31 6.24 0.51
C GLY A 16 -1.96 7.70 0.57
N ALA A 17 -2.76 8.52 -0.10
CA ALA A 17 -2.54 9.97 -0.12
C ALA A 17 -1.10 10.30 -0.51
N GLY A 18 -0.73 11.57 -0.35
CA GLY A 18 0.62 12.00 -0.69
C GLY A 18 1.36 12.57 0.50
N GLY A 19 1.22 11.92 1.65
CA GLY A 19 1.89 12.38 2.86
C GLY A 19 1.66 11.46 4.04
N VAL A 20 1.62 10.16 3.78
CA VAL A 20 1.40 9.17 4.82
C VAL A 20 2.64 8.34 5.07
N GLY A 21 3.49 8.22 4.05
CA GLY A 21 4.71 7.45 4.18
C GLY A 21 4.71 6.20 3.30
N LYS A 22 3.84 6.19 2.29
CA LYS A 22 3.76 5.06 1.39
C LYS A 22 5.07 4.84 0.65
N SER A 23 5.73 5.96 0.32
CA SER A 23 7.01 5.89 -0.39
C SER A 23 8.08 5.28 0.50
N ALA A 24 8.11 5.69 1.76
CA ALA A 24 9.08 5.16 2.71
C ALA A 24 9.01 3.65 2.81
N LEU A 25 7.79 3.12 2.85
CA LEU A 25 7.58 1.68 2.94
C LEU A 25 8.07 0.98 1.68
N THR A 26 7.96 1.68 0.54
CA THR A 26 8.40 1.13 -0.74
C THR A 26 9.91 0.96 -0.76
N ILE A 27 10.63 2.03 -0.45
CA ILE A 27 12.07 2.00 -0.44
C ILE A 27 12.60 1.05 0.64
N GLN A 28 11.82 0.90 1.71
CA GLN A 28 12.21 0.02 2.81
C GLN A 28 12.19 -1.44 2.35
N LEU A 29 11.16 -1.81 1.60
CA LEU A 29 11.03 -3.17 1.10
C LEU A 29 11.98 -3.42 -0.08
N ILE A 30 12.63 -2.36 -0.55
CA ILE A 30 13.55 -2.48 -1.68
C ILE A 30 14.99 -2.23 -1.24
N GLN A 31 15.30 -0.99 -0.88
CA GLN A 31 16.64 -0.62 -0.44
C GLN A 31 16.82 -0.84 1.05
N ASN A 32 15.73 -0.80 1.80
CA ASN A 32 15.77 -1.00 3.25
C ASN A 32 16.45 0.17 3.95
N HIS A 33 15.78 1.33 3.93
CA HIS A 33 16.32 2.53 4.56
C HIS A 33 15.34 3.70 4.44
N PHE A 34 15.41 4.63 5.38
CA PHE A 34 14.53 5.80 5.35
C PHE A 34 14.78 6.63 4.11
N VAL A 35 13.70 6.95 3.39
CA VAL A 35 13.81 7.76 2.17
C VAL A 35 14.62 9.02 2.41
N ASP A 36 15.50 9.34 1.47
CA ASP A 36 16.35 10.52 1.57
C ASP A 36 17.27 10.62 0.35
N GLU A 37 17.75 9.48 -0.12
CA GLU A 37 18.64 9.47 -1.29
C GLU A 37 18.22 8.38 -2.28
N TYR A 38 16.92 8.07 -2.29
CA TYR A 38 16.39 7.06 -3.19
C TYR A 38 16.69 7.42 -4.65
N ASP A 39 16.99 6.41 -5.46
CA ASP A 39 17.28 6.61 -6.87
C ASP A 39 16.20 7.45 -7.55
N PRO A 40 16.50 8.74 -7.85
CA PRO A 40 15.54 9.63 -8.50
C PRO A 40 15.26 9.23 -9.94
N SER A 41 16.22 8.55 -10.55
CA SER A 41 16.07 8.11 -11.94
C SER A 41 14.85 7.21 -12.10
N ILE A 42 14.48 6.52 -11.02
CA ILE A 42 13.33 5.62 -11.04
C ILE A 42 12.38 5.91 -9.88
N GLU A 43 11.13 5.49 -10.02
CA GLU A 43 10.13 5.69 -8.98
C GLU A 43 8.77 5.17 -9.42
N ASP A 44 8.51 5.26 -10.73
CA ASP A 44 7.24 4.80 -11.29
C ASP A 44 6.93 3.37 -10.84
N SER A 45 7.97 2.60 -10.55
CA SER A 45 7.80 1.22 -10.11
C SER A 45 9.05 0.70 -9.42
N TYR A 46 8.91 -0.41 -8.71
CA TYR A 46 10.04 -1.01 -7.99
C TYR A 46 10.01 -2.53 -8.12
N ARG A 47 11.01 -3.09 -8.80
CA ARG A 47 11.09 -4.53 -8.99
C ARG A 47 12.03 -5.16 -7.96
N LYS A 48 11.60 -6.28 -7.39
CA LYS A 48 12.39 -6.99 -6.39
C LYS A 48 12.14 -8.49 -6.46
N GLN A 49 13.15 -9.27 -6.09
CA GLN A 49 13.03 -10.73 -6.09
C GLN A 49 12.98 -11.27 -4.67
N VAL A 50 11.89 -11.97 -4.35
CA VAL A 50 11.72 -12.55 -3.02
C VAL A 50 11.24 -13.99 -3.10
N VAL A 51 11.12 -14.63 -1.94
CA VAL A 51 10.66 -16.01 -1.88
C VAL A 51 9.45 -16.15 -0.96
N ILE A 52 8.27 -16.26 -1.57
CA ILE A 52 7.03 -16.39 -0.83
C ILE A 52 6.23 -17.61 -1.29
N ASP A 53 5.67 -18.35 -0.34
CA ASP A 53 4.89 -19.53 -0.65
C ASP A 53 5.76 -20.60 -1.32
N GLY A 54 7.04 -20.60 -0.99
CA GLY A 54 7.94 -21.58 -1.57
C GLY A 54 8.05 -21.44 -3.08
N GLU A 55 7.82 -20.24 -3.58
CA GLU A 55 7.89 -19.98 -5.01
C GLU A 55 8.42 -18.57 -5.28
N THR A 56 9.67 -18.49 -5.73
CA THR A 56 10.30 -17.21 -6.03
C THR A 56 9.46 -16.42 -7.04
N CYS A 57 9.19 -15.16 -6.70
CA CYS A 57 8.40 -14.30 -7.57
C CYS A 57 8.86 -12.85 -7.48
N LEU A 58 8.59 -12.08 -8.52
CA LEU A 58 8.98 -10.67 -8.54
C LEU A 58 7.94 -9.81 -7.85
N LEU A 59 8.38 -8.75 -7.18
CA LEU A 59 7.48 -7.86 -6.47
C LEU A 59 7.51 -6.46 -7.09
N ASP A 60 6.59 -6.20 -8.01
CA ASP A 60 6.49 -4.92 -8.68
C ASP A 60 5.65 -3.94 -7.86
N ILE A 61 6.32 -3.07 -7.10
CA ILE A 61 5.63 -2.10 -6.28
C ILE A 61 5.40 -0.79 -7.04
N LEU A 62 4.14 -0.51 -7.35
CA LEU A 62 3.80 0.71 -8.08
C LEU A 62 3.75 1.92 -7.15
N ASP A 63 4.58 2.91 -7.44
CA ASP A 63 4.64 4.12 -6.62
C ASP A 63 4.25 5.35 -7.46
N THR A 64 2.99 5.74 -7.36
CA THR A 64 2.50 6.89 -8.11
C THR A 64 2.86 8.20 -7.41
N ALA A 65 2.39 9.31 -7.96
CA ALA A 65 2.66 10.62 -7.39
C ALA A 65 1.46 11.15 -6.61
N GLY A 66 1.71 11.59 -5.38
CA GLY A 66 0.64 12.12 -4.56
C GLY A 66 0.19 13.50 -4.98
N GLN A 67 1.08 14.23 -5.64
CA GLN A 67 0.77 15.58 -6.11
C GLN A 67 0.36 15.56 -7.57
N GLU A 68 0.26 16.76 -8.16
CA GLU A 68 -0.12 16.88 -9.56
C GLU A 68 -1.57 16.42 -9.78
N GLU A 69 -2.00 16.44 -11.04
CA GLU A 69 -3.36 16.02 -11.38
C GLU A 69 -3.35 14.92 -12.43
N TYR A 70 -2.64 13.85 -12.13
CA TYR A 70 -2.54 12.70 -13.04
C TYR A 70 -3.58 11.64 -12.69
N SER A 71 -4.80 12.09 -12.37
CA SER A 71 -5.87 11.18 -12.02
C SER A 71 -6.18 10.23 -13.17
N ALA A 72 -6.10 10.74 -14.39
CA ALA A 72 -6.35 9.94 -15.58
C ALA A 72 -5.47 8.69 -15.60
N MET A 73 -4.33 8.76 -14.92
CA MET A 73 -3.40 7.65 -14.87
C MET A 73 -3.80 6.65 -13.78
N ARG A 74 -4.55 7.12 -12.79
CA ARG A 74 -5.01 6.26 -11.71
C ARG A 74 -5.79 5.08 -12.28
N ASP A 75 -6.74 5.39 -13.17
CA ASP A 75 -7.55 4.36 -13.81
C ASP A 75 -6.66 3.36 -14.53
N GLN A 76 -5.50 3.83 -15.00
CA GLN A 76 -4.55 2.98 -15.68
C GLN A 76 -3.74 2.16 -14.68
N TYR A 77 -3.34 2.81 -13.59
CA TYR A 77 -2.56 2.14 -12.56
C TYR A 77 -3.32 0.95 -12.00
N MET A 78 -4.63 1.12 -11.79
CA MET A 78 -5.46 0.05 -11.28
C MET A 78 -5.66 -1.01 -12.34
N ARG A 79 -5.77 -0.56 -13.60
CA ARG A 79 -5.96 -1.47 -14.72
C ARG A 79 -4.64 -2.13 -15.11
N THR A 80 -3.52 -1.58 -14.60
CA THR A 80 -2.20 -2.13 -14.88
C THR A 80 -1.73 -3.01 -13.73
N GLY A 81 -2.32 -2.80 -12.55
CA GLY A 81 -1.94 -3.57 -11.38
C GLY A 81 -2.88 -4.71 -11.10
N GLU A 82 -2.40 -5.70 -10.35
CA GLU A 82 -3.21 -6.86 -9.99
C GLU A 82 -3.73 -6.74 -8.55
N GLY A 83 -3.11 -5.86 -7.78
CA GLY A 83 -3.51 -5.65 -6.40
C GLY A 83 -3.27 -4.23 -5.93
N PHE A 84 -3.84 -3.88 -4.78
CA PHE A 84 -3.68 -2.54 -4.22
C PHE A 84 -3.42 -2.59 -2.72
N LEU A 85 -2.64 -1.63 -2.24
CA LEU A 85 -2.31 -1.55 -0.82
C LEU A 85 -2.74 -0.22 -0.22
N CYS A 86 -3.67 -0.27 0.72
CA CYS A 86 -4.17 0.94 1.36
C CYS A 86 -3.37 1.26 2.62
N VAL A 87 -2.49 2.25 2.50
CA VAL A 87 -1.66 2.66 3.63
C VAL A 87 -1.99 4.08 4.07
N PHE A 88 -2.11 4.27 5.39
CA PHE A 88 -2.43 5.58 5.93
C PHE A 88 -1.77 5.77 7.30
N ALA A 89 -1.52 7.02 7.66
CA ALA A 89 -0.88 7.33 8.94
C ALA A 89 -1.93 7.54 10.03
N ILE A 90 -1.80 6.80 11.13
CA ILE A 90 -2.73 6.91 12.23
C ILE A 90 -2.70 8.31 12.84
N ASN A 91 -1.56 8.98 12.73
CA ASN A 91 -1.41 10.33 13.27
C ASN A 91 -2.21 11.34 12.46
N ASN A 92 -2.48 11.00 11.20
CA ASN A 92 -3.23 11.87 10.32
C ASN A 92 -4.60 11.26 9.97
N THR A 93 -5.66 11.96 10.33
CA THR A 93 -7.01 11.49 10.05
C THR A 93 -7.31 11.52 8.56
N LYS A 94 -6.75 12.50 7.87
CA LYS A 94 -6.95 12.64 6.43
C LYS A 94 -6.54 11.37 5.70
N SER A 95 -5.39 10.82 6.08
CA SER A 95 -4.89 9.60 5.45
C SER A 95 -5.87 8.46 5.63
N PHE A 96 -6.51 8.40 6.78
CA PHE A 96 -7.48 7.35 7.08
C PHE A 96 -8.72 7.51 6.20
N GLU A 97 -9.12 8.76 5.96
CA GLU A 97 -10.29 9.04 5.14
C GLU A 97 -10.04 8.67 3.68
N ASP A 98 -8.79 8.71 3.26
CA ASP A 98 -8.43 8.38 1.89
C ASP A 98 -8.61 6.90 1.61
N ILE A 99 -8.31 6.08 2.60
CA ILE A 99 -8.45 4.62 2.46
C ILE A 99 -9.89 4.25 2.15
N HIS A 100 -10.83 5.08 2.61
CA HIS A 100 -12.25 4.83 2.38
C HIS A 100 -12.62 5.13 0.93
N GLN A 101 -12.35 6.36 0.51
CA GLN A 101 -12.65 6.79 -0.86
C GLN A 101 -11.82 6.00 -1.87
N TYR A 102 -10.64 5.57 -1.46
CA TYR A 102 -9.75 4.81 -2.33
C TYR A 102 -10.44 3.55 -2.86
N ARG A 103 -11.09 2.83 -1.96
CA ARG A 103 -11.79 1.60 -2.33
C ARG A 103 -12.81 1.87 -3.43
N GLU A 104 -13.42 3.05 -3.39
CA GLU A 104 -14.41 3.44 -4.38
C GLU A 104 -13.80 3.49 -5.78
N GLN A 105 -12.54 3.89 -5.84
CA GLN A 105 -11.84 3.99 -7.11
C GLN A 105 -11.54 2.60 -7.68
N ILE A 106 -11.08 1.71 -6.81
CA ILE A 106 -10.75 0.34 -7.22
C ILE A 106 -12.02 -0.43 -7.59
N LYS A 107 -13.05 -0.28 -6.77
CA LYS A 107 -14.31 -0.97 -7.00
C LYS A 107 -14.86 -0.63 -8.39
N ARG A 108 -14.64 0.60 -8.82
CA ARG A 108 -15.11 1.04 -10.13
C ARG A 108 -14.34 0.37 -11.26
N VAL A 109 -13.02 0.56 -11.26
CA VAL A 109 -12.16 -0.03 -12.28
C VAL A 109 -12.33 -1.54 -12.34
N LYS A 110 -12.20 -2.19 -11.18
CA LYS A 110 -12.33 -3.63 -11.08
C LYS A 110 -13.76 -4.07 -11.39
N ASP A 111 -14.71 -3.17 -11.13
CA ASP A 111 -16.13 -3.46 -11.38
C ASP A 111 -16.63 -4.51 -10.41
N SER A 112 -16.18 -4.43 -9.16
CA SER A 112 -16.60 -5.37 -8.11
C SER A 112 -16.01 -4.98 -6.76
N ASP A 113 -16.56 -5.55 -5.70
CA ASP A 113 -16.09 -5.26 -4.35
C ASP A 113 -15.25 -6.42 -3.80
N ASP A 114 -14.77 -7.29 -4.69
CA ASP A 114 -13.95 -8.42 -4.28
C ASP A 114 -12.65 -8.45 -5.05
N VAL A 115 -11.68 -7.67 -4.59
CA VAL A 115 -10.37 -7.61 -5.24
C VAL A 115 -9.23 -7.79 -4.23
N PRO A 116 -8.07 -8.28 -4.68
CA PRO A 116 -6.91 -8.48 -3.81
C PRO A 116 -6.29 -7.17 -3.35
N MET A 117 -6.49 -6.83 -2.08
CA MET A 117 -5.95 -5.59 -1.53
C MET A 117 -5.66 -5.76 -0.04
N VAL A 118 -5.00 -4.76 0.54
CA VAL A 118 -4.66 -4.79 1.95
C VAL A 118 -4.74 -3.39 2.56
N LEU A 119 -4.87 -3.34 3.89
CA LEU A 119 -4.96 -2.07 4.60
C LEU A 119 -3.89 -1.97 5.68
N VAL A 120 -2.87 -1.16 5.44
CA VAL A 120 -1.79 -0.98 6.39
C VAL A 120 -1.90 0.36 7.11
N GLY A 121 -1.38 0.40 8.34
CA GLY A 121 -1.41 1.63 9.11
C GLY A 121 -0.03 2.11 9.50
N ASN A 122 0.58 2.90 8.62
CA ASN A 122 1.92 3.43 8.87
C ASN A 122 1.93 4.32 10.11
N LYS A 123 3.13 4.68 10.56
CA LYS A 123 3.30 5.53 11.72
C LYS A 123 2.70 4.86 12.97
N CYS A 124 3.21 3.68 13.30
CA CYS A 124 2.73 2.94 14.46
C CYS A 124 3.70 3.08 15.65
N ASP A 125 4.73 3.90 15.48
CA ASP A 125 5.72 4.10 16.54
C ASP A 125 5.60 5.51 17.13
N LEU A 126 5.13 6.46 16.32
CA LEU A 126 4.96 7.84 16.76
C LEU A 126 4.13 7.91 18.04
N ALA A 127 4.35 8.96 18.81
CA ALA A 127 3.61 9.15 20.06
C ALA A 127 2.44 10.11 19.88
N ALA A 128 1.88 10.10 18.67
CA ALA A 128 0.75 10.97 18.36
C ALA A 128 -0.26 10.27 17.44
N ARG A 129 -1.08 9.42 18.03
CA ARG A 129 -2.08 8.67 17.27
C ARG A 129 -3.44 9.36 17.36
N THR A 130 -3.90 9.91 16.24
CA THR A 130 -5.19 10.59 16.19
C THR A 130 -6.32 9.59 15.93
N VAL A 131 -6.14 8.76 14.91
CA VAL A 131 -7.13 7.76 14.56
C VAL A 131 -6.89 6.47 15.33
N GLU A 132 -7.69 6.25 16.38
CA GLU A 132 -7.56 5.05 17.20
C GLU A 132 -7.63 3.79 16.35
N SER A 133 -7.14 2.68 16.91
CA SER A 133 -7.14 1.41 16.19
C SER A 133 -8.57 0.96 15.87
N ARG A 134 -9.48 1.15 16.82
CA ARG A 134 -10.87 0.77 16.63
C ARG A 134 -11.45 1.43 15.39
N GLN A 135 -11.21 2.73 15.24
CA GLN A 135 -11.72 3.48 14.10
C GLN A 135 -11.17 2.91 12.79
N ALA A 136 -9.88 2.57 12.79
CA ALA A 136 -9.25 2.03 11.60
C ALA A 136 -9.73 0.61 11.31
N GLN A 137 -10.03 -0.13 12.37
CA GLN A 137 -10.50 -1.50 12.23
C GLN A 137 -11.96 -1.53 11.77
N ASP A 138 -12.73 -0.54 12.19
CA ASP A 138 -14.14 -0.44 11.83
C ASP A 138 -14.30 -0.40 10.31
N LEU A 139 -13.50 0.43 9.66
CA LEU A 139 -13.55 0.58 8.21
C LEU A 139 -13.03 -0.69 7.53
N ALA A 140 -11.85 -1.12 7.92
CA ALA A 140 -11.23 -2.31 7.34
C ALA A 140 -12.16 -3.52 7.45
N ARG A 141 -12.71 -3.73 8.64
CA ARG A 141 -13.61 -4.84 8.88
C ARG A 141 -14.84 -4.77 7.97
N SER A 142 -15.21 -3.55 7.60
CA SER A 142 -16.37 -3.34 6.72
C SER A 142 -16.01 -3.63 5.27
N TYR A 143 -14.72 -3.59 4.96
CA TYR A 143 -14.25 -3.85 3.61
C TYR A 143 -13.97 -5.33 3.39
N GLY A 144 -13.74 -6.05 4.48
CA GLY A 144 -13.46 -7.47 4.39
C GLY A 144 -12.00 -7.76 4.12
N ILE A 145 -11.14 -6.77 4.35
CA ILE A 145 -9.71 -6.92 4.12
C ILE A 145 -8.93 -6.88 5.43
N PRO A 146 -7.72 -7.45 5.45
CA PRO A 146 -6.88 -7.48 6.64
C PRO A 146 -6.30 -6.11 6.98
N TYR A 147 -6.09 -5.87 8.27
CA TYR A 147 -5.53 -4.59 8.72
C TYR A 147 -4.21 -4.83 9.46
N ILE A 148 -3.13 -4.28 8.90
CA ILE A 148 -1.81 -4.44 9.50
C ILE A 148 -1.23 -3.08 9.90
N GLU A 149 -0.37 -3.09 10.92
CA GLU A 149 0.25 -1.86 11.40
C GLU A 149 1.76 -1.90 11.20
N THR A 150 2.29 -0.85 10.59
CA THR A 150 3.72 -0.75 10.35
C THR A 150 4.25 0.64 10.63
N SER A 151 5.57 0.79 10.64
CA SER A 151 6.20 2.08 10.90
C SER A 151 7.41 2.28 9.99
N ALA A 152 7.38 3.35 9.20
CA ALA A 152 8.47 3.65 8.29
C ALA A 152 9.67 4.27 9.01
N LYS A 153 9.48 4.56 10.30
CA LYS A 153 10.55 5.16 11.11
C LYS A 153 11.31 4.09 11.88
N THR A 154 10.57 3.21 12.54
CA THR A 154 11.18 2.14 13.32
C THR A 154 11.29 0.84 12.51
N ARG A 155 10.58 0.78 11.39
CA ARG A 155 10.60 -0.41 10.54
C ARG A 155 10.09 -1.62 11.30
N GLN A 156 8.82 -1.56 11.72
CA GLN A 156 8.21 -2.65 12.47
C GLN A 156 7.03 -3.24 11.69
N GLY A 157 7.13 -4.53 11.36
CA GLY A 157 6.06 -5.18 10.62
C GLY A 157 5.87 -4.62 9.23
N VAL A 158 6.83 -3.84 8.76
CA VAL A 158 6.77 -3.25 7.44
C VAL A 158 6.51 -4.30 6.36
N GLU A 159 7.43 -5.26 6.26
CA GLU A 159 7.31 -6.33 5.27
C GLU A 159 6.06 -7.16 5.53
N ASP A 160 5.72 -7.33 6.81
CA ASP A 160 4.55 -8.09 7.19
C ASP A 160 3.30 -7.61 6.45
N ALA A 161 3.23 -6.30 6.21
CA ALA A 161 2.10 -5.71 5.52
C ALA A 161 2.15 -6.02 4.02
N PHE A 162 3.34 -5.88 3.43
CA PHE A 162 3.54 -6.14 2.01
C PHE A 162 3.27 -7.61 1.69
N TYR A 163 3.91 -8.50 2.45
CA TYR A 163 3.75 -9.94 2.24
C TYR A 163 2.27 -10.34 2.29
N THR A 164 1.48 -9.60 3.06
CA THR A 164 0.05 -9.88 3.19
C THR A 164 -0.64 -9.81 1.83
N LEU A 165 -0.14 -8.94 0.96
CA LEU A 165 -0.72 -8.77 -0.37
C LEU A 165 -0.37 -9.97 -1.26
N VAL A 166 0.87 -10.43 -1.17
CA VAL A 166 1.34 -11.55 -1.96
C VAL A 166 0.43 -12.77 -1.78
N ARG A 167 0.06 -13.05 -0.54
CA ARG A 167 -0.80 -14.19 -0.23
C ARG A 167 -2.21 -13.96 -0.76
N GLU A 168 -2.69 -12.72 -0.61
CA GLU A 168 -4.04 -12.37 -1.06
C GLU A 168 -4.16 -12.53 -2.57
N ILE A 169 -3.27 -11.88 -3.31
CA ILE A 169 -3.29 -11.95 -4.77
C ILE A 169 -3.19 -13.39 -5.24
N ARG A 170 -2.32 -14.17 -4.61
CA ARG A 170 -2.13 -15.57 -4.97
C ARG A 170 -3.46 -16.34 -4.89
N GLN A 171 -4.18 -16.15 -3.79
CA GLN A 171 -5.45 -16.81 -3.59
C GLN A 171 -6.47 -16.35 -4.63
N HIS A 172 -6.53 -15.04 -4.85
CA HIS A 172 -7.46 -14.47 -5.82
C HIS A 172 -6.73 -14.05 -7.09
PG GNP B . 5.48 13.32 -0.79
O1G GNP B . 7.08 13.26 -0.55
O2G GNP B . 5.09 11.93 -1.51
O3G GNP B . 5.07 14.51 -1.56
N3B GNP B . 4.82 13.26 0.69
PB GNP B . 5.79 12.46 1.71
O1B GNP B . 5.05 12.23 2.96
O2B GNP B . 6.36 11.30 0.99
O3A GNP B . 6.97 13.54 1.97
PA GNP B . 8.41 13.04 2.47
O1A GNP B . 9.45 13.85 1.80
O2A GNP B . 8.45 11.56 2.32
O5' GNP B . 8.39 13.40 4.04
C5' GNP B . 7.65 12.58 4.96
C4' GNP B . 7.78 13.11 6.39
O4' GNP B . 7.14 12.20 7.29
C3' GNP B . 9.26 13.08 6.79
O3' GNP B . 9.48 13.85 7.97
C2' GNP B . 9.40 11.59 7.09
O2' GNP B . 10.58 11.35 7.85
C1' GNP B . 8.16 11.45 7.97
N9 GNP B . 7.78 10.02 8.13
C8 GNP B . 7.51 9.17 7.14
N7 GNP B . 7.19 7.99 7.66
C5 GNP B . 7.26 8.09 8.99
C6 GNP B . 7.05 7.18 10.02
O6 GNP B . 6.72 6.02 9.77
N1 GNP B . 7.21 7.61 11.34
C2 GNP B . 7.59 8.94 11.59
N2 GNP B . 7.75 9.35 12.83
N3 GNP B . 7.79 9.78 10.56
C4 GNP B . 7.63 9.39 9.29
HNB3 GNP B . 3.96 12.75 0.62
H5'2 GNP B . 6.68 12.57 4.73
H5'1 GNP B . 7.99 11.64 4.95
H4' GNP B . 7.47 14.06 6.43
H3' GNP B . 9.87 13.41 6.07
HO3' GNP B . 9.21 14.80 7.81
H2' GNP B . 9.34 11.08 6.23
HO2' GNP B . 10.52 11.85 8.72
H1' GNP B . 8.35 11.84 8.87
H8 GNP B . 7.27 9.49 6.23
HN1 GNP B . 7.06 6.98 12.10
HN21 GNP B . 8.01 10.31 13.02
HN22 GNP B . 7.59 8.73 13.59
MG MG C . 5.85 10.09 -0.92
C13 KOB D . 3.36 3.79 -14.37
C12 KOB D . 3.48 2.55 -13.76
C11 KOB D . 3.04 1.41 -14.42
F11 KOB D . 3.16 0.20 -13.83
C10 KOB D . 2.48 1.51 -15.69
C9 KOB D . 2.36 2.76 -16.30
C8 KOB D . 2.80 3.90 -15.64
N8 KOB D . 2.70 5.10 -16.19
C7 KOB D . 2.18 5.29 -17.40
S7 KOB D . 1.59 3.97 -18.36
N7 KOB D . 2.11 6.54 -17.87
N6 KOB D . 1.64 6.76 -18.98
C6 KOB D . 0.32 6.64 -19.19
C5 KOB D . -0.50 6.25 -18.14
C4 KOB D . -1.87 6.13 -18.35
C3 KOB D . -2.42 6.38 -19.61
N3 KOB D . -3.72 6.27 -19.80
O3B KOB D . -4.27 6.55 -21.08
O3A KOB D . -4.58 5.89 -18.73
C2 KOB D . -1.58 6.77 -20.66
C1 KOB D . -0.22 6.90 -20.44
N1 KOB D . 0.57 7.28 -21.44
O1B KOB D . 1.97 7.43 -21.23
O1A KOB D . 0.02 7.54 -22.72
HE1 KOB D . 2.00 0.65 -16.14
HE2 KOB D . 3.73 2.49 -12.71
HD2 KOB D . 3.58 4.68 -13.81
HD1 KOB D . 1.74 2.86 -17.18
HAD KOB D . 3.03 5.90 -15.67
HAC KOB D . 2.46 7.30 -17.33
HAB KOB D . 2.23 7.03 -19.74
H5 KOB D . -0.07 5.85 -17.24
H4 KOB D . -2.52 5.80 -17.54
H2 KOB D . -2.02 7.17 -21.56
N MET A 7 6.57 -19.29 -11.22
CA MET A 7 5.90 -18.67 -10.05
C MET A 7 4.78 -17.72 -10.49
N THR A 8 4.00 -17.24 -9.52
CA THR A 8 2.90 -16.33 -9.80
C THR A 8 3.36 -14.88 -9.68
N GLU A 9 2.74 -14.00 -10.46
CA GLU A 9 3.08 -12.58 -10.45
C GLU A 9 2.03 -11.79 -9.67
N TYR A 10 2.43 -11.31 -8.49
CA TYR A 10 1.53 -10.52 -7.66
C TYR A 10 1.76 -9.02 -7.86
N LYS A 11 0.76 -8.36 -8.42
CA LYS A 11 0.85 -6.92 -8.67
C LYS A 11 0.49 -6.14 -7.41
N LEU A 12 1.51 -5.66 -6.70
CA LEU A 12 1.30 -4.89 -5.48
C LEU A 12 1.20 -3.40 -5.80
N VAL A 13 -0.03 -2.92 -5.94
CA VAL A 13 -0.27 -1.52 -6.25
C VAL A 13 -0.28 -0.67 -4.98
N VAL A 14 0.83 0.03 -4.75
CA VAL A 14 0.95 0.88 -3.57
C VAL A 14 0.35 2.25 -3.81
N VAL A 15 -0.74 2.55 -3.11
CA VAL A 15 -1.42 3.83 -3.24
C VAL A 15 -1.23 4.68 -1.99
N GLY A 16 -1.87 5.84 -1.96
CA GLY A 16 -1.76 6.73 -0.81
C GLY A 16 -1.34 8.13 -1.19
N ALA A 17 -1.55 9.08 -0.29
CA ALA A 17 -1.18 10.47 -0.55
C ALA A 17 0.31 10.62 -0.75
N GLY A 18 0.73 11.77 -1.26
CA GLY A 18 2.14 12.02 -1.50
C GLY A 18 2.95 12.09 -0.23
N GLY A 19 2.27 12.15 0.91
CA GLY A 19 2.97 12.23 2.18
C GLY A 19 2.43 11.26 3.21
N VAL A 20 2.42 9.97 2.88
CA VAL A 20 1.91 8.94 3.78
C VAL A 20 2.99 7.91 4.12
N GLY A 21 4.15 8.02 3.48
CA GLY A 21 5.23 7.09 3.73
C GLY A 21 5.02 5.75 3.04
N LYS A 22 4.22 5.75 1.99
CA LYS A 22 3.95 4.53 1.23
C LYS A 22 5.17 4.10 0.44
N SER A 23 5.89 5.06 -0.13
CA SER A 23 7.09 4.78 -0.91
C SER A 23 8.24 4.33 -0.01
N ALA A 24 8.21 4.75 1.25
CA ALA A 24 9.26 4.40 2.20
C ALA A 24 9.36 2.88 2.36
N LEU A 25 8.30 2.27 2.86
CA LEU A 25 8.27 0.82 3.08
C LEU A 25 8.57 0.07 1.78
N THR A 26 8.22 0.67 0.65
CA THR A 26 8.43 0.06 -0.65
C THR A 26 9.90 -0.34 -0.84
N ILE A 27 10.80 0.58 -0.51
CA ILE A 27 12.23 0.33 -0.63
C ILE A 27 12.71 -0.58 0.48
N GLN A 28 12.09 -0.47 1.65
CA GLN A 28 12.47 -1.30 2.79
C GLN A 28 12.31 -2.78 2.46
N LEU A 29 11.15 -3.14 1.92
CA LEU A 29 10.86 -4.52 1.55
C LEU A 29 11.83 -4.99 0.47
N ILE A 30 11.80 -4.31 -0.68
CA ILE A 30 12.68 -4.65 -1.80
C ILE A 30 14.14 -4.65 -1.37
N GLN A 31 14.62 -3.50 -0.91
CA GLN A 31 16.01 -3.37 -0.46
C GLN A 31 16.06 -3.34 1.07
N ASN A 32 16.71 -2.33 1.65
CA ASN A 32 16.81 -2.22 3.11
C ASN A 32 17.69 -1.04 3.50
N HIS A 33 17.48 0.09 2.85
CA HIS A 33 18.26 1.30 3.13
C HIS A 33 17.38 2.54 3.19
N PHE A 34 16.06 2.35 3.20
CA PHE A 34 15.13 3.46 3.26
C PHE A 34 15.27 4.33 2.01
N VAL A 35 14.14 4.80 1.47
CA VAL A 35 14.15 5.63 0.28
C VAL A 35 15.12 6.80 0.44
N ASP A 36 15.76 7.17 -0.67
CA ASP A 36 16.71 8.27 -0.68
C ASP A 36 17.38 8.39 -2.05
N GLU A 37 17.63 7.24 -2.67
CA GLU A 37 18.27 7.20 -3.98
C GLU A 37 17.26 6.89 -5.08
N TYR A 38 16.38 7.83 -5.36
CA TYR A 38 15.35 7.65 -6.39
C TYR A 38 15.15 8.94 -7.18
N ASP A 39 14.63 8.80 -8.40
CA ASP A 39 14.38 9.95 -9.26
C ASP A 39 12.92 10.01 -9.69
N PRO A 40 12.30 11.19 -9.59
CA PRO A 40 10.89 11.38 -9.98
C PRO A 40 10.68 11.29 -11.48
N SER A 41 11.77 11.39 -12.24
CA SER A 41 11.72 11.32 -13.69
C SER A 41 11.51 9.89 -14.17
N ILE A 42 11.54 8.94 -13.25
CA ILE A 42 11.35 7.53 -13.60
C ILE A 42 10.30 6.87 -12.71
N GLU A 43 9.97 5.63 -13.04
CA GLU A 43 8.97 4.88 -12.27
C GLU A 43 9.64 4.06 -11.17
N ASP A 44 9.37 4.43 -9.92
CA ASP A 44 9.94 3.73 -8.78
C ASP A 44 9.23 2.40 -8.56
N SER A 45 9.41 1.47 -9.51
CA SER A 45 8.78 0.16 -9.41
C SER A 45 9.84 -0.93 -9.24
N TYR A 46 9.53 -1.92 -8.41
CA TYR A 46 10.46 -3.01 -8.15
C TYR A 46 9.70 -4.32 -7.94
N ARG A 47 10.43 -5.43 -8.00
CA ARG A 47 9.83 -6.75 -7.81
C ARG A 47 10.80 -7.71 -7.13
N LYS A 48 10.34 -8.36 -6.08
CA LYS A 48 11.16 -9.31 -5.34
C LYS A 48 10.49 -10.68 -5.26
N GLN A 49 11.30 -11.73 -5.26
CA GLN A 49 10.78 -13.09 -5.17
C GLN A 49 10.77 -13.59 -3.73
N VAL A 50 9.59 -13.94 -3.24
CA VAL A 50 9.45 -14.43 -1.88
C VAL A 50 8.66 -15.74 -1.85
N VAL A 51 8.52 -16.30 -0.64
CA VAL A 51 7.79 -17.55 -0.47
C VAL A 51 6.55 -17.35 0.40
N ILE A 52 5.39 -17.28 -0.25
CA ILE A 52 4.13 -17.08 0.46
C ILE A 52 3.21 -18.28 0.29
N ASP A 53 2.54 -18.65 1.37
CA ASP A 53 1.62 -19.79 1.36
C ASP A 53 2.37 -21.09 1.11
N GLY A 54 3.69 -21.08 1.30
CA GLY A 54 4.48 -22.27 1.09
C GLY A 54 5.02 -22.39 -0.32
N GLU A 55 4.42 -21.66 -1.25
CA GLU A 55 4.85 -21.69 -2.65
C GLU A 55 5.57 -20.41 -3.03
N THR A 56 6.54 -20.54 -3.94
CA THR A 56 7.31 -19.38 -4.40
C THR A 56 6.47 -18.49 -5.31
N CYS A 57 6.46 -17.20 -5.00
CA CYS A 57 5.69 -16.24 -5.79
C CYS A 57 6.41 -14.90 -5.87
N LEU A 58 6.26 -14.21 -7.00
CA LEU A 58 6.90 -12.93 -7.20
C LEU A 58 6.07 -11.80 -6.56
N LEU A 59 6.75 -10.70 -6.23
CA LEU A 59 6.08 -9.56 -5.61
C LEU A 59 6.35 -8.28 -6.39
N ASP A 60 5.60 -8.08 -7.47
CA ASP A 60 5.77 -6.88 -8.29
C ASP A 60 5.12 -5.67 -7.62
N ILE A 61 5.94 -4.84 -6.98
CA ILE A 61 5.45 -3.66 -6.29
C ILE A 61 5.37 -2.47 -7.24
N LEU A 62 4.14 -2.06 -7.59
CA LEU A 62 3.94 -0.92 -8.48
C LEU A 62 3.78 0.36 -7.67
N ASP A 63 4.85 1.15 -7.60
CA ASP A 63 4.83 2.40 -6.86
C ASP A 63 4.64 3.58 -7.81
N THR A 64 3.43 4.14 -7.83
CA THR A 64 3.11 5.27 -8.67
C THR A 64 3.73 6.55 -8.12
N ALA A 65 3.40 7.68 -8.74
CA ALA A 65 3.92 8.96 -8.29
C ALA A 65 2.97 9.63 -7.31
N GLY A 66 3.50 10.55 -6.50
CA GLY A 66 2.69 11.25 -5.54
C GLY A 66 2.39 12.67 -5.98
N GLN A 67 3.25 13.22 -6.81
CA GLN A 67 3.07 14.59 -7.31
C GLN A 67 2.48 14.57 -8.71
N GLU A 68 2.26 15.76 -9.27
CA GLU A 68 1.68 15.88 -10.60
C GLU A 68 0.33 15.19 -10.68
N GLU A 69 -0.24 15.13 -11.88
CA GLU A 69 -1.54 14.50 -12.09
C GLU A 69 -1.37 13.07 -12.57
N TYR A 70 -1.10 12.91 -13.87
CA TYR A 70 -0.91 11.58 -14.45
C TYR A 70 -2.10 10.67 -14.13
N SER A 71 -3.29 11.24 -14.09
CA SER A 71 -4.49 10.47 -13.79
C SER A 71 -4.68 9.35 -14.79
N ALA A 72 -4.14 9.53 -15.99
CA ALA A 72 -4.26 8.52 -17.05
C ALA A 72 -3.70 7.18 -16.58
N MET A 73 -2.43 7.19 -16.16
CA MET A 73 -1.78 5.97 -15.69
C MET A 73 -2.45 5.44 -14.43
N ARG A 74 -2.96 6.36 -13.60
CA ARG A 74 -3.62 5.97 -12.36
C ARG A 74 -4.68 4.91 -12.62
N ASP A 75 -5.56 5.19 -13.58
CA ASP A 75 -6.61 4.25 -13.94
C ASP A 75 -6.01 2.97 -14.52
N GLN A 76 -4.89 3.12 -15.20
CA GLN A 76 -4.20 2.00 -15.81
C GLN A 76 -3.63 1.08 -14.74
N TYR A 77 -2.92 1.67 -13.77
CA TYR A 77 -2.31 0.92 -12.69
C TYR A 77 -3.33 0.01 -12.01
N MET A 78 -4.56 0.47 -11.89
CA MET A 78 -5.62 -0.33 -11.29
C MET A 78 -5.94 -1.51 -12.19
N ARG A 79 -6.07 -1.22 -13.48
CA ARG A 79 -6.36 -2.25 -14.48
C ARG A 79 -5.14 -3.13 -14.72
N THR A 80 -3.98 -2.72 -14.19
CA THR A 80 -2.76 -3.48 -14.36
C THR A 80 -2.47 -4.34 -13.13
N GLY A 81 -3.03 -3.93 -11.99
CA GLY A 81 -2.80 -4.65 -10.76
C GLY A 81 -3.99 -5.50 -10.33
N GLU A 82 -3.73 -6.39 -9.37
CA GLU A 82 -4.76 -7.28 -8.84
C GLU A 82 -5.08 -6.92 -7.39
N GLY A 83 -4.23 -6.10 -6.77
CA GLY A 83 -4.44 -5.71 -5.39
C GLY A 83 -3.80 -4.38 -5.07
N PHE A 84 -4.38 -3.65 -4.11
CA PHE A 84 -3.85 -2.35 -3.72
C PHE A 84 -3.56 -2.31 -2.22
N LEU A 85 -2.64 -1.42 -1.83
CA LEU A 85 -2.27 -1.28 -0.44
C LEU A 85 -2.42 0.17 0.02
N CYS A 86 -3.31 0.39 0.98
CA CYS A 86 -3.55 1.73 1.51
C CYS A 86 -2.65 2.03 2.70
N VAL A 87 -1.70 2.94 2.50
CA VAL A 87 -0.77 3.31 3.56
C VAL A 87 -1.08 4.71 4.10
N PHE A 88 -1.54 4.76 5.33
CA PHE A 88 -1.88 6.03 5.97
C PHE A 88 -0.99 6.28 7.19
N ALA A 89 -0.63 7.54 7.42
CA ALA A 89 0.21 7.90 8.54
C ALA A 89 -0.63 8.18 9.78
N ILE A 90 -0.34 7.46 10.87
CA ILE A 90 -1.07 7.64 12.12
C ILE A 90 -0.91 9.05 12.65
N ASN A 91 0.23 9.67 12.33
CA ASN A 91 0.52 11.02 12.77
C ASN A 91 -0.13 12.05 11.84
N ASN A 92 -0.31 11.66 10.58
CA ASN A 92 -0.92 12.53 9.59
C ASN A 92 -2.39 12.19 9.40
N THR A 93 -3.27 13.04 9.92
CA THR A 93 -4.71 12.81 9.80
C THR A 93 -5.17 12.95 8.35
N LYS A 94 -4.44 13.74 7.57
CA LYS A 94 -4.78 13.96 6.17
C LYS A 94 -4.71 12.65 5.38
N SER A 95 -3.64 11.88 5.60
CA SER A 95 -3.45 10.61 4.91
C SER A 95 -4.67 9.71 5.09
N PHE A 96 -5.18 9.66 6.32
CA PHE A 96 -6.35 8.83 6.62
C PHE A 96 -7.55 9.28 5.80
N GLU A 97 -7.57 10.55 5.42
CA GLU A 97 -8.66 11.11 4.64
C GLU A 97 -8.54 10.69 3.17
N ASP A 98 -7.31 10.49 2.71
CA ASP A 98 -7.06 10.10 1.33
C ASP A 98 -7.39 8.63 1.11
N ILE A 99 -7.17 7.81 2.14
CA ILE A 99 -7.44 6.38 2.06
C ILE A 99 -8.91 6.13 1.78
N HIS A 100 -9.77 7.01 2.29
CA HIS A 100 -11.20 6.88 2.09
C HIS A 100 -11.58 7.13 0.63
N GLN A 101 -11.18 8.30 0.11
CA GLN A 101 -11.47 8.66 -1.27
C GLN A 101 -10.74 7.75 -2.25
N TYR A 102 -9.59 7.24 -1.81
CA TYR A 102 -8.79 6.35 -2.66
C TYR A 102 -9.58 5.13 -3.07
N ARG A 103 -10.22 4.48 -2.10
CA ARG A 103 -11.02 3.29 -2.36
C ARG A 103 -12.07 3.56 -3.42
N GLU A 104 -12.56 4.80 -3.48
CA GLU A 104 -13.58 5.19 -4.45
C GLU A 104 -13.07 4.99 -5.87
N GLN A 105 -11.81 5.35 -6.10
CA GLN A 105 -11.20 5.21 -7.42
C GLN A 105 -10.96 3.74 -7.77
N ILE A 106 -10.85 2.91 -6.74
CA ILE A 106 -10.63 1.48 -6.94
C ILE A 106 -11.91 0.78 -7.41
N LYS A 107 -13.02 1.10 -6.77
CA LYS A 107 -14.30 0.51 -7.11
C LYS A 107 -14.67 0.80 -8.56
N ARG A 108 -14.26 1.96 -9.06
CA ARG A 108 -14.55 2.35 -10.43
C ARG A 108 -13.87 1.41 -11.42
N VAL A 109 -12.55 1.33 -11.34
CA VAL A 109 -11.78 0.47 -12.23
C VAL A 109 -12.16 -1.00 -12.03
N LYS A 110 -12.11 -1.44 -10.78
CA LYS A 110 -12.45 -2.81 -10.44
C LYS A 110 -13.91 -3.10 -10.77
N ASP A 111 -14.73 -2.06 -10.77
CA ASP A 111 -16.15 -2.20 -11.07
C ASP A 111 -16.84 -3.10 -10.05
N SER A 112 -16.62 -2.82 -8.77
CA SER A 112 -17.22 -3.60 -7.70
C SER A 112 -16.81 -3.05 -6.34
N ASP A 113 -17.36 -3.65 -5.28
CA ASP A 113 -17.05 -3.22 -3.92
C ASP A 113 -16.09 -4.19 -3.25
N ASP A 114 -16.32 -5.49 -3.47
CA ASP A 114 -15.46 -6.51 -2.88
C ASP A 114 -14.17 -6.67 -3.66
N VAL A 115 -13.21 -5.79 -3.40
CA VAL A 115 -11.92 -5.83 -4.07
C VAL A 115 -10.79 -6.10 -3.09
N PRO A 116 -9.77 -6.87 -3.51
CA PRO A 116 -8.63 -7.20 -2.65
C PRO A 116 -7.75 -5.99 -2.34
N MET A 117 -7.93 -5.44 -1.15
CA MET A 117 -7.15 -4.28 -0.72
C MET A 117 -6.63 -4.46 0.70
N VAL A 118 -5.80 -3.52 1.14
CA VAL A 118 -5.24 -3.58 2.49
C VAL A 118 -5.03 -2.18 3.05
N LEU A 119 -5.05 -2.07 4.38
CA LEU A 119 -4.85 -0.79 5.05
C LEU A 119 -3.78 -0.90 6.12
N VAL A 120 -2.66 -0.22 5.88
CA VAL A 120 -1.55 -0.24 6.82
C VAL A 120 -1.39 1.10 7.53
N GLY A 121 -0.81 1.08 8.72
CA GLY A 121 -0.60 2.30 9.47
C GLY A 121 0.86 2.71 9.51
N ASN A 122 1.33 3.32 8.43
CA ASN A 122 2.72 3.76 8.35
C ASN A 122 3.07 4.70 9.50
N LYS A 123 4.36 4.78 9.81
CA LYS A 123 4.83 5.64 10.90
C LYS A 123 4.27 5.18 12.24
N CYS A 124 4.54 3.93 12.59
CA CYS A 124 4.07 3.37 13.85
C CYS A 124 5.10 3.56 14.96
N ASP A 125 6.36 3.73 14.56
CA ASP A 125 7.45 3.93 15.53
C ASP A 125 7.43 5.36 16.08
N LEU A 126 6.88 6.29 15.30
CA LEU A 126 6.82 7.69 15.71
C LEU A 126 6.21 7.82 17.10
N ALA A 127 6.36 9.00 17.69
CA ALA A 127 5.83 9.25 19.02
C ALA A 127 4.84 10.42 19.02
N ALA A 128 4.20 10.64 17.87
CA ALA A 128 3.23 11.72 17.74
C ALA A 128 2.09 11.32 16.81
N ARG A 129 1.20 10.46 17.30
CA ARG A 129 0.06 10.02 16.50
C ARG A 129 -1.15 10.92 16.72
N THR A 130 -1.85 11.20 15.63
CA THR A 130 -3.03 12.06 15.70
C THR A 130 -4.31 11.25 15.46
N VAL A 131 -4.16 10.12 14.76
CA VAL A 131 -5.28 9.26 14.45
C VAL A 131 -5.16 7.93 15.21
N GLU A 132 -5.96 7.78 16.25
CA GLU A 132 -5.95 6.56 17.06
C GLU A 132 -6.18 5.33 16.17
N SER A 133 -5.82 4.16 16.70
CA SER A 133 -6.00 2.92 15.96
C SER A 133 -7.47 2.64 15.69
N ARG A 134 -8.32 3.00 16.64
CA ARG A 134 -9.76 2.79 16.51
C ARG A 134 -10.30 3.50 15.28
N GLN A 135 -9.93 4.77 15.11
CA GLN A 135 -10.39 5.56 13.97
C GLN A 135 -9.97 4.91 12.66
N ALA A 136 -8.74 4.40 12.63
CA ALA A 136 -8.21 3.75 11.43
C ALA A 136 -8.94 2.44 11.14
N GLN A 137 -9.19 1.68 12.21
CA GLN A 137 -9.89 0.39 12.07
C GLN A 137 -11.36 0.60 11.74
N ASP A 138 -11.92 1.71 12.20
CA ASP A 138 -13.33 2.03 11.95
C ASP A 138 -13.62 2.06 10.45
N LEU A 139 -12.66 2.56 9.68
CA LEU A 139 -12.81 2.65 8.23
C LEU A 139 -12.52 1.31 7.57
N ALA A 140 -11.38 0.71 7.90
CA ALA A 140 -10.99 -0.56 7.34
C ALA A 140 -12.03 -1.64 7.63
N ARG A 141 -12.52 -1.67 8.87
CA ARG A 141 -13.52 -2.65 9.28
C ARG A 141 -14.76 -2.56 8.39
N SER A 142 -15.16 -1.33 8.08
CA SER A 142 -16.34 -1.11 7.23
C SER A 142 -16.01 -1.40 5.77
N TYR A 143 -14.77 -1.11 5.39
CA TYR A 143 -14.34 -1.34 4.02
C TYR A 143 -14.23 -2.83 3.71
N GLY A 144 -14.04 -3.63 4.76
CA GLY A 144 -13.92 -5.07 4.58
C GLY A 144 -12.48 -5.52 4.38
N ILE A 145 -11.54 -4.63 4.65
CA ILE A 145 -10.13 -4.94 4.50
C ILE A 145 -9.41 -4.99 5.85
N PRO A 146 -8.34 -5.79 5.96
CA PRO A 146 -7.58 -5.93 7.20
C PRO A 146 -6.79 -4.66 7.53
N TYR A 147 -6.40 -4.52 8.79
CA TYR A 147 -5.65 -3.36 9.24
C TYR A 147 -4.35 -3.80 9.92
N ILE A 148 -3.22 -3.38 9.36
CA ILE A 148 -1.92 -3.72 9.90
C ILE A 148 -1.11 -2.47 10.24
N GLU A 149 -0.11 -2.62 11.09
CA GLU A 149 0.73 -1.50 11.49
C GLU A 149 2.19 -1.75 11.12
N THR A 150 2.82 -0.75 10.51
CA THR A 150 4.22 -0.86 10.11
C THR A 150 4.95 0.46 10.25
N SER A 151 6.26 0.44 10.07
CA SER A 151 7.08 1.64 10.18
C SER A 151 8.30 1.54 9.26
N ALA A 152 8.36 2.45 8.29
CA ALA A 152 9.48 2.47 7.34
C ALA A 152 10.80 2.81 8.04
N LYS A 153 10.71 3.47 9.18
CA LYS A 153 11.91 3.85 9.93
C LYS A 153 12.56 2.64 10.58
N THR A 154 11.87 2.03 11.54
CA THR A 154 12.38 0.86 12.24
C THR A 154 12.19 -0.42 11.42
N ARG A 155 11.35 -0.35 10.39
CA ARG A 155 11.09 -1.51 9.55
C ARG A 155 10.43 -2.61 10.35
N GLN A 156 9.30 -2.31 10.97
CA GLN A 156 8.57 -3.27 11.79
C GLN A 156 7.29 -3.71 11.09
N GLY A 157 7.09 -5.02 11.01
CA GLY A 157 5.90 -5.56 10.37
C GLY A 157 5.75 -5.11 8.92
N VAL A 158 6.86 -4.70 8.32
CA VAL A 158 6.84 -4.26 6.93
C VAL A 158 6.29 -5.33 6.00
N GLU A 159 6.96 -6.49 6.01
CA GLU A 159 6.53 -7.61 5.17
C GLU A 159 5.14 -8.09 5.58
N ASP A 160 4.83 -7.96 6.87
CA ASP A 160 3.53 -8.37 7.40
C ASP A 160 2.39 -7.72 6.61
N ALA A 161 2.43 -6.39 6.53
CA ALA A 161 1.40 -5.64 5.82
C ALA A 161 1.35 -6.04 4.35
N PHE A 162 2.51 -6.09 3.71
CA PHE A 162 2.60 -6.45 2.31
C PHE A 162 2.02 -7.84 2.07
N TYR A 163 2.47 -8.81 2.85
CA TYR A 163 1.99 -10.18 2.74
C TYR A 163 0.48 -10.25 2.91
N THR A 164 -0.08 -9.28 3.64
CA THR A 164 -1.51 -9.24 3.88
C THR A 164 -2.30 -9.21 2.57
N LEU A 165 -1.92 -8.31 1.67
CA LEU A 165 -2.60 -8.20 0.38
C LEU A 165 -2.52 -9.51 -0.40
N VAL A 166 -1.41 -10.22 -0.24
CA VAL A 166 -1.22 -11.50 -0.94
C VAL A 166 -2.36 -12.47 -0.61
N ARG A 167 -2.65 -12.63 0.68
CA ARG A 167 -3.71 -13.53 1.12
C ARG A 167 -5.07 -13.02 0.66
N GLU A 168 -5.19 -11.69 0.51
CA GLU A 168 -6.44 -11.08 0.09
C GLU A 168 -6.71 -11.35 -1.38
N ILE A 169 -5.72 -11.09 -2.23
CA ILE A 169 -5.85 -11.31 -3.65
C ILE A 169 -6.14 -12.77 -3.97
N ARG A 170 -5.53 -13.66 -3.19
CA ARG A 170 -5.72 -15.10 -3.38
C ARG A 170 -7.16 -15.52 -3.08
N GLN A 171 -7.87 -14.69 -2.32
CA GLN A 171 -9.25 -14.98 -1.96
C GLN A 171 -10.22 -14.26 -2.90
N HIS A 172 -9.75 -13.97 -4.11
CA HIS A 172 -10.57 -13.29 -5.11
C HIS A 172 -10.03 -13.53 -6.51
PG GNP B . 7.18 11.29 0.74
O1G GNP B . 8.43 11.43 -0.27
O2G GNP B . 6.01 10.59 -0.11
O3G GNP B . 6.76 12.58 1.34
N3B GNP B . 7.64 10.19 1.85
PB GNP B . 8.64 9.12 1.16
O1B GNP B . 8.87 8.04 2.15
O2B GNP B . 8.11 8.75 -0.17
O3A GNP B . 9.99 9.97 0.97
PA GNP B . 11.33 9.56 1.77
O1A GNP B . 12.49 10.20 1.11
O2A GNP B . 11.32 8.08 1.91
O5' GNP B . 11.12 10.23 3.22
C5' GNP B . 11.07 11.65 3.34
C4' GNP B . 11.17 12.07 4.82
O4' GNP B . 10.12 11.42 5.56
C3' GNP B . 12.47 11.52 5.40
O3' GNP B . 12.77 12.16 6.65
C2' GNP B . 12.05 10.08 5.61
O2' GNP B . 12.95 9.43 6.52
C1' GNP B . 10.72 10.36 6.32
N9 GNP B . 9.86 9.15 6.35
C8 GNP B . 9.25 8.60 5.31
N7 GNP B . 8.56 7.54 5.71
C5 GNP B . 8.74 7.40 7.03
C6 GNP B . 8.26 6.49 7.96
O6 GNP B . 7.52 5.57 7.62
N1 GNP B . 8.64 6.64 9.30
C2 GNP B . 9.48 7.70 9.66
N2 GNP B . 9.84 7.85 10.93
N3 GNP B . 9.92 8.56 8.72
C4 GNP B . 9.57 8.44 7.44
HNB3 GNP B . 6.82 9.71 2.15
H5'2 GNP B . 10.22 12.01 2.97
H5'1 GNP B . 11.82 12.07 2.85
H4' GNP B . 11.18 13.06 4.89
H3' GNP B . 13.25 11.64 4.78
HO3' GNP B . 12.86 13.14 6.51
H2' GNP B . 11.94 9.62 4.73
HO2' GNP B . 12.96 9.93 7.39
H1' GNP B . 10.90 10.66 7.25
H8 GNP B . 9.10 9.11 4.47
HN1 GNP B . 8.31 6.00 10.00
HN21 GNP B . 10.45 8.61 11.18
HN22 GNP B . 9.53 7.21 11.62
MG MG C . 6.01 8.78 -1.15
C13 KOB D . 1.86 -0.51 -16.52
C12 KOB D . 2.02 -1.18 -15.31
C11 KOB D . 2.95 -0.73 -14.38
F11 KOB D . 3.10 -1.38 -13.21
C10 KOB D . 3.73 0.39 -14.67
C9 KOB D . 3.57 1.06 -15.88
C8 KOB D . 2.64 0.61 -16.81
N8 KOB D . 2.52 1.25 -17.96
C7 KOB D . 1.66 0.85 -18.90
S7 KOB D . 0.63 -0.54 -18.66
N7 KOB D . 1.58 1.53 -20.05
N6 KOB D . 2.29 2.51 -20.24
C6 KOB D . 1.96 3.69 -19.73
C5 KOB D . 0.78 3.82 -19.00
C4 KOB D . 0.41 5.07 -18.51
C3 KOB D . 1.21 6.18 -18.75
N3 KOB D . 0.84 7.39 -18.31
O3B KOB D . 1.66 8.51 -18.56
O3A KOB D . -0.39 7.54 -17.61
C2 KOB D . 2.39 6.05 -19.48
C1 KOB D . 2.76 4.80 -19.97
N1 KOB D . 3.89 4.67 -20.66
O1B KOB D . 4.27 3.40 -21.16
O1A KOB D . 4.71 5.82 -20.90
HE1 KOB D . 4.29 0.87 -13.87
HE2 KOB D . 1.29 -1.93 -15.01
HD2 KOB D . 1.00 -0.73 -17.14
HD1 KOB D . 4.19 1.91 -16.11
HAD KOB D . 3.09 2.04 -18.14
HAC KOB D . 0.92 1.24 -20.74
HAB KOB D . 3.12 2.42 -20.78
H5 KOB D . 0.37 2.94 -18.52
H4 KOB D . -0.39 5.14 -17.78
H2 KOB D . 3.06 6.89 -19.59
N MET A 7 5.00 -20.20 -10.73
CA MET A 7 4.45 -19.25 -9.74
C MET A 7 3.67 -18.13 -10.40
N THR A 8 2.58 -17.72 -9.77
CA THR A 8 1.73 -16.66 -10.28
C THR A 8 2.37 -15.29 -10.04
N GLU A 9 2.13 -14.36 -10.97
CA GLU A 9 2.67 -13.01 -10.84
C GLU A 9 1.62 -12.06 -10.30
N TYR A 10 1.97 -11.35 -9.23
CA TYR A 10 1.06 -10.41 -8.59
C TYR A 10 1.62 -8.99 -8.63
N LYS A 11 0.84 -8.06 -9.18
CA LYS A 11 1.25 -6.67 -9.26
C LYS A 11 0.58 -5.84 -8.18
N LEU A 12 1.35 -5.46 -7.17
CA LEU A 12 0.83 -4.66 -6.06
C LEU A 12 1.13 -3.18 -6.28
N VAL A 13 0.08 -2.41 -6.58
CA VAL A 13 0.22 -0.98 -6.79
C VAL A 13 0.14 -0.22 -5.47
N VAL A 14 1.30 0.20 -4.96
CA VAL A 14 1.36 0.93 -3.71
C VAL A 14 1.11 2.42 -3.92
N VAL A 15 0.35 3.02 -3.01
CA VAL A 15 0.03 4.44 -3.10
C VAL A 15 0.13 5.10 -1.73
N GLY A 16 0.33 6.42 -1.73
CA GLY A 16 0.44 7.15 -0.48
C GLY A 16 0.67 8.63 -0.69
N ALA A 17 0.72 9.38 0.40
CA ALA A 17 0.94 10.82 0.35
C ALA A 17 2.40 11.17 0.57
N GLY A 18 3.29 10.22 0.28
CA GLY A 18 4.71 10.46 0.47
C GLY A 18 5.14 10.31 1.91
N GLY A 19 4.88 11.35 2.71
CA GLY A 19 5.25 11.31 4.11
C GLY A 19 4.68 10.12 4.85
N VAL A 20 3.58 9.56 4.32
CA VAL A 20 2.94 8.41 4.94
C VAL A 20 3.93 7.27 5.15
N GLY A 21 4.83 7.08 4.18
CA GLY A 21 5.81 6.02 4.29
C GLY A 21 5.43 4.78 3.50
N LYS A 22 5.09 4.98 2.23
CA LYS A 22 4.70 3.86 1.37
C LYS A 22 5.92 3.08 0.90
N SER A 23 7.05 3.78 0.77
CA SER A 23 8.29 3.16 0.33
C SER A 23 8.91 2.33 1.45
N ALA A 24 8.71 2.77 2.68
CA ALA A 24 9.24 2.08 3.85
C ALA A 24 8.82 0.61 3.86
N LEU A 25 7.51 0.37 3.75
CA LEU A 25 6.98 -0.98 3.74
C LEU A 25 7.51 -1.76 2.55
N THR A 26 7.63 -1.08 1.40
CA THR A 26 8.13 -1.72 0.19
C THR A 26 9.56 -2.19 0.36
N ILE A 27 10.45 -1.27 0.70
CA ILE A 27 11.85 -1.59 0.90
C ILE A 27 12.03 -2.54 2.09
N GLN A 28 11.11 -2.45 3.05
CA GLN A 28 11.16 -3.31 4.24
C GLN A 28 10.80 -4.74 3.88
N LEU A 29 9.74 -4.90 3.09
CA LEU A 29 9.29 -6.22 2.66
C LEU A 29 10.18 -6.80 1.56
N ILE A 30 11.15 -6.00 1.09
CA ILE A 30 12.05 -6.45 0.04
C ILE A 30 13.49 -6.46 0.54
N GLN A 31 14.05 -5.28 0.76
CA GLN A 31 15.43 -5.16 1.22
C GLN A 31 15.53 -5.40 2.73
N ASN A 32 14.46 -5.06 3.44
CA ASN A 32 14.42 -5.25 4.89
C ASN A 32 15.31 -4.24 5.62
N HIS A 33 14.94 -2.96 5.53
CA HIS A 33 15.70 -1.90 6.18
C HIS A 33 15.01 -0.56 5.99
N PHE A 34 15.26 0.38 6.90
CA PHE A 34 14.67 1.71 6.83
C PHE A 34 15.04 2.39 5.51
N VAL A 35 14.04 2.90 4.81
CA VAL A 35 14.26 3.58 3.54
C VAL A 35 15.27 4.71 3.70
N ASP A 36 16.04 4.96 2.64
CA ASP A 36 17.06 6.01 2.64
C ASP A 36 17.85 5.97 1.33
N GLU A 37 18.10 4.78 0.83
CA GLU A 37 18.85 4.60 -0.41
C GLU A 37 17.92 4.35 -1.58
N TYR A 38 17.26 5.41 -2.05
CA TYR A 38 16.33 5.31 -3.16
C TYR A 38 16.45 6.51 -4.09
N ASP A 39 15.83 6.43 -5.27
CA ASP A 39 15.88 7.51 -6.23
C ASP A 39 14.57 8.30 -6.23
N PRO A 40 14.63 9.61 -6.54
CA PRO A 40 13.44 10.47 -6.56
C PRO A 40 12.52 10.16 -7.73
N SER A 41 11.34 9.63 -7.43
CA SER A 41 10.36 9.29 -8.46
C SER A 41 10.97 8.33 -9.48
N ILE A 42 10.86 7.03 -9.23
CA ILE A 42 11.39 6.03 -10.13
C ILE A 42 10.54 4.76 -10.11
N GLU A 43 10.94 3.78 -10.91
CA GLU A 43 10.22 2.52 -10.99
C GLU A 43 11.06 1.37 -10.43
N ASP A 44 11.62 0.54 -11.31
CA ASP A 44 12.44 -0.59 -10.89
C ASP A 44 11.79 -1.36 -9.75
N SER A 45 10.51 -1.68 -9.91
CA SER A 45 9.77 -2.40 -8.89
C SER A 45 10.50 -3.69 -8.49
N TYR A 46 10.35 -4.08 -7.23
CA TYR A 46 10.99 -5.28 -6.72
C TYR A 46 10.12 -6.51 -6.96
N ARG A 47 10.73 -7.69 -6.85
CA ARG A 47 10.00 -8.94 -7.05
C ARG A 47 10.49 -10.01 -6.08
N LYS A 48 9.67 -10.31 -5.08
CA LYS A 48 10.01 -11.31 -4.08
C LYS A 48 9.11 -12.53 -4.20
N GLN A 49 9.67 -13.71 -3.92
CA GLN A 49 8.91 -14.95 -3.99
C GLN A 49 8.56 -15.46 -2.60
N VAL A 50 7.30 -15.82 -2.40
CA VAL A 50 6.85 -16.32 -1.11
C VAL A 50 5.78 -17.41 -1.28
N VAL A 51 5.38 -18.00 -0.18
CA VAL A 51 4.36 -19.05 -0.20
C VAL A 51 3.11 -18.62 0.54
N ILE A 52 2.10 -18.21 -0.22
CA ILE A 52 0.83 -17.76 0.37
C ILE A 52 -0.31 -18.70 -0.01
N ASP A 53 -1.17 -19.00 0.95
CA ASP A 53 -2.31 -19.88 0.72
C ASP A 53 -1.84 -21.29 0.36
N GLY A 54 -0.58 -21.60 0.67
CA GLY A 54 -0.05 -22.92 0.38
C GLY A 54 0.64 -22.98 -0.98
N GLU A 55 0.30 -22.05 -1.86
CA GLU A 55 0.88 -22.02 -3.20
C GLU A 55 1.96 -20.96 -3.31
N THR A 56 2.89 -21.15 -4.23
CA THR A 56 3.98 -20.20 -4.44
C THR A 56 3.61 -19.17 -5.50
N CYS A 57 3.82 -17.90 -5.19
CA CYS A 57 3.50 -16.81 -6.12
C CYS A 57 4.49 -15.67 -5.97
N LEU A 58 4.78 -14.99 -7.09
CA LEU A 58 5.71 -13.87 -7.08
C LEU A 58 5.01 -12.61 -6.56
N LEU A 59 5.78 -11.75 -5.88
CA LEU A 59 5.23 -10.52 -5.33
C LEU A 59 5.93 -9.31 -5.94
N ASP A 60 5.20 -8.57 -6.79
CA ASP A 60 5.75 -7.40 -7.45
C ASP A 60 5.23 -6.11 -6.80
N ILE A 61 5.98 -5.62 -5.81
CA ILE A 61 5.59 -4.39 -5.10
C ILE A 61 5.99 -3.16 -5.92
N LEU A 62 4.98 -2.40 -6.34
CA LEU A 62 5.21 -1.20 -7.13
C LEU A 62 5.54 -0.01 -6.23
N ASP A 63 6.66 0.65 -6.51
CA ASP A 63 7.09 1.81 -5.73
C ASP A 63 7.01 3.09 -6.56
N THR A 64 5.80 3.62 -6.69
CA THR A 64 5.58 4.84 -7.46
C THR A 64 5.94 6.07 -6.62
N ALA A 65 5.65 7.25 -7.17
CA ALA A 65 5.95 8.51 -6.49
C ALA A 65 4.69 9.15 -5.95
N GLY A 66 4.86 10.08 -5.01
CA GLY A 66 3.74 10.77 -4.43
C GLY A 66 2.84 11.41 -5.48
N GLN A 67 3.45 12.15 -6.40
CA GLN A 67 2.70 12.81 -7.46
C GLN A 67 3.64 13.29 -8.55
N GLU A 68 4.30 14.43 -8.32
CA GLU A 68 5.24 14.98 -9.28
C GLU A 68 4.60 15.10 -10.66
N GLU A 69 3.29 15.25 -10.71
CA GLU A 69 2.56 15.38 -11.96
C GLU A 69 2.84 14.17 -12.87
N TYR A 70 3.05 13.02 -12.25
CA TYR A 70 3.32 11.79 -12.99
C TYR A 70 2.05 10.99 -13.20
N SER A 71 0.94 11.68 -13.47
CA SER A 71 -0.33 11.03 -13.71
C SER A 71 -0.22 10.07 -14.89
N ALA A 72 0.68 10.38 -15.82
CA ALA A 72 0.90 9.55 -16.99
C ALA A 72 1.24 8.12 -16.58
N MET A 73 2.11 8.01 -15.58
CA MET A 73 2.53 6.71 -15.08
C MET A 73 1.53 6.17 -14.05
N ARG A 74 1.06 7.05 -13.18
CA ARG A 74 0.11 6.68 -12.14
C ARG A 74 -1.12 6.00 -12.75
N ASP A 75 -1.64 6.58 -13.83
CA ASP A 75 -2.83 6.04 -14.49
C ASP A 75 -2.52 4.68 -15.13
N GLN A 76 -1.28 4.50 -15.56
CA GLN A 76 -0.86 3.25 -16.19
C GLN A 76 -0.67 2.15 -15.15
N TYR A 77 -0.16 2.51 -13.98
CA TYR A 77 0.08 1.55 -12.92
C TYR A 77 -1.22 0.86 -12.52
N MET A 78 -2.32 1.60 -12.51
CA MET A 78 -3.61 1.05 -12.15
C MET A 78 -4.08 0.06 -13.20
N ARG A 79 -3.76 0.36 -14.46
CA ARG A 79 -4.13 -0.51 -15.57
C ARG A 79 -3.15 -1.67 -15.72
N THR A 80 -2.00 -1.56 -15.07
CA THR A 80 -0.99 -2.61 -15.14
C THR A 80 -0.94 -3.43 -13.85
N GLY A 81 -1.71 -3.02 -12.85
CA GLY A 81 -1.72 -3.73 -11.58
C GLY A 81 -3.01 -4.50 -11.35
N GLU A 82 -2.96 -5.48 -10.44
CA GLU A 82 -4.12 -6.29 -10.11
C GLU A 82 -4.72 -5.86 -8.76
N GLY A 83 -3.94 -5.10 -7.98
CA GLY A 83 -4.42 -4.66 -6.69
C GLY A 83 -3.84 -3.31 -6.29
N PHE A 84 -4.32 -2.77 -5.18
CA PHE A 84 -3.84 -1.48 -4.70
C PHE A 84 -3.76 -1.45 -3.17
N LEU A 85 -2.67 -0.90 -2.64
CA LEU A 85 -2.48 -0.81 -1.20
C LEU A 85 -2.39 0.64 -0.77
N CYS A 86 -3.33 1.07 0.06
CA CYS A 86 -3.36 2.45 0.55
C CYS A 86 -2.74 2.53 1.94
N VAL A 87 -1.72 3.38 2.08
CA VAL A 87 -1.05 3.55 3.35
C VAL A 87 -1.44 4.88 4.00
N PHE A 88 -1.80 4.83 5.28
CA PHE A 88 -2.20 6.02 6.02
C PHE A 88 -1.42 6.14 7.32
N ALA A 89 -0.83 7.32 7.54
CA ALA A 89 -0.05 7.55 8.74
C ALA A 89 -0.92 8.12 9.85
N ILE A 90 -0.94 7.44 11.00
CA ILE A 90 -1.74 7.87 12.14
C ILE A 90 -1.25 9.22 12.67
N ASN A 91 0.01 9.55 12.37
CA ASN A 91 0.59 10.81 12.83
C ASN A 91 0.34 11.94 11.82
N ASN A 92 -0.48 11.66 10.81
CA ASN A 92 -0.79 12.65 9.79
C ASN A 92 -2.27 12.62 9.43
N THR A 93 -3.01 13.64 9.86
CA THR A 93 -4.43 13.73 9.58
C THR A 93 -4.68 13.81 8.09
N LYS A 94 -3.75 14.39 7.36
CA LYS A 94 -3.86 14.52 5.91
C LYS A 94 -3.80 13.16 5.23
N SER A 95 -2.94 12.29 5.74
CA SER A 95 -2.79 10.94 5.19
C SER A 95 -4.11 10.19 5.24
N PHE A 96 -4.82 10.35 6.35
CA PHE A 96 -6.11 9.68 6.54
C PHE A 96 -7.13 10.17 5.49
N GLU A 97 -7.07 11.46 5.19
CA GLU A 97 -7.99 12.04 4.21
C GLU A 97 -7.56 11.70 2.78
N ASP A 98 -6.27 11.44 2.60
CA ASP A 98 -5.73 11.11 1.28
C ASP A 98 -6.18 9.72 0.86
N ILE A 99 -6.32 8.81 1.82
CA ILE A 99 -6.74 7.44 1.55
C ILE A 99 -8.13 7.43 0.91
N HIS A 100 -8.95 8.41 1.26
CA HIS A 100 -10.30 8.51 0.73
C HIS A 100 -10.27 8.93 -0.73
N GLN A 101 -9.63 10.06 -1.01
CA GLN A 101 -9.54 10.57 -2.38
C GLN A 101 -8.70 9.65 -3.26
N TYR A 102 -7.72 8.98 -2.65
CA TYR A 102 -6.85 8.08 -3.38
C TYR A 102 -7.65 6.93 -3.99
N ARG A 103 -8.51 6.32 -3.19
CA ARG A 103 -9.34 5.20 -3.64
C ARG A 103 -10.21 5.64 -4.82
N GLU A 104 -10.67 6.88 -4.78
CA GLU A 104 -11.53 7.42 -5.83
C GLU A 104 -10.81 7.38 -7.18
N GLN A 105 -9.49 7.43 -7.15
CA GLN A 105 -8.68 7.41 -8.36
C GLN A 105 -8.59 5.98 -8.90
N ILE A 106 -8.55 5.01 -8.01
CA ILE A 106 -8.47 3.61 -8.41
C ILE A 106 -9.77 3.15 -9.06
N LYS A 107 -10.89 3.48 -8.44
CA LYS A 107 -12.20 3.11 -8.97
C LYS A 107 -12.41 3.68 -10.36
N ARG A 108 -11.73 4.79 -10.66
CA ARG A 108 -11.85 5.43 -11.97
C ARG A 108 -11.24 4.56 -13.06
N VAL A 109 -9.96 4.26 -12.91
CA VAL A 109 -9.26 3.43 -13.89
C VAL A 109 -9.89 2.04 -13.98
N LYS A 110 -9.98 1.36 -12.84
CA LYS A 110 -10.57 0.03 -12.80
C LYS A 110 -12.04 0.06 -13.20
N ASP A 111 -12.68 1.21 -13.00
CA ASP A 111 -14.09 1.37 -13.34
C ASP A 111 -14.96 0.47 -12.49
N SER A 112 -14.72 0.49 -11.17
CA SER A 112 -15.48 -0.32 -10.24
C SER A 112 -15.22 0.11 -8.81
N ASP A 113 -16.20 -0.12 -7.93
CA ASP A 113 -16.08 0.25 -6.53
C ASP A 113 -15.49 -0.89 -5.71
N ASP A 114 -15.86 -2.13 -6.07
CA ASP A 114 -15.36 -3.29 -5.37
C ASP A 114 -14.08 -3.83 -6.01
N VAL A 115 -12.95 -3.21 -5.66
CA VAL A 115 -11.67 -3.63 -6.20
C VAL A 115 -10.77 -4.21 -5.11
N PRO A 116 -9.85 -5.12 -5.49
CA PRO A 116 -8.94 -5.75 -4.53
C PRO A 116 -7.89 -4.77 -4.00
N MET A 117 -8.08 -4.33 -2.77
CA MET A 117 -7.15 -3.40 -2.14
C MET A 117 -7.16 -3.54 -0.62
N VAL A 118 -6.19 -2.93 0.04
CA VAL A 118 -6.09 -3.00 1.49
C VAL A 118 -5.62 -1.67 2.07
N LEU A 119 -6.06 -1.37 3.29
CA LEU A 119 -5.67 -0.13 3.96
C LEU A 119 -4.69 -0.42 5.10
N VAL A 120 -3.43 -0.06 4.88
CA VAL A 120 -2.39 -0.28 5.88
C VAL A 120 -2.07 1.01 6.63
N GLY A 121 -1.88 0.89 7.95
CA GLY A 121 -1.57 2.05 8.75
C GLY A 121 -0.14 2.05 9.24
N ASN A 122 0.73 2.77 8.54
CA ASN A 122 2.14 2.85 8.91
C ASN A 122 2.34 3.77 10.10
N LYS A 123 3.54 3.74 10.68
CA LYS A 123 3.86 4.57 11.83
C LYS A 123 2.97 4.25 13.02
N CYS A 124 3.18 3.06 13.60
CA CYS A 124 2.40 2.63 14.75
C CYS A 124 3.24 2.65 16.02
N ASP A 125 4.56 2.59 15.86
CA ASP A 125 5.47 2.61 17.01
C ASP A 125 5.73 4.02 17.49
N LEU A 126 5.58 4.99 16.59
CA LEU A 126 5.80 6.39 16.92
C LEU A 126 5.04 6.78 18.18
N ALA A 127 5.44 7.90 18.80
CA ALA A 127 4.80 8.37 20.02
C ALA A 127 4.11 9.72 19.79
N ALA A 128 3.66 9.96 18.57
CA ALA A 128 2.99 11.20 18.22
C ALA A 128 1.88 10.97 17.21
N ARG A 129 0.92 10.11 17.57
CA ARG A 129 -0.20 9.81 16.69
C ARG A 129 -1.30 10.85 16.82
N THR A 130 -1.87 11.25 15.69
CA THR A 130 -2.94 12.24 15.68
C THR A 130 -4.29 11.58 15.40
N VAL A 131 -4.33 10.75 14.37
CA VAL A 131 -5.55 10.05 13.99
C VAL A 131 -5.54 8.61 14.50
N GLU A 132 -6.30 8.36 15.56
CA GLU A 132 -6.38 7.02 16.14
C GLU A 132 -6.86 6.00 15.11
N SER A 133 -6.50 4.74 15.33
CA SER A 133 -6.90 3.68 14.42
C SER A 133 -8.42 3.61 14.27
N ARG A 134 -9.12 4.01 15.32
CA ARG A 134 -10.58 4.01 15.32
C ARG A 134 -11.12 4.89 14.19
N GLN A 135 -10.47 6.03 13.97
CA GLN A 135 -10.89 6.96 12.92
C GLN A 135 -10.65 6.35 11.54
N ALA A 136 -9.58 5.57 11.42
CA ALA A 136 -9.24 4.94 10.15
C ALA A 136 -10.09 3.68 9.92
N GLN A 137 -10.39 2.98 11.00
CA GLN A 137 -11.19 1.76 10.92
C GLN A 137 -12.55 2.04 10.31
N ASP A 138 -13.15 3.16 10.73
CA ASP A 138 -14.47 3.54 10.22
C ASP A 138 -14.43 3.75 8.71
N LEU A 139 -13.38 4.41 8.23
CA LEU A 139 -13.24 4.67 6.80
C LEU A 139 -13.03 3.38 6.02
N ALA A 140 -12.06 2.58 6.45
CA ALA A 140 -11.76 1.31 5.80
C ALA A 140 -12.96 0.38 5.84
N ARG A 141 -13.63 0.34 6.99
CA ARG A 141 -14.81 -0.51 7.17
C ARG A 141 -15.92 -0.12 6.19
N SER A 142 -15.89 1.13 5.73
CA SER A 142 -16.90 1.61 4.79
C SER A 142 -16.63 1.09 3.39
N TYR A 143 -15.35 0.98 3.03
CA TYR A 143 -14.96 0.49 1.72
C TYR A 143 -15.11 -1.03 1.63
N GLY A 144 -15.12 -1.69 2.78
CA GLY A 144 -15.26 -3.13 2.81
C GLY A 144 -13.92 -3.84 2.70
N ILE A 145 -12.83 -3.11 2.91
CA ILE A 145 -11.50 -3.68 2.84
C ILE A 145 -10.86 -3.79 4.23
N PRO A 146 -9.97 -4.78 4.42
CA PRO A 146 -9.30 -4.99 5.71
C PRO A 146 -8.38 -3.83 6.08
N TYR A 147 -8.20 -3.62 7.37
CA TYR A 147 -7.34 -2.55 7.87
C TYR A 147 -6.25 -3.11 8.78
N ILE A 148 -5.03 -3.14 8.27
CA ILE A 148 -3.90 -3.66 9.03
C ILE A 148 -2.97 -2.53 9.47
N GLU A 149 -2.40 -2.66 10.66
CA GLU A 149 -1.49 -1.65 11.19
C GLU A 149 -0.06 -2.16 11.19
N THR A 150 0.85 -1.33 10.68
CA THR A 150 2.27 -1.69 10.62
C THR A 150 3.15 -0.47 10.92
N SER A 151 4.45 -0.71 11.00
CA SER A 151 5.41 0.36 11.28
C SER A 151 6.77 0.04 10.65
N ALA A 152 7.26 0.97 9.84
CA ALA A 152 8.56 0.79 9.18
C ALA A 152 9.71 1.11 10.12
N LYS A 153 9.39 1.53 11.34
CA LYS A 153 10.42 1.87 12.33
C LYS A 153 10.71 0.68 13.24
N THR A 154 9.70 -0.16 13.45
CA THR A 154 9.85 -1.34 14.30
C THR A 154 9.53 -2.63 13.56
N ARG A 155 9.20 -2.52 12.27
CA ARG A 155 8.87 -3.68 11.46
C ARG A 155 7.85 -4.57 12.16
N GLN A 156 6.62 -4.06 12.31
CA GLN A 156 5.56 -4.82 12.96
C GLN A 156 4.42 -5.10 11.99
N GLY A 157 4.17 -6.38 11.74
CA GLY A 157 3.11 -6.78 10.83
C GLY A 157 3.25 -6.16 9.46
N VAL A 158 4.45 -5.72 9.11
CA VAL A 158 4.71 -5.11 7.82
C VAL A 158 4.26 -6.02 6.68
N GLU A 159 4.77 -7.25 6.67
CA GLU A 159 4.43 -8.21 5.63
C GLU A 159 2.96 -8.61 5.74
N ASP A 160 2.41 -8.53 6.95
CA ASP A 160 1.01 -8.87 7.18
C ASP A 160 0.08 -8.03 6.32
N ALA A 161 0.20 -6.71 6.46
CA ALA A 161 -0.62 -5.78 5.70
C ALA A 161 -0.47 -6.02 4.20
N PHE A 162 0.74 -6.39 3.78
CA PHE A 162 1.00 -6.65 2.36
C PHE A 162 0.33 -7.94 1.92
N TYR A 163 0.56 -9.02 2.68
CA TYR A 163 -0.03 -10.32 2.37
C TYR A 163 -1.54 -10.22 2.21
N THR A 164 -2.15 -9.25 2.89
CA THR A 164 -3.58 -9.04 2.83
C THR A 164 -4.05 -8.84 1.39
N LEU A 165 -3.30 -8.04 0.63
CA LEU A 165 -3.64 -7.76 -0.76
C LEU A 165 -3.76 -9.07 -1.55
N VAL A 166 -2.97 -10.06 -1.17
CA VAL A 166 -2.98 -11.35 -1.84
C VAL A 166 -4.37 -11.99 -1.75
N ARG A 167 -4.89 -12.11 -0.53
CA ARG A 167 -6.19 -12.70 -0.31
C ARG A 167 -7.28 -11.87 -0.98
N GLU A 168 -7.06 -10.56 -1.05
CA GLU A 168 -8.02 -9.65 -1.67
C GLU A 168 -8.05 -9.83 -3.19
N ILE A 169 -6.87 -9.88 -3.79
CA ILE A 169 -6.76 -10.04 -5.23
C ILE A 169 -7.23 -11.42 -5.66
N ARG A 170 -6.99 -12.42 -4.82
CA ARG A 170 -7.40 -13.79 -5.11
C ARG A 170 -8.88 -13.86 -5.50
N GLN A 171 -9.66 -12.94 -4.96
CA GLN A 171 -11.09 -12.89 -5.24
C GLN A 171 -11.43 -11.69 -6.13
N HIS A 172 -10.71 -10.58 -5.91
CA HIS A 172 -10.93 -9.37 -6.69
C HIS A 172 -12.42 -8.99 -6.70
PG GNP B . 9.03 10.38 0.40
O1G GNP B . 10.33 9.48 0.14
O2G GNP B . 7.82 9.63 -0.36
O3G GNP B . 9.20 11.78 -0.04
N3B GNP B . 8.70 10.25 1.99
PB GNP B . 9.51 8.99 2.60
O1B GNP B . 8.98 8.75 3.96
O2B GNP B . 9.47 7.88 1.62
O3A GNP B . 11.01 9.56 2.71
PA GNP B . 11.26 11.07 3.21
O1A GNP B . 10.06 11.88 2.88
O2A GNP B . 12.57 11.50 2.69
O5' GNP B . 11.36 10.92 4.82
C5' GNP B . 10.27 10.37 5.56
C4' GNP B . 10.43 10.65 7.06
O4' GNP B . 9.41 9.92 7.77
C3' GNP B . 11.76 10.06 7.53
O3' GNP B . 12.13 10.61 8.80
C2' GNP B . 11.36 8.59 7.68
O2' GNP B . 12.30 7.91 8.50
C1' GNP B . 10.06 8.84 8.47
N9 GNP B . 9.22 7.63 8.52
C8 GNP B . 8.66 7.02 7.48
N7 GNP B . 7.97 5.96 7.90
C5 GNP B . 8.10 5.88 9.22
C6 GNP B . 7.60 5.00 10.17
O6 GNP B . 6.89 4.05 9.83
N1 GNP B . 7.94 5.20 11.52
C2 GNP B . 8.74 6.29 11.86
N2 GNP B . 9.06 6.50 13.13
N3 GNP B . 9.20 7.13 10.92
C4 GNP B . 8.90 6.94 9.62
HNB3 GNP B . 7.71 10.07 2.08
H5'2 GNP B . 9.40 10.77 5.26
H5'1 GNP B . 10.21 9.39 5.43
H4' GNP B . 10.46 11.63 7.22
H3' GNP B . 12.50 10.22 6.89
HO3' GNP B . 12.23 11.60 8.72
H2' GNP B . 11.20 8.21 6.78
HO2' GNP B . 12.33 8.33 9.41
H1' GNP B . 10.30 9.13 9.40
H8 GNP B . 8.53 7.49 6.60
HN1 GNP B . 7.59 4.58 12.21
HN21 GNP B . 9.64 7.28 13.39
HN22 GNP B . 8.72 5.88 13.84
MG MG C . 8.28 7.61 -0.25
C13 KOB D . 3.93 1.14 -15.41
C12 KOB D . 3.94 -0.15 -14.89
C11 KOB D . 4.72 -1.13 -15.50
F11 KOB D . 4.72 -2.38 -14.99
C10 KOB D . 5.49 -0.83 -16.62
C9 KOB D . 5.48 0.46 -17.13
C8 KOB D . 4.70 1.45 -16.54
N8 KOB D . 4.74 2.69 -17.02
C7 KOB D . 4.04 3.67 -16.46
S7 KOB D . 3.07 3.40 -15.03
N7 KOB D . 4.10 4.89 -16.98
N6 KOB D . 4.79 5.12 -17.98
C6 KOB D . 4.36 4.74 -19.18
C5 KOB D . 3.14 4.07 -19.29
C4 KOB D . 2.69 3.67 -20.54
C3 KOB D . 3.46 3.92 -21.67
N3 KOB D . 3.02 3.53 -22.87
O3B KOB D . 3.80 3.79 -24.03
O3A KOB D . 1.77 2.85 -22.98
C2 KOB D . 4.68 4.59 -21.56
C1 KOB D . 5.12 4.99 -20.31
N1 KOB D . 6.29 5.63 -20.20
O1B KOB D . 7.06 5.87 -21.36
O1A KOB D . 6.77 6.04 -18.93
HE1 KOB D . 6.24 -1.53 -16.95
HE2 KOB D . 3.46 -0.35 -13.94
HD2 KOB D . 3.18 1.83 -15.09
HD1 KOB D . 6.07 0.69 -18.00
HAD KOB D . 5.30 2.88 -17.83
HAC KOB D . 3.59 5.64 -16.56
HAB KOB D . 5.67 5.58 -17.88
H5 KOB D . 2.57 3.84 -18.41
H4 KOB D . 1.86 2.97 -20.60
H2 KOB D . 5.12 5.03 -22.43
N MET A 7 7.19 -19.26 -10.80
CA MET A 7 6.47 -18.80 -9.58
C MET A 7 5.48 -17.69 -9.90
N THR A 8 4.32 -17.74 -9.25
CA THR A 8 3.28 -16.74 -9.46
C THR A 8 3.83 -15.34 -9.21
N GLU A 9 3.35 -14.37 -9.98
CA GLU A 9 3.78 -12.99 -9.85
C GLU A 9 2.67 -12.13 -9.25
N TYR A 10 2.93 -11.59 -8.05
CA TYR A 10 1.96 -10.76 -7.37
C TYR A 10 2.33 -9.28 -7.51
N LYS A 11 1.67 -8.62 -8.45
CA LYS A 11 1.92 -7.19 -8.69
C LYS A 11 1.07 -6.33 -7.77
N LEU A 12 1.67 -5.87 -6.68
CA LEU A 12 0.96 -5.03 -5.71
C LEU A 12 0.98 -3.56 -6.14
N VAL A 13 -0.18 -2.93 -6.12
CA VAL A 13 -0.31 -1.53 -6.50
C VAL A 13 -0.47 -0.65 -5.26
N VAL A 14 0.61 0.02 -4.87
CA VAL A 14 0.59 0.90 -3.72
C VAL A 14 0.11 2.29 -4.10
N VAL A 15 -0.72 2.87 -3.24
CA VAL A 15 -1.25 4.21 -3.48
C VAL A 15 -1.13 5.07 -2.24
N GLY A 16 -1.01 6.38 -2.44
CA GLY A 16 -0.88 7.29 -1.32
C GLY A 16 -0.87 8.74 -1.75
N ALA A 17 -1.24 9.64 -0.84
CA ALA A 17 -1.28 11.07 -1.13
C ALA A 17 0.10 11.60 -1.52
N GLY A 18 1.14 10.84 -1.17
CA GLY A 18 2.50 11.25 -1.50
C GLY A 18 3.38 11.31 -0.27
N GLY A 19 3.12 12.29 0.60
CA GLY A 19 3.89 12.43 1.81
C GLY A 19 3.54 11.39 2.86
N VAL A 20 2.50 10.61 2.57
CA VAL A 20 2.05 9.57 3.50
C VAL A 20 3.19 8.62 3.88
N GLY A 21 4.13 8.45 2.95
CA GLY A 21 5.26 7.57 3.22
C GLY A 21 5.04 6.17 2.66
N LYS A 22 4.23 6.08 1.61
CA LYS A 22 3.94 4.79 0.98
C LYS A 22 5.19 4.20 0.34
N SER A 23 6.15 5.06 0.03
CA SER A 23 7.39 4.63 -0.61
C SER A 23 8.36 4.06 0.43
N ALA A 24 8.47 4.74 1.57
CA ALA A 24 9.36 4.30 2.64
C ALA A 24 9.10 2.85 3.01
N LEU A 25 7.83 2.50 3.18
CA LEU A 25 7.45 1.14 3.54
C LEU A 25 7.90 0.15 2.48
N THR A 26 7.88 0.58 1.22
CA THR A 26 8.29 -0.28 0.12
C THR A 26 9.79 -0.50 0.13
N ILE A 27 10.55 0.59 0.23
CA ILE A 27 12.00 0.50 0.26
C ILE A 27 12.49 -0.31 1.45
N GLN A 28 11.86 -0.07 2.61
CA GLN A 28 12.23 -0.77 3.83
C GLN A 28 12.09 -2.29 3.64
N LEU A 29 10.99 -2.69 3.02
CA LEU A 29 10.74 -4.11 2.77
C LEU A 29 11.69 -4.65 1.70
N ILE A 30 11.63 -4.04 0.52
CA ILE A 30 12.50 -4.45 -0.59
C ILE A 30 13.96 -4.41 -0.19
N GLN A 31 14.43 -3.23 0.22
CA GLN A 31 15.82 -3.07 0.63
C GLN A 31 15.97 -3.32 2.14
N ASN A 32 15.85 -2.27 2.94
CA ASN A 32 15.96 -2.39 4.39
C ASN A 32 15.98 -1.02 5.06
N HIS A 33 16.58 -0.03 4.39
CA HIS A 33 16.68 1.32 4.93
C HIS A 33 15.39 2.11 4.70
N PHE A 34 15.35 3.32 5.23
CA PHE A 34 14.18 4.19 5.10
C PHE A 34 14.03 4.68 3.65
N VAL A 35 14.75 5.74 3.31
CA VAL A 35 14.68 6.31 1.97
C VAL A 35 15.67 7.46 1.82
N ASP A 36 16.46 7.42 0.74
CA ASP A 36 17.45 8.44 0.46
C ASP A 36 18.24 8.11 -0.79
N GLU A 37 18.58 6.83 -0.95
CA GLU A 37 19.34 6.37 -2.11
C GLU A 37 18.40 5.99 -3.25
N TYR A 38 17.72 7.00 -3.81
CA TYR A 38 16.79 6.77 -4.91
C TYR A 38 16.76 7.98 -5.84
N ASP A 39 16.86 7.72 -7.14
CA ASP A 39 16.84 8.79 -8.13
C ASP A 39 15.48 9.51 -8.12
N PRO A 40 15.48 10.84 -8.37
CA PRO A 40 14.26 11.64 -8.37
C PRO A 40 13.38 11.35 -9.59
N SER A 41 14.00 10.87 -10.67
CA SER A 41 13.27 10.57 -11.89
C SER A 41 12.85 9.10 -11.92
N ILE A 42 13.68 8.23 -11.38
CA ILE A 42 13.39 6.80 -11.34
C ILE A 42 12.10 6.53 -10.59
N GLU A 43 11.39 5.48 -10.99
CA GLU A 43 10.13 5.11 -10.35
C GLU A 43 10.38 4.37 -9.05
N ASP A 44 9.30 3.94 -8.40
CA ASP A 44 9.40 3.22 -7.14
C ASP A 44 8.84 1.80 -7.28
N SER A 45 9.25 1.11 -8.35
CA SER A 45 8.79 -0.25 -8.59
C SER A 45 9.89 -1.26 -8.28
N TYR A 46 9.57 -2.22 -7.43
CA TYR A 46 10.54 -3.26 -7.05
C TYR A 46 9.83 -4.59 -6.84
N ARG A 47 10.41 -5.66 -7.39
CA ARG A 47 9.83 -6.99 -7.25
C ARG A 47 10.76 -7.90 -6.46
N LYS A 48 10.24 -8.47 -5.37
CA LYS A 48 11.01 -9.36 -4.51
C LYS A 48 10.37 -10.73 -4.43
N GLN A 49 11.19 -11.76 -4.27
CA GLN A 49 10.69 -13.13 -4.16
C GLN A 49 10.67 -13.59 -2.71
N VAL A 50 9.52 -14.06 -2.25
CA VAL A 50 9.38 -14.53 -0.88
C VAL A 50 8.56 -15.82 -0.81
N VAL A 51 8.47 -16.39 0.38
CA VAL A 51 7.72 -17.63 0.58
C VAL A 51 6.51 -17.40 1.49
N ILE A 52 5.34 -17.26 0.89
CA ILE A 52 4.11 -17.03 1.64
C ILE A 52 3.11 -18.16 1.41
N ASP A 53 2.55 -18.67 2.50
CA ASP A 53 1.57 -19.75 2.42
C ASP A 53 2.21 -21.03 1.88
N GLY A 54 3.47 -21.24 2.20
CA GLY A 54 4.19 -22.42 1.74
C GLY A 54 4.21 -22.51 0.23
N GLU A 55 4.25 -21.36 -0.43
CA GLU A 55 4.28 -21.32 -1.89
C GLU A 55 5.11 -20.15 -2.39
N THR A 56 6.28 -20.44 -2.94
CA THR A 56 7.18 -19.41 -3.45
C THR A 56 6.49 -18.59 -4.55
N CYS A 57 6.44 -17.28 -4.35
CA CYS A 57 5.81 -16.38 -5.32
C CYS A 57 6.51 -15.03 -5.34
N LEU A 58 6.46 -14.36 -6.49
CA LEU A 58 7.08 -13.05 -6.64
C LEU A 58 6.15 -11.94 -6.19
N LEU A 59 6.71 -10.91 -5.58
CA LEU A 59 5.93 -9.78 -5.10
C LEU A 59 6.33 -8.49 -5.81
N ASP A 60 5.84 -8.31 -7.03
CA ASP A 60 6.16 -7.13 -7.82
C ASP A 60 5.50 -5.89 -7.23
N ILE A 61 6.27 -5.13 -6.44
CA ILE A 61 5.75 -3.92 -5.83
C ILE A 61 5.72 -2.77 -6.83
N LEU A 62 4.53 -2.21 -7.03
CA LEU A 62 4.36 -1.09 -7.96
C LEU A 62 3.94 0.17 -7.21
N ASP A 63 4.91 1.06 -7.00
CA ASP A 63 4.65 2.32 -6.31
C ASP A 63 4.75 3.49 -7.27
N THR A 64 3.61 4.10 -7.58
CA THR A 64 3.58 5.24 -8.49
C THR A 64 4.08 6.50 -7.79
N ALA A 65 4.26 7.56 -8.57
CA ALA A 65 4.73 8.83 -8.03
C ALA A 65 3.76 9.38 -6.99
N GLY A 66 4.27 10.22 -6.10
CA GLY A 66 3.44 10.80 -5.06
C GLY A 66 3.24 12.30 -5.26
N GLN A 67 4.17 12.93 -5.97
CA GLN A 67 4.10 14.36 -6.23
C GLN A 67 3.63 14.63 -7.66
N GLU A 68 4.00 13.73 -8.56
CA GLU A 68 3.61 13.86 -9.97
C GLU A 68 2.14 13.50 -10.17
N GLU A 69 1.69 13.59 -11.41
CA GLU A 69 0.30 13.28 -11.74
C GLU A 69 0.19 11.91 -12.41
N TYR A 70 0.49 11.87 -13.71
CA TYR A 70 0.43 10.62 -14.47
C TYR A 70 -0.92 9.94 -14.30
N SER A 71 -1.98 10.74 -14.20
CA SER A 71 -3.33 10.20 -14.05
C SER A 71 -3.68 9.28 -15.20
N ALA A 72 -3.21 9.63 -16.40
CA ALA A 72 -3.46 8.83 -17.59
C ALA A 72 -2.96 7.41 -17.40
N MET A 73 -1.71 7.29 -17.01
CA MET A 73 -1.09 5.98 -16.79
C MET A 73 -1.51 5.41 -15.44
N ARG A 74 -1.94 6.29 -14.52
CA ARG A 74 -2.38 5.86 -13.20
C ARG A 74 -3.44 4.77 -13.30
N ASP A 75 -4.16 4.73 -14.42
CA ASP A 75 -5.20 3.74 -14.64
C ASP A 75 -4.60 2.40 -15.07
N GLN A 76 -3.53 2.45 -15.86
CA GLN A 76 -2.88 1.24 -16.34
C GLN A 76 -2.44 0.37 -15.16
N TYR A 77 -1.88 1.02 -14.14
CA TYR A 77 -1.40 0.32 -12.96
C TYR A 77 -2.48 -0.58 -12.36
N MET A 78 -3.67 -0.03 -12.15
CA MET A 78 -4.77 -0.80 -11.59
C MET A 78 -5.04 -2.04 -12.45
N ARG A 79 -4.85 -1.89 -13.75
CA ARG A 79 -5.07 -2.98 -14.69
C ARG A 79 -3.86 -3.91 -14.75
N THR A 80 -2.71 -3.43 -14.27
CA THR A 80 -1.49 -4.24 -14.27
C THR A 80 -1.27 -4.88 -12.90
N GLY A 81 -2.03 -4.45 -11.90
CA GLY A 81 -1.87 -4.97 -10.57
C GLY A 81 -2.90 -6.02 -10.20
N GLU A 82 -2.53 -6.89 -9.25
CA GLU A 82 -3.42 -7.94 -8.78
C GLU A 82 -4.13 -7.50 -7.50
N GLY A 83 -3.58 -6.49 -6.84
CA GLY A 83 -4.19 -5.98 -5.61
C GLY A 83 -3.91 -4.50 -5.41
N PHE A 84 -4.16 -4.02 -4.20
CA PHE A 84 -3.93 -2.61 -3.89
C PHE A 84 -3.70 -2.40 -2.40
N LEU A 85 -2.75 -1.51 -2.08
CA LEU A 85 -2.43 -1.21 -0.69
C LEU A 85 -2.57 0.28 -0.41
N CYS A 86 -3.42 0.61 0.56
CA CYS A 86 -3.65 2.00 0.93
C CYS A 86 -2.79 2.39 2.13
N VAL A 87 -1.78 3.21 1.90
CA VAL A 87 -0.89 3.66 2.96
C VAL A 87 -1.22 5.08 3.39
N PHE A 88 -1.71 5.23 4.61
CA PHE A 88 -2.05 6.55 5.13
C PHE A 88 -1.35 6.80 6.46
N ALA A 89 -0.94 8.05 6.69
CA ALA A 89 -0.26 8.41 7.93
C ALA A 89 -1.26 8.77 9.02
N ILE A 90 -1.17 8.08 10.15
CA ILE A 90 -2.07 8.34 11.27
C ILE A 90 -1.93 9.78 11.75
N ASN A 91 -0.73 10.33 11.62
CA ASN A 91 -0.46 11.69 12.04
C ASN A 91 -1.13 12.70 11.10
N ASN A 92 -1.30 12.29 9.84
CA ASN A 92 -1.93 13.15 8.85
C ASN A 92 -3.34 12.66 8.53
N THR A 93 -4.33 13.41 8.96
CA THR A 93 -5.73 13.06 8.72
C THR A 93 -6.07 13.15 7.24
N LYS A 94 -5.34 13.99 6.51
CA LYS A 94 -5.56 14.17 5.10
C LYS A 94 -5.35 12.87 4.34
N SER A 95 -4.30 12.14 4.72
CA SER A 95 -3.98 10.87 4.09
C SER A 95 -5.12 9.86 4.26
N PHE A 96 -5.86 10.01 5.36
CA PHE A 96 -6.98 9.12 5.65
C PHE A 96 -8.10 9.31 4.64
N GLU A 97 -8.42 10.56 4.34
CA GLU A 97 -9.48 10.89 3.41
C GLU A 97 -9.13 10.38 2.00
N ASP A 98 -7.84 10.34 1.69
CA ASP A 98 -7.37 9.88 0.39
C ASP A 98 -7.67 8.40 0.20
N ILE A 99 -7.62 7.64 1.29
CA ILE A 99 -7.88 6.21 1.24
C ILE A 99 -9.31 5.93 0.76
N HIS A 100 -10.21 6.86 1.04
CA HIS A 100 -11.60 6.73 0.63
C HIS A 100 -11.74 6.91 -0.88
N GLN A 101 -11.27 8.05 -1.37
CA GLN A 101 -11.35 8.36 -2.80
C GLN A 101 -10.45 7.42 -3.61
N TYR A 102 -9.39 6.94 -2.98
CA TYR A 102 -8.46 6.02 -3.64
C TYR A 102 -9.15 4.71 -4.01
N ARG A 103 -9.85 4.12 -3.05
CA ARG A 103 -10.56 2.86 -3.27
C ARG A 103 -11.55 3.00 -4.43
N GLU A 104 -12.17 4.17 -4.53
CA GLU A 104 -13.14 4.43 -5.58
C GLU A 104 -12.51 4.29 -6.96
N GLN A 105 -11.26 4.73 -7.08
CA GLN A 105 -10.53 4.65 -8.34
C GLN A 105 -10.34 3.20 -8.77
N ILE A 106 -10.11 2.32 -7.79
CA ILE A 106 -9.92 0.91 -8.07
C ILE A 106 -11.22 0.25 -8.53
N LYS A 107 -12.31 0.57 -7.85
CA LYS A 107 -13.61 0.02 -8.19
C LYS A 107 -13.99 0.35 -9.63
N ARG A 108 -13.50 1.50 -10.12
CA ARG A 108 -13.78 1.93 -11.48
C ARG A 108 -13.03 1.06 -12.49
N VAL A 109 -11.71 1.03 -12.38
CA VAL A 109 -10.89 0.24 -13.29
C VAL A 109 -11.27 -1.23 -13.23
N LYS A 110 -11.18 -1.81 -12.03
CA LYS A 110 -11.53 -3.22 -11.83
C LYS A 110 -12.98 -3.47 -12.22
N ASP A 111 -13.80 -2.42 -12.17
CA ASP A 111 -15.21 -2.54 -12.51
C ASP A 111 -15.92 -3.51 -11.58
N SER A 112 -15.54 -3.48 -10.30
CA SER A 112 -16.15 -4.36 -9.31
C SER A 112 -15.83 -3.88 -7.90
N ASP A 113 -16.66 -4.28 -6.94
CA ASP A 113 -16.47 -3.89 -5.55
C ASP A 113 -15.51 -4.85 -4.85
N ASP A 114 -15.68 -6.14 -5.11
CA ASP A 114 -14.83 -7.16 -4.52
C ASP A 114 -13.42 -7.11 -5.11
N VAL A 115 -12.55 -6.36 -4.46
CA VAL A 115 -11.17 -6.22 -4.91
C VAL A 115 -10.19 -6.51 -3.78
N PRO A 116 -9.13 -7.28 -4.08
CA PRO A 116 -8.11 -7.64 -3.08
C PRO A 116 -7.18 -6.48 -2.75
N MET A 117 -7.43 -5.84 -1.61
CA MET A 117 -6.62 -4.71 -1.17
C MET A 117 -6.49 -4.70 0.35
N VAL A 118 -5.59 -3.87 0.85
CA VAL A 118 -5.37 -3.76 2.29
C VAL A 118 -5.07 -2.32 2.68
N LEU A 119 -5.43 -1.96 3.90
CA LEU A 119 -5.18 -0.61 4.41
C LEU A 119 -4.11 -0.61 5.50
N VAL A 120 -3.10 0.22 5.32
CA VAL A 120 -2.01 0.32 6.28
C VAL A 120 -1.89 1.73 6.84
N GLY A 121 -1.67 1.82 8.15
CA GLY A 121 -1.55 3.12 8.79
C GLY A 121 -0.11 3.47 9.09
N ASN A 122 0.61 3.93 8.07
CA ASN A 122 2.01 4.31 8.23
C ASN A 122 2.18 5.31 9.38
N LYS A 123 3.43 5.58 9.74
CA LYS A 123 3.72 6.52 10.81
C LYS A 123 3.13 6.03 12.14
N CYS A 124 3.40 4.78 12.47
CA CYS A 124 2.90 4.18 13.70
C CYS A 124 3.86 4.44 14.88
N ASP A 125 4.90 5.23 14.62
CA ASP A 125 5.88 5.56 15.67
C ASP A 125 5.76 7.01 16.10
N LEU A 126 5.11 7.83 15.27
CA LEU A 126 4.93 9.24 15.57
C LEU A 126 4.29 9.44 16.95
N ALA A 127 4.22 10.69 17.38
CA ALA A 127 3.64 11.01 18.68
C ALA A 127 2.44 11.94 18.55
N ALA A 128 1.62 11.67 17.54
CA ALA A 128 0.44 12.49 17.29
C ALA A 128 -0.51 11.80 16.30
N ARG A 129 -1.05 10.66 16.71
CA ARG A 129 -1.96 9.90 15.86
C ARG A 129 -3.31 10.59 15.76
N THR A 130 -3.42 11.55 14.84
CA THR A 130 -4.65 12.28 14.64
C THR A 130 -5.79 11.34 14.25
N VAL A 131 -5.43 10.23 13.60
CA VAL A 131 -6.40 9.24 13.16
C VAL A 131 -6.29 7.97 13.99
N GLU A 132 -7.06 7.90 15.07
CA GLU A 132 -7.05 6.74 15.95
C GLU A 132 -7.45 5.48 15.18
N SER A 133 -7.20 4.32 15.78
CA SER A 133 -7.53 3.05 15.16
C SER A 133 -9.02 2.96 14.84
N ARG A 134 -9.82 3.72 15.57
CA ARG A 134 -11.27 3.72 15.37
C ARG A 134 -11.61 4.24 13.97
N GLN A 135 -11.14 5.45 13.67
CA GLN A 135 -11.41 6.05 12.36
C GLN A 135 -10.86 5.19 11.23
N ALA A 136 -9.69 4.61 11.45
CA ALA A 136 -9.06 3.75 10.45
C ALA A 136 -9.86 2.47 10.23
N GLN A 137 -10.43 1.94 11.30
CA GLN A 137 -11.23 0.72 11.22
C GLN A 137 -12.55 0.97 10.51
N ASP A 138 -13.06 2.19 10.63
CA ASP A 138 -14.33 2.56 9.99
C ASP A 138 -14.31 2.24 8.51
N LEU A 139 -13.21 2.59 7.85
CA LEU A 139 -13.07 2.34 6.41
C LEU A 139 -12.81 0.87 6.13
N ALA A 140 -11.85 0.30 6.87
CA ALA A 140 -11.51 -1.11 6.70
C ALA A 140 -12.72 -2.00 6.89
N ARG A 141 -13.55 -1.65 7.87
CA ARG A 141 -14.75 -2.42 8.17
C ARG A 141 -15.82 -2.20 7.10
N SER A 142 -16.00 -0.94 6.72
CA SER A 142 -16.99 -0.59 5.70
C SER A 142 -16.64 -1.21 4.35
N TYR A 143 -15.34 -1.25 4.06
CA TYR A 143 -14.86 -1.81 2.81
C TYR A 143 -14.71 -3.33 2.91
N GLY A 144 -14.59 -3.83 4.14
CA GLY A 144 -14.43 -5.26 4.35
C GLY A 144 -13.01 -5.72 4.19
N ILE A 145 -12.06 -4.79 4.26
CA ILE A 145 -10.65 -5.11 4.12
C ILE A 145 -9.92 -5.05 5.46
N PRO A 146 -8.80 -5.76 5.58
CA PRO A 146 -8.00 -5.77 6.82
C PRO A 146 -7.24 -4.47 7.04
N TYR A 147 -7.03 -4.11 8.30
CA TYR A 147 -6.32 -2.88 8.63
C TYR A 147 -5.14 -3.17 9.56
N ILE A 148 -3.95 -2.75 9.14
CA ILE A 148 -2.74 -2.96 9.93
C ILE A 148 -2.02 -1.64 10.17
N GLU A 149 -1.24 -1.59 11.25
CA GLU A 149 -0.50 -0.38 11.59
C GLU A 149 1.01 -0.62 11.50
N THR A 150 1.71 0.27 10.81
CA THR A 150 3.15 0.15 10.64
C THR A 150 3.81 1.51 10.64
N SER A 151 5.14 1.53 10.80
CA SER A 151 5.90 2.77 10.82
C SER A 151 7.08 2.68 9.85
N ALA A 152 7.15 3.63 8.92
CA ALA A 152 8.23 3.67 7.94
C ALA A 152 9.53 4.14 8.57
N LYS A 153 9.42 4.91 9.65
CA LYS A 153 10.59 5.43 10.34
C LYS A 153 11.24 4.36 11.21
N THR A 154 10.43 3.72 12.05
CA THR A 154 10.92 2.68 12.94
C THR A 154 10.90 1.30 12.27
N ARG A 155 10.09 1.18 11.22
CA ARG A 155 9.98 -0.09 10.49
C ARG A 155 9.41 -1.18 11.39
N GLN A 156 8.20 -0.97 11.87
CA GLN A 156 7.54 -1.92 12.76
C GLN A 156 6.24 -2.43 12.14
N GLY A 157 6.17 -3.75 11.93
CA GLY A 157 4.99 -4.35 11.35
C GLY A 157 4.80 -4.00 9.88
N VAL A 158 5.81 -3.38 9.28
CA VAL A 158 5.75 -3.00 7.88
C VAL A 158 5.50 -4.22 6.99
N GLU A 159 6.15 -5.33 7.33
CA GLU A 159 5.99 -6.56 6.56
C GLU A 159 4.64 -7.20 6.83
N ASP A 160 4.13 -7.02 8.05
CA ASP A 160 2.84 -7.57 8.45
C ASP A 160 1.73 -6.99 7.59
N ALA A 161 1.86 -5.73 7.22
CA ALA A 161 0.87 -5.06 6.39
C ALA A 161 0.93 -5.55 4.94
N PHE A 162 2.14 -5.73 4.44
CA PHE A 162 2.34 -6.19 3.07
C PHE A 162 1.89 -7.64 2.91
N TYR A 163 2.36 -8.50 3.82
CA TYR A 163 2.00 -9.91 3.78
C TYR A 163 0.48 -10.10 3.82
N THR A 164 -0.20 -9.15 4.45
CA THR A 164 -1.65 -9.21 4.56
C THR A 164 -2.29 -9.24 3.18
N LEU A 165 -1.78 -8.40 2.28
CA LEU A 165 -2.29 -8.33 0.91
C LEU A 165 -2.18 -9.68 0.23
N VAL A 166 -1.03 -10.33 0.40
CA VAL A 166 -0.78 -11.64 -0.18
C VAL A 166 -1.91 -12.61 0.14
N ARG A 167 -2.30 -12.65 1.41
CA ARG A 167 -3.38 -13.53 1.85
C ARG A 167 -4.72 -13.10 1.27
N GLU A 168 -4.87 -11.79 1.08
CA GLU A 168 -6.11 -11.24 0.53
C GLU A 168 -6.27 -11.61 -0.94
N ILE A 169 -5.23 -11.34 -1.74
CA ILE A 169 -5.26 -11.65 -3.16
C ILE A 169 -5.54 -13.13 -3.39
N ARG A 170 -4.85 -13.98 -2.63
CA ARG A 170 -5.03 -15.43 -2.76
C ARG A 170 -6.42 -15.86 -2.30
N GLN A 171 -7.02 -15.07 -1.41
CA GLN A 171 -8.34 -15.37 -0.89
C GLN A 171 -9.43 -14.62 -1.68
N HIS A 172 -9.12 -14.30 -2.93
CA HIS A 172 -10.06 -13.59 -3.79
C HIS A 172 -9.56 -13.53 -5.23
PG GNP B . 7.81 11.66 -1.89
O1G GNP B . 9.07 10.71 -1.55
O2G GNP B . 6.83 10.77 -2.79
O3G GNP B . 8.21 12.92 -2.55
N3B GNP B . 7.05 11.89 -0.48
PB GNP B . 7.16 10.55 0.44
O1B GNP B . 6.44 10.81 1.70
O2B GNP B . 6.76 9.39 -0.39
O3A GNP B . 8.74 10.46 0.73
PA GNP B . 9.60 11.79 1.00
O1A GNP B . 8.99 12.90 0.25
O2A GNP B . 11.02 11.45 0.73
O5' GNP B . 9.42 12.04 2.58
C5' GNP B . 9.04 13.34 3.03
C4' GNP B . 9.14 13.44 4.56
O4' GNP B . 8.27 12.45 5.15
C3' GNP B . 10.57 13.07 4.98
O3' GNP B . 10.90 13.71 6.22
C2' GNP B . 10.41 11.57 5.19
O2' GNP B . 11.46 11.07 6.01
C1' GNP B . 9.11 11.63 5.98
N9 GNP B . 8.50 10.29 6.20
C8 GNP B . 8.14 9.43 5.25
N7 GNP B . 7.62 8.35 5.82
C5 GNP B . 7.65 8.52 7.14
C6 GNP B . 7.24 7.73 8.20
O6 GNP B . 6.73 6.63 8.01
N1 GNP B . 7.41 8.21 9.51
C2 GNP B . 7.99 9.48 9.69
N2 GNP B . 8.16 9.95 10.92
N3 GNP B . 8.37 10.21 8.64
C4 GNP B . 8.21 9.76 7.38
HNB3 GNP B . 6.08 12.04 -0.68
H5'2 GNP B . 9.65 14.04 2.65
H5'1 GNP B . 8.11 13.57 2.77
H4' GNP B . 8.97 14.39 4.85
H3' GNP B . 11.24 13.33 4.30
HO3' GNP B . 10.27 13.40 6.94
H2' GNP B . 10.31 11.11 4.29
HO2' GNP B . 11.42 11.51 6.92
H1' GNP B . 9.27 12.08 6.86
H8 GNP B . 8.01 9.73 4.31
HN1 GNP B . 7.12 7.67 10.30
HN21 GNP B . 7.87 9.41 11.71
HN22 GNP B . 8.56 10.86 11.06
MG MG C . 6.98 8.77 -2.61
C13 KOB D . 3.59 -2.85 -18.36
C12 KOB D . 3.91 -3.89 -17.48
C11 KOB D . 3.73 -3.72 -16.11
F11 KOB D . 4.03 -4.72 -15.27
C10 KOB D . 3.23 -2.52 -15.61
C9 KOB D . 2.91 -1.48 -16.49
C8 KOB D . 3.10 -1.65 -17.86
N8 KOB D . 2.77 -0.64 -18.66
C7 KOB D . 2.88 -0.70 -19.98
S7 KOB D . 3.47 -2.12 -20.82
N7 KOB D . 2.51 0.38 -20.66
N6 KOB D . 2.09 1.35 -20.02
C6 KOB D . 2.91 2.03 -19.22
C5 KOB D . 2.35 2.89 -18.28
C4 KOB D . 3.14 3.42 -17.27
C3 KOB D . 4.49 3.10 -17.20
N3 KOB D . 5.25 3.62 -16.24
O3B KOB D . 4.70 4.55 -15.32
O3A KOB D . 6.62 3.28 -16.17
C2 KOB D . 5.04 2.23 -18.14
C1 KOB D . 4.26 1.71 -19.15
N1 KOB D . 4.85 1.02 -20.13
O1B KOB D . 6.23 0.70 -20.02
O1A KOB D . 4.11 0.59 -21.26
HE1 KOB D . 2.98 -2.43 -14.57
HE2 KOB D . 4.04 -4.87 -17.88
HD2 KOB D . 4.00 -2.87 -19.35
HD1 KOB D . 2.70 -0.50 -16.09
HAD KOB D . 2.41 0.20 -18.25
HAC KOB D . 2.56 0.42 -21.66
HAB KOB D . 1.13 1.61 -20.09
H5 KOB D . 1.28 2.91 -18.16
H4 KOB D . 2.65 3.81 -16.39
H2 KOB D . 6.11 2.04 -18.12
N MET A 7 10.63 -18.10 -9.99
CA MET A 7 9.63 -17.45 -9.09
C MET A 7 8.59 -16.68 -9.88
N THR A 8 7.53 -16.25 -9.21
CA THR A 8 6.47 -15.49 -9.84
C THR A 8 6.65 -13.98 -9.62
N GLU A 9 6.19 -13.19 -10.59
CA GLU A 9 6.32 -11.74 -10.49
C GLU A 9 4.99 -11.11 -10.10
N TYR A 10 4.91 -10.58 -8.88
CA TYR A 10 3.70 -9.95 -8.40
C TYR A 10 3.76 -8.43 -8.56
N LYS A 11 2.87 -7.90 -9.39
CA LYS A 11 2.81 -6.47 -9.64
C LYS A 11 1.87 -5.78 -8.65
N LEU A 12 2.43 -5.31 -7.54
CA LEU A 12 1.63 -4.64 -6.52
C LEU A 12 1.60 -3.12 -6.74
N VAL A 13 0.41 -2.54 -6.63
CA VAL A 13 0.24 -1.11 -6.83
C VAL A 13 -0.08 -0.42 -5.51
N VAL A 14 0.91 0.28 -4.96
CA VAL A 14 0.72 0.99 -3.70
C VAL A 14 0.01 2.31 -3.92
N VAL A 15 -0.90 2.65 -3.00
CA VAL A 15 -1.66 3.89 -3.10
C VAL A 15 -1.84 4.54 -1.73
N GLY A 16 -1.68 5.86 -1.68
CA GLY A 16 -1.83 6.57 -0.43
C GLY A 16 -1.73 8.07 -0.61
N ALA A 17 -2.35 8.81 0.30
CA ALA A 17 -2.34 10.27 0.24
C ALA A 17 -0.90 10.81 0.22
N GLY A 18 -0.78 12.12 0.07
CA GLY A 18 0.54 12.73 0.03
C GLY A 18 1.28 12.59 1.36
N GLY A 19 0.57 12.86 2.45
CA GLY A 19 1.18 12.75 3.76
C GLY A 19 0.90 11.43 4.44
N VAL A 20 1.21 10.34 3.75
CA VAL A 20 0.99 9.00 4.29
C VAL A 20 2.30 8.25 4.46
N GLY A 21 3.21 8.42 3.50
CA GLY A 21 4.50 7.76 3.56
C GLY A 21 4.46 6.35 2.99
N LYS A 22 3.86 6.20 1.82
CA LYS A 22 3.76 4.90 1.18
C LYS A 22 5.12 4.47 0.61
N SER A 23 5.89 5.45 0.16
CA SER A 23 7.21 5.18 -0.40
C SER A 23 8.19 4.76 0.68
N ALA A 24 8.01 5.29 1.88
CA ALA A 24 8.88 4.98 3.00
C ALA A 24 8.88 3.48 3.30
N LEU A 25 7.72 2.96 3.67
CA LEU A 25 7.59 1.54 4.00
C LEU A 25 8.06 0.66 2.82
N THR A 26 8.00 1.22 1.62
CA THR A 26 8.42 0.48 0.43
C THR A 26 9.92 0.21 0.44
N ILE A 27 10.70 1.22 0.81
CA ILE A 27 12.14 1.08 0.86
C ILE A 27 12.57 0.20 2.03
N GLN A 28 11.78 0.22 3.11
CA GLN A 28 12.08 -0.58 4.29
C GLN A 28 12.21 -2.05 3.93
N LEU A 29 11.34 -2.52 3.04
CA LEU A 29 11.35 -3.92 2.60
C LEU A 29 12.49 -4.17 1.62
N ILE A 30 12.77 -3.17 0.78
CA ILE A 30 13.83 -3.28 -0.21
C ILE A 30 15.20 -3.09 0.41
N GLN A 31 15.50 -1.87 0.83
CA GLN A 31 16.79 -1.56 1.44
C GLN A 31 16.70 -1.62 2.97
N ASN A 32 16.55 -0.46 3.62
CA ASN A 32 16.45 -0.39 5.08
C ASN A 32 16.64 1.04 5.57
N HIS A 33 15.99 1.99 4.89
CA HIS A 33 16.10 3.39 5.26
C HIS A 33 14.83 4.15 4.92
N PHE A 34 14.85 5.46 5.11
CA PHE A 34 13.70 6.30 4.82
C PHE A 34 13.84 6.97 3.46
N VAL A 35 12.78 6.93 2.67
CA VAL A 35 12.79 7.53 1.34
C VAL A 35 13.08 9.03 1.43
N ASP A 36 13.77 9.55 0.42
CA ASP A 36 14.12 10.97 0.36
C ASP A 36 14.96 11.26 -0.88
N GLU A 37 15.84 10.33 -1.22
CA GLU A 37 16.70 10.49 -2.39
C GLU A 37 16.23 9.60 -3.52
N TYR A 38 15.40 10.16 -4.40
CA TYR A 38 14.88 9.40 -5.54
C TYR A 38 14.69 10.31 -6.75
N ASP A 39 14.53 9.71 -7.92
CA ASP A 39 14.34 10.46 -9.15
C ASP A 39 12.90 10.32 -9.67
N PRO A 40 12.23 11.45 -9.95
CA PRO A 40 10.85 11.44 -10.44
C PRO A 40 10.75 10.93 -11.88
N SER A 41 11.84 11.06 -12.62
CA SER A 41 11.89 10.62 -14.02
C SER A 41 11.56 9.13 -14.11
N ILE A 42 11.87 8.38 -13.06
CA ILE A 42 11.61 6.95 -13.03
C ILE A 42 10.46 6.61 -12.09
N GLU A 43 9.77 5.52 -12.38
CA GLU A 43 8.64 5.08 -11.57
C GLU A 43 9.05 4.86 -10.12
N ASP A 44 10.34 4.65 -9.90
CA ASP A 44 10.85 4.43 -8.56
C ASP A 44 10.24 3.18 -7.93
N SER A 45 10.10 2.13 -8.73
CA SER A 45 9.53 0.88 -8.25
C SER A 45 10.63 -0.07 -7.79
N TYR A 46 10.24 -1.09 -7.04
CA TYR A 46 11.19 -2.08 -6.54
C TYR A 46 10.54 -3.45 -6.43
N ARG A 47 11.35 -4.51 -6.60
CA ARG A 47 10.84 -5.87 -6.52
C ARG A 47 11.83 -6.76 -5.77
N LYS A 48 11.38 -7.31 -4.64
CA LYS A 48 12.22 -8.18 -3.82
C LYS A 48 11.68 -9.60 -3.82
N GLN A 49 12.59 -10.57 -3.67
CA GLN A 49 12.20 -11.98 -3.65
C GLN A 49 12.16 -12.50 -2.22
N VAL A 50 11.12 -13.26 -1.91
CA VAL A 50 10.95 -13.82 -0.56
C VAL A 50 10.25 -15.17 -0.62
N VAL A 51 10.16 -15.84 0.53
CA VAL A 51 9.51 -17.13 0.62
C VAL A 51 8.16 -17.02 1.32
N ILE A 52 7.09 -17.13 0.55
CA ILE A 52 5.73 -17.04 1.10
C ILE A 52 4.90 -18.24 0.68
N ASP A 53 4.34 -18.94 1.67
CA ASP A 53 3.51 -20.11 1.41
C ASP A 53 4.32 -21.20 0.72
N GLY A 54 5.57 -21.37 1.15
CA GLY A 54 6.42 -22.38 0.57
C GLY A 54 6.59 -22.21 -0.93
N GLU A 55 6.50 -20.96 -1.40
CA GLU A 55 6.64 -20.68 -2.82
C GLU A 55 7.30 -19.32 -3.02
N THR A 56 8.58 -19.33 -3.40
CA THR A 56 9.32 -18.10 -3.63
C THR A 56 8.66 -17.26 -4.71
N CYS A 57 8.42 -15.98 -4.42
CA CYS A 57 7.80 -15.08 -5.36
C CYS A 57 8.36 -13.67 -5.23
N LEU A 58 8.33 -12.92 -6.33
CA LEU A 58 8.84 -11.55 -6.34
C LEU A 58 7.75 -10.57 -5.93
N LEU A 59 8.12 -9.61 -5.08
CA LEU A 59 7.17 -8.61 -4.62
C LEU A 59 7.44 -7.26 -5.27
N ASP A 60 6.97 -7.10 -6.51
CA ASP A 60 7.16 -5.86 -7.24
C ASP A 60 6.25 -4.76 -6.71
N ILE A 61 6.77 -3.97 -5.78
CA ILE A 61 6.01 -2.88 -5.18
C ILE A 61 6.06 -1.63 -6.05
N LEU A 62 4.93 -1.28 -6.64
CA LEU A 62 4.83 -0.10 -7.50
C LEU A 62 4.61 1.15 -6.67
N ASP A 63 5.50 2.13 -6.83
CA ASP A 63 5.40 3.39 -6.10
C ASP A 63 4.81 4.49 -6.98
N THR A 64 3.51 4.75 -6.80
CA THR A 64 2.83 5.77 -7.58
C THR A 64 3.00 7.15 -6.95
N ALA A 65 2.35 8.15 -7.52
CA ALA A 65 2.44 9.52 -7.02
C ALA A 65 1.28 9.81 -6.07
N GLY A 66 1.54 10.69 -5.09
CA GLY A 66 0.52 11.06 -4.13
C GLY A 66 -0.40 12.15 -4.64
N GLN A 67 0.19 13.15 -5.30
CA GLN A 67 -0.58 14.26 -5.84
C GLN A 67 0.19 14.98 -6.94
N GLU A 68 0.09 14.49 -8.16
CA GLU A 68 0.78 15.09 -9.30
C GLU A 68 -0.21 15.51 -10.38
N GLU A 69 0.32 15.96 -11.50
CA GLU A 69 -0.52 16.41 -12.62
C GLU A 69 -0.60 15.33 -13.70
N TYR A 70 -0.52 14.07 -13.28
CA TYR A 70 -0.58 12.95 -14.21
C TYR A 70 -2.01 12.44 -14.35
N SER A 71 -2.45 11.68 -13.35
CA SER A 71 -3.79 11.13 -13.35
C SER A 71 -3.94 10.03 -14.40
N ALA A 72 -3.78 10.41 -15.66
CA ALA A 72 -3.90 9.45 -16.77
C ALA A 72 -3.10 8.19 -16.50
N MET A 73 -2.02 8.33 -15.74
CA MET A 73 -1.16 7.19 -15.41
C MET A 73 -1.71 6.43 -14.21
N ARG A 74 -2.42 7.14 -13.34
CA ARG A 74 -3.00 6.53 -12.15
C ARG A 74 -3.91 5.35 -12.53
N ASP A 75 -4.62 5.50 -13.64
CA ASP A 75 -5.52 4.46 -14.12
C ASP A 75 -4.72 3.33 -14.78
N GLN A 76 -3.61 3.69 -15.42
CA GLN A 76 -2.76 2.71 -16.09
C GLN A 76 -2.07 1.82 -15.07
N TYR A 77 -1.63 2.41 -13.96
CA TYR A 77 -0.96 1.67 -12.92
C TYR A 77 -1.85 0.54 -12.38
N MET A 78 -3.14 0.81 -12.30
CA MET A 78 -4.10 -0.18 -11.83
C MET A 78 -4.13 -1.37 -12.79
N ARG A 79 -4.24 -1.08 -14.08
CA ARG A 79 -4.27 -2.11 -15.10
C ARG A 79 -2.92 -2.82 -15.21
N THR A 80 -1.89 -2.26 -14.58
CA THR A 80 -0.56 -2.84 -14.61
C THR A 80 -0.29 -3.64 -13.33
N GLY A 81 -1.15 -3.48 -12.34
CA GLY A 81 -0.97 -4.17 -11.08
C GLY A 81 -2.00 -5.25 -10.85
N GLU A 82 -1.60 -6.31 -10.14
CA GLU A 82 -2.49 -7.42 -9.83
C GLU A 82 -3.20 -7.17 -8.51
N GLY A 83 -2.62 -6.31 -7.68
CA GLY A 83 -3.22 -6.00 -6.39
C GLY A 83 -3.09 -4.52 -6.04
N PHE A 84 -3.50 -4.16 -4.83
CA PHE A 84 -3.43 -2.77 -4.39
C PHE A 84 -3.24 -2.69 -2.88
N LEU A 85 -2.31 -1.84 -2.44
CA LEU A 85 -2.05 -1.66 -1.02
C LEU A 85 -2.39 -0.25 -0.56
N CYS A 86 -3.46 -0.13 0.21
CA CYS A 86 -3.90 1.17 0.71
C CYS A 86 -3.22 1.49 2.05
N VAL A 87 -2.62 2.67 2.12
CA VAL A 87 -1.93 3.09 3.34
C VAL A 87 -2.61 4.32 3.94
N PHE A 88 -2.82 4.30 5.25
CA PHE A 88 -3.46 5.41 5.94
C PHE A 88 -2.73 5.72 7.25
N ALA A 89 -2.40 7.00 7.45
CA ALA A 89 -1.70 7.41 8.66
C ALA A 89 -2.69 7.85 9.74
N ILE A 90 -2.59 7.22 10.90
CA ILE A 90 -3.46 7.53 12.03
C ILE A 90 -3.31 8.99 12.45
N ASN A 91 -2.11 9.53 12.26
CA ASN A 91 -1.83 10.92 12.62
C ASN A 91 -2.51 11.88 11.65
N ASN A 92 -2.76 11.40 10.43
CA ASN A 92 -3.41 12.22 9.41
C ASN A 92 -4.77 11.65 9.05
N THR A 93 -5.83 12.24 9.61
CA THR A 93 -7.18 11.79 9.35
C THR A 93 -7.51 11.87 7.85
N LYS A 94 -6.84 12.80 7.16
CA LYS A 94 -7.06 12.98 5.73
C LYS A 94 -6.79 11.68 4.97
N SER A 95 -5.68 11.02 5.31
CA SER A 95 -5.31 9.77 4.67
C SER A 95 -6.42 8.72 4.82
N PHE A 96 -7.07 8.74 5.98
CA PHE A 96 -8.15 7.79 6.26
C PHE A 96 -9.28 7.96 5.24
N GLU A 97 -9.54 9.20 4.85
CA GLU A 97 -10.59 9.50 3.89
C GLU A 97 -10.15 9.15 2.47
N ASP A 98 -8.85 9.24 2.23
CA ASP A 98 -8.29 8.93 0.91
C ASP A 98 -8.37 7.44 0.62
N ILE A 99 -8.24 6.63 1.67
CA ILE A 99 -8.30 5.17 1.52
C ILE A 99 -9.66 4.75 0.97
N HIS A 100 -10.69 5.52 1.27
CA HIS A 100 -12.04 5.23 0.80
C HIS A 100 -12.15 5.46 -0.70
N GLN A 101 -11.81 6.68 -1.12
CA GLN A 101 -11.87 7.04 -2.54
C GLN A 101 -10.85 6.25 -3.35
N TYR A 102 -9.75 5.88 -2.70
CA TYR A 102 -8.69 5.12 -3.37
C TYR A 102 -9.23 3.80 -3.91
N ARG A 103 -10.07 3.14 -3.12
CA ARG A 103 -10.66 1.87 -3.52
C ARG A 103 -11.55 2.04 -4.74
N GLU A 104 -12.24 3.17 -4.81
CA GLU A 104 -13.13 3.46 -5.93
C GLU A 104 -12.39 3.42 -7.25
N GLN A 105 -11.18 3.97 -7.26
CA GLN A 105 -10.36 3.99 -8.47
C GLN A 105 -10.06 2.58 -8.94
N ILE A 106 -9.84 1.67 -8.00
CA ILE A 106 -9.53 0.28 -8.33
C ILE A 106 -10.76 -0.43 -8.89
N LYS A 107 -11.89 -0.30 -8.20
CA LYS A 107 -13.13 -0.94 -8.64
C LYS A 107 -13.46 -0.54 -10.07
N ARG A 108 -13.14 0.71 -10.43
CA ARG A 108 -13.41 1.20 -11.77
C ARG A 108 -12.52 0.48 -12.79
N VAL A 109 -11.22 0.58 -12.61
CA VAL A 109 -10.27 -0.05 -13.51
C VAL A 109 -10.51 -1.56 -13.59
N LYS A 110 -10.42 -2.23 -12.45
CA LYS A 110 -10.64 -3.68 -12.38
C LYS A 110 -12.06 -4.04 -12.82
N ASP A 111 -12.98 -3.09 -12.67
CA ASP A 111 -14.37 -3.31 -13.05
C ASP A 111 -14.99 -4.42 -12.21
N SER A 112 -14.73 -4.38 -10.90
CA SER A 112 -15.26 -5.38 -9.98
C SER A 112 -14.91 -5.03 -8.55
N ASP A 113 -15.74 -5.51 -7.62
CA ASP A 113 -15.53 -5.25 -6.20
C ASP A 113 -14.50 -6.21 -5.62
N ASP A 114 -14.50 -7.45 -6.13
CA ASP A 114 -13.56 -8.46 -5.66
C ASP A 114 -12.16 -8.20 -6.22
N VAL A 115 -11.31 -7.58 -5.41
CA VAL A 115 -9.95 -7.28 -5.83
C VAL A 115 -8.98 -7.52 -4.68
N PRO A 116 -7.82 -8.14 -4.97
CA PRO A 116 -6.80 -8.44 -3.98
C PRO A 116 -6.07 -7.18 -3.51
N MET A 117 -6.45 -6.69 -2.33
CA MET A 117 -5.83 -5.49 -1.78
C MET A 117 -5.74 -5.58 -0.26
N VAL A 118 -4.99 -4.65 0.34
CA VAL A 118 -4.82 -4.63 1.78
C VAL A 118 -4.71 -3.19 2.28
N LEU A 119 -5.24 -2.95 3.48
CA LEU A 119 -5.20 -1.63 4.08
C LEU A 119 -4.23 -1.59 5.25
N VAL A 120 -3.10 -0.92 5.06
CA VAL A 120 -2.08 -0.81 6.09
C VAL A 120 -2.15 0.54 6.80
N GLY A 121 -1.76 0.56 8.06
CA GLY A 121 -1.79 1.80 8.83
C GLY A 121 -0.41 2.28 9.21
N ASN A 122 0.12 3.25 8.47
CA ASN A 122 1.44 3.79 8.73
C ASN A 122 1.42 4.73 9.93
N LYS A 123 2.60 5.10 10.42
CA LYS A 123 2.70 6.00 11.55
C LYS A 123 2.04 5.41 12.79
N CYS A 124 2.59 4.30 13.27
CA CYS A 124 2.05 3.63 14.45
C CYS A 124 2.87 3.96 15.70
N ASP A 125 4.07 4.50 15.49
CA ASP A 125 4.95 4.86 16.60
C ASP A 125 4.69 6.28 17.08
N LEU A 126 4.17 7.12 16.19
CA LEU A 126 3.87 8.51 16.53
C LEU A 126 2.99 8.60 17.77
N ALA A 127 3.13 9.69 18.51
CA ALA A 127 2.35 9.90 19.72
C ALA A 127 1.18 10.82 19.47
N ALA A 128 0.65 10.79 18.25
CA ALA A 128 -0.49 11.62 17.88
C ALA A 128 -1.41 10.90 16.90
N ARG A 129 -2.13 9.90 17.41
CA ARG A 129 -3.04 9.13 16.59
C ARG A 129 -4.39 9.84 16.47
N THR A 130 -4.48 10.77 15.51
CA THR A 130 -5.70 11.52 15.30
C THR A 130 -6.88 10.58 15.02
N VAL A 131 -6.59 9.48 14.34
CA VAL A 131 -7.62 8.49 14.01
C VAL A 131 -7.41 7.21 14.81
N GLU A 132 -8.44 6.80 15.54
CA GLU A 132 -8.36 5.58 16.34
C GLU A 132 -8.32 4.34 15.45
N SER A 133 -7.89 3.22 16.02
CA SER A 133 -7.80 1.97 15.27
C SER A 133 -9.20 1.42 14.96
N ARG A 134 -10.12 1.56 15.91
CA ARG A 134 -11.48 1.08 15.73
C ARG A 134 -12.12 1.69 14.48
N GLN A 135 -11.95 2.99 14.31
CA GLN A 135 -12.51 3.69 13.16
C GLN A 135 -11.88 3.18 11.86
N ALA A 136 -10.58 2.90 11.90
CA ALA A 136 -9.87 2.40 10.73
C ALA A 136 -10.31 0.98 10.39
N GLN A 137 -10.44 0.15 11.40
CA GLN A 137 -10.86 -1.24 11.21
C GLN A 137 -12.31 -1.32 10.75
N ASP A 138 -13.12 -0.35 11.18
CA ASP A 138 -14.53 -0.31 10.81
C ASP A 138 -14.68 -0.25 9.29
N LEU A 139 -13.86 0.59 8.66
CA LEU A 139 -13.90 0.74 7.21
C LEU A 139 -13.32 -0.49 6.51
N ALA A 140 -12.14 -0.91 6.97
CA ALA A 140 -11.47 -2.07 6.40
C ALA A 140 -12.36 -3.31 6.48
N ARG A 141 -13.06 -3.45 7.59
CA ARG A 141 -13.94 -4.59 7.79
C ARG A 141 -15.10 -4.57 6.80
N SER A 142 -15.50 -3.37 6.38
CA SER A 142 -16.59 -3.20 5.43
C SER A 142 -16.15 -3.62 4.04
N TYR A 143 -14.89 -3.36 3.71
CA TYR A 143 -14.33 -3.71 2.42
C TYR A 143 -14.05 -5.21 2.32
N GLY A 144 -13.95 -5.86 3.48
CA GLY A 144 -13.68 -7.28 3.50
C GLY A 144 -12.20 -7.60 3.38
N ILE A 145 -11.35 -6.61 3.62
CA ILE A 145 -9.91 -6.80 3.54
C ILE A 145 -9.26 -6.69 4.91
N PRO A 146 -8.06 -7.30 5.07
CA PRO A 146 -7.33 -7.28 6.34
C PRO A 146 -6.78 -5.90 6.66
N TYR A 147 -6.53 -5.66 7.95
CA TYR A 147 -5.99 -4.37 8.40
C TYR A 147 -4.78 -4.59 9.29
N ILE A 148 -3.63 -4.10 8.84
CA ILE A 148 -2.39 -4.24 9.58
C ILE A 148 -1.79 -2.88 9.93
N GLU A 149 -0.98 -2.84 10.98
CA GLU A 149 -0.35 -1.60 11.42
C GLU A 149 1.16 -1.68 11.24
N THR A 150 1.74 -0.61 10.69
CA THR A 150 3.18 -0.55 10.46
C THR A 150 3.71 0.86 10.67
N SER A 151 5.03 0.98 10.76
CA SER A 151 5.67 2.28 10.96
C SER A 151 6.91 2.41 10.07
N ALA A 152 6.85 3.34 9.11
CA ALA A 152 7.96 3.56 8.20
C ALA A 152 9.18 4.11 8.93
N LYS A 153 8.94 4.75 10.08
CA LYS A 153 10.02 5.32 10.86
C LYS A 153 10.68 4.27 11.75
N THR A 154 9.92 3.74 12.70
CA THR A 154 10.44 2.73 13.62
C THR A 154 10.61 1.39 12.92
N ARG A 155 9.93 1.20 11.79
CA ARG A 155 10.02 -0.04 11.03
C ARG A 155 9.46 -1.20 11.85
N GLN A 156 8.16 -1.17 12.12
CA GLN A 156 7.51 -2.22 12.89
C GLN A 156 6.44 -2.92 12.05
N GLY A 157 6.55 -4.24 11.95
CA GLY A 157 5.60 -5.01 11.18
C GLY A 157 5.46 -4.52 9.75
N VAL A 158 6.50 -3.84 9.26
CA VAL A 158 6.49 -3.32 7.90
C VAL A 158 6.27 -4.43 6.88
N GLU A 159 7.14 -5.44 6.93
CA GLU A 159 7.04 -6.57 6.01
C GLU A 159 5.73 -7.34 6.23
N ASP A 160 5.20 -7.26 7.44
CA ASP A 160 3.96 -7.94 7.78
C ASP A 160 2.83 -7.51 6.85
N ALA A 161 2.66 -6.20 6.71
CA ALA A 161 1.61 -5.65 5.85
C ALA A 161 1.80 -6.11 4.41
N PHE A 162 3.03 -6.01 3.92
CA PHE A 162 3.34 -6.43 2.56
C PHE A 162 2.99 -7.89 2.34
N TYR A 163 3.46 -8.74 3.24
CA TYR A 163 3.21 -10.18 3.15
C TYR A 163 1.71 -10.46 3.04
N THR A 164 0.90 -9.63 3.71
CA THR A 164 -0.54 -9.77 3.69
C THR A 164 -1.07 -9.72 2.27
N LEU A 165 -0.56 -8.78 1.47
CA LEU A 165 -0.98 -8.63 0.09
C LEU A 165 -0.85 -9.95 -0.67
N VAL A 166 0.26 -10.65 -0.46
CA VAL A 166 0.50 -11.93 -1.12
C VAL A 166 -0.67 -12.89 -0.88
N ARG A 167 -0.97 -13.14 0.38
CA ARG A 167 -2.06 -14.04 0.74
C ARG A 167 -3.36 -13.65 0.04
N GLU A 168 -3.62 -12.35 -0.05
CA GLU A 168 -4.82 -11.86 -0.70
C GLU A 168 -4.86 -12.29 -2.17
N ILE A 169 -3.75 -12.07 -2.88
CA ILE A 169 -3.66 -12.43 -4.28
C ILE A 169 -3.74 -13.94 -4.46
N ARG A 170 -3.02 -14.69 -3.63
CA ARG A 170 -3.02 -16.14 -3.70
C ARG A 170 -4.44 -16.70 -3.73
N GLN A 171 -5.26 -16.25 -2.79
CA GLN A 171 -6.65 -16.69 -2.70
C GLN A 171 -7.52 -15.98 -3.74
N HIS A 172 -7.11 -14.77 -4.13
CA HIS A 172 -7.85 -13.99 -5.12
C HIS A 172 -6.97 -13.69 -6.33
PG GNP B . 5.67 12.35 -1.41
O1G GNP B . 7.21 12.55 -0.93
O2G GNP B . 5.63 10.93 -2.17
O3G GNP B . 5.18 13.48 -2.23
N3B GNP B . 4.81 12.15 -0.05
PB GNP B . 5.79 11.62 1.13
O1B GNP B . 4.94 11.33 2.31
O2B GNP B . 6.64 10.53 0.59
O3A GNP B . 6.70 12.91 1.44
PA GNP B . 6.05 14.21 2.13
O1A GNP B . 4.57 14.08 2.08
O2A GNP B . 6.66 15.41 1.50
O5' GNP B . 6.53 14.11 3.66
C5' GNP B . 5.90 13.20 4.56
C4' GNP B . 6.38 13.44 6.00
O4' GNP B . 5.82 12.41 6.84
C3' GNP B . 7.88 13.25 6.06
O3' GNP B . 8.41 13.84 7.25
C2' GNP B . 7.95 11.73 6.16
O2' GNP B . 9.23 11.32 6.63
C1' GNP B . 6.89 11.56 7.25
N9 GNP B . 6.47 10.15 7.38
C8 GNP B . 6.01 9.38 6.40
N7 GNP B . 5.72 8.18 6.87
C5 GNP B . 6.00 8.17 8.17
C6 GNP B . 5.90 7.20 9.16
O6 GNP B . 5.49 6.08 8.90
N1 GNP B . 6.30 7.53 10.46
C2 GNP B . 6.77 8.81 10.74
N2 GNP B . 7.15 9.14 11.97
N3 GNP B . 6.85 9.73 9.75
C4 GNP B . 6.48 9.43 8.49
HNB3 GNP B . 4.13 11.44 -0.22
H5'2 GNP B . 4.91 13.30 4.53
H5'1 GNP B . 6.12 12.24 4.32
H4' GNP B . 6.17 14.38 6.26
H3' GNP B . 8.36 13.64 5.27
HO3' GNP B . 7.99 13.42 8.05
H2' GNP B . 7.67 11.33 5.28
HO2' GNP B . 9.95 11.65 6.02
H1' GNP B . 7.27 11.87 8.12
H8 GNP B . 5.65 9.78 5.55
HN1 GNP B . 6.23 6.84 11.20
HN21 GNP B . 7.49 10.06 12.16
HN22 GNP B . 7.09 8.46 12.71
MG MG C . 6.54 9.28 -1.32
C13 KOB D . 3.74 0.64 -16.74
C12 KOB D . 4.40 -0.07 -15.74
C11 KOB D . 5.67 0.33 -15.34
F11 KOB D . 6.32 -0.36 -14.37
C10 KOB D . 6.29 1.42 -15.95
C9 KOB D . 5.62 2.12 -16.94
C8 KOB D . 4.35 1.73 -17.34
N8 KOB D . 3.74 2.41 -18.31
C7 KOB D . 2.53 2.10 -18.75
S7 KOB D . 1.62 0.75 -18.08
N7 KOB D . 1.98 2.84 -19.71
N6 KOB D . 2.60 3.80 -20.17
C6 KOB D . 3.00 4.79 -19.38
C5 KOB D . 2.71 4.74 -18.02
C4 KOB D . 3.14 5.76 -17.18
C3 KOB D . 3.85 6.84 -17.70
N3 KOB D . 4.26 7.81 -16.89
O3B KOB D . 3.99 7.75 -15.50
O3A KOB D . 4.99 8.91 -17.43
C2 KOB D . 4.14 6.89 -19.06
C1 KOB D . 3.71 5.86 -19.90
N1 KOB D . 3.99 5.93 -21.20
O1B KOB D . 4.71 7.03 -21.72
O1A KOB D . 3.57 4.88 -22.06
HE1 KOB D . 7.19 1.83 -15.51
HE2 KOB D . 3.87 -0.82 -15.18
HD2 KOB D . 2.68 0.48 -16.88
HD1 KOB D . 6.05 3.04 -17.33
HAD KOB D . 4.22 3.20 -18.71
HAC KOB D . 1.07 2.63 -20.06
HAB KOB D . 2.82 3.83 -21.15
H5 KOB D . 2.15 3.91 -17.61
H4 KOB D . 3.03 5.66 -16.11
H2 KOB D . 4.67 7.74 -19.46
#